data_8CEM
#
_entry.id   8CEM
#
_cell.length_a   254.246
_cell.length_b   246.857
_cell.length_c   113.346
_cell.angle_alpha   90.000
_cell.angle_beta   90.000
_cell.angle_gamma   90.000
#
_symmetry.space_group_name_H-M   'P 21 21 2'
#
loop_
_entity.id
_entity.type
_entity.pdbx_description
1 polymer 'Complement C3 beta chain'
2 polymer 'Complement C3 alpha chain'
3 branched beta-D-mannopyranose-(1-4)-2-acetamido-2-deoxy-beta-D-glucopyranose-(1-4)-2-acetamido-2-deoxy-beta-D-glucopyranose
#
loop_
_entity_poly.entity_id
_entity_poly.type
_entity_poly.pdbx_seq_one_letter_code
_entity_poly.pdbx_strand_id
1 'polypeptide(L)'
;NPMYSMITPNILRLESEETVVLEAHGGQGTIQVSVTVHDFPAKKQVLSNENTQLNSNNGYLSTVTIKIPASKELKSDKGH
KFVTVVATFGNVQVEKVVLISLQSGYLFIQTDKTIYTPGSTVLYRVFTVDHKLLPVGQTVFITIETPDGIPVKRDSKSSQ
NQFGILTLSWNIPELVNMGVWKIKAYYEDSPQQVFSAEFEVKEYVLPSFEVQLEPEEKFYYIDDPDGLKVNIIARFLYGE
QVDGTAFVIFGVQDGDRRISLTHSLTRVPINDGNGEAILKRQVLLNGVQPSRADALVGKSIYVSATVILQSGSDMVEAER
TGIPIVTSPYQIHFTKTPKFFKPAMPFDLMVYVTNPDGSPARHIPVVTQGSNVQSLTQDDGVAKLSINTQNKRDPLTITV
RTKKDNIPEGRQATRTMQALPYNTQGNSNNYLHLSVPRVELKPGETLNVNFHLRTDPGEQAKIRYYTYMIMNKGKLLKVG
RQYREPGQDLVVLPLTITSDFIPSFRLVAYYTLINAKGQREVVADSVWVDVKDSCMGTLVVKNGGKEEKHHRPGQQITLK
IEADQGARVGLVAVDKGVFVLNKKNKLTQRKIWDVVEKADIGCTPGSGRNYAGVFTDAGLTLKTSQGLETQQRADPQCPQ
PAT
;
E,F
2 'polypeptide(L)'
;SVQLMEKRMDKAGQYSSDLRKCCEDGMRDNPMKFPCQRRAQFILQGDACVKAFLDCCEYITQLRQQHSRDGALELARSDL
DDDIIPEEDIISRSQFPESWLWTVIEDLKQADKNGISTKLMNVFLKDSITTWEILAVSLSDKKGICVADPYEVTVMQDFF
IDLRLPYSVVRNEQVEIRAILYNYREAENLKVRVELLYNPAFCSLATAKKRHQQTITIPARSSVAVPYVIVPLKIGLHEV
EVKAAVYNHFISDGVKKTLKVVPEGVRVNKTVAVRTLNPEHLGQGGVQREEVPAADLSDQVPDTESETKILLQGTPVAQM
TEDAIDGERLKHLIQTPSGCGEQNMIGMTPTVIAVHYLDSTDQWEKFGLEKRQESLELIRKGYTQQLAFRQKSSAYAAFQ
YRPPSTWLTAYVVKVFALAANLIAIDSKDLCETVKWLILEKQKPDGIFQEDGPVIHQEMIGGFRDTREKDVSLTAFVLIA
LHEAKDICEAQVNSLGRSIAKAGDFLENHYRELRRPYTVAIAAYALALLGKLEGDRLTKFLNTAKEKNRWEEPNQKLYNV
EATSYALLALLARKDYDTTPPVVRWLNEQRYYGGGYGSTQATFMVFQALAQYQKDVPDHKELNLDVSIQLPSRNSAVRHR
ILWESASLLRSEETKENERFTVKAEGKGQGTLSVVTVYHAKLKGKVSCKKFDLRVSIRPAPETVKKPQDAKGSMILDICT
KYLGDQDATMSILDISMMTGFSPDVEDLKTLSTGVDRYISKYEMNRDSNKNTLIIYLDKVSHTVEDCLSFKVHQYFNVGL
IQPGAVKVYSYYNLDETCIRFYHPDKEDGMLSKLCHKDTCRCAEENCFMHHTEKEVTLEDRLDKACEPGVDYVYKTRLIQ
KKLEDDFDEYIMVIENIIKSGSDEVQVKQERKFISHIKCREALKLKEGAHYLVWGVSSDLWGEKPKISYIIGKDTWVELW
PEAEECQDEENQKQCEDLANFTENMVVFGCPN
;
A,B
#
# COMPACT_ATOMS: atom_id res chain seq x y z
N PRO A 2 2.21 -52.48 98.42
CA PRO A 2 2.95 -52.11 97.22
C PRO A 2 2.04 -51.82 96.04
N MET A 3 2.51 -51.00 95.09
CA MET A 3 1.76 -50.69 93.89
C MET A 3 2.51 -51.21 92.67
N TYR A 4 1.81 -51.99 91.85
CA TYR A 4 2.34 -52.51 90.58
C TYR A 4 1.84 -51.63 89.44
N SER A 5 2.70 -51.39 88.45
CA SER A 5 2.35 -50.51 87.33
C SER A 5 2.73 -51.15 86.02
N MET A 6 1.91 -50.93 84.99
CA MET A 6 2.17 -51.42 83.64
C MET A 6 2.04 -50.26 82.66
N ILE A 7 3.08 -50.03 81.86
CA ILE A 7 3.11 -48.95 80.88
C ILE A 7 3.48 -49.54 79.52
N THR A 8 2.56 -49.41 78.55
CA THR A 8 2.74 -49.81 77.16
C THR A 8 2.49 -48.59 76.27
N PRO A 9 2.95 -48.60 75.01
CA PRO A 9 2.45 -47.60 74.05
C PRO A 9 0.99 -47.82 73.75
N ASN A 10 0.26 -46.71 73.53
CA ASN A 10 -1.19 -46.77 73.39
C ASN A 10 -1.67 -47.34 72.06
N ILE A 11 -0.78 -47.52 71.09
CA ILE A 11 -1.07 -48.28 69.87
C ILE A 11 0.04 -49.31 69.71
N LEU A 12 -0.34 -50.59 69.66
CA LEU A 12 0.60 -51.70 69.49
C LEU A 12 0.58 -52.18 68.05
N ARG A 13 1.76 -52.40 67.47
CA ARG A 13 1.81 -52.81 66.09
C ARG A 13 1.88 -54.33 65.94
N LEU A 14 1.13 -54.83 64.97
CA LEU A 14 1.11 -56.26 64.68
C LEU A 14 2.39 -56.65 63.94
N GLU A 15 2.85 -57.88 64.20
CA GLU A 15 4.12 -58.46 63.73
C GLU A 15 5.33 -57.60 64.12
N SER A 16 5.26 -56.97 65.29
CA SER A 16 6.26 -56.01 65.73
C SER A 16 6.69 -56.27 67.16
N GLU A 17 7.92 -55.87 67.46
CA GLU A 17 8.47 -55.97 68.81
C GLU A 17 8.09 -54.70 69.57
N GLU A 18 7.13 -54.82 70.48
CA GLU A 18 6.68 -53.71 71.31
C GLU A 18 7.10 -53.95 72.75
N THR A 19 7.37 -52.87 73.47
CA THR A 19 7.97 -52.95 74.81
C THR A 19 6.92 -52.65 75.88
N VAL A 20 6.79 -53.56 76.85
CA VAL A 20 5.91 -53.40 78.00
C VAL A 20 6.78 -53.14 79.23
N VAL A 21 6.48 -52.07 79.95
CA VAL A 21 7.21 -51.69 81.16
C VAL A 21 6.46 -52.23 82.37
N LEU A 22 7.18 -52.92 83.27
CA LEU A 22 6.62 -53.48 84.47
C LEU A 22 7.41 -52.98 85.68
N GLU A 23 6.70 -52.58 86.73
CA GLU A 23 7.34 -51.89 87.83
C GLU A 23 6.56 -52.13 89.11
N ALA A 24 7.26 -52.45 90.21
CA ALA A 24 6.66 -52.69 91.51
C ALA A 24 7.16 -51.61 92.47
N HIS A 25 6.32 -50.62 92.74
CA HIS A 25 6.63 -49.55 93.69
C HIS A 25 6.51 -50.09 95.10
N GLY A 26 7.64 -50.25 95.79
CA GLY A 26 7.64 -50.78 97.13
C GLY A 26 7.64 -52.28 97.23
N GLY A 27 8.11 -52.99 96.20
CA GLY A 27 8.13 -54.43 96.23
C GLY A 27 9.19 -54.97 97.16
N GLN A 28 8.98 -56.22 97.58
CA GLN A 28 9.91 -56.92 98.46
C GLN A 28 10.10 -58.33 97.95
N GLY A 29 11.32 -58.85 98.06
CA GLY A 29 11.63 -60.18 97.59
C GLY A 29 11.72 -60.29 96.09
N THR A 30 11.23 -61.40 95.53
CA THR A 30 11.22 -61.62 94.09
C THR A 30 9.77 -61.79 93.64
N ILE A 31 9.34 -60.96 92.69
CA ILE A 31 7.98 -60.94 92.19
C ILE A 31 7.99 -61.44 90.75
N GLN A 32 7.46 -62.63 90.52
CA GLN A 32 7.37 -63.18 89.18
C GLN A 32 6.21 -62.54 88.43
N VAL A 33 6.50 -62.00 87.25
CA VAL A 33 5.49 -61.30 86.44
C VAL A 33 5.35 -62.03 85.11
N SER A 34 4.10 -62.33 84.73
CA SER A 34 3.77 -62.93 83.45
C SER A 34 2.88 -61.97 82.67
N VAL A 35 3.24 -61.71 81.42
CA VAL A 35 2.49 -60.81 80.54
C VAL A 35 1.80 -61.65 79.48
N THR A 36 0.48 -61.53 79.41
CA THR A 36 -0.32 -62.23 78.41
C THR A 36 -1.12 -61.23 77.59
N VAL A 37 -1.16 -61.46 76.29
CA VAL A 37 -1.95 -60.65 75.37
C VAL A 37 -3.12 -61.49 74.87
N HIS A 38 -4.33 -60.96 75.00
CA HIS A 38 -5.53 -61.68 74.63
C HIS A 38 -6.28 -60.93 73.54
N ASP A 39 -7.19 -61.64 72.87
CA ASP A 39 -8.06 -61.01 71.90
C ASP A 39 -9.20 -60.27 72.60
N PHE A 40 -9.66 -59.21 71.97
CA PHE A 40 -10.73 -58.39 72.52
C PHE A 40 -12.04 -58.66 71.79
N PRO A 41 -13.18 -58.76 72.51
CA PRO A 41 -13.37 -58.67 73.96
C PRO A 41 -13.54 -60.02 74.63
N ALA A 42 -13.24 -61.12 73.94
CA ALA A 42 -13.59 -62.44 74.42
C ALA A 42 -12.50 -63.12 75.25
N LYS A 43 -11.23 -62.77 74.99
CA LYS A 43 -10.02 -63.39 75.59
C LYS A 43 -9.98 -64.90 75.39
N LYS A 44 -10.36 -65.34 74.19
CA LYS A 44 -10.35 -66.77 73.87
C LYS A 44 -8.97 -67.28 73.50
N GLN A 45 -8.07 -66.41 73.05
CA GLN A 45 -6.77 -66.82 72.53
C GLN A 45 -5.68 -65.96 73.15
N VAL A 46 -4.65 -66.61 73.67
CA VAL A 46 -3.46 -65.91 74.15
C VAL A 46 -2.59 -65.60 72.93
N LEU A 47 -2.50 -64.32 72.57
CA LEU A 47 -1.76 -63.94 71.37
C LEU A 47 -0.26 -63.86 71.63
N SER A 48 0.15 -63.48 72.84
CA SER A 48 1.56 -63.46 73.20
C SER A 48 1.67 -63.75 74.69
N ASN A 49 2.78 -64.38 75.08
CA ASN A 49 2.97 -64.79 76.46
C ASN A 49 4.45 -64.71 76.79
N GLU A 50 4.81 -63.89 77.78
CA GLU A 50 6.20 -63.69 78.17
C GLU A 50 6.29 -63.63 79.69
N ASN A 51 7.51 -63.75 80.21
CA ASN A 51 7.77 -63.85 81.64
C ASN A 51 9.00 -63.04 82.01
N THR A 52 8.98 -62.46 83.21
CA THR A 52 10.11 -61.77 83.81
C THR A 52 9.95 -61.79 85.33
N GLN A 53 10.94 -61.24 86.03
CA GLN A 53 10.91 -61.16 87.48
C GLN A 53 11.30 -59.76 87.95
N LEU A 54 10.77 -59.37 89.10
CA LEU A 54 11.07 -58.10 89.75
C LEU A 54 11.74 -58.36 91.09
N ASN A 55 12.94 -57.85 91.28
CA ASN A 55 13.68 -58.07 92.52
C ASN A 55 14.50 -56.83 92.85
N SER A 56 15.47 -56.99 93.76
CA SER A 56 16.33 -55.88 94.17
C SER A 56 17.45 -55.62 93.18
N ASN A 57 17.80 -56.61 92.35
CA ASN A 57 18.91 -56.44 91.42
C ASN A 57 18.53 -55.59 90.21
N ASN A 58 17.28 -55.65 89.77
CA ASN A 58 16.78 -54.76 88.73
C ASN A 58 15.97 -53.59 89.29
N GLY A 59 15.96 -53.43 90.62
CA GLY A 59 15.25 -52.34 91.25
C GLY A 59 13.74 -52.43 91.20
N TYR A 60 13.19 -53.65 91.06
CA TYR A 60 11.76 -53.94 90.85
C TYR A 60 11.21 -53.21 89.62
N LEU A 61 12.00 -53.24 88.54
CA LEU A 61 11.62 -52.64 87.26
C LEU A 61 12.19 -53.49 86.14
N SER A 62 11.32 -54.03 85.29
CA SER A 62 11.76 -54.87 84.18
C SER A 62 10.91 -54.57 82.96
N THR A 63 11.45 -54.93 81.80
CA THR A 63 10.79 -54.73 80.52
C THR A 63 10.50 -56.07 79.86
N VAL A 64 9.44 -56.09 79.06
CA VAL A 64 8.95 -57.30 78.39
C VAL A 64 8.66 -56.93 76.93
N THR A 65 9.25 -57.68 76.01
CA THR A 65 9.01 -57.50 74.58
C THR A 65 7.95 -58.51 74.14
N ILE A 66 6.83 -57.99 73.63
CA ILE A 66 5.76 -58.84 73.12
C ILE A 66 5.67 -58.64 71.60
N LYS A 67 5.23 -59.70 70.92
CA LYS A 67 4.99 -59.65 69.48
C LYS A 67 3.62 -60.25 69.19
N ILE A 68 2.65 -59.41 68.86
CA ILE A 68 1.29 -59.86 68.60
C ILE A 68 1.22 -60.29 67.14
N PRO A 69 0.87 -61.54 66.85
CA PRO A 69 0.83 -61.98 65.46
C PRO A 69 -0.41 -61.48 64.74
N ALA A 70 -0.25 -61.24 63.44
CA ALA A 70 -1.34 -60.73 62.60
C ALA A 70 -2.23 -61.89 62.19
N SER A 71 -3.15 -62.25 63.09
CA SER A 71 -4.10 -63.31 62.84
C SER A 71 -5.19 -62.84 61.87
N LYS A 72 -6.00 -63.79 61.41
CA LYS A 72 -7.04 -63.50 60.43
C LYS A 72 -8.18 -62.70 61.04
N GLU A 73 -8.42 -62.83 62.35
CA GLU A 73 -9.42 -62.02 63.02
C GLU A 73 -8.97 -60.57 63.18
N LEU A 74 -7.66 -60.33 63.31
CA LEU A 74 -7.16 -58.97 63.49
C LEU A 74 -7.02 -58.21 62.18
N LYS A 75 -6.91 -58.92 61.06
CA LYS A 75 -6.80 -58.33 59.73
C LYS A 75 -8.13 -57.90 59.13
N SER A 76 -9.23 -58.08 59.86
CA SER A 76 -10.56 -57.74 59.37
C SER A 76 -10.73 -56.22 59.24
N ASP A 77 -11.30 -55.81 58.11
CA ASP A 77 -11.37 -54.41 57.71
C ASP A 77 -12.58 -53.66 58.27
N LYS A 78 -13.28 -54.21 59.26
CA LYS A 78 -14.49 -53.61 59.79
C LYS A 78 -14.25 -53.22 61.25
N GLY A 79 -14.03 -51.94 61.50
CA GLY A 79 -13.87 -51.49 62.86
C GLY A 79 -12.43 -51.52 63.34
N HIS A 80 -12.11 -50.59 64.24
CA HIS A 80 -10.81 -50.60 64.90
C HIS A 80 -10.75 -51.76 65.89
N LYS A 81 -9.71 -52.57 65.77
CA LYS A 81 -9.54 -53.75 66.62
C LYS A 81 -8.74 -53.39 67.88
N PHE A 82 -8.85 -54.26 68.89
CA PHE A 82 -8.18 -54.06 70.16
C PHE A 82 -7.58 -55.38 70.62
N VAL A 83 -6.62 -55.29 71.54
CA VAL A 83 -6.12 -56.45 72.28
C VAL A 83 -6.18 -56.11 73.76
N THR A 84 -6.08 -57.15 74.60
CA THR A 84 -6.12 -57.02 76.04
C THR A 84 -4.81 -57.56 76.61
N VAL A 85 -4.00 -56.68 77.20
CA VAL A 85 -2.72 -57.05 77.79
C VAL A 85 -2.90 -57.23 79.29
N VAL A 86 -2.53 -58.40 79.80
CA VAL A 86 -2.70 -58.76 81.21
C VAL A 86 -1.34 -59.06 81.81
N ALA A 87 -0.94 -58.29 82.82
CA ALA A 87 0.28 -58.55 83.58
C ALA A 87 -0.09 -59.06 84.96
N THR A 88 0.52 -60.17 85.38
CA THR A 88 0.19 -60.84 86.64
C THR A 88 1.37 -60.72 87.60
N PHE A 89 1.26 -59.79 88.55
CA PHE A 89 2.33 -59.53 89.52
C PHE A 89 2.14 -60.45 90.73
N GLY A 90 2.58 -61.69 90.57
CA GLY A 90 2.36 -62.70 91.59
C GLY A 90 0.92 -63.13 91.66
N ASN A 91 0.16 -62.58 92.60
CA ASN A 91 -1.26 -62.84 92.74
C ASN A 91 -2.13 -61.65 92.33
N VAL A 92 -1.53 -60.53 91.98
CA VAL A 92 -2.27 -59.32 91.62
C VAL A 92 -2.14 -59.10 90.12
N GLN A 93 -3.27 -59.03 89.42
CA GLN A 93 -3.26 -58.86 87.99
C GLN A 93 -3.59 -57.42 87.59
N VAL A 94 -2.87 -56.95 86.57
CA VAL A 94 -3.04 -55.62 86.00
C VAL A 94 -3.37 -55.79 84.53
N GLU A 95 -4.44 -55.13 84.08
CA GLU A 95 -5.03 -55.42 82.78
C GLU A 95 -5.45 -54.14 82.08
N LYS A 96 -5.04 -53.98 80.81
CA LYS A 96 -5.35 -52.79 80.02
C LYS A 96 -5.64 -53.16 78.57
N VAL A 97 -6.69 -52.55 78.00
CA VAL A 97 -7.07 -52.75 76.61
C VAL A 97 -6.37 -51.69 75.75
N VAL A 98 -5.68 -52.14 74.70
CA VAL A 98 -4.87 -51.28 73.85
C VAL A 98 -5.39 -51.34 72.42
N LEU A 99 -5.41 -50.19 71.75
CA LEU A 99 -5.69 -50.14 70.31
C LEU A 99 -4.53 -50.75 69.53
N ILE A 100 -4.84 -51.39 68.40
CA ILE A 100 -3.81 -51.98 67.55
C ILE A 100 -3.92 -51.49 66.11
N SER A 101 -2.80 -51.58 65.40
CA SER A 101 -2.71 -51.23 63.98
C SER A 101 -1.47 -51.92 63.42
N LEU A 102 -1.61 -52.63 62.28
CA LEU A 102 -0.49 -53.38 61.72
C LEU A 102 0.57 -52.46 61.14
N GLN A 103 0.12 -51.40 60.45
CA GLN A 103 0.90 -50.36 59.77
C GLN A 103 1.75 -51.05 58.71
N SER A 104 3.09 -51.05 58.89
CA SER A 104 4.09 -51.65 57.98
C SER A 104 3.95 -51.18 56.53
N GLY A 105 3.59 -49.90 56.36
CA GLY A 105 3.44 -49.34 55.04
C GLY A 105 4.23 -48.07 54.83
N TYR A 106 5.32 -48.16 54.06
CA TYR A 106 6.10 -46.99 53.70
C TYR A 106 6.62 -47.21 52.29
N LEU A 107 6.33 -46.26 51.40
CA LEU A 107 6.84 -46.28 50.03
C LEU A 107 7.38 -44.91 49.71
N PHE A 108 8.65 -44.83 49.33
CA PHE A 108 9.29 -43.58 48.97
C PHE A 108 9.69 -43.62 47.50
N ILE A 109 9.32 -42.57 46.76
CA ILE A 109 9.54 -42.50 45.31
C ILE A 109 10.50 -41.35 45.02
N GLN A 110 11.58 -41.66 44.29
CA GLN A 110 12.58 -40.68 43.90
C GLN A 110 12.65 -40.64 42.39
N THR A 111 12.35 -39.50 41.80
CA THR A 111 12.63 -39.28 40.39
C THR A 111 14.07 -38.79 40.24
N ASP A 112 14.62 -38.96 39.03
CA ASP A 112 15.99 -38.53 38.79
C ASP A 112 16.07 -37.02 38.69
N LYS A 113 15.00 -36.38 38.25
CA LYS A 113 14.90 -34.93 38.22
C LYS A 113 13.42 -34.54 38.28
N THR A 114 13.16 -33.25 38.45
CA THR A 114 11.81 -32.77 38.72
C THR A 114 11.17 -32.03 37.57
N ILE A 115 11.90 -31.78 36.48
CA ILE A 115 11.32 -31.16 35.29
C ILE A 115 11.86 -31.92 34.09
N TYR A 116 11.01 -32.08 33.07
CA TYR A 116 11.36 -32.84 31.89
C TYR A 116 10.79 -32.17 30.65
N THR A 117 11.44 -32.42 29.54
CA THR A 117 11.00 -32.11 28.19
C THR A 117 10.31 -33.35 27.59
N PRO A 118 9.51 -33.20 26.53
CA PRO A 118 9.05 -34.39 25.82
C PRO A 118 10.21 -35.08 25.11
N GLY A 119 10.15 -36.41 25.07
CA GLY A 119 11.25 -37.20 24.58
C GLY A 119 12.25 -37.61 25.63
N SER A 120 12.16 -37.05 26.83
CA SER A 120 13.08 -37.38 27.92
C SER A 120 12.69 -38.71 28.57
N THR A 121 13.64 -39.29 29.29
CA THR A 121 13.43 -40.53 30.01
C THR A 121 13.34 -40.23 31.50
N VAL A 122 12.22 -40.60 32.10
CA VAL A 122 12.04 -40.46 33.54
C VAL A 122 12.65 -41.68 34.22
N LEU A 123 13.73 -41.47 34.95
CA LEU A 123 14.36 -42.51 35.75
C LEU A 123 13.82 -42.40 37.18
N TYR A 124 13.11 -43.42 37.64
CA TYR A 124 12.45 -43.33 38.93
C TYR A 124 12.65 -44.61 39.72
N ARG A 125 12.85 -44.46 41.04
CA ARG A 125 13.05 -45.59 41.94
C ARG A 125 12.01 -45.58 43.04
N VAL A 126 11.57 -46.77 43.43
CA VAL A 126 10.62 -46.96 44.52
C VAL A 126 11.28 -47.83 45.59
N PHE A 127 11.39 -47.29 46.81
CA PHE A 127 12.02 -47.98 47.92
C PHE A 127 10.94 -48.57 48.82
N THR A 128 10.99 -49.88 49.04
CA THR A 128 9.96 -50.62 49.77
C THR A 128 10.50 -51.05 51.13
N VAL A 129 10.12 -50.30 52.18
CA VAL A 129 10.55 -50.62 53.54
C VAL A 129 9.31 -50.90 54.41
N ASP A 130 9.57 -51.44 55.60
CA ASP A 130 8.54 -51.82 56.56
C ASP A 130 8.37 -50.73 57.63
N HIS A 131 7.63 -51.05 58.70
CA HIS A 131 7.39 -50.10 59.79
C HIS A 131 8.64 -49.73 60.57
N LYS A 132 9.67 -50.58 60.59
CA LYS A 132 10.95 -50.26 61.20
C LYS A 132 11.93 -49.60 60.21
N LEU A 133 11.43 -49.19 59.03
CA LEU A 133 12.17 -48.63 57.88
C LEU A 133 13.23 -49.59 57.31
N LEU A 134 13.19 -50.90 57.66
CA LEU A 134 14.01 -51.98 57.14
C LEU A 134 13.40 -52.52 55.85
N PRO A 135 14.22 -52.98 54.89
CA PRO A 135 13.68 -53.38 53.58
C PRO A 135 12.84 -54.65 53.62
N VAL A 136 11.70 -54.60 52.95
CA VAL A 136 10.78 -55.71 52.84
C VAL A 136 10.65 -56.06 51.35
N GLY A 137 10.40 -57.33 51.08
CA GLY A 137 10.20 -57.80 49.73
C GLY A 137 8.74 -58.12 49.46
N GLN A 138 8.02 -57.17 48.87
CA GLN A 138 6.60 -57.32 48.64
C GLN A 138 6.27 -56.81 47.23
N THR A 139 5.05 -57.13 46.78
CA THR A 139 4.61 -56.74 45.44
C THR A 139 4.02 -55.35 45.49
N VAL A 140 4.54 -54.46 44.63
CA VAL A 140 4.13 -53.06 44.56
C VAL A 140 3.54 -52.79 43.18
N PHE A 141 2.35 -52.20 43.14
CA PHE A 141 1.74 -51.74 41.89
C PHE A 141 2.07 -50.27 41.70
N ILE A 142 2.72 -49.94 40.59
CA ILE A 142 3.27 -48.60 40.34
C ILE A 142 2.58 -48.01 39.11
N THR A 143 1.94 -46.86 39.30
CA THR A 143 1.10 -46.24 38.29
C THR A 143 1.60 -44.84 37.97
N ILE A 144 1.78 -44.54 36.67
CA ILE A 144 2.12 -43.20 36.20
C ILE A 144 0.85 -42.58 35.62
N GLU A 145 0.48 -41.41 36.13
CA GLU A 145 -0.75 -40.73 35.73
C GLU A 145 -0.45 -39.40 35.09
N THR A 146 -1.32 -39.01 34.15
CA THR A 146 -1.32 -37.71 33.49
C THR A 146 -1.65 -36.59 34.49
N PRO A 147 -1.42 -35.31 34.14
CA PRO A 147 -1.95 -34.22 35.00
C PRO A 147 -3.47 -34.16 35.09
N ASP A 148 -4.19 -34.72 34.12
CA ASP A 148 -5.62 -34.95 34.24
C ASP A 148 -5.96 -36.24 34.96
N GLY A 149 -4.96 -37.07 35.29
CA GLY A 149 -5.16 -38.23 36.14
C GLY A 149 -5.36 -39.56 35.44
N ILE A 150 -5.15 -39.63 34.14
CA ILE A 150 -5.38 -40.86 33.39
C ILE A 150 -4.14 -41.74 33.49
N PRO A 151 -4.27 -43.01 33.89
CA PRO A 151 -3.10 -43.90 33.97
C PRO A 151 -2.61 -44.32 32.60
N VAL A 152 -1.32 -44.09 32.33
CA VAL A 152 -0.70 -44.47 31.07
C VAL A 152 0.26 -45.65 31.22
N LYS A 153 0.64 -46.01 32.44
CA LYS A 153 1.57 -47.11 32.67
C LYS A 153 1.32 -47.68 34.05
N ARG A 154 1.00 -48.97 34.12
CA ARG A 154 0.76 -49.66 35.38
C ARG A 154 1.70 -50.85 35.46
N ASP A 155 2.72 -50.76 36.30
CA ASP A 155 3.68 -51.82 36.50
C ASP A 155 3.41 -52.56 37.80
N SER A 156 3.84 -53.81 37.85
CA SER A 156 3.80 -54.61 39.07
C SER A 156 5.17 -55.27 39.21
N LYS A 157 5.89 -54.91 40.26
CA LYS A 157 7.25 -55.40 40.47
C LYS A 157 7.36 -55.92 41.89
N SER A 158 8.06 -57.05 42.03
CA SER A 158 8.34 -57.65 43.32
C SER A 158 9.73 -57.24 43.77
N SER A 159 9.83 -56.72 45.00
CA SER A 159 11.10 -56.28 45.57
C SER A 159 11.78 -57.37 46.40
N GLN A 160 11.48 -58.64 46.14
CA GLN A 160 12.08 -59.74 46.88
C GLN A 160 13.51 -60.01 46.42
N ASN A 161 13.75 -59.96 45.11
CA ASN A 161 15.06 -60.25 44.55
C ASN A 161 15.91 -59.00 44.36
N GLN A 162 15.30 -57.83 44.29
CA GLN A 162 16.03 -56.57 44.28
C GLN A 162 16.22 -56.00 45.67
N PHE A 163 15.70 -56.70 46.69
CA PHE A 163 15.87 -56.45 48.12
C PHE A 163 15.35 -55.09 48.58
N GLY A 164 14.40 -54.50 47.87
CA GLY A 164 13.75 -53.29 48.32
C GLY A 164 14.02 -52.04 47.51
N ILE A 165 14.87 -52.09 46.49
CA ILE A 165 15.11 -50.95 45.61
C ILE A 165 14.56 -51.33 44.25
N LEU A 166 13.34 -50.88 43.94
CA LEU A 166 12.74 -51.11 42.64
C LEU A 166 13.19 -50.01 41.69
N THR A 167 14.07 -50.36 40.76
CA THR A 167 14.68 -49.40 39.85
C THR A 167 14.03 -49.54 38.47
N LEU A 168 13.39 -48.47 38.01
CA LEU A 168 12.58 -48.50 36.79
C LEU A 168 12.88 -47.28 35.92
N SER A 169 12.24 -47.24 34.75
CA SER A 169 12.37 -46.14 33.81
C SER A 169 11.10 -46.04 32.98
N TRP A 170 10.92 -44.86 32.36
CA TRP A 170 9.81 -44.63 31.46
C TRP A 170 10.20 -43.53 30.47
N ASN A 171 9.92 -43.76 29.19
CA ASN A 171 10.22 -42.79 28.15
C ASN A 171 9.01 -41.90 27.91
N ILE A 172 9.18 -40.59 28.03
CA ILE A 172 8.10 -39.67 27.67
C ILE A 172 7.98 -39.64 26.14
N PRO A 173 6.78 -39.75 25.59
CA PRO A 173 6.62 -39.60 24.15
C PRO A 173 6.78 -38.14 23.73
N GLU A 174 6.91 -37.94 22.41
CA GLU A 174 7.20 -36.61 21.89
C GLU A 174 5.97 -35.70 21.96
N LEU A 175 4.78 -36.25 21.74
CA LEU A 175 3.53 -35.53 21.96
C LEU A 175 2.89 -36.11 23.21
N VAL A 176 2.61 -35.25 24.18
CA VAL A 176 2.22 -35.70 25.51
C VAL A 176 1.49 -34.57 26.23
N ASN A 177 0.76 -34.91 27.29
CA ASN A 177 0.22 -33.92 28.21
C ASN A 177 1.33 -33.15 28.92
N MET A 178 1.23 -31.84 28.94
CA MET A 178 2.17 -31.03 29.69
C MET A 178 1.51 -30.48 30.95
N GLY A 179 2.23 -30.55 32.06
CA GLY A 179 1.72 -30.19 33.37
C GLY A 179 2.46 -30.99 34.44
N VAL A 180 1.74 -31.27 35.53
CA VAL A 180 2.30 -31.95 36.69
C VAL A 180 1.84 -33.40 36.66
N TRP A 181 2.74 -34.29 36.25
CA TRP A 181 2.48 -35.73 36.23
C TRP A 181 2.66 -36.30 37.62
N LYS A 182 2.01 -37.45 37.88
CA LYS A 182 2.06 -38.10 39.18
C LYS A 182 2.42 -39.57 39.02
N ILE A 183 3.40 -40.03 39.80
CA ILE A 183 3.65 -41.45 40.00
C ILE A 183 2.92 -41.86 41.27
N LYS A 184 2.20 -42.98 41.22
CA LYS A 184 1.53 -43.53 42.40
C LYS A 184 1.98 -44.97 42.63
N ALA A 185 2.12 -45.33 43.90
CA ALA A 185 2.57 -46.66 44.28
C ALA A 185 1.82 -47.13 45.51
N TYR A 186 1.53 -48.43 45.56
CA TYR A 186 0.90 -49.05 46.71
C TYR A 186 1.30 -50.52 46.75
N TYR A 187 1.29 -51.09 47.95
CA TYR A 187 1.53 -52.52 48.10
C TYR A 187 0.32 -53.31 47.62
N GLU A 188 0.55 -54.58 47.29
CA GLU A 188 -0.52 -55.43 46.75
C GLU A 188 -1.54 -55.77 47.83
N ASP A 189 -1.08 -56.03 49.06
CA ASP A 189 -1.99 -56.33 50.15
C ASP A 189 -2.61 -55.10 50.80
N SER A 190 -2.21 -53.89 50.40
CA SER A 190 -2.79 -52.65 50.92
C SER A 190 -2.99 -51.67 49.78
N PRO A 191 -4.10 -51.77 49.04
CA PRO A 191 -4.33 -50.84 47.93
C PRO A 191 -4.78 -49.46 48.36
N GLN A 192 -5.26 -49.30 49.59
CA GLN A 192 -5.76 -48.02 50.08
C GLN A 192 -4.66 -47.12 50.64
N GLN A 193 -3.41 -47.58 50.63
CA GLN A 193 -2.28 -46.79 51.09
C GLN A 193 -1.46 -46.41 49.87
N VAL A 194 -1.87 -45.33 49.21
CA VAL A 194 -1.24 -44.88 47.97
C VAL A 194 -0.23 -43.79 48.31
N PHE A 195 1.04 -44.04 47.97
CA PHE A 195 2.11 -43.08 48.13
C PHE A 195 2.45 -42.48 46.77
N SER A 196 2.85 -41.21 46.77
CA SER A 196 2.98 -40.51 45.50
C SER A 196 4.15 -39.52 45.50
N ALA A 197 4.72 -39.35 44.32
CA ALA A 197 5.62 -38.25 44.00
C ALA A 197 5.17 -37.65 42.68
N GLU A 198 5.43 -36.36 42.50
CA GLU A 198 5.02 -35.65 41.30
C GLU A 198 6.20 -35.04 40.56
N PHE A 199 6.10 -34.95 39.24
CA PHE A 199 7.10 -34.26 38.44
C PHE A 199 6.38 -33.44 37.37
N GLU A 200 7.11 -32.50 36.79
CA GLU A 200 6.56 -31.55 35.83
C GLU A 200 7.12 -31.84 34.45
N VAL A 201 6.27 -31.75 33.43
CA VAL A 201 6.69 -31.81 32.03
C VAL A 201 6.32 -30.49 31.37
N LYS A 202 7.32 -29.69 31.05
CA LYS A 202 7.16 -28.50 30.23
C LYS A 202 7.79 -28.75 28.87
N GLU A 203 7.83 -27.72 28.02
CA GLU A 203 8.34 -27.85 26.67
C GLU A 203 9.79 -27.41 26.57
N TYR A 204 10.37 -27.63 25.39
CA TYR A 204 11.75 -27.29 25.08
C TYR A 204 11.97 -25.79 25.08
N VAL A 205 12.91 -25.32 25.89
CA VAL A 205 13.31 -23.92 25.92
C VAL A 205 14.83 -23.86 25.84
N LEU A 206 15.33 -23.19 24.80
CA LEU A 206 16.77 -23.01 24.56
C LEU A 206 16.98 -21.51 24.48
N PRO A 207 17.28 -20.86 25.60
CA PRO A 207 17.63 -19.43 25.53
C PRO A 207 19.08 -19.27 25.09
N SER A 208 19.33 -18.24 24.27
CA SER A 208 20.71 -17.88 24.02
C SER A 208 21.29 -17.15 25.22
N PHE A 209 20.43 -16.44 25.96
CA PHE A 209 20.82 -15.71 27.15
C PHE A 209 19.71 -15.82 28.18
N GLU A 210 20.09 -15.93 29.44
CA GLU A 210 19.11 -16.01 30.53
C GLU A 210 18.91 -14.62 31.14
N VAL A 211 17.71 -14.40 31.67
CA VAL A 211 17.33 -13.13 32.28
C VAL A 211 16.95 -13.42 33.74
N GLN A 212 17.57 -12.69 34.66
CA GLN A 212 17.29 -12.82 36.08
C GLN A 212 16.77 -11.49 36.61
N LEU A 213 15.64 -11.53 37.30
CA LEU A 213 15.02 -10.32 37.83
C LEU A 213 15.21 -10.34 39.35
N GLU A 214 16.17 -9.54 39.82
CA GLU A 214 16.53 -9.49 41.23
C GLU A 214 15.99 -8.20 41.82
N PRO A 215 14.97 -8.24 42.67
CA PRO A 215 14.52 -7.03 43.34
C PRO A 215 15.52 -6.62 44.43
N GLU A 216 15.48 -5.33 44.77
CA GLU A 216 16.47 -4.75 45.70
C GLU A 216 16.27 -5.28 47.11
N GLU A 217 15.03 -5.43 47.54
CA GLU A 217 14.68 -6.19 48.72
C GLU A 217 13.82 -7.37 48.29
N LYS A 218 13.75 -8.40 49.13
CA LYS A 218 12.97 -9.60 48.81
C LYS A 218 11.47 -9.46 49.16
N PHE A 219 11.00 -8.23 49.32
CA PHE A 219 9.66 -7.82 49.74
C PHE A 219 9.54 -6.34 49.44
N TYR A 220 8.31 -5.84 49.34
CA TYR A 220 8.10 -4.41 49.15
C TYR A 220 7.41 -3.82 50.36
N TYR A 221 8.04 -2.81 50.96
CA TYR A 221 7.42 -2.05 52.03
C TYR A 221 6.35 -1.14 51.43
N ILE A 222 5.11 -1.24 51.93
CA ILE A 222 4.00 -0.48 51.35
C ILE A 222 4.09 1.01 51.69
N ASP A 223 4.81 1.39 52.75
CA ASP A 223 5.03 2.79 53.06
C ASP A 223 6.43 3.26 52.67
N ASP A 224 7.06 2.62 51.69
CA ASP A 224 8.35 3.05 51.19
C ASP A 224 8.14 4.11 50.12
N PRO A 225 8.73 5.31 50.26
CA PRO A 225 8.44 6.39 49.31
C PRO A 225 9.13 6.24 47.96
N ASP A 226 10.29 5.57 47.93
CA ASP A 226 11.04 5.48 46.67
C ASP A 226 10.47 4.41 45.75
N GLY A 227 9.93 3.34 46.31
CA GLY A 227 9.37 2.26 45.52
C GLY A 227 10.25 1.04 45.52
N LEU A 228 9.95 0.13 44.60
CA LEU A 228 10.60 -1.16 44.48
C LEU A 228 11.53 -1.14 43.28
N LYS A 229 12.84 -1.17 43.53
CA LYS A 229 13.82 -1.29 42.47
C LYS A 229 14.09 -2.76 42.18
N VAL A 230 14.11 -3.12 40.90
CA VAL A 230 14.37 -4.48 40.45
C VAL A 230 15.56 -4.43 39.51
N ASN A 231 16.66 -5.09 39.90
CA ASN A 231 17.82 -5.18 39.03
C ASN A 231 17.59 -6.21 37.94
N ILE A 232 17.93 -5.84 36.71
CA ILE A 232 17.81 -6.73 35.57
C ILE A 232 19.20 -7.25 35.27
N ILE A 233 19.41 -8.55 35.50
CA ILE A 233 20.68 -9.20 35.20
C ILE A 233 20.43 -10.14 34.03
N ALA A 234 20.94 -9.76 32.86
CA ALA A 234 20.85 -10.55 31.65
C ALA A 234 22.25 -10.95 31.23
N ARG A 235 22.46 -12.25 31.05
CA ARG A 235 23.76 -12.78 30.68
C ARG A 235 23.53 -14.01 29.80
N PHE A 236 24.51 -14.31 28.96
CA PHE A 236 24.43 -15.48 28.10
C PHE A 236 24.62 -16.75 28.92
N LEU A 237 24.17 -17.88 28.34
CA LEU A 237 24.35 -19.18 29.01
C LEU A 237 25.80 -19.61 29.03
N TYR A 238 26.62 -19.12 28.10
CA TYR A 238 28.05 -19.41 28.09
C TYR A 238 28.88 -18.43 28.92
N GLY A 239 28.26 -17.40 29.51
CA GLY A 239 28.90 -16.58 30.52
C GLY A 239 29.04 -15.10 30.17
N GLU A 240 28.87 -14.70 28.92
CA GLU A 240 29.14 -13.32 28.52
C GLU A 240 27.99 -12.40 28.88
N GLN A 241 28.29 -11.11 28.84
CA GLN A 241 27.32 -10.09 29.24
C GLN A 241 26.45 -9.69 28.06
N VAL A 242 25.30 -9.10 28.38
CA VAL A 242 24.25 -8.77 27.43
C VAL A 242 24.16 -7.25 27.33
N ASP A 243 24.22 -6.74 26.10
CA ASP A 243 23.92 -5.33 25.82
C ASP A 243 22.63 -5.26 25.03
N GLY A 244 21.70 -4.41 25.47
CA GLY A 244 20.44 -4.27 24.76
C GLY A 244 19.38 -3.42 25.42
N THR A 245 18.12 -3.85 25.31
CA THR A 245 16.98 -3.05 25.76
C THR A 245 15.95 -3.97 26.39
N ALA A 246 15.57 -3.67 27.63
CA ALA A 246 14.57 -4.43 28.37
C ALA A 246 13.26 -3.66 28.47
N PHE A 247 12.16 -4.34 28.18
CA PHE A 247 10.81 -3.77 28.34
C PHE A 247 10.16 -4.42 29.55
N VAL A 248 10.02 -3.66 30.63
CA VAL A 248 9.68 -4.18 31.95
C VAL A 248 8.29 -3.69 32.32
N ILE A 249 7.45 -4.61 32.80
CA ILE A 249 6.10 -4.27 33.27
C ILE A 249 5.89 -4.92 34.65
N PHE A 250 5.24 -4.18 35.54
CA PHE A 250 4.94 -4.65 36.89
C PHE A 250 3.46 -5.01 37.00
N GLY A 251 3.11 -5.63 38.12
CA GLY A 251 1.74 -6.04 38.34
C GLY A 251 1.54 -6.57 39.74
N VAL A 252 0.28 -6.78 40.09
CA VAL A 252 -0.12 -7.23 41.43
C VAL A 252 -0.79 -8.59 41.30
N GLN A 253 -0.32 -9.55 42.10
CA GLN A 253 -0.88 -10.90 42.16
C GLN A 253 -1.84 -10.89 43.35
N ASP A 254 -3.14 -10.80 43.05
CA ASP A 254 -4.16 -10.64 44.08
C ASP A 254 -4.73 -12.02 44.41
N GLY A 255 -3.90 -12.81 45.10
CA GLY A 255 -4.29 -14.18 45.41
C GLY A 255 -4.24 -15.05 44.17
N ASP A 256 -5.41 -15.37 43.64
CA ASP A 256 -5.54 -15.97 42.32
C ASP A 256 -6.20 -14.95 41.40
N ARG A 257 -5.43 -13.90 41.07
CA ARG A 257 -5.85 -12.78 40.21
C ARG A 257 -4.62 -12.00 39.73
N ARG A 258 -4.46 -11.82 38.42
CA ARG A 258 -3.35 -11.07 37.86
C ARG A 258 -3.84 -9.69 37.41
N ILE A 259 -3.30 -8.64 38.02
CA ILE A 259 -3.68 -7.26 37.71
C ILE A 259 -2.47 -6.59 37.09
N SER A 260 -2.50 -6.42 35.76
CA SER A 260 -1.38 -5.80 35.06
C SER A 260 -1.37 -4.29 35.30
N LEU A 261 -0.28 -3.78 35.86
CA LEU A 261 -0.10 -2.34 36.04
C LEU A 261 0.41 -1.78 34.73
N THR A 262 -0.51 -1.21 33.93
CA THR A 262 -0.16 -0.73 32.59
C THR A 262 0.65 0.54 32.61
N HIS A 263 0.54 1.34 33.68
CA HIS A 263 1.29 2.59 33.81
C HIS A 263 2.68 2.39 34.39
N SER A 264 3.09 1.15 34.65
CA SER A 264 4.44 0.85 35.14
C SER A 264 5.37 0.38 34.04
N LEU A 265 4.89 0.37 32.79
CA LEU A 265 5.66 -0.14 31.66
C LEU A 265 6.75 0.86 31.27
N THR A 266 8.02 0.47 31.48
CA THR A 266 9.16 1.34 31.24
C THR A 266 10.16 0.64 30.32
N ARG A 267 10.88 1.45 29.54
CA ARG A 267 11.96 0.97 28.69
C ARG A 267 13.28 1.20 29.42
N VAL A 268 14.03 0.13 29.64
CA VAL A 268 15.27 0.17 30.41
C VAL A 268 16.40 -0.31 29.52
N PRO A 269 17.48 0.47 29.36
CA PRO A 269 18.67 -0.05 28.67
C PRO A 269 19.45 -1.01 29.55
N ILE A 270 20.01 -2.03 28.92
CA ILE A 270 20.85 -3.02 29.59
C ILE A 270 22.27 -2.82 29.08
N ASN A 271 23.16 -2.32 29.94
CA ASN A 271 24.54 -2.06 29.58
C ASN A 271 25.44 -2.90 30.48
N ASP A 272 26.29 -3.74 29.85
CA ASP A 272 27.18 -4.71 30.48
C ASP A 272 26.40 -5.67 31.40
N GLY A 273 25.22 -6.10 30.92
CA GLY A 273 24.42 -7.03 31.67
C GLY A 273 23.69 -6.47 32.86
N ASN A 274 23.50 -5.15 32.92
CA ASN A 274 22.90 -4.52 34.10
C ASN A 274 21.91 -3.44 33.68
N GLY A 275 20.81 -3.35 34.42
CA GLY A 275 19.79 -2.34 34.21
C GLY A 275 18.88 -2.30 35.42
N GLU A 276 18.06 -1.25 35.48
CA GLU A 276 17.21 -1.03 36.64
C GLU A 276 15.85 -0.47 36.22
N ALA A 277 14.79 -1.08 36.76
CA ALA A 277 13.41 -0.62 36.56
C ALA A 277 12.78 -0.40 37.93
N ILE A 278 12.21 0.77 38.14
CA ILE A 278 11.66 1.17 39.43
C ILE A 278 10.16 1.30 39.31
N LEU A 279 9.43 0.60 40.18
CA LEU A 279 7.98 0.75 40.31
C LEU A 279 7.71 1.82 41.36
N LYS A 280 7.19 2.96 40.92
CA LYS A 280 6.88 4.06 41.83
C LYS A 280 5.60 3.77 42.60
N ARG A 281 5.49 4.38 43.78
CA ARG A 281 4.39 4.06 44.72
C ARG A 281 3.05 4.56 44.20
N GLN A 282 3.03 5.68 43.47
CA GLN A 282 1.79 6.21 42.92
C GLN A 282 1.24 5.35 41.77
N VAL A 283 2.09 4.58 41.10
CA VAL A 283 1.62 3.64 40.09
C VAL A 283 0.97 2.42 40.77
N LEU A 284 1.50 2.00 41.93
CA LEU A 284 0.98 0.82 42.63
C LEU A 284 -0.39 1.10 43.26
N LEU A 285 -0.56 2.28 43.86
CA LEU A 285 -1.82 2.61 44.53
C LEU A 285 -2.95 2.86 43.53
N ASN A 286 -2.67 3.62 42.47
CA ASN A 286 -3.70 3.96 41.48
C ASN A 286 -4.09 2.76 40.62
N GLY A 287 -3.12 1.90 40.29
CA GLY A 287 -3.39 0.77 39.40
C GLY A 287 -4.32 -0.28 39.99
N VAL A 288 -4.14 -0.61 41.27
CA VAL A 288 -5.06 -1.49 41.98
C VAL A 288 -6.35 -0.71 42.21
N GLN A 289 -7.49 -1.39 42.04
CA GLN A 289 -8.80 -0.72 42.12
C GLN A 289 -9.14 -0.12 43.50
N PRO A 290 -8.86 -0.74 44.66
CA PRO A 290 -8.88 0.09 45.87
C PRO A 290 -7.51 0.70 46.10
N SER A 291 -7.45 2.03 46.13
CA SER A 291 -6.21 2.77 46.38
C SER A 291 -5.94 2.91 47.88
N ARG A 292 -5.80 1.78 48.56
CA ARG A 292 -5.55 1.76 50.00
C ARG A 292 -4.25 0.99 50.24
N ALA A 293 -3.41 1.54 51.12
CA ALA A 293 -2.17 0.87 51.51
C ALA A 293 -2.46 -0.41 52.29
N ASP A 294 -3.51 -0.39 53.12
CA ASP A 294 -3.90 -1.54 53.91
C ASP A 294 -4.49 -2.64 53.05
N ALA A 295 -5.16 -2.29 51.94
CA ALA A 295 -5.72 -3.26 51.04
C ALA A 295 -4.69 -3.85 50.08
N LEU A 296 -3.44 -3.40 50.12
CA LEU A 296 -2.35 -4.03 49.39
C LEU A 296 -1.53 -4.98 50.26
N VAL A 297 -1.74 -4.98 51.58
CA VAL A 297 -1.04 -5.90 52.46
C VAL A 297 -1.63 -7.30 52.32
N GLY A 298 -0.77 -8.30 52.16
CA GLY A 298 -1.19 -9.66 51.88
C GLY A 298 -1.18 -10.03 50.41
N LYS A 299 -0.82 -9.11 49.53
CA LYS A 299 -0.65 -9.37 48.11
C LYS A 299 0.82 -9.39 47.75
N SER A 300 1.09 -9.80 46.51
CA SER A 300 2.44 -9.89 45.99
C SER A 300 2.57 -9.14 44.67
N ILE A 301 3.79 -8.71 44.36
CA ILE A 301 4.13 -8.06 43.10
C ILE A 301 4.79 -9.08 42.18
N TYR A 302 4.28 -9.21 40.97
CA TYR A 302 4.99 -9.89 39.90
C TYR A 302 5.55 -8.85 38.93
N VAL A 303 6.63 -9.21 38.25
CA VAL A 303 7.28 -8.32 37.29
C VAL A 303 7.77 -9.16 36.11
N SER A 304 7.42 -8.74 34.90
CA SER A 304 7.83 -9.41 33.67
C SER A 304 8.69 -8.45 32.85
N ALA A 305 9.71 -9.00 32.18
CA ALA A 305 10.67 -8.16 31.46
C ALA A 305 11.14 -8.89 30.21
N THR A 306 10.91 -8.28 29.05
CA THR A 306 11.37 -8.79 27.76
C THR A 306 12.66 -8.07 27.39
N VAL A 307 13.78 -8.79 27.40
CA VAL A 307 15.09 -8.24 27.11
C VAL A 307 15.46 -8.61 25.69
N ILE A 308 15.84 -7.62 24.88
CA ILE A 308 16.24 -7.81 23.50
C ILE A 308 17.73 -7.53 23.42
N LEU A 309 18.46 -8.30 22.60
CA LEU A 309 19.84 -7.96 22.33
C LEU A 309 19.91 -6.74 21.41
N GLN A 310 21.08 -6.08 21.38
CA GLN A 310 21.24 -4.80 20.69
C GLN A 310 21.19 -4.95 19.17
N SER A 311 21.59 -6.11 18.64
CA SER A 311 21.46 -6.40 17.22
C SER A 311 20.06 -6.90 16.82
N GLY A 312 19.07 -6.82 17.73
CA GLY A 312 17.72 -7.24 17.46
C GLY A 312 17.57 -8.74 17.31
N SER A 313 18.47 -9.50 17.91
CA SER A 313 18.72 -10.86 17.47
C SER A 313 17.87 -11.89 18.17
N ASP A 314 17.73 -11.78 19.48
CA ASP A 314 16.93 -12.72 20.25
C ASP A 314 16.25 -11.95 21.36
N MET A 315 15.06 -12.38 21.74
CA MET A 315 14.43 -11.86 22.93
C MET A 315 14.12 -13.02 23.87
N VAL A 316 14.48 -12.84 25.14
CA VAL A 316 14.23 -13.83 26.19
C VAL A 316 13.53 -13.09 27.31
N GLU A 317 12.35 -13.57 27.70
CA GLU A 317 11.53 -12.92 28.70
C GLU A 317 11.51 -13.78 29.97
N ALA A 318 11.61 -13.13 31.11
CA ALA A 318 11.58 -13.80 32.40
C ALA A 318 10.61 -13.09 33.33
N GLU A 319 10.17 -13.82 34.35
CA GLU A 319 9.22 -13.27 35.30
C GLU A 319 9.62 -13.62 36.73
N ARG A 320 9.51 -12.64 37.61
CA ARG A 320 9.78 -12.79 39.04
C ARG A 320 8.46 -12.56 39.77
N THR A 321 7.84 -13.63 40.24
CA THR A 321 6.56 -13.56 40.92
C THR A 321 6.74 -13.69 42.43
N GLY A 322 5.72 -13.25 43.16
CA GLY A 322 5.65 -13.51 44.58
C GLY A 322 6.44 -12.58 45.47
N ILE A 323 6.70 -11.35 45.04
CA ILE A 323 7.37 -10.34 45.86
C ILE A 323 6.33 -9.68 46.76
N PRO A 324 6.28 -10.00 48.07
CA PRO A 324 5.12 -9.62 48.88
C PRO A 324 5.10 -8.15 49.27
N ILE A 325 3.88 -7.59 49.32
CA ILE A 325 3.70 -6.20 49.70
C ILE A 325 3.27 -6.14 51.15
N VAL A 326 4.22 -6.27 52.08
CA VAL A 326 3.93 -6.27 53.50
C VAL A 326 4.75 -5.18 54.18
N THR A 327 4.45 -4.95 55.46
CA THR A 327 5.28 -4.09 56.29
C THR A 327 6.25 -4.87 57.15
N SER A 328 5.89 -6.08 57.56
CA SER A 328 6.78 -6.89 58.39
C SER A 328 7.46 -7.94 57.53
N PRO A 329 8.81 -7.97 57.49
CA PRO A 329 9.51 -9.02 56.76
C PRO A 329 9.58 -10.35 57.49
N TYR A 330 9.03 -10.45 58.70
CA TYR A 330 9.11 -11.67 59.48
C TYR A 330 7.71 -12.09 59.92
N GLN A 331 7.55 -13.40 60.10
CA GLN A 331 6.33 -13.97 60.67
C GLN A 331 6.72 -14.83 61.86
N ILE A 332 6.18 -14.49 63.02
CA ILE A 332 6.41 -15.25 64.25
C ILE A 332 5.45 -16.43 64.26
N HIS A 333 5.95 -17.62 64.64
CA HIS A 333 5.12 -18.80 64.73
C HIS A 333 5.41 -19.52 66.05
N PHE A 334 4.34 -19.92 66.74
CA PHE A 334 4.43 -20.68 67.98
C PHE A 334 4.15 -22.15 67.75
N THR A 335 4.61 -22.70 66.63
CA THR A 335 4.29 -24.08 66.28
C THR A 335 5.22 -25.08 66.95
N LYS A 336 6.46 -24.69 67.24
CA LYS A 336 7.44 -25.60 67.83
C LYS A 336 7.56 -25.45 69.34
N THR A 337 6.63 -24.73 69.96
CA THR A 337 6.68 -24.52 71.41
C THR A 337 5.61 -25.35 72.11
N PRO A 338 5.84 -25.74 73.38
CA PRO A 338 4.79 -26.43 74.14
C PRO A 338 3.68 -25.48 74.54
N LYS A 339 2.50 -26.05 74.78
CA LYS A 339 1.31 -25.29 75.11
C LYS A 339 0.99 -25.26 76.60
N PHE A 340 1.76 -25.96 77.43
CA PHE A 340 1.49 -26.02 78.85
C PHE A 340 2.74 -25.72 79.66
N PHE A 341 2.60 -24.88 80.69
CA PHE A 341 3.72 -24.49 81.53
C PHE A 341 3.53 -25.04 82.95
N LYS A 342 4.61 -24.97 83.72
CA LYS A 342 4.65 -25.37 85.11
C LYS A 342 4.84 -24.14 85.99
N PRO A 343 4.04 -23.97 87.05
CA PRO A 343 4.17 -22.79 87.91
C PRO A 343 5.47 -22.75 88.70
N ALA A 344 6.01 -21.52 88.83
CA ALA A 344 7.27 -21.14 89.50
C ALA A 344 8.50 -21.84 88.93
N MET A 345 8.43 -22.28 87.67
CA MET A 345 9.49 -22.98 86.95
C MET A 345 9.55 -22.37 85.55
N PRO A 346 10.73 -22.35 84.92
CA PRO A 346 10.86 -21.65 83.62
C PRO A 346 10.16 -22.36 82.48
N PHE A 347 9.64 -21.55 81.55
CA PHE A 347 8.87 -22.02 80.40
C PHE A 347 9.73 -21.82 79.15
N ASP A 348 10.13 -22.93 78.54
CA ASP A 348 11.05 -22.91 77.40
C ASP A 348 10.26 -22.60 76.14
N LEU A 349 10.14 -21.31 75.84
CA LEU A 349 9.40 -20.85 74.68
C LEU A 349 10.26 -20.98 73.42
N MET A 350 9.70 -21.59 72.38
CA MET A 350 10.40 -21.87 71.13
C MET A 350 9.72 -21.09 70.01
N VAL A 351 10.23 -19.90 69.73
CA VAL A 351 9.66 -19.01 68.72
C VAL A 351 10.30 -19.34 67.37
N TYR A 352 9.45 -19.64 66.38
CA TYR A 352 9.89 -19.95 65.02
C TYR A 352 9.59 -18.76 64.13
N VAL A 353 10.64 -18.10 63.64
CA VAL A 353 10.53 -16.88 62.85
C VAL A 353 10.84 -17.23 61.40
N THR A 354 9.98 -16.78 60.48
CA THR A 354 10.09 -17.12 59.06
C THR A 354 10.05 -15.87 58.20
N ASN A 355 10.59 -16.00 56.99
CA ASN A 355 10.47 -15.02 55.92
C ASN A 355 9.07 -15.14 55.30
N PRO A 356 8.60 -14.16 54.49
CA PRO A 356 7.23 -14.27 53.93
C PRO A 356 7.03 -15.36 52.90
N ASP A 357 8.09 -15.95 52.34
CA ASP A 357 7.95 -17.12 51.49
C ASP A 357 7.90 -18.43 52.27
N GLY A 358 8.08 -18.39 53.59
CA GLY A 358 8.08 -19.58 54.42
C GLY A 358 9.46 -20.08 54.82
N SER A 359 10.52 -19.51 54.25
CA SER A 359 11.87 -19.93 54.60
C SER A 359 12.24 -19.42 55.99
N PRO A 360 13.09 -20.14 56.74
CA PRO A 360 13.43 -19.71 58.10
C PRO A 360 14.30 -18.46 58.12
N ALA A 361 13.94 -17.53 59.00
CA ALA A 361 14.64 -16.26 59.15
C ALA A 361 15.79 -16.44 60.14
N ARG A 362 17.02 -16.22 59.68
CA ARG A 362 18.22 -16.54 60.44
C ARG A 362 18.78 -15.30 61.13
N HIS A 363 19.21 -15.49 62.39
CA HIS A 363 19.85 -14.48 63.25
C HIS A 363 18.97 -13.24 63.45
N ILE A 364 17.72 -13.48 63.83
CA ILE A 364 16.74 -12.42 64.04
C ILE A 364 16.52 -12.28 65.54
N PRO A 365 16.79 -11.12 66.14
CA PRO A 365 16.57 -10.95 67.58
C PRO A 365 15.09 -10.78 67.91
N VAL A 366 14.63 -11.55 68.89
CA VAL A 366 13.24 -11.51 69.33
C VAL A 366 13.21 -11.18 70.82
N VAL A 367 12.30 -10.28 71.21
CA VAL A 367 12.16 -9.83 72.58
C VAL A 367 10.72 -10.10 73.03
N THR A 368 10.57 -10.69 74.23
CA THR A 368 9.26 -10.84 74.83
C THR A 368 8.86 -9.56 75.57
N GLN A 369 7.60 -9.17 75.41
CA GLN A 369 7.11 -7.96 76.04
C GLN A 369 6.80 -8.20 77.51
N GLY A 370 7.19 -7.27 78.36
CA GLY A 370 6.97 -7.37 79.79
C GLY A 370 8.10 -7.98 80.59
N SER A 371 8.67 -9.08 80.09
CA SER A 371 9.75 -9.78 80.77
C SER A 371 11.13 -9.45 80.22
N ASN A 372 11.19 -8.85 79.02
CA ASN A 372 12.42 -8.33 78.35
C ASN A 372 13.47 -9.41 78.08
N VAL A 373 13.05 -10.67 77.94
CA VAL A 373 13.95 -11.74 77.54
C VAL A 373 14.26 -11.59 76.06
N GLN A 374 15.55 -11.64 75.71
CA GLN A 374 15.98 -11.44 74.32
C GLN A 374 16.91 -12.56 73.90
N SER A 375 16.66 -13.12 72.71
CA SER A 375 17.46 -14.19 72.14
C SER A 375 17.53 -14.01 70.62
N LEU A 376 18.40 -14.79 69.98
CA LEU A 376 18.55 -14.78 68.54
C LEU A 376 18.10 -16.10 67.93
N THR A 377 17.57 -16.03 66.71
CA THR A 377 17.29 -17.23 65.96
C THR A 377 18.58 -17.82 65.41
N GLN A 378 18.55 -19.12 65.13
CA GLN A 378 19.68 -19.79 64.52
C GLN A 378 19.44 -19.94 63.02
N ASP A 379 20.13 -20.89 62.38
CA ASP A 379 19.94 -21.11 60.96
C ASP A 379 18.62 -21.80 60.64
N ASP A 380 18.04 -22.52 61.61
CA ASP A 380 16.72 -23.13 61.43
C ASP A 380 15.57 -22.18 61.68
N GLY A 381 15.84 -20.92 62.05
CA GLY A 381 14.80 -19.94 62.30
C GLY A 381 14.17 -19.99 63.67
N VAL A 382 14.63 -20.88 64.54
CA VAL A 382 14.02 -21.08 65.86
C VAL A 382 14.91 -20.42 66.90
N ALA A 383 14.29 -19.64 67.80
CA ALA A 383 14.98 -19.05 68.94
C ALA A 383 14.35 -19.59 70.22
N LYS A 384 15.18 -19.74 71.25
CA LYS A 384 14.74 -20.19 72.55
C LYS A 384 14.77 -19.03 73.54
N LEU A 385 13.63 -18.75 74.15
CA LEU A 385 13.52 -17.74 75.20
C LEU A 385 12.94 -18.42 76.42
N SER A 386 13.66 -18.38 77.53
CA SER A 386 13.21 -19.01 78.75
C SER A 386 12.58 -17.94 79.64
N ILE A 387 11.29 -18.10 79.92
CA ILE A 387 10.51 -17.12 80.66
C ILE A 387 10.26 -17.67 82.06
N ASN A 388 10.69 -16.92 83.06
CA ASN A 388 10.57 -17.33 84.46
C ASN A 388 9.15 -17.07 84.94
N THR A 389 8.39 -18.14 85.13
CA THR A 389 7.00 -18.01 85.53
C THR A 389 6.88 -17.87 87.04
N GLN A 390 5.79 -17.24 87.47
CA GLN A 390 5.49 -17.08 88.89
C GLN A 390 4.76 -18.32 89.42
N ASN A 391 4.57 -18.35 90.74
CA ASN A 391 3.90 -19.47 91.40
C ASN A 391 2.37 -19.30 91.38
N LYS A 392 1.82 -19.31 90.17
CA LYS A 392 0.41 -19.08 89.93
C LYS A 392 -0.10 -20.09 88.92
N ARG A 393 -1.39 -20.42 89.02
CA ARG A 393 -2.06 -21.31 88.08
C ARG A 393 -3.00 -20.55 87.16
N ASP A 394 -2.60 -19.36 86.77
CA ASP A 394 -3.26 -18.50 85.80
C ASP A 394 -2.73 -18.77 84.40
N PRO A 395 -3.52 -18.52 83.35
CA PRO A 395 -3.00 -18.65 81.99
C PRO A 395 -1.99 -17.54 81.66
N LEU A 396 -0.85 -17.95 81.10
CA LEU A 396 0.27 -17.06 80.85
C LEU A 396 0.20 -16.55 79.42
N THR A 397 -0.11 -15.26 79.27
CA THR A 397 -0.21 -14.62 77.96
C THR A 397 1.15 -14.02 77.59
N ILE A 398 1.71 -14.49 76.47
CA ILE A 398 3.06 -14.13 76.05
C ILE A 398 3.00 -13.45 74.69
N THR A 399 3.60 -12.27 74.58
CA THR A 399 3.71 -11.55 73.33
C THR A 399 5.19 -11.45 72.97
N VAL A 400 5.54 -11.93 71.78
CA VAL A 400 6.91 -11.93 71.27
C VAL A 400 7.01 -10.91 70.14
N ARG A 401 8.09 -10.13 70.12
CA ARG A 401 8.28 -9.07 69.14
C ARG A 401 9.71 -9.13 68.61
N THR A 402 9.86 -9.04 67.29
CA THR A 402 11.19 -8.94 66.68
C THR A 402 11.79 -7.57 66.91
N LYS A 403 13.11 -7.52 67.05
CA LYS A 403 13.80 -6.27 67.37
C LYS A 403 15.11 -6.18 66.57
N LYS A 404 15.01 -6.33 65.26
CA LYS A 404 16.17 -6.21 64.39
C LYS A 404 16.36 -4.74 64.02
N ASP A 405 17.62 -4.29 64.05
CA ASP A 405 17.96 -2.92 63.70
C ASP A 405 17.78 -2.67 62.20
N ASN A 406 17.68 -1.37 61.86
CA ASN A 406 17.35 -0.79 60.55
C ASN A 406 15.93 -1.13 60.07
N ILE A 407 15.08 -1.61 60.97
CA ILE A 407 13.67 -1.86 60.69
C ILE A 407 12.86 -1.05 61.69
N PRO A 408 11.90 -0.23 61.25
CA PRO A 408 11.10 0.57 62.19
C PRO A 408 10.17 -0.29 63.03
N GLU A 409 9.72 0.31 64.15
CA GLU A 409 8.96 -0.42 65.16
C GLU A 409 7.54 -0.76 64.69
N GLY A 410 6.99 0.01 63.76
CA GLY A 410 5.74 -0.38 63.13
C GLY A 410 5.90 -1.51 62.13
N ARG A 411 7.13 -1.79 61.70
CA ARG A 411 7.43 -2.83 60.74
C ARG A 411 8.00 -4.10 61.40
N GLN A 412 7.94 -4.20 62.72
CA GLN A 412 8.44 -5.38 63.42
C GLN A 412 7.34 -6.42 63.59
N ALA A 413 7.71 -7.69 63.48
CA ALA A 413 6.76 -8.78 63.65
C ALA A 413 6.39 -8.95 65.12
N THR A 414 5.10 -9.17 65.38
CA THR A 414 4.58 -9.30 66.74
C THR A 414 3.44 -10.31 66.75
N ARG A 415 3.49 -11.27 67.66
CA ARG A 415 2.41 -12.24 67.79
C ARG A 415 2.24 -12.62 69.27
N THR A 416 1.01 -12.95 69.64
CA THR A 416 0.63 -13.25 71.01
C THR A 416 0.09 -14.68 71.10
N MET A 417 0.51 -15.40 72.14
CA MET A 417 -0.04 -16.71 72.48
C MET A 417 -0.45 -16.75 73.94
N GLN A 418 -1.06 -17.86 74.36
CA GLN A 418 -1.44 -18.07 75.75
C GLN A 418 -1.09 -19.49 76.17
N ALA A 419 -0.29 -19.61 77.23
CA ALA A 419 0.09 -20.90 77.81
C ALA A 419 -0.74 -21.17 79.06
N LEU A 420 -1.06 -22.46 79.29
CA LEU A 420 -1.97 -22.93 80.33
C LEU A 420 -1.20 -23.72 81.42
N PRO A 421 -1.62 -23.66 82.69
CA PRO A 421 -0.87 -24.34 83.74
C PRO A 421 -1.23 -25.82 83.89
N TYR A 422 -0.29 -26.58 84.46
CA TYR A 422 -0.53 -27.98 84.81
C TYR A 422 -1.42 -28.06 86.04
N ASN A 423 -2.35 -29.02 86.05
CA ASN A 423 -3.24 -29.24 87.18
C ASN A 423 -2.71 -30.41 88.02
N THR A 424 -2.39 -30.13 89.29
CA THR A 424 -1.94 -31.19 90.20
C THR A 424 -3.14 -31.89 90.83
N GLN A 425 -2.85 -33.03 91.47
CA GLN A 425 -3.85 -33.75 92.24
C GLN A 425 -4.15 -33.04 93.56
N GLY A 426 -5.43 -32.79 93.81
CA GLY A 426 -5.93 -32.16 95.02
C GLY A 426 -5.37 -30.79 95.34
N ASN A 427 -5.09 -29.99 94.31
CA ASN A 427 -4.51 -28.63 94.40
C ASN A 427 -3.24 -28.63 95.27
N SER A 428 -2.39 -29.62 95.04
CA SER A 428 -1.19 -29.76 95.82
C SER A 428 -0.03 -29.08 95.08
N ASN A 429 1.07 -28.88 95.81
CA ASN A 429 2.26 -28.26 95.25
C ASN A 429 3.32 -29.27 94.84
N ASN A 430 2.91 -30.46 94.39
CA ASN A 430 3.81 -31.53 93.97
C ASN A 430 3.98 -31.45 92.46
N TYR A 431 5.14 -30.95 92.02
CA TYR A 431 5.43 -30.74 90.61
C TYR A 431 6.68 -31.48 90.19
N LEU A 432 6.84 -31.61 88.87
CA LEU A 432 8.05 -32.11 88.24
C LEU A 432 8.30 -31.31 86.97
N HIS A 433 9.56 -30.97 86.73
CA HIS A 433 9.93 -30.24 85.52
C HIS A 433 11.22 -30.82 84.96
N LEU A 434 11.18 -31.24 83.71
CA LEU A 434 12.37 -31.68 82.99
C LEU A 434 12.92 -30.51 82.20
N SER A 435 14.17 -30.13 82.49
CA SER A 435 14.80 -28.98 81.87
C SER A 435 15.95 -29.45 80.98
N VAL A 436 15.89 -29.10 79.71
CA VAL A 436 16.81 -29.58 78.67
C VAL A 436 17.45 -28.38 77.98
N PRO A 437 18.78 -28.33 77.85
CA PRO A 437 19.39 -27.26 77.07
C PRO A 437 19.18 -27.44 75.58
N ARG A 438 19.08 -26.32 74.88
CA ARG A 438 18.85 -26.34 73.43
C ARG A 438 20.19 -26.40 72.72
N VAL A 439 20.61 -27.60 72.37
CA VAL A 439 21.70 -27.83 71.45
C VAL A 439 21.11 -28.55 70.26
N GLU A 440 21.56 -28.20 69.05
CA GLU A 440 21.27 -29.02 67.89
C GLU A 440 21.98 -30.36 68.10
N LEU A 441 21.26 -31.34 68.66
CA LEU A 441 21.88 -32.55 69.15
C LEU A 441 22.17 -33.50 68.01
N LYS A 442 23.35 -33.87 67.88
CA LYS A 442 23.96 -34.81 66.97
C LYS A 442 24.23 -36.13 67.68
N PRO A 443 24.25 -37.25 66.95
CA PRO A 443 24.64 -38.52 67.57
C PRO A 443 26.12 -38.51 67.94
N GLY A 444 26.39 -38.78 69.22
CA GLY A 444 27.72 -38.64 69.80
C GLY A 444 27.81 -37.56 70.85
N GLU A 445 26.85 -36.64 70.90
CA GLU A 445 26.80 -35.67 71.97
C GLU A 445 26.06 -36.24 73.17
N THR A 446 26.29 -35.64 74.33
CA THR A 446 25.70 -36.12 75.58
C THR A 446 24.85 -35.01 76.17
N LEU A 447 23.58 -35.32 76.42
CA LEU A 447 22.59 -34.36 76.89
C LEU A 447 22.39 -34.51 78.39
N ASN A 448 22.55 -33.41 79.12
CA ASN A 448 22.31 -33.39 80.56
C ASN A 448 20.89 -32.90 80.82
N VAL A 449 20.06 -33.76 81.38
CA VAL A 449 18.65 -33.46 81.61
C VAL A 449 18.45 -33.16 83.08
N ASN A 450 17.87 -31.98 83.36
CA ASN A 450 17.71 -31.49 84.72
C ASN A 450 16.35 -31.92 85.28
N PHE A 451 16.36 -32.64 86.39
CA PHE A 451 15.13 -33.12 87.04
C PHE A 451 14.88 -32.20 88.24
N HIS A 452 13.96 -31.24 88.07
CA HIS A 452 13.65 -30.29 89.12
C HIS A 452 12.46 -30.78 89.92
N LEU A 453 12.59 -30.75 91.25
CA LEU A 453 11.52 -31.14 92.15
C LEU A 453 10.95 -29.91 92.83
N ARG A 454 9.63 -29.89 93.01
CA ARG A 454 8.95 -28.90 93.82
C ARG A 454 7.83 -29.64 94.55
N THR A 455 7.96 -29.77 95.87
CA THR A 455 6.94 -30.39 96.71
C THR A 455 6.75 -29.57 97.98
N ASP A 456 5.73 -29.93 98.74
CA ASP A 456 5.55 -29.44 100.09
C ASP A 456 6.64 -30.04 100.99
N PRO A 457 7.06 -29.33 102.06
CA PRO A 457 8.24 -29.78 102.83
C PRO A 457 8.06 -31.08 103.60
N GLY A 458 6.82 -31.50 103.88
CA GLY A 458 6.61 -32.83 104.42
C GLY A 458 6.61 -33.93 103.39
N GLU A 459 6.49 -33.59 102.11
CA GLU A 459 6.42 -34.56 101.02
C GLU A 459 7.74 -34.76 100.31
N GLN A 460 8.79 -34.03 100.69
CA GLN A 460 10.04 -34.03 99.93
C GLN A 460 10.86 -35.29 100.14
N ALA A 461 10.92 -35.79 101.38
CA ALA A 461 11.77 -36.94 101.71
C ALA A 461 11.20 -38.27 101.22
N LYS A 462 9.92 -38.31 100.85
CA LYS A 462 9.28 -39.55 100.40
C LYS A 462 9.66 -39.96 98.99
N ILE A 463 10.37 -39.11 98.25
CA ILE A 463 10.66 -39.33 96.84
C ILE A 463 12.10 -39.82 96.73
N ARG A 464 12.27 -41.10 96.41
CA ARG A 464 13.59 -41.70 96.32
C ARG A 464 14.12 -41.83 94.89
N TYR A 465 13.25 -41.81 93.88
CA TYR A 465 13.70 -41.99 92.51
C TYR A 465 12.70 -41.34 91.55
N TYR A 466 13.18 -41.10 90.33
CA TYR A 466 12.34 -40.80 89.18
C TYR A 466 12.43 -41.95 88.20
N THR A 467 11.30 -42.34 87.61
CA THR A 467 11.24 -43.40 86.61
C THR A 467 11.06 -42.77 85.24
N TYR A 468 12.06 -42.91 84.38
CA TYR A 468 12.07 -42.22 83.09
C TYR A 468 11.91 -43.21 81.94
N MET A 469 11.31 -42.72 80.86
CA MET A 469 11.05 -43.51 79.66
C MET A 469 11.36 -42.68 78.42
N ILE A 470 12.10 -43.25 77.48
CA ILE A 470 12.50 -42.59 76.26
C ILE A 470 11.75 -43.23 75.11
N MET A 471 11.02 -42.43 74.33
CA MET A 471 10.34 -42.94 73.16
C MET A 471 10.83 -42.26 71.89
N ASN A 472 11.02 -43.07 70.86
CA ASN A 472 11.44 -42.63 69.53
C ASN A 472 10.70 -43.49 68.51
N LYS A 473 10.12 -42.81 67.50
CA LYS A 473 9.33 -43.41 66.41
C LYS A 473 8.13 -44.22 66.92
N GLY A 474 7.51 -43.73 67.99
CA GLY A 474 6.33 -44.38 68.55
C GLY A 474 6.59 -45.69 69.25
N LYS A 475 7.82 -45.92 69.72
CA LYS A 475 8.18 -47.14 70.42
C LYS A 475 9.01 -46.77 71.64
N LEU A 476 8.89 -47.57 72.70
CA LEU A 476 9.68 -47.37 73.90
C LEU A 476 11.13 -47.77 73.64
N LEU A 477 12.03 -46.79 73.68
CA LEU A 477 13.44 -47.02 73.33
C LEU A 477 14.30 -47.32 74.56
N LYS A 478 14.12 -46.58 75.65
CA LYS A 478 14.91 -46.81 76.86
C LYS A 478 14.07 -46.48 78.09
N VAL A 479 14.05 -47.39 79.06
CA VAL A 479 13.43 -47.19 80.35
C VAL A 479 14.50 -47.35 81.42
N GLY A 480 14.48 -46.49 82.43
CA GLY A 480 15.40 -46.63 83.55
C GLY A 480 14.88 -45.86 84.74
N ARG A 481 15.67 -45.90 85.81
CA ARG A 481 15.38 -45.13 87.01
C ARG A 481 16.54 -44.16 87.28
N GLN A 482 16.17 -42.96 87.75
CA GLN A 482 17.13 -41.95 88.18
C GLN A 482 16.90 -41.68 89.65
N TYR A 483 17.81 -42.18 90.49
CA TYR A 483 17.64 -42.15 91.93
C TYR A 483 17.90 -40.75 92.49
N ARG A 484 17.47 -40.54 93.72
CA ARG A 484 17.50 -39.20 94.31
C ARG A 484 17.72 -39.32 95.81
N GLU A 485 18.73 -38.60 96.32
CA GLU A 485 18.94 -38.49 97.76
C GLU A 485 17.96 -37.45 98.34
N PRO A 486 17.59 -37.59 99.62
CA PRO A 486 16.74 -36.57 100.25
C PRO A 486 17.48 -35.25 100.43
N GLY A 487 16.86 -34.17 99.95
CA GLY A 487 17.48 -32.87 99.94
C GLY A 487 17.95 -32.42 98.57
N GLN A 488 18.00 -33.33 97.59
CA GLN A 488 18.43 -33.00 96.24
C GLN A 488 17.23 -32.48 95.46
N ASP A 489 17.15 -31.15 95.31
CA ASP A 489 16.08 -30.56 94.53
C ASP A 489 16.39 -30.56 93.04
N LEU A 490 17.64 -30.87 92.66
CA LEU A 490 18.02 -30.96 91.26
C LEU A 490 18.87 -32.21 91.06
N VAL A 491 18.38 -33.10 90.20
CA VAL A 491 19.04 -34.34 89.85
C VAL A 491 19.29 -34.31 88.35
N VAL A 492 20.47 -34.72 87.91
CA VAL A 492 20.82 -34.66 86.49
C VAL A 492 21.04 -36.08 85.96
N LEU A 493 20.32 -36.42 84.90
CA LEU A 493 20.52 -37.65 84.16
C LEU A 493 21.29 -37.34 82.88
N PRO A 494 22.53 -37.79 82.74
CA PRO A 494 23.22 -37.65 81.45
C PRO A 494 22.69 -38.65 80.44
N LEU A 495 22.53 -38.19 79.21
CA LEU A 495 21.95 -39.03 78.17
C LEU A 495 22.78 -38.90 76.90
N THR A 496 23.34 -40.02 76.46
CA THR A 496 24.11 -40.06 75.23
C THR A 496 23.16 -40.24 74.05
N ILE A 497 23.23 -39.33 73.08
CA ILE A 497 22.42 -39.43 71.88
C ILE A 497 23.12 -40.36 70.90
N THR A 498 22.47 -41.46 70.56
CA THR A 498 22.98 -42.39 69.55
C THR A 498 22.22 -42.17 68.24
N SER A 499 22.43 -43.07 67.27
CA SER A 499 21.75 -42.98 65.99
C SER A 499 20.30 -43.44 66.04
N ASP A 500 19.88 -44.08 67.13
CA ASP A 500 18.50 -44.53 67.31
C ASP A 500 17.57 -43.42 67.80
N PHE A 501 18.08 -42.21 68.01
CA PHE A 501 17.26 -41.09 68.47
C PHE A 501 16.81 -40.17 67.34
N ILE A 502 17.44 -40.27 66.16
CA ILE A 502 17.10 -39.46 64.99
C ILE A 502 15.72 -39.87 64.49
N PRO A 503 14.80 -38.93 64.18
CA PRO A 503 14.91 -37.46 64.13
C PRO A 503 14.63 -36.70 65.42
N SER A 504 13.88 -37.32 66.33
CA SER A 504 13.39 -36.66 67.53
C SER A 504 13.00 -37.74 68.52
N PHE A 505 12.97 -37.37 69.80
CA PHE A 505 12.63 -38.32 70.83
C PHE A 505 11.92 -37.60 71.96
N ARG A 506 11.12 -38.37 72.70
CA ARG A 506 10.38 -37.86 73.85
C ARG A 506 10.91 -38.55 75.10
N LEU A 507 11.18 -37.76 76.14
CA LEU A 507 11.54 -38.29 77.44
C LEU A 507 10.40 -38.01 78.41
N VAL A 508 9.81 -39.07 78.97
CA VAL A 508 8.73 -38.97 79.94
C VAL A 508 9.23 -39.52 81.27
N ALA A 509 9.05 -38.76 82.35
CA ALA A 509 9.53 -39.15 83.66
C ALA A 509 8.48 -38.87 84.72
N TYR A 510 8.47 -39.67 85.78
CA TYR A 510 7.49 -39.51 86.84
C TYR A 510 8.03 -39.98 88.17
N TYR A 511 7.33 -39.58 89.23
CA TYR A 511 7.53 -40.11 90.57
C TYR A 511 6.17 -40.33 91.21
N THR A 512 6.10 -41.29 92.13
CA THR A 512 4.91 -41.52 92.93
C THR A 512 5.23 -41.27 94.40
N LEU A 513 4.17 -41.01 95.16
CA LEU A 513 4.29 -40.77 96.60
C LEU A 513 2.93 -41.02 97.24
N ILE A 514 2.93 -41.05 98.56
CA ILE A 514 1.71 -41.06 99.36
C ILE A 514 1.64 -39.70 100.05
N ASN A 515 0.63 -38.91 99.70
CA ASN A 515 0.54 -37.53 100.19
C ASN A 515 0.00 -37.48 101.62
N ALA A 516 -0.34 -36.26 102.07
CA ALA A 516 -0.81 -36.05 103.44
C ALA A 516 -2.24 -36.52 103.67
N LYS A 517 -2.97 -36.89 102.61
CA LYS A 517 -4.30 -37.45 102.71
C LYS A 517 -4.31 -38.97 102.61
N GLY A 518 -3.13 -39.60 102.56
CA GLY A 518 -3.03 -41.04 102.49
C GLY A 518 -3.29 -41.63 101.12
N GLN A 519 -3.31 -40.82 100.07
CA GLN A 519 -3.65 -41.26 98.73
C GLN A 519 -2.40 -41.32 97.86
N ARG A 520 -2.39 -42.28 96.93
CA ARG A 520 -1.28 -42.44 96.01
C ARG A 520 -1.35 -41.35 94.94
N GLU A 521 -0.37 -40.47 94.93
CA GLU A 521 -0.29 -39.39 93.96
C GLU A 521 0.82 -39.71 92.97
N VAL A 522 0.53 -39.49 91.67
CA VAL A 522 1.52 -39.59 90.61
C VAL A 522 1.69 -38.20 90.00
N VAL A 523 2.93 -37.75 89.89
CA VAL A 523 3.28 -36.49 89.24
C VAL A 523 4.26 -36.80 88.12
N ALA A 524 3.97 -36.31 86.91
CA ALA A 524 4.75 -36.66 85.72
C ALA A 524 5.04 -35.42 84.88
N ASP A 525 5.97 -35.57 83.95
CA ASP A 525 6.34 -34.51 83.01
C ASP A 525 6.98 -35.15 81.78
N SER A 526 6.93 -34.43 80.66
CA SER A 526 7.53 -34.89 79.41
C SER A 526 8.09 -33.70 78.64
N VAL A 527 8.96 -34.01 77.68
CA VAL A 527 9.66 -33.00 76.87
C VAL A 527 10.03 -33.62 75.53
N TRP A 528 9.90 -32.84 74.45
CA TRP A 528 10.22 -33.28 73.10
C TRP A 528 11.50 -32.61 72.65
N VAL A 529 12.45 -33.41 72.15
CA VAL A 529 13.82 -32.97 71.85
C VAL A 529 14.12 -33.27 70.39
N ASP A 530 14.63 -32.28 69.66
CA ASP A 530 15.13 -32.51 68.30
C ASP A 530 16.48 -33.21 68.31
N VAL A 531 16.68 -34.05 67.31
CA VAL A 531 17.99 -34.60 66.96
C VAL A 531 18.29 -34.11 65.55
N LYS A 532 19.56 -33.75 65.30
CA LYS A 532 20.03 -33.35 63.98
C LYS A 532 19.83 -34.46 62.96
N ASP A 533 19.22 -34.10 61.83
CA ASP A 533 18.87 -35.01 60.74
C ASP A 533 20.09 -35.67 60.12
N SER A 534 20.37 -36.90 60.55
CA SER A 534 21.54 -37.65 60.08
C SER A 534 21.01 -38.93 59.44
N CYS A 535 21.47 -40.10 59.88
CA CYS A 535 21.05 -41.36 59.28
C CYS A 535 21.19 -42.46 60.32
N MET A 536 20.32 -43.47 60.23
CA MET A 536 20.45 -44.65 61.08
C MET A 536 21.66 -45.48 60.69
N GLY A 537 21.96 -45.54 59.41
CA GLY A 537 23.20 -46.11 58.90
C GLY A 537 24.20 -45.04 58.55
N THR A 538 24.96 -45.27 57.47
CA THR A 538 25.91 -44.29 56.99
C THR A 538 26.07 -44.45 55.48
N LEU A 539 26.13 -43.31 54.78
CA LEU A 539 26.26 -43.31 53.32
C LEU A 539 26.92 -42.01 52.88
N VAL A 540 28.19 -42.10 52.45
CA VAL A 540 28.95 -40.95 51.97
C VAL A 540 29.48 -41.29 50.59
N VAL A 541 29.44 -40.32 49.66
CA VAL A 541 30.12 -40.40 48.37
C VAL A 541 31.17 -39.31 48.31
N LYS A 542 32.42 -39.69 48.10
CA LYS A 542 33.55 -38.78 48.05
C LYS A 542 34.38 -39.03 46.80
N ASN A 543 35.45 -38.25 46.66
CA ASN A 543 36.43 -38.47 45.62
C ASN A 543 37.33 -39.63 46.01
N GLY A 544 37.79 -40.39 45.01
CA GLY A 544 38.70 -41.48 45.24
C GLY A 544 40.12 -41.14 44.81
N GLY A 545 40.25 -40.09 44.01
CA GLY A 545 41.56 -39.60 43.60
C GLY A 545 41.89 -38.27 44.26
N LYS A 546 42.66 -37.43 43.58
CA LYS A 546 42.97 -36.12 44.12
C LYS A 546 41.78 -35.19 43.98
N GLU A 547 41.68 -34.24 44.92
CA GLU A 547 40.53 -33.35 45.03
C GLU A 547 40.63 -32.24 43.97
N GLU A 548 40.31 -32.61 42.73
CA GLU A 548 40.38 -31.66 41.63
C GLU A 548 39.14 -30.78 41.64
N LYS A 549 39.35 -29.47 41.56
CA LYS A 549 38.25 -28.51 41.59
C LYS A 549 37.49 -28.53 40.27
N HIS A 550 38.19 -28.38 39.15
CA HIS A 550 37.59 -28.38 37.83
C HIS A 550 38.07 -29.59 37.05
N HIS A 551 37.13 -30.31 36.43
CA HIS A 551 37.41 -31.47 35.60
C HIS A 551 37.16 -31.16 34.14
N ARG A 552 37.69 -32.01 33.27
CA ARG A 552 37.52 -31.85 31.84
C ARG A 552 36.40 -32.76 31.33
N PRO A 553 35.81 -32.45 30.17
CA PRO A 553 34.86 -33.38 29.55
C PRO A 553 35.54 -34.67 29.09
N GLY A 554 34.92 -35.80 29.43
CA GLY A 554 35.49 -37.09 29.13
C GLY A 554 36.55 -37.57 30.09
N GLN A 555 36.80 -36.84 31.17
CA GLN A 555 37.82 -37.22 32.14
C GLN A 555 37.31 -38.35 33.02
N GLN A 556 38.13 -39.37 33.21
CA GLN A 556 37.81 -40.44 34.15
C GLN A 556 38.08 -39.95 35.57
N ILE A 557 37.10 -40.15 36.45
CA ILE A 557 37.26 -39.87 37.87
C ILE A 557 36.97 -41.15 38.65
N THR A 558 37.45 -41.19 39.89
CA THR A 558 37.29 -42.33 40.77
C THR A 558 36.38 -41.92 41.92
N LEU A 559 35.27 -42.63 42.08
CA LEU A 559 34.31 -42.37 43.15
C LEU A 559 34.54 -43.35 44.29
N LYS A 560 34.57 -42.81 45.51
CA LYS A 560 34.65 -43.63 46.72
C LYS A 560 33.28 -43.61 47.38
N ILE A 561 32.67 -44.78 47.53
CA ILE A 561 31.33 -44.92 48.06
C ILE A 561 31.40 -45.76 49.33
N GLU A 562 30.98 -45.19 50.45
CA GLU A 562 31.06 -45.82 51.76
C GLU A 562 29.66 -46.04 52.30
N ALA A 563 29.32 -47.29 52.61
CA ALA A 563 28.00 -47.64 53.12
C ALA A 563 28.14 -48.73 54.18
N ASP A 564 27.00 -49.15 54.74
CA ASP A 564 26.98 -50.23 55.71
C ASP A 564 27.24 -51.58 55.03
N GLN A 565 27.53 -52.60 55.84
CA GLN A 565 27.78 -53.94 55.33
C GLN A 565 26.48 -54.57 54.83
N GLY A 566 26.49 -55.03 53.58
CA GLY A 566 25.31 -55.57 52.95
C GLY A 566 24.37 -54.54 52.36
N ALA A 567 24.69 -53.25 52.46
CA ALA A 567 23.84 -52.20 51.92
C ALA A 567 23.92 -52.17 50.40
N ARG A 568 22.77 -51.93 49.78
CA ARG A 568 22.68 -51.76 48.33
C ARG A 568 22.47 -50.28 48.06
N VAL A 569 23.34 -49.70 47.24
CA VAL A 569 23.39 -48.26 47.01
C VAL A 569 22.92 -48.00 45.59
N GLY A 570 21.89 -47.17 45.45
CA GLY A 570 21.41 -46.73 44.15
C GLY A 570 21.96 -45.34 43.84
N LEU A 571 22.39 -45.15 42.60
CA LEU A 571 23.11 -43.96 42.20
C LEU A 571 22.39 -43.24 41.05
N VAL A 572 22.65 -41.94 40.95
CA VAL A 572 22.25 -41.11 39.81
C VAL A 572 23.17 -39.89 39.79
N ALA A 573 23.56 -39.48 38.58
CA ALA A 573 24.34 -38.25 38.37
C ALA A 573 23.44 -37.25 37.64
N VAL A 574 23.05 -36.19 38.34
CA VAL A 574 22.10 -35.21 37.83
C VAL A 574 22.83 -33.88 37.62
N ASP A 575 22.43 -33.15 36.59
CA ASP A 575 22.88 -31.77 36.40
C ASP A 575 22.35 -30.90 37.54
N LYS A 576 23.18 -29.95 37.99
CA LYS A 576 22.87 -29.11 39.14
C LYS A 576 21.71 -28.16 38.89
N GLY A 577 21.49 -27.77 37.62
CA GLY A 577 20.45 -26.81 37.27
C GLY A 577 19.02 -27.30 37.46
N VAL A 578 18.83 -28.61 37.61
CA VAL A 578 17.49 -29.12 37.85
C VAL A 578 17.24 -29.26 39.36
N PHE A 579 18.30 -29.59 40.12
CA PHE A 579 18.24 -29.77 41.58
C PHE A 579 17.74 -28.53 42.30
N VAL A 580 18.14 -27.34 41.82
CA VAL A 580 17.76 -26.09 42.44
C VAL A 580 16.34 -25.67 42.05
N LEU A 581 15.82 -26.17 40.92
CA LEU A 581 14.58 -25.66 40.33
C LEU A 581 13.33 -26.00 41.13
N ASN A 582 12.94 -27.27 41.21
CA ASN A 582 11.73 -27.67 41.91
C ASN A 582 12.13 -28.58 43.08
N LYS A 583 12.39 -27.97 44.23
CA LYS A 583 12.94 -28.72 45.37
C LYS A 583 11.88 -29.45 46.19
N LYS A 584 10.59 -29.15 46.03
CA LYS A 584 9.58 -29.77 46.87
C LYS A 584 9.28 -31.21 46.47
N ASN A 585 9.70 -31.64 45.29
CA ASN A 585 9.47 -33.00 44.82
C ASN A 585 10.71 -33.87 44.82
N LYS A 586 11.86 -33.33 45.25
CA LYS A 586 13.09 -34.09 45.26
C LYS A 586 13.31 -34.69 46.63
N LEU A 587 13.75 -35.94 46.66
CA LEU A 587 13.95 -36.67 47.92
C LEU A 587 15.18 -36.14 48.64
N THR A 588 14.97 -35.63 49.86
CA THR A 588 16.05 -35.17 50.73
C THR A 588 16.06 -36.03 51.99
N GLN A 589 17.13 -35.85 52.78
CA GLN A 589 17.26 -36.60 54.03
C GLN A 589 16.31 -36.08 55.10
N ARG A 590 15.97 -34.79 55.05
CA ARG A 590 14.93 -34.25 55.93
C ARG A 590 13.56 -34.82 55.60
N LYS A 591 13.32 -35.12 54.32
CA LYS A 591 12.03 -35.68 53.88
C LYS A 591 11.84 -37.12 54.34
N ILE A 592 12.93 -37.87 54.58
CA ILE A 592 12.80 -39.14 55.29
C ILE A 592 12.30 -38.89 56.70
N TRP A 593 12.94 -37.94 57.38
CA TRP A 593 12.61 -37.64 58.77
C TRP A 593 11.34 -36.81 58.92
N ASP A 594 10.82 -36.21 57.84
CA ASP A 594 9.49 -35.62 57.90
C ASP A 594 8.40 -36.67 57.90
N VAL A 595 8.62 -37.81 57.21
CA VAL A 595 7.57 -38.81 57.06
C VAL A 595 7.36 -39.60 58.36
N VAL A 596 8.45 -40.00 59.02
CA VAL A 596 8.34 -40.72 60.29
C VAL A 596 7.87 -39.81 61.43
N GLU A 597 8.09 -38.49 61.30
CA GLU A 597 7.59 -37.54 62.30
C GLU A 597 6.06 -37.43 62.29
N LYS A 598 5.42 -37.68 61.14
CA LYS A 598 3.96 -37.68 61.11
C LYS A 598 3.38 -38.92 61.78
N ALA A 599 4.09 -40.05 61.68
CA ALA A 599 3.68 -41.30 62.33
C ALA A 599 4.20 -41.29 63.76
N ASP A 600 3.41 -40.73 64.66
CA ASP A 600 3.75 -40.73 66.07
C ASP A 600 2.46 -40.79 66.87
N ILE A 601 2.59 -41.24 68.12
CA ILE A 601 1.45 -41.45 69.01
C ILE A 601 1.33 -40.34 70.03
N GLY A 602 2.16 -39.30 69.94
CA GLY A 602 2.04 -38.11 70.75
C GLY A 602 1.53 -36.93 69.93
N CYS A 603 0.78 -36.04 70.58
CA CYS A 603 0.23 -34.85 69.93
C CYS A 603 0.80 -33.54 70.46
N THR A 604 1.13 -33.46 71.74
CA THR A 604 1.64 -32.24 72.34
C THR A 604 3.15 -32.38 72.61
N PRO A 605 3.90 -31.27 72.63
CA PRO A 605 5.32 -31.33 72.98
C PRO A 605 5.63 -31.44 74.47
N GLY A 606 4.66 -31.69 75.33
CA GLY A 606 4.96 -31.88 76.74
C GLY A 606 3.75 -31.64 77.61
N SER A 607 3.91 -32.01 78.88
CA SER A 607 3.01 -31.78 80.03
C SER A 607 1.65 -32.43 79.77
N GLY A 608 0.59 -31.90 80.36
CA GLY A 608 -0.72 -32.50 80.21
C GLY A 608 -1.69 -31.92 81.21
N ARG A 609 -2.89 -32.50 81.23
CA ARG A 609 -3.89 -32.04 82.18
C ARG A 609 -3.68 -32.63 83.58
N ASN A 610 -3.33 -33.91 83.67
CA ASN A 610 -3.10 -34.52 84.98
C ASN A 610 -1.99 -35.56 84.83
N TYR A 611 -1.95 -36.54 85.75
CA TYR A 611 -1.03 -37.66 85.63
C TYR A 611 -1.36 -38.52 84.42
N ALA A 612 -2.65 -38.68 84.13
CA ALA A 612 -3.10 -39.38 82.94
C ALA A 612 -2.96 -38.49 81.71
N GLY A 613 -2.89 -37.18 81.91
CA GLY A 613 -2.67 -36.27 80.80
C GLY A 613 -1.27 -36.34 80.24
N VAL A 614 -0.29 -36.71 81.06
CA VAL A 614 1.10 -36.78 80.58
C VAL A 614 1.32 -38.02 79.74
N PHE A 615 0.83 -39.17 80.21
CA PHE A 615 0.99 -40.44 79.48
C PHE A 615 0.22 -40.45 78.17
N THR A 616 -0.99 -39.88 78.14
CA THR A 616 -1.81 -39.92 76.95
C THR A 616 -1.30 -38.95 75.87
N ASP A 617 -0.84 -37.77 76.28
CA ASP A 617 -0.32 -36.78 75.33
C ASP A 617 1.01 -37.18 74.73
N ALA A 618 1.78 -38.03 75.40
CA ALA A 618 3.08 -38.45 74.91
C ALA A 618 3.04 -39.77 74.16
N GLY A 619 1.97 -40.53 74.27
CA GLY A 619 1.82 -41.78 73.57
C GLY A 619 1.88 -43.04 74.42
N LEU A 620 1.70 -42.93 75.73
CA LEU A 620 1.72 -44.09 76.60
C LEU A 620 0.34 -44.32 77.19
N THR A 621 0.21 -45.43 77.91
CA THR A 621 -0.98 -45.67 78.70
C THR A 621 -0.53 -46.36 79.99
N LEU A 622 -1.32 -46.20 81.03
CA LEU A 622 -0.95 -46.65 82.36
C LEU A 622 -2.10 -47.42 82.98
N LYS A 623 -1.76 -48.44 83.76
CA LYS A 623 -2.71 -49.16 84.59
C LYS A 623 -1.97 -49.55 85.86
N THR A 624 -2.49 -49.15 87.02
CA THR A 624 -1.88 -49.51 88.29
C THR A 624 -2.82 -50.38 89.10
N SER A 625 -2.26 -50.99 90.15
CA SER A 625 -3.03 -51.82 91.06
C SER A 625 -3.87 -51.02 92.03
N GLN A 626 -3.60 -49.73 92.19
CA GLN A 626 -4.42 -48.89 93.06
C GLN A 626 -5.62 -48.32 92.31
N GLY A 627 -5.60 -48.35 90.99
CA GLY A 627 -6.67 -47.80 90.19
C GLY A 627 -6.28 -46.60 89.35
N LEU A 628 -5.01 -46.21 89.36
CA LEU A 628 -4.56 -45.09 88.54
C LEU A 628 -4.40 -45.56 87.10
N GLU A 629 -5.01 -44.82 86.16
CA GLU A 629 -5.11 -45.28 84.79
C GLU A 629 -5.15 -44.09 83.85
N THR A 630 -5.23 -44.39 82.55
CA THR A 630 -5.37 -43.40 81.50
C THR A 630 -6.64 -43.66 80.72
N GLN A 631 -7.01 -42.70 79.88
CA GLN A 631 -8.18 -42.87 79.01
C GLN A 631 -7.82 -43.72 77.80
N GLN A 632 -8.86 -44.18 77.10
CA GLN A 632 -8.70 -45.02 75.93
C GLN A 632 -8.51 -44.19 74.67
N ARG A 633 -7.62 -44.66 73.79
CA ARG A 633 -7.39 -44.02 72.51
C ARG A 633 -8.21 -44.72 71.43
N ALA A 634 -8.92 -43.94 70.62
CA ALA A 634 -9.62 -44.43 69.44
C ALA A 634 -9.02 -43.95 68.14
N ASP A 635 -8.64 -42.68 68.06
CA ASP A 635 -8.16 -42.08 66.83
C ASP A 635 -6.65 -41.89 66.93
N PRO A 636 -5.87 -42.28 65.92
CA PRO A 636 -4.43 -41.98 65.94
C PRO A 636 -4.08 -40.51 65.70
N GLN A 637 -5.02 -39.67 65.24
CA GLN A 637 -4.72 -38.30 64.89
C GLN A 637 -5.16 -37.34 66.01
N CYS A 638 -4.88 -36.05 65.79
CA CYS A 638 -5.16 -34.98 66.73
C CYS A 638 -5.92 -33.87 65.99
N PRO A 639 -6.90 -33.23 66.62
CA PRO A 639 -7.78 -32.32 65.87
C PRO A 639 -7.18 -30.93 65.68
N GLN A 640 -7.62 -30.29 64.59
CA GLN A 640 -7.30 -28.91 64.25
C GLN A 640 -8.53 -28.22 63.70
N PRO A 641 -8.69 -26.90 63.97
CA PRO A 641 -9.69 -26.09 63.28
C PRO A 641 -9.25 -25.69 61.87
N GLN B 3 5.48 5.44 24.22
CA GLN B 3 4.30 6.27 23.98
C GLN B 3 3.29 5.50 23.16
N LEU B 4 3.77 4.47 22.45
CA LEU B 4 2.95 3.64 21.59
C LEU B 4 2.49 2.35 22.27
N MET B 5 3.33 1.78 23.15
CA MET B 5 2.89 0.70 24.02
C MET B 5 1.98 1.21 25.14
N GLU B 6 2.02 2.51 25.43
CA GLU B 6 1.16 3.15 26.42
C GLU B 6 -0.31 3.05 26.05
N LYS B 7 -0.68 3.60 24.88
CA LYS B 7 -2.07 3.57 24.43
C LYS B 7 -2.51 2.18 23.99
N ARG B 8 -1.57 1.30 23.67
CA ARG B 8 -1.91 -0.06 23.27
C ARG B 8 -2.43 -0.89 24.44
N MET B 9 -1.99 -0.59 25.66
CA MET B 9 -2.48 -1.33 26.82
C MET B 9 -3.64 -0.63 27.50
N ASP B 10 -3.80 0.69 27.31
CA ASP B 10 -4.98 1.38 27.81
C ASP B 10 -6.21 1.01 27.00
N LYS B 11 -6.04 0.75 25.70
CA LYS B 11 -7.16 0.29 24.88
C LYS B 11 -7.51 -1.16 25.18
N ALA B 12 -6.50 -2.00 25.40
CA ALA B 12 -6.73 -3.39 25.78
C ALA B 12 -7.28 -3.53 27.19
N GLY B 13 -7.11 -2.52 28.04
CA GLY B 13 -7.74 -2.52 29.36
C GLY B 13 -9.24 -2.30 29.34
N GLN B 14 -9.78 -1.80 28.22
CA GLN B 14 -11.22 -1.60 28.09
C GLN B 14 -12.00 -2.91 28.01
N TYR B 15 -11.37 -4.02 27.63
CA TYR B 15 -12.03 -5.31 27.50
C TYR B 15 -11.61 -6.24 28.62
N SER B 16 -12.47 -7.20 28.93
CA SER B 16 -12.27 -8.10 30.05
C SER B 16 -12.50 -9.55 29.61
N SER B 17 -11.90 -10.45 30.38
CA SER B 17 -11.98 -11.93 30.29
C SER B 17 -11.46 -12.36 28.92
N ASP B 18 -12.14 -13.26 28.21
CA ASP B 18 -11.68 -13.76 26.93
C ASP B 18 -11.85 -12.75 25.79
N LEU B 19 -12.64 -11.70 26.01
CA LEU B 19 -12.78 -10.64 25.02
C LEU B 19 -11.53 -9.78 24.92
N ARG B 20 -10.73 -9.73 25.99
CA ARG B 20 -9.49 -8.96 25.97
C ARG B 20 -8.44 -9.63 25.08
N LYS B 21 -8.42 -10.96 25.04
CA LYS B 21 -7.48 -11.69 24.19
C LYS B 21 -7.78 -11.49 22.70
N CYS B 22 -9.05 -11.27 22.35
CA CYS B 22 -9.40 -10.95 20.97
C CYS B 22 -8.95 -9.54 20.59
N CYS B 23 -9.02 -8.61 21.55
CA CYS B 23 -8.63 -7.23 21.28
C CYS B 23 -7.12 -7.09 21.19
N GLU B 24 -6.39 -7.77 22.09
CA GLU B 24 -4.93 -7.74 22.09
C GLU B 24 -4.34 -8.39 20.85
N ASP B 25 -4.99 -9.43 20.32
CA ASP B 25 -4.55 -10.05 19.09
C ASP B 25 -4.87 -9.18 17.88
N GLY B 26 -5.83 -8.27 18.00
CA GLY B 26 -6.08 -7.29 16.95
C GLY B 26 -5.00 -6.25 16.82
N MET B 27 -4.24 -6.03 17.88
CA MET B 27 -3.21 -5.00 17.87
C MET B 27 -1.84 -5.55 17.52
N ARG B 28 -1.73 -6.85 17.24
CA ARG B 28 -0.44 -7.42 16.89
C ARG B 28 -0.16 -7.21 15.41
N ASP B 29 1.13 -7.24 15.08
CA ASP B 29 1.58 -7.12 13.70
C ASP B 29 1.29 -8.43 12.97
N ASN B 30 0.99 -8.31 11.68
CA ASN B 30 0.67 -9.45 10.84
C ASN B 30 1.63 -9.43 9.64
N PRO B 31 2.36 -10.53 9.38
CA PRO B 31 3.51 -10.46 8.45
C PRO B 31 3.16 -10.26 6.99
N MET B 32 1.95 -10.62 6.58
CA MET B 32 1.49 -10.42 5.20
C MET B 32 0.82 -9.07 5.01
N LYS B 33 0.66 -8.31 6.10
CA LYS B 33 -0.03 -7.01 6.16
C LYS B 33 -1.44 -7.07 5.60
N PHE B 34 -2.23 -8.01 6.12
CA PHE B 34 -3.66 -8.02 5.85
C PHE B 34 -4.33 -6.85 6.54
N PRO B 35 -5.33 -6.24 5.92
CA PRO B 35 -6.14 -5.24 6.63
C PRO B 35 -6.99 -5.92 7.70
N CYS B 36 -7.50 -5.10 8.63
CA CYS B 36 -8.16 -5.57 9.86
C CYS B 36 -9.42 -6.37 9.59
N GLN B 37 -10.08 -6.10 8.47
CA GLN B 37 -11.25 -6.85 8.05
C GLN B 37 -10.87 -8.19 7.41
N ARG B 38 -9.65 -8.32 6.87
CA ARG B 38 -9.19 -9.59 6.32
C ARG B 38 -8.71 -10.54 7.40
N ARG B 39 -8.04 -10.02 8.44
CA ARG B 39 -7.64 -10.83 9.58
C ARG B 39 -8.85 -11.37 10.36
N ALA B 40 -9.97 -10.64 10.31
CA ALA B 40 -11.21 -11.05 10.95
C ALA B 40 -11.84 -12.28 10.32
N GLN B 41 -11.52 -12.57 9.05
CA GLN B 41 -12.11 -13.70 8.36
C GLN B 41 -11.60 -15.03 8.89
N PHE B 42 -10.44 -15.03 9.54
CA PHE B 42 -9.82 -16.22 10.10
C PHE B 42 -10.20 -16.45 11.55
N ILE B 43 -11.08 -15.62 12.11
CA ILE B 43 -11.48 -15.76 13.51
C ILE B 43 -12.59 -16.78 13.63
N LEU B 44 -12.40 -17.75 14.51
CA LEU B 44 -13.31 -18.88 14.64
C LEU B 44 -14.13 -18.81 15.94
N GLN B 45 -14.00 -17.73 16.72
CA GLN B 45 -14.61 -17.67 18.05
C GLN B 45 -16.01 -17.08 18.09
N GLY B 46 -16.48 -16.45 17.03
CA GLY B 46 -17.81 -15.87 17.02
C GLY B 46 -17.77 -14.36 17.11
N ASP B 47 -18.96 -13.77 16.86
CA ASP B 47 -19.13 -12.35 16.51
C ASP B 47 -18.70 -11.39 17.61
N ALA B 48 -18.83 -11.80 18.87
CA ALA B 48 -18.40 -10.95 19.99
C ALA B 48 -16.89 -10.80 20.02
N CYS B 49 -16.15 -11.87 19.68
CA CYS B 49 -14.71 -11.80 19.60
C CYS B 49 -14.26 -11.01 18.38
N VAL B 50 -15.00 -11.10 17.27
CA VAL B 50 -14.65 -10.38 16.05
C VAL B 50 -14.85 -8.87 16.24
N LYS B 51 -15.92 -8.48 16.92
CA LYS B 51 -16.21 -7.05 17.14
C LYS B 51 -15.20 -6.41 18.08
N ALA B 52 -14.70 -7.16 19.07
CA ALA B 52 -13.62 -6.66 19.91
C ALA B 52 -12.30 -6.63 19.16
N PHE B 53 -12.13 -7.54 18.18
CA PHE B 53 -10.92 -7.57 17.37
C PHE B 53 -10.85 -6.34 16.47
N LEU B 54 -11.96 -6.04 15.76
CA LEU B 54 -12.00 -4.93 14.81
C LEU B 54 -11.82 -3.58 15.48
N ASP B 55 -12.38 -3.42 16.68
CA ASP B 55 -12.31 -2.17 17.42
C ASP B 55 -10.88 -1.83 17.81
N CYS B 56 -10.14 -2.82 18.31
CA CYS B 56 -8.76 -2.60 18.71
C CYS B 56 -7.80 -2.62 17.54
N CYS B 57 -8.16 -3.28 16.43
CA CYS B 57 -7.29 -3.29 15.25
C CYS B 57 -7.31 -1.94 14.55
N GLU B 58 -8.49 -1.41 14.25
CA GLU B 58 -8.58 -0.13 13.55
C GLU B 58 -8.26 1.05 14.45
N TYR B 59 -8.19 0.85 15.77
CA TYR B 59 -7.72 1.85 16.71
C TYR B 59 -6.25 2.18 16.45
N ILE B 60 -5.36 1.21 16.66
CA ILE B 60 -3.94 1.51 16.47
C ILE B 60 -3.50 1.50 15.01
N THR B 61 -4.37 1.11 14.08
CA THR B 61 -4.03 1.27 12.66
C THR B 61 -4.01 2.75 12.30
N GLN B 62 -5.09 3.46 12.62
CA GLN B 62 -5.14 4.90 12.39
C GLN B 62 -4.32 5.70 13.40
N LEU B 63 -4.04 5.14 14.58
CA LEU B 63 -3.24 5.85 15.56
C LEU B 63 -1.75 5.75 15.25
N ARG B 64 -1.31 4.67 14.61
CA ARG B 64 0.08 4.60 14.16
C ARG B 64 0.31 5.50 12.95
N GLN B 65 -0.66 5.55 12.04
CA GLN B 65 -0.58 6.42 10.87
C GLN B 65 -0.77 7.89 11.21
N GLN B 66 -1.26 8.21 12.41
CA GLN B 66 -1.28 9.58 12.93
C GLN B 66 0.05 9.94 13.58
N HIS B 67 0.60 9.02 14.39
CA HIS B 67 1.90 9.26 15.02
C HIS B 67 3.06 9.12 14.05
N SER B 68 2.87 8.48 12.89
CA SER B 68 3.90 8.49 11.86
C SER B 68 3.84 9.77 11.04
N ARG B 69 2.63 10.26 10.72
CA ARG B 69 2.48 11.48 9.93
C ARG B 69 2.72 12.76 10.74
N ASP B 70 2.94 12.65 12.05
CA ASP B 70 3.41 13.74 12.88
C ASP B 70 4.71 13.38 13.59
N GLY B 71 5.40 12.34 13.12
CA GLY B 71 6.67 11.92 13.67
C GLY B 71 7.85 12.47 12.88
N ALA B 72 7.62 13.58 12.17
CA ALA B 72 8.66 14.29 11.44
C ALA B 72 8.81 15.74 11.88
N LEU B 73 7.72 16.37 12.34
CA LEU B 73 7.64 17.71 12.93
C LEU B 73 8.17 18.82 12.01
N ASP B 81 9.14 -0.34 18.11
CA ASP B 81 9.51 -1.71 18.47
C ASP B 81 8.21 -2.44 18.86
N ASP B 82 7.48 -1.82 19.80
CA ASP B 82 6.19 -2.30 20.35
C ASP B 82 6.34 -3.70 20.93
N ASP B 83 7.39 -3.88 21.75
CA ASP B 83 7.74 -5.19 22.31
C ASP B 83 6.97 -5.40 23.62
N ILE B 84 5.65 -5.55 23.48
CA ILE B 84 4.82 -5.76 24.65
C ILE B 84 4.17 -7.14 24.51
N ILE B 85 4.90 -8.17 24.92
CA ILE B 85 4.33 -9.50 24.98
C ILE B 85 4.58 -9.93 26.42
N PRO B 86 3.82 -9.45 27.42
CA PRO B 86 4.12 -9.82 28.81
C PRO B 86 3.80 -11.26 29.10
N GLU B 87 2.87 -11.86 28.34
CA GLU B 87 2.38 -13.24 28.40
C GLU B 87 1.67 -13.62 29.70
N GLU B 88 2.23 -13.23 30.88
CA GLU B 88 1.79 -13.46 32.26
C GLU B 88 2.01 -14.93 32.69
N ASP B 89 2.37 -15.80 31.74
CA ASP B 89 2.66 -17.21 31.99
C ASP B 89 4.17 -17.43 32.07
N ILE B 90 4.90 -17.07 30.99
CA ILE B 90 6.35 -17.20 30.75
C ILE B 90 6.86 -18.62 30.85
N ILE B 91 7.49 -19.11 29.78
CA ILE B 91 8.09 -20.43 29.82
C ILE B 91 9.57 -20.25 30.14
N SER B 92 10.01 -20.92 31.21
CA SER B 92 11.36 -20.79 31.73
C SER B 92 12.25 -21.89 31.17
N ARG B 93 13.51 -21.88 31.62
CA ARG B 93 14.51 -22.86 31.21
C ARG B 93 14.12 -24.29 31.61
N SER B 94 14.06 -25.18 30.63
CA SER B 94 13.66 -26.55 30.87
C SER B 94 14.58 -27.59 30.25
N GLN B 95 15.53 -27.19 29.39
CA GLN B 95 16.46 -28.12 28.77
C GLN B 95 17.78 -28.14 29.54
N PHE B 96 18.05 -29.25 30.20
CA PHE B 96 19.27 -29.54 30.94
C PHE B 96 19.83 -30.84 30.39
N PRO B 97 21.12 -31.13 30.62
CA PRO B 97 21.68 -32.43 30.21
C PRO B 97 21.03 -33.61 30.93
N GLU B 98 20.93 -34.72 30.19
CA GLU B 98 20.24 -35.90 30.67
C GLU B 98 21.02 -36.57 31.78
N SER B 99 20.29 -37.16 32.74
CA SER B 99 20.93 -37.79 33.88
C SER B 99 21.56 -39.12 33.47
N TRP B 100 22.62 -39.49 34.17
CA TRP B 100 23.37 -40.71 33.90
C TRP B 100 23.73 -41.34 35.24
N LEU B 101 24.58 -42.38 35.18
CA LEU B 101 25.05 -43.18 36.32
C LEU B 101 23.88 -43.82 37.07
N TRP B 102 22.96 -44.41 36.30
CA TRP B 102 21.72 -44.97 36.85
C TRP B 102 21.92 -46.46 37.10
N THR B 103 22.64 -46.77 38.19
CA THR B 103 23.00 -48.14 38.55
C THR B 103 22.65 -48.39 40.02
N VAL B 104 22.71 -49.68 40.39
CA VAL B 104 22.58 -50.13 41.78
C VAL B 104 23.78 -51.01 42.08
N ILE B 105 24.51 -50.69 43.15
CA ILE B 105 25.70 -51.44 43.57
C ILE B 105 25.29 -52.37 44.70
N GLU B 106 25.55 -53.67 44.53
CA GLU B 106 25.21 -54.67 45.54
C GLU B 106 26.42 -55.34 46.19
N ASP B 107 27.63 -55.12 45.66
CA ASP B 107 28.84 -55.77 46.18
C ASP B 107 29.47 -54.87 47.24
N LEU B 108 28.86 -54.88 48.43
CA LEU B 108 29.36 -54.07 49.55
C LEU B 108 29.27 -54.88 50.85
N LYS B 109 30.10 -55.92 50.94
CA LYS B 109 30.11 -56.85 52.06
C LYS B 109 31.43 -56.77 52.86
N GLN B 110 32.44 -56.06 52.37
CA GLN B 110 33.75 -56.03 52.99
C GLN B 110 33.74 -55.06 54.18
N ALA B 111 33.74 -55.61 55.39
CA ALA B 111 33.56 -54.78 56.57
C ALA B 111 34.88 -54.30 57.17
N ASP B 112 34.82 -53.17 57.85
CA ASP B 112 35.93 -52.62 58.63
C ASP B 112 35.70 -52.85 60.13
N LYS B 113 36.26 -51.99 60.99
CA LYS B 113 36.02 -52.08 62.43
C LYS B 113 34.57 -51.72 62.78
N ASN B 114 33.96 -50.82 62.02
CA ASN B 114 32.59 -50.39 62.26
C ASN B 114 31.62 -51.12 61.32
N GLY B 115 32.13 -51.98 60.44
CA GLY B 115 31.24 -52.61 59.48
C GLY B 115 30.91 -51.75 58.28
N ILE B 116 31.73 -50.74 58.00
CA ILE B 116 31.51 -49.82 56.89
C ILE B 116 32.17 -50.42 55.66
N SER B 117 31.40 -50.59 54.60
CA SER B 117 31.88 -51.18 53.35
C SER B 117 32.22 -50.09 52.33
N THR B 118 33.33 -50.28 51.63
CA THR B 118 33.89 -49.26 50.75
C THR B 118 33.93 -49.79 49.32
N LYS B 119 33.40 -49.00 48.38
CA LYS B 119 33.43 -49.32 46.96
C LYS B 119 34.16 -48.23 46.20
N LEU B 120 35.17 -48.61 45.42
CA LEU B 120 35.77 -47.72 44.45
C LEU B 120 35.20 -48.02 43.07
N MET B 121 34.99 -46.97 42.28
CA MET B 121 34.34 -47.13 40.98
C MET B 121 34.83 -46.02 40.07
N ASN B 122 35.45 -46.40 38.95
CA ASN B 122 35.95 -45.43 37.97
C ASN B 122 34.86 -45.18 36.94
N VAL B 123 34.47 -43.91 36.78
CA VAL B 123 33.44 -43.51 35.83
C VAL B 123 34.00 -42.42 34.92
N PHE B 124 33.45 -42.32 33.73
CA PHE B 124 33.83 -41.30 32.76
C PHE B 124 32.80 -40.19 32.74
N LEU B 125 33.27 -38.95 32.74
CA LEU B 125 32.38 -37.81 32.71
C LEU B 125 31.88 -37.57 31.29
N LYS B 126 30.79 -36.81 31.20
CA LYS B 126 30.19 -36.52 29.90
C LYS B 126 30.79 -35.24 29.33
N ASP B 127 30.37 -34.89 28.12
CA ASP B 127 30.89 -33.71 27.44
C ASP B 127 30.23 -32.41 27.88
N SER B 128 29.24 -32.47 28.77
CA SER B 128 28.55 -31.27 29.22
C SER B 128 29.45 -30.48 30.16
N ILE B 129 29.68 -29.22 29.80
CA ILE B 129 30.42 -28.30 30.64
C ILE B 129 29.39 -27.70 31.62
N THR B 130 29.29 -28.35 32.77
CA THR B 130 28.29 -28.05 33.79
C THR B 130 28.80 -28.61 35.11
N THR B 131 28.03 -28.39 36.17
CA THR B 131 28.30 -29.01 37.46
C THR B 131 27.42 -30.24 37.56
N TRP B 132 28.02 -31.42 37.48
CA TRP B 132 27.29 -32.64 37.74
C TRP B 132 27.14 -32.81 39.25
N GLU B 133 26.17 -33.63 39.63
CA GLU B 133 25.88 -33.80 41.05
C GLU B 133 25.38 -35.22 41.29
N ILE B 134 26.13 -35.98 42.07
CA ILE B 134 25.95 -37.42 42.20
C ILE B 134 25.19 -37.69 43.49
N LEU B 135 24.04 -38.35 43.36
CA LEU B 135 23.13 -38.59 44.46
C LEU B 135 23.08 -40.09 44.78
N ALA B 136 22.94 -40.42 46.05
CA ALA B 136 23.00 -41.80 46.50
C ALA B 136 21.95 -42.08 47.56
N VAL B 137 21.20 -43.16 47.38
CA VAL B 137 20.27 -43.66 48.39
C VAL B 137 20.65 -45.11 48.65
N SER B 138 20.96 -45.43 49.91
CA SER B 138 21.31 -46.79 50.29
C SER B 138 20.14 -47.47 50.96
N LEU B 139 20.22 -48.79 51.01
CA LEU B 139 19.23 -49.61 51.69
C LEU B 139 19.94 -50.83 52.26
N SER B 140 19.95 -50.95 53.58
CA SER B 140 20.68 -52.00 54.28
C SER B 140 19.70 -52.85 55.07
N ASP B 141 19.91 -54.17 55.06
CA ASP B 141 19.02 -55.12 55.72
C ASP B 141 19.04 -55.02 57.25
N LYS B 142 20.07 -54.37 57.82
CA LYS B 142 20.15 -54.14 59.25
C LYS B 142 20.04 -52.67 59.63
N LYS B 143 20.19 -51.73 58.67
CA LYS B 143 20.22 -50.31 58.99
C LYS B 143 19.18 -49.47 58.25
N GLY B 144 18.46 -50.02 57.28
CA GLY B 144 17.38 -49.28 56.66
C GLY B 144 17.84 -48.35 55.54
N ILE B 145 17.01 -47.31 55.29
CA ILE B 145 17.18 -46.42 54.16
C ILE B 145 17.99 -45.20 54.60
N CYS B 146 18.86 -44.70 53.71
CA CYS B 146 19.69 -43.54 53.99
C CYS B 146 19.97 -42.81 52.69
N VAL B 147 19.60 -41.53 52.63
CA VAL B 147 19.91 -40.65 51.49
C VAL B 147 21.16 -39.85 51.83
N ALA B 148 22.16 -39.92 50.96
CA ALA B 148 23.40 -39.19 51.19
C ALA B 148 23.21 -37.71 50.91
N ASP B 149 24.16 -36.92 51.42
CA ASP B 149 24.29 -35.54 50.99
C ASP B 149 24.81 -35.51 49.55
N PRO B 150 24.48 -34.47 48.79
CA PRO B 150 24.94 -34.42 47.39
C PRO B 150 26.43 -34.17 47.27
N TYR B 151 27.02 -34.78 46.23
CA TYR B 151 28.44 -34.63 45.90
C TYR B 151 28.53 -33.98 44.52
N GLU B 152 29.11 -32.80 44.46
CA GLU B 152 29.12 -31.99 43.25
C GLU B 152 30.43 -32.17 42.50
N VAL B 153 30.33 -32.37 41.18
CA VAL B 153 31.46 -32.55 40.29
C VAL B 153 31.34 -31.49 39.20
N THR B 154 32.22 -30.48 39.24
CA THR B 154 32.17 -29.39 38.27
C THR B 154 33.10 -29.70 37.10
N VAL B 155 32.55 -29.65 35.89
CA VAL B 155 33.31 -29.93 34.66
C VAL B 155 33.47 -28.62 33.90
N MET B 156 34.72 -28.18 33.72
CA MET B 156 35.03 -26.92 33.04
C MET B 156 36.40 -27.08 32.40
N GLN B 157 36.50 -26.76 31.11
CA GLN B 157 37.75 -26.90 30.38
C GLN B 157 38.39 -25.55 30.04
N ASP B 158 37.63 -24.44 30.19
CA ASP B 158 37.87 -23.01 29.90
C ASP B 158 37.85 -22.72 28.40
N PHE B 159 38.53 -23.55 27.62
CA PHE B 159 38.53 -23.49 26.17
C PHE B 159 37.70 -24.64 25.63
N PHE B 160 36.72 -24.32 24.78
CA PHE B 160 35.90 -25.35 24.16
C PHE B 160 35.51 -24.89 22.76
N ILE B 161 35.31 -25.87 21.87
CA ILE B 161 35.02 -25.63 20.47
C ILE B 161 33.57 -25.98 20.18
N ASP B 162 32.91 -25.17 19.35
CA ASP B 162 31.58 -25.47 18.83
C ASP B 162 31.66 -25.46 17.31
N LEU B 163 31.34 -26.60 16.70
CA LEU B 163 31.36 -26.74 15.25
C LEU B 163 29.95 -26.55 14.71
N ARG B 164 29.74 -25.49 13.92
CA ARG B 164 28.42 -25.18 13.36
C ARG B 164 28.32 -25.76 11.94
N LEU B 165 27.59 -26.86 11.82
CA LEU B 165 27.25 -27.48 10.55
C LEU B 165 25.80 -27.18 10.19
N PRO B 166 25.45 -27.25 8.89
CA PRO B 166 24.05 -27.30 8.50
C PRO B 166 23.35 -28.59 8.91
N TYR B 167 22.05 -28.58 8.68
CA TYR B 167 21.28 -29.82 8.74
C TYR B 167 21.69 -30.74 7.60
N SER B 168 21.76 -30.20 6.38
CA SER B 168 22.18 -30.97 5.22
C SER B 168 22.72 -30.05 4.13
N VAL B 169 23.73 -30.55 3.40
CA VAL B 169 24.22 -29.90 2.19
C VAL B 169 23.87 -30.79 1.00
N VAL B 170 24.09 -30.26 -0.20
CA VAL B 170 23.84 -30.97 -1.44
C VAL B 170 25.19 -31.29 -2.05
N ARG B 171 25.31 -32.49 -2.68
CA ARG B 171 26.51 -32.85 -3.44
C ARG B 171 26.81 -31.81 -4.51
N ASN B 172 28.07 -31.36 -4.53
CA ASN B 172 28.61 -30.34 -5.43
C ASN B 172 27.96 -28.96 -5.22
N GLU B 173 27.43 -28.72 -4.01
CA GLU B 173 27.11 -27.41 -3.49
C GLU B 173 28.22 -27.02 -2.53
N GLN B 174 28.44 -25.71 -2.34
CA GLN B 174 29.63 -25.23 -1.66
C GLN B 174 29.29 -24.33 -0.48
N VAL B 175 29.77 -24.69 0.72
CA VAL B 175 29.40 -23.99 1.95
C VAL B 175 30.61 -23.48 2.72
N GLU B 176 30.33 -22.56 3.64
CA GLU B 176 31.28 -22.06 4.64
C GLU B 176 30.87 -22.58 6.00
N ILE B 177 31.77 -23.29 6.66
CA ILE B 177 31.50 -23.94 7.94
C ILE B 177 32.28 -23.20 9.02
N ARG B 178 31.60 -22.85 10.11
CA ARG B 178 32.22 -22.10 11.20
C ARG B 178 32.51 -23.02 12.38
N ALA B 179 33.73 -22.95 12.88
CA ALA B 179 34.08 -23.48 14.19
C ALA B 179 34.22 -22.28 15.13
N ILE B 180 33.31 -22.16 16.08
CA ILE B 180 33.38 -21.08 17.06
C ILE B 180 34.18 -21.59 18.27
N LEU B 181 35.23 -20.85 18.62
CA LEU B 181 36.13 -21.23 19.69
C LEU B 181 35.97 -20.25 20.85
N TYR B 182 35.70 -20.78 22.02
CA TYR B 182 35.31 -19.98 23.18
C TYR B 182 36.46 -19.95 24.18
N ASN B 183 36.67 -18.80 24.83
CA ASN B 183 37.75 -18.66 25.80
C ASN B 183 37.28 -17.72 26.90
N TYR B 184 37.12 -18.24 28.11
CA TYR B 184 36.58 -17.44 29.21
C TYR B 184 37.46 -17.29 30.46
N ARG B 185 38.74 -17.03 30.30
CA ARG B 185 39.65 -16.87 31.46
C ARG B 185 39.59 -15.48 32.11
N GLU B 186 38.50 -14.70 31.93
CA GLU B 186 38.25 -13.33 32.41
C GLU B 186 39.30 -12.27 32.03
N ALA B 187 40.59 -12.49 32.33
CA ALA B 187 41.63 -11.53 32.02
C ALA B 187 42.82 -12.13 31.30
N GLU B 188 42.78 -13.42 30.95
CA GLU B 188 43.87 -14.12 30.26
C GLU B 188 43.42 -14.51 28.84
N ASN B 189 44.12 -14.00 27.84
CA ASN B 189 43.89 -14.33 26.44
C ASN B 189 44.50 -15.70 26.10
N LEU B 190 44.06 -16.27 24.97
CA LEU B 190 44.49 -17.60 24.54
C LEU B 190 44.84 -17.61 23.06
N LYS B 191 46.12 -17.85 22.76
CA LYS B 191 46.59 -18.07 21.40
C LYS B 191 46.45 -19.56 21.06
N VAL B 192 45.64 -19.88 20.05
CA VAL B 192 45.25 -21.25 19.71
C VAL B 192 45.52 -21.47 18.21
N ARG B 193 46.05 -22.64 17.85
CA ARG B 193 46.11 -23.07 16.45
C ARG B 193 44.98 -24.05 16.16
N VAL B 194 44.19 -23.75 15.11
CA VAL B 194 43.00 -24.51 14.76
C VAL B 194 43.25 -25.21 13.43
N GLU B 195 42.85 -26.48 13.34
CA GLU B 195 43.12 -27.29 12.16
C GLU B 195 41.85 -27.98 11.69
N LEU B 196 41.56 -27.85 10.39
CA LEU B 196 40.53 -28.64 9.74
C LEU B 196 41.16 -29.90 9.18
N LEU B 197 40.61 -31.07 9.55
CA LEU B 197 41.19 -32.33 9.12
C LEU B 197 40.74 -32.67 7.70
N TYR B 198 41.64 -33.31 6.96
CA TYR B 198 41.35 -33.69 5.58
C TYR B 198 40.38 -34.86 5.53
N ASN B 199 39.44 -34.80 4.59
CA ASN B 199 38.50 -35.87 4.32
C ASN B 199 38.43 -36.00 2.80
N PRO B 200 38.67 -37.20 2.24
CA PRO B 200 38.60 -37.35 0.78
C PRO B 200 37.20 -37.26 0.20
N ALA B 201 36.16 -37.41 1.02
CA ALA B 201 34.81 -37.10 0.59
C ALA B 201 34.52 -35.61 0.59
N PHE B 202 35.41 -34.78 1.14
CA PHE B 202 35.31 -33.34 1.05
C PHE B 202 36.36 -32.80 0.10
N CYS B 203 36.27 -31.50 -0.13
CA CYS B 203 37.21 -30.78 -0.97
C CYS B 203 37.38 -29.40 -0.35
N SER B 204 38.56 -29.15 0.24
CA SER B 204 38.76 -27.95 1.04
C SER B 204 40.22 -27.54 0.94
N LEU B 205 40.61 -26.57 1.78
CA LEU B 205 42.00 -26.12 1.84
C LEU B 205 42.93 -27.15 2.47
N ALA B 206 42.40 -28.08 3.25
CA ALA B 206 43.20 -29.17 3.79
C ALA B 206 43.28 -30.28 2.74
N THR B 207 44.49 -30.62 2.33
CA THR B 207 44.74 -31.68 1.37
C THR B 207 45.35 -32.89 2.09
N ALA B 208 45.66 -33.93 1.30
CA ALA B 208 46.26 -35.14 1.86
C ALA B 208 47.71 -34.94 2.28
N LYS B 209 48.42 -33.97 1.68
CA LYS B 209 49.80 -33.73 2.02
C LYS B 209 50.03 -32.47 2.83
N LYS B 210 49.05 -31.58 2.92
CA LYS B 210 49.20 -30.33 3.68
C LYS B 210 47.92 -30.06 4.45
N ARG B 211 48.05 -29.92 5.77
CA ARG B 211 46.93 -29.56 6.61
C ARG B 211 46.63 -28.07 6.51
N HIS B 212 45.38 -27.71 6.78
CA HIS B 212 44.97 -26.31 6.81
C HIS B 212 44.98 -25.86 8.28
N GLN B 213 46.08 -25.25 8.69
CA GLN B 213 46.21 -24.69 10.02
C GLN B 213 46.07 -23.17 9.98
N GLN B 214 45.40 -22.63 11.00
CA GLN B 214 45.30 -21.20 11.21
C GLN B 214 45.75 -20.92 12.62
N THR B 215 46.39 -19.78 12.85
CA THR B 215 46.82 -19.39 14.18
C THR B 215 46.05 -18.14 14.60
N ILE B 216 45.23 -18.28 15.63
CA ILE B 216 44.39 -17.21 16.13
C ILE B 216 44.74 -16.97 17.59
N THR B 217 44.28 -15.82 18.10
CA THR B 217 44.40 -15.47 19.51
C THR B 217 43.02 -15.05 19.99
N ILE B 218 42.45 -15.81 20.91
CA ILE B 218 41.11 -15.54 21.43
C ILE B 218 41.28 -14.62 22.65
N PRO B 219 40.62 -13.46 22.68
CA PRO B 219 40.67 -12.62 23.88
C PRO B 219 39.93 -13.24 25.06
N ALA B 220 40.22 -12.69 26.24
CA ALA B 220 39.64 -13.18 27.48
C ALA B 220 38.17 -12.80 27.58
N ARG B 221 37.35 -13.77 27.98
CA ARG B 221 35.89 -13.69 28.08
C ARG B 221 35.28 -13.26 26.73
N SER B 222 35.51 -14.11 25.73
CA SER B 222 35.18 -13.78 24.35
C SER B 222 35.09 -15.07 23.54
N SER B 223 34.77 -14.91 22.26
CA SER B 223 34.64 -16.03 21.33
C SER B 223 35.08 -15.57 19.95
N VAL B 224 35.76 -16.45 19.23
CA VAL B 224 36.24 -16.20 17.88
C VAL B 224 35.73 -17.32 16.98
N ALA B 225 35.10 -16.97 15.87
CA ALA B 225 34.65 -17.93 14.87
C ALA B 225 35.71 -18.03 13.77
N VAL B 226 36.05 -19.25 13.39
CA VAL B 226 37.00 -19.53 12.32
C VAL B 226 36.25 -20.19 11.17
N PRO B 227 36.18 -19.56 9.99
CA PRO B 227 35.44 -20.15 8.88
C PRO B 227 36.26 -21.14 8.06
N TYR B 228 35.58 -22.17 7.58
CA TYR B 228 36.16 -23.19 6.73
C TYR B 228 35.25 -23.41 5.53
N VAL B 229 35.81 -23.38 4.33
CA VAL B 229 35.06 -23.57 3.09
C VAL B 229 35.23 -25.03 2.66
N ILE B 230 34.12 -25.74 2.51
CA ILE B 230 34.12 -27.19 2.29
C ILE B 230 33.16 -27.52 1.15
N VAL B 231 33.64 -28.27 0.17
CA VAL B 231 32.83 -28.82 -0.92
C VAL B 231 32.70 -30.32 -0.68
N PRO B 232 31.50 -30.84 -0.42
CA PRO B 232 31.33 -32.30 -0.42
C PRO B 232 31.26 -32.85 -1.84
N LEU B 233 31.96 -33.97 -2.06
CA LEU B 233 32.05 -34.60 -3.38
C LEU B 233 31.28 -35.90 -3.50
N LYS B 234 30.96 -36.55 -2.38
CA LYS B 234 30.30 -37.85 -2.33
C LYS B 234 28.99 -37.69 -1.60
N ILE B 235 28.11 -38.69 -1.73
CA ILE B 235 26.82 -38.70 -1.04
C ILE B 235 26.94 -39.61 0.19
N GLY B 236 26.49 -39.13 1.35
CA GLY B 236 26.33 -39.97 2.52
C GLY B 236 26.86 -39.31 3.78
N LEU B 237 26.81 -40.07 4.87
CA LEU B 237 27.15 -39.50 6.18
C LEU B 237 28.67 -39.35 6.30
N HIS B 238 29.13 -38.10 6.26
CA HIS B 238 30.55 -37.77 6.29
C HIS B 238 30.85 -36.95 7.53
N GLU B 239 32.00 -37.21 8.15
CA GLU B 239 32.37 -36.57 9.40
C GLU B 239 33.21 -35.32 9.16
N VAL B 240 32.91 -34.27 9.92
CA VAL B 240 33.73 -33.05 9.94
C VAL B 240 34.44 -33.02 11.28
N GLU B 241 35.77 -33.05 11.26
CA GLU B 241 36.57 -33.03 12.49
C GLU B 241 37.48 -31.81 12.48
N VAL B 242 37.34 -30.99 13.52
CA VAL B 242 38.17 -29.82 13.73
C VAL B 242 38.84 -29.97 15.08
N LYS B 243 40.17 -29.91 15.09
CA LYS B 243 40.93 -29.98 16.33
C LYS B 243 41.62 -28.64 16.57
N ALA B 244 41.83 -28.32 17.84
CA ALA B 244 42.53 -27.11 18.25
C ALA B 244 43.12 -27.36 19.63
N ALA B 245 44.35 -26.88 19.85
CA ALA B 245 45.02 -27.03 21.13
C ALA B 245 45.59 -25.69 21.57
N VAL B 246 45.63 -25.50 22.88
CA VAL B 246 46.03 -24.23 23.49
C VAL B 246 47.56 -24.19 23.57
N TYR B 247 48.13 -23.04 23.18
CA TYR B 247 49.58 -22.85 23.23
C TYR B 247 50.06 -22.79 24.67
N ASN B 248 51.27 -23.38 24.89
CA ASN B 248 52.00 -23.54 26.17
C ASN B 248 51.10 -24.09 27.29
N HIS B 249 50.24 -25.05 26.93
CA HIS B 249 49.31 -25.68 27.85
C HIS B 249 48.99 -27.07 27.35
N PHE B 250 48.43 -27.88 28.24
CA PHE B 250 47.92 -29.21 27.91
C PHE B 250 46.40 -29.20 27.74
N ILE B 251 45.85 -28.06 27.38
CA ILE B 251 44.42 -27.92 27.10
C ILE B 251 44.19 -28.18 25.62
N SER B 252 43.42 -29.21 25.30
CA SER B 252 43.13 -29.56 23.92
C SER B 252 41.72 -30.10 23.81
N ASP B 253 41.08 -29.78 22.70
CA ASP B 253 39.71 -30.22 22.44
C ASP B 253 39.60 -30.54 20.95
N GLY B 254 38.73 -31.49 20.64
CA GLY B 254 38.41 -31.79 19.26
C GLY B 254 36.93 -32.08 19.14
N VAL B 255 36.29 -31.55 18.10
CA VAL B 255 34.87 -31.73 17.88
C VAL B 255 34.68 -32.41 16.54
N LYS B 256 34.04 -33.58 16.55
CA LYS B 256 33.74 -34.34 15.36
C LYS B 256 32.23 -34.43 15.21
N LYS B 257 31.71 -33.86 14.12
CA LYS B 257 30.29 -33.90 13.83
C LYS B 257 30.08 -34.40 12.41
N THR B 258 28.93 -35.04 12.19
CA THR B 258 28.64 -35.65 10.90
C THR B 258 27.88 -34.66 10.02
N LEU B 259 28.36 -34.46 8.80
CA LEU B 259 27.73 -33.57 7.85
C LEU B 259 26.99 -34.43 6.84
N LYS B 260 25.67 -34.39 6.90
CA LYS B 260 24.86 -35.18 5.99
C LYS B 260 24.78 -34.44 4.66
N VAL B 261 25.26 -35.07 3.62
CA VAL B 261 25.21 -34.49 2.30
C VAL B 261 24.12 -35.24 1.51
N VAL B 262 22.94 -34.61 1.45
CA VAL B 262 21.79 -35.23 0.80
C VAL B 262 22.00 -35.18 -0.71
N PRO B 263 21.57 -36.21 -1.45
CA PRO B 263 21.68 -36.17 -2.92
C PRO B 263 20.86 -35.04 -3.52
N GLU B 264 21.33 -34.58 -4.67
CA GLU B 264 20.76 -33.44 -5.34
C GLU B 264 19.43 -33.79 -5.98
N GLY B 265 18.45 -32.89 -5.86
CA GLY B 265 17.12 -33.14 -6.33
C GLY B 265 16.23 -33.69 -5.22
N VAL B 266 14.95 -33.78 -5.52
CA VAL B 266 13.99 -34.35 -4.57
C VAL B 266 13.87 -35.86 -4.82
N ARG B 267 13.81 -36.62 -3.74
CA ARG B 267 13.73 -38.07 -3.81
C ARG B 267 12.27 -38.48 -3.93
N VAL B 268 11.93 -39.15 -5.03
CA VAL B 268 10.55 -39.45 -5.38
C VAL B 268 10.42 -40.96 -5.52
N ASN B 269 9.50 -41.55 -4.74
CA ASN B 269 9.14 -42.94 -4.92
C ASN B 269 8.09 -43.08 -6.00
N LYS B 270 8.06 -44.25 -6.64
CA LYS B 270 7.22 -44.44 -7.82
C LYS B 270 6.74 -45.87 -7.82
N THR B 271 5.44 -46.06 -7.64
CA THR B 271 4.84 -47.37 -7.79
C THR B 271 4.73 -47.74 -9.25
N VAL B 272 5.37 -48.84 -9.64
CA VAL B 272 5.33 -49.30 -11.02
C VAL B 272 4.17 -50.25 -11.25
N ALA B 273 3.94 -51.18 -10.33
CA ALA B 273 2.91 -52.20 -10.49
C ALA B 273 2.48 -52.72 -9.11
N VAL B 274 1.19 -52.95 -8.93
CA VAL B 274 0.67 -53.77 -7.85
C VAL B 274 -0.25 -54.81 -8.48
N ARG B 275 -0.06 -56.08 -8.13
CA ARG B 275 -0.76 -57.19 -8.79
C ARG B 275 -1.25 -58.17 -7.74
N THR B 276 -2.40 -58.78 -7.99
CA THR B 276 -2.90 -59.86 -7.14
C THR B 276 -2.34 -61.18 -7.67
N LEU B 277 -1.74 -61.98 -6.79
CA LEU B 277 -1.18 -63.29 -7.15
C LEU B 277 -2.13 -64.38 -6.71
N ASN B 278 -2.89 -64.93 -7.65
CA ASN B 278 -3.82 -66.02 -7.38
C ASN B 278 -3.91 -66.87 -8.64
N PRO B 279 -3.01 -67.86 -8.80
CA PRO B 279 -3.03 -68.66 -10.03
C PRO B 279 -4.19 -69.65 -10.14
N GLU B 280 -4.96 -69.86 -9.06
CA GLU B 280 -6.18 -70.66 -9.18
C GLU B 280 -7.28 -69.91 -9.90
N HIS B 281 -7.30 -68.59 -9.78
CA HIS B 281 -8.35 -67.75 -10.33
C HIS B 281 -7.85 -66.84 -11.44
N LEU B 282 -6.62 -66.33 -11.32
CA LEU B 282 -6.03 -65.46 -12.32
C LEU B 282 -4.97 -66.18 -13.18
N GLY B 283 -4.94 -67.51 -13.14
CA GLY B 283 -3.94 -68.27 -13.88
C GLY B 283 -4.60 -69.02 -15.02
N GLN B 284 -3.88 -69.10 -16.14
CA GLN B 284 -4.32 -69.83 -17.32
C GLN B 284 -3.54 -71.16 -17.35
N GLY B 285 -4.26 -72.25 -17.16
CA GLY B 285 -3.60 -73.54 -16.96
C GLY B 285 -2.86 -73.65 -15.66
N GLY B 286 -3.35 -72.98 -14.61
CA GLY B 286 -2.69 -72.92 -13.31
C GLY B 286 -1.42 -72.10 -13.26
N VAL B 287 -1.10 -71.36 -14.31
CA VAL B 287 0.12 -70.56 -14.41
C VAL B 287 -0.28 -69.12 -14.65
N GLN B 288 -0.10 -68.27 -13.65
CA GLN B 288 -0.31 -66.83 -13.81
C GLN B 288 0.97 -66.18 -14.29
N ARG B 289 0.87 -65.37 -15.35
CA ARG B 289 2.01 -64.63 -15.88
C ARG B 289 1.69 -63.15 -15.84
N GLU B 290 2.57 -62.37 -15.22
CA GLU B 290 2.43 -60.93 -15.09
C GLU B 290 3.67 -60.25 -15.65
N GLU B 291 3.48 -59.26 -16.52
CA GLU B 291 4.59 -58.48 -17.04
C GLU B 291 4.59 -57.11 -16.38
N VAL B 292 5.70 -56.76 -15.74
CA VAL B 292 5.90 -55.47 -15.11
C VAL B 292 6.73 -54.60 -16.04
N PRO B 293 6.29 -53.40 -16.37
CA PRO B 293 7.07 -52.55 -17.29
C PRO B 293 8.22 -51.85 -16.58
N ALA B 294 9.02 -51.16 -17.38
CA ALA B 294 10.04 -50.27 -16.84
C ALA B 294 9.39 -48.97 -16.38
N ALA B 295 9.99 -48.36 -15.36
CA ALA B 295 9.45 -47.13 -14.81
C ALA B 295 9.80 -45.93 -15.69
N ASP B 296 8.87 -44.97 -15.72
CA ASP B 296 9.09 -43.72 -16.45
C ASP B 296 10.05 -42.86 -15.65
N LEU B 297 11.32 -42.81 -16.08
CA LEU B 297 12.30 -41.98 -15.41
C LEU B 297 12.69 -40.80 -16.29
N SER B 298 11.68 -40.10 -16.80
CA SER B 298 11.93 -38.92 -17.64
C SER B 298 12.41 -37.74 -16.81
N ASP B 299 12.05 -37.67 -15.53
CA ASP B 299 12.44 -36.56 -14.68
C ASP B 299 13.57 -36.92 -13.72
N GLN B 300 14.48 -37.81 -14.10
CA GLN B 300 15.50 -38.25 -13.15
C GLN B 300 16.63 -37.21 -13.05
N VAL B 301 17.21 -37.09 -11.85
CA VAL B 301 18.41 -36.25 -11.65
C VAL B 301 19.58 -36.91 -12.38
N PRO B 302 20.40 -36.14 -13.10
CA PRO B 302 21.66 -36.67 -13.64
C PRO B 302 22.62 -37.17 -12.57
N ASP B 303 23.31 -38.28 -12.90
CA ASP B 303 24.37 -38.92 -12.10
C ASP B 303 23.86 -39.41 -10.73
N THR B 304 22.62 -39.91 -10.72
CA THR B 304 22.10 -40.65 -9.57
C THR B 304 21.61 -42.01 -10.05
N GLU B 305 21.61 -42.97 -9.14
CA GLU B 305 21.16 -44.32 -9.42
C GLU B 305 19.70 -44.51 -9.04
N SER B 306 19.00 -45.36 -9.78
CA SER B 306 17.67 -45.81 -9.43
C SER B 306 17.76 -47.17 -8.76
N GLU B 307 16.65 -47.58 -8.12
CA GLU B 307 16.66 -48.80 -7.33
C GLU B 307 15.24 -49.36 -7.26
N THR B 308 14.98 -50.42 -8.01
CA THR B 308 13.65 -51.02 -8.09
C THR B 308 13.52 -52.14 -7.06
N LYS B 309 12.48 -52.05 -6.23
CA LYS B 309 12.24 -53.01 -5.16
C LYS B 309 10.99 -53.83 -5.48
N ILE B 310 11.18 -55.13 -5.67
CA ILE B 310 10.10 -56.06 -5.99
C ILE B 310 9.68 -56.75 -4.71
N LEU B 311 8.38 -56.77 -4.41
CA LEU B 311 7.89 -57.33 -3.16
C LEU B 311 6.80 -58.34 -3.42
N LEU B 312 6.94 -59.53 -2.84
CA LEU B 312 5.97 -60.62 -2.94
C LEU B 312 5.40 -60.88 -1.56
N GLN B 313 4.08 -60.88 -1.43
CA GLN B 313 3.42 -61.08 -0.15
C GLN B 313 2.52 -62.30 -0.24
N GLY B 314 2.61 -63.20 0.73
CA GLY B 314 1.80 -64.41 0.75
C GLY B 314 0.32 -64.16 0.98
N THR B 315 -0.01 -63.17 1.80
CA THR B 315 -1.37 -62.71 2.05
C THR B 315 -1.40 -61.21 1.73
N PRO B 316 -2.56 -60.63 1.36
CA PRO B 316 -2.60 -59.19 1.09
C PRO B 316 -2.45 -58.29 2.32
N VAL B 317 -2.37 -58.85 3.52
CA VAL B 317 -2.25 -58.16 4.79
C VAL B 317 -0.90 -58.44 5.44
N ALA B 318 0.03 -59.05 4.69
CA ALA B 318 1.30 -59.51 5.24
C ALA B 318 2.31 -58.39 5.44
N GLN B 319 2.29 -57.35 4.58
CA GLN B 319 3.17 -56.20 4.78
C GLN B 319 2.74 -55.37 5.98
N MET B 320 1.44 -55.06 6.06
CA MET B 320 0.91 -54.16 7.09
C MET B 320 0.99 -54.77 8.48
N THR B 321 0.82 -56.09 8.60
CA THR B 321 0.96 -56.75 9.90
C THR B 321 2.40 -56.76 10.38
N GLU B 322 3.34 -57.10 9.51
CA GLU B 322 4.74 -57.18 9.91
C GLU B 322 5.35 -55.80 10.14
N ASP B 323 4.74 -54.74 9.61
CA ASP B 323 5.22 -53.39 9.80
C ASP B 323 4.55 -52.68 10.95
N ALA B 324 3.36 -53.13 11.37
CA ALA B 324 2.74 -52.50 12.53
C ALA B 324 3.24 -53.05 13.85
N ILE B 325 3.85 -54.24 13.84
CA ILE B 325 4.50 -54.73 15.05
C ILE B 325 5.87 -54.08 15.24
N ASP B 326 6.60 -53.86 14.16
CA ASP B 326 7.91 -53.22 14.25
C ASP B 326 7.74 -51.72 14.47
N GLY B 327 8.49 -51.18 15.43
CA GLY B 327 8.26 -49.81 15.87
C GLY B 327 8.75 -48.76 14.90
N GLU B 328 9.88 -49.02 14.23
CA GLU B 328 10.38 -48.07 13.24
C GLU B 328 9.68 -48.25 11.90
N ARG B 329 9.21 -49.46 11.60
CA ARG B 329 8.48 -49.71 10.37
C ARG B 329 7.04 -49.21 10.43
N LEU B 330 6.52 -48.93 11.63
CA LEU B 330 5.15 -48.45 11.77
C LEU B 330 5.00 -47.04 11.20
N LYS B 331 6.02 -46.20 11.37
CA LYS B 331 5.95 -44.81 10.94
C LYS B 331 6.04 -44.65 9.43
N HIS B 332 6.44 -45.69 8.69
CA HIS B 332 6.63 -45.62 7.26
C HIS B 332 5.52 -46.35 6.49
N LEU B 333 4.51 -46.85 7.19
CA LEU B 333 3.25 -47.22 6.54
C LEU B 333 2.60 -46.00 5.92
N ILE B 334 2.49 -44.95 6.68
CA ILE B 334 1.82 -43.70 6.33
C ILE B 334 2.86 -42.79 5.69
N GLN B 335 2.51 -42.14 4.58
CA GLN B 335 3.45 -41.28 3.87
C GLN B 335 3.33 -39.81 4.25
N THR B 336 2.29 -39.42 4.99
CA THR B 336 2.02 -38.07 5.45
C THR B 336 2.55 -37.89 6.87
N PRO B 337 2.76 -36.66 7.34
CA PRO B 337 3.15 -36.50 8.75
C PRO B 337 1.99 -36.69 9.70
N SER B 338 2.34 -37.15 10.90
CA SER B 338 1.41 -37.18 12.02
C SER B 338 1.46 -35.86 12.77
N GLY B 339 1.28 -35.89 14.08
CA GLY B 339 1.35 -34.66 14.83
C GLY B 339 0.11 -33.80 14.74
N CYS B 340 -1.03 -34.40 14.45
CA CYS B 340 -2.32 -33.78 14.72
C CYS B 340 -3.29 -34.90 15.07
N GLY B 341 -4.45 -34.50 15.62
CA GLY B 341 -5.45 -35.34 16.25
C GLY B 341 -5.87 -36.68 15.65
N GLU B 342 -6.21 -36.69 14.36
CA GLU B 342 -6.50 -37.96 13.70
C GLU B 342 -5.22 -38.65 13.25
N GLN B 343 -4.24 -37.86 12.84
CA GLN B 343 -3.04 -38.39 12.21
C GLN B 343 -2.14 -39.12 13.19
N ASN B 344 -2.21 -38.75 14.47
CA ASN B 344 -1.41 -39.35 15.53
C ASN B 344 -1.80 -40.80 15.84
N MET B 345 -2.95 -41.27 15.35
CA MET B 345 -3.48 -42.61 15.53
C MET B 345 -2.71 -43.70 14.79
N ILE B 346 -1.64 -43.38 14.06
CA ILE B 346 -0.71 -44.37 13.51
C ILE B 346 -0.03 -45.14 14.65
N GLY B 347 0.18 -44.51 15.80
CA GLY B 347 0.71 -45.18 16.97
C GLY B 347 -0.22 -46.20 17.60
N MET B 348 -1.52 -46.16 17.26
CA MET B 348 -2.49 -47.11 17.80
C MET B 348 -3.10 -48.00 16.73
N THR B 349 -3.82 -47.42 15.75
CA THR B 349 -4.76 -48.17 14.90
C THR B 349 -4.18 -49.30 14.02
N PRO B 350 -3.01 -49.21 13.36
CA PRO B 350 -2.49 -50.42 12.69
C PRO B 350 -1.97 -51.47 13.64
N THR B 351 -1.49 -51.08 14.82
CA THR B 351 -0.95 -52.06 15.74
C THR B 351 -2.07 -52.80 16.48
N VAL B 352 -3.22 -52.15 16.65
CA VAL B 352 -4.38 -52.79 17.30
C VAL B 352 -4.94 -53.90 16.42
N ILE B 353 -5.14 -53.61 15.14
CA ILE B 353 -5.74 -54.59 14.24
C ILE B 353 -4.74 -55.58 13.67
N ALA B 354 -3.43 -55.37 13.87
CA ALA B 354 -2.46 -56.43 13.56
C ALA B 354 -2.39 -57.45 14.68
N VAL B 355 -2.49 -56.99 15.94
CA VAL B 355 -2.56 -57.89 17.08
C VAL B 355 -3.88 -58.66 17.07
N HIS B 356 -4.98 -57.96 16.76
CA HIS B 356 -6.30 -58.61 16.68
C HIS B 356 -6.38 -59.63 15.55
N TYR B 357 -5.64 -59.40 14.45
CA TYR B 357 -5.57 -60.37 13.37
C TYR B 357 -4.81 -61.62 13.80
N LEU B 358 -3.62 -61.43 14.39
CA LEU B 358 -2.80 -62.57 14.79
C LEU B 358 -3.35 -63.27 16.02
N ASP B 359 -4.19 -62.60 16.81
CA ASP B 359 -5.03 -63.26 17.80
C ASP B 359 -5.94 -64.29 17.15
N SER B 360 -6.72 -63.86 16.16
CA SER B 360 -7.79 -64.67 15.59
C SER B 360 -7.28 -65.78 14.69
N THR B 361 -6.02 -65.71 14.26
CA THR B 361 -5.45 -66.72 13.38
C THR B 361 -4.35 -67.56 14.00
N ASP B 362 -3.93 -67.24 15.23
CA ASP B 362 -2.97 -68.01 16.06
C ASP B 362 -1.60 -68.16 15.36
N GLN B 363 -0.95 -67.02 15.13
CA GLN B 363 0.23 -66.99 14.28
C GLN B 363 1.47 -66.37 14.91
N TRP B 364 1.50 -66.16 16.24
CA TRP B 364 2.71 -65.60 16.83
C TRP B 364 3.83 -66.62 17.02
N GLU B 365 3.58 -67.90 16.71
CA GLU B 365 4.62 -68.92 16.71
C GLU B 365 5.72 -68.65 15.68
N LYS B 366 5.42 -67.91 14.61
CA LYS B 366 6.45 -67.52 13.65
C LYS B 366 7.37 -66.46 14.25
N PHE B 367 6.77 -65.42 14.84
CA PHE B 367 7.53 -64.30 15.36
C PHE B 367 8.18 -64.67 16.70
N GLY B 368 8.92 -63.71 17.26
CA GLY B 368 9.48 -63.90 18.59
C GLY B 368 8.41 -63.95 19.67
N LEU B 369 8.81 -64.50 20.82
CA LEU B 369 7.90 -64.61 21.96
C LEU B 369 7.58 -63.25 22.55
N GLU B 370 8.52 -62.31 22.44
CA GLU B 370 8.33 -60.96 22.95
C GLU B 370 7.50 -60.10 22.01
N LYS B 371 7.30 -60.54 20.75
CA LYS B 371 6.76 -59.69 19.68
C LYS B 371 5.33 -59.25 19.92
N ARG B 372 4.56 -60.01 20.71
CA ARG B 372 3.27 -59.51 21.16
C ARG B 372 3.45 -58.41 22.19
N GLN B 373 4.30 -58.65 23.19
CA GLN B 373 4.50 -57.69 24.29
C GLN B 373 5.21 -56.43 23.82
N GLU B 374 6.08 -56.53 22.80
CA GLU B 374 6.68 -55.33 22.22
C GLU B 374 5.66 -54.50 21.46
N SER B 375 4.71 -55.15 20.79
CA SER B 375 3.66 -54.43 20.09
C SER B 375 2.58 -53.90 21.02
N LEU B 376 2.41 -54.52 22.19
CA LEU B 376 1.51 -53.97 23.20
C LEU B 376 2.07 -52.67 23.76
N GLU B 377 3.40 -52.53 23.85
CA GLU B 377 4.01 -51.29 24.29
C GLU B 377 3.82 -50.15 23.29
N LEU B 378 3.67 -50.46 21.99
CA LEU B 378 3.44 -49.43 20.99
C LEU B 378 2.06 -48.81 21.13
N ILE B 379 1.07 -49.62 21.49
CA ILE B 379 -0.28 -49.12 21.66
C ILE B 379 -0.38 -48.31 22.96
N ARG B 380 0.44 -48.65 23.96
CA ARG B 380 0.50 -47.86 25.19
C ARG B 380 1.13 -46.49 24.94
N LYS B 381 2.12 -46.44 24.04
CA LYS B 381 2.76 -45.16 23.71
C LYS B 381 1.83 -44.29 22.90
N GLY B 382 1.13 -44.87 21.92
CA GLY B 382 0.15 -44.12 21.16
C GLY B 382 -1.07 -43.71 21.96
N TYR B 383 -1.38 -44.45 23.03
CA TYR B 383 -2.42 -44.02 23.97
C TYR B 383 -1.99 -42.76 24.71
N THR B 384 -0.73 -42.71 25.15
CA THR B 384 -0.19 -41.52 25.81
C THR B 384 -0.08 -40.36 24.82
N GLN B 385 0.23 -40.65 23.56
CA GLN B 385 0.31 -39.59 22.55
C GLN B 385 -1.06 -39.05 22.16
N GLN B 386 -2.06 -39.93 22.05
CA GLN B 386 -3.40 -39.48 21.66
C GLN B 386 -4.10 -38.76 22.79
N LEU B 387 -3.65 -38.99 24.02
CA LEU B 387 -4.17 -38.29 25.18
C LEU B 387 -3.74 -36.83 25.23
N ALA B 388 -2.72 -36.44 24.44
CA ALA B 388 -2.30 -35.04 24.35
C ALA B 388 -3.35 -34.17 23.66
N PHE B 389 -4.18 -34.76 22.81
CA PHE B 389 -5.23 -34.06 22.09
C PHE B 389 -6.56 -34.07 22.83
N ARG B 390 -6.61 -34.71 23.99
CA ARG B 390 -7.82 -34.73 24.79
C ARG B 390 -8.03 -33.38 25.45
N GLN B 391 -9.16 -32.74 25.16
CA GLN B 391 -9.44 -31.44 25.74
C GLN B 391 -10.04 -31.59 27.13
N LYS B 392 -10.51 -30.47 27.69
CA LYS B 392 -10.90 -30.40 29.09
C LYS B 392 -12.25 -31.07 29.35
N SER B 393 -13.14 -31.05 28.35
CA SER B 393 -14.47 -31.64 28.47
C SER B 393 -14.52 -33.09 28.00
N SER B 394 -13.38 -33.80 28.07
CA SER B 394 -13.13 -35.16 27.55
C SER B 394 -13.32 -35.29 26.03
N ALA B 395 -13.35 -34.17 25.31
CA ALA B 395 -13.46 -34.17 23.85
C ALA B 395 -12.08 -34.05 23.23
N TYR B 396 -12.02 -34.22 21.92
CA TYR B 396 -10.74 -34.25 21.20
C TYR B 396 -10.76 -33.25 20.05
N ALA B 397 -9.78 -32.36 20.05
CA ALA B 397 -9.56 -31.41 18.96
C ALA B 397 -8.28 -31.78 18.22
N ALA B 398 -8.22 -31.40 16.94
CA ALA B 398 -7.09 -31.82 16.09
C ALA B 398 -5.82 -31.06 16.41
N PHE B 399 -5.92 -29.87 16.99
CA PHE B 399 -4.76 -29.06 17.34
C PHE B 399 -4.99 -28.52 18.74
N GLN B 400 -3.99 -27.83 19.28
CA GLN B 400 -3.92 -27.60 20.72
C GLN B 400 -4.93 -26.56 21.21
N TYR B 401 -5.21 -25.53 20.41
CA TYR B 401 -6.11 -24.45 20.82
C TYR B 401 -7.27 -24.31 19.84
N ARG B 402 -7.82 -25.43 19.39
CA ARG B 402 -8.93 -25.43 18.46
C ARG B 402 -10.19 -25.97 19.14
N PRO B 403 -11.39 -25.61 18.64
CA PRO B 403 -12.60 -26.23 19.17
C PRO B 403 -12.67 -27.70 18.80
N PRO B 404 -13.36 -28.52 19.60
CA PRO B 404 -13.30 -29.97 19.41
C PRO B 404 -14.06 -30.45 18.19
N SER B 405 -13.50 -31.46 17.52
CA SER B 405 -14.07 -32.04 16.32
C SER B 405 -14.90 -33.27 16.69
N THR B 406 -16.19 -33.25 16.30
CA THR B 406 -17.09 -34.39 16.53
C THR B 406 -16.66 -35.61 15.71
N TRP B 407 -16.13 -35.37 14.50
CA TRP B 407 -15.59 -36.44 13.65
C TRP B 407 -14.38 -37.10 14.30
N LEU B 408 -13.49 -36.30 14.91
CA LEU B 408 -12.31 -36.85 15.57
C LEU B 408 -12.68 -37.57 16.85
N THR B 409 -13.52 -36.95 17.69
CA THR B 409 -13.91 -37.48 19.00
C THR B 409 -14.62 -38.83 18.87
N ALA B 410 -15.39 -39.01 17.79
CA ALA B 410 -15.89 -40.32 17.39
C ALA B 410 -14.75 -41.28 17.08
N TYR B 411 -13.78 -40.85 16.25
CA TYR B 411 -12.70 -41.73 15.82
C TYR B 411 -11.77 -42.12 16.97
N VAL B 412 -11.66 -41.28 18.00
CA VAL B 412 -10.93 -41.65 19.20
C VAL B 412 -11.68 -42.73 20.00
N VAL B 413 -13.03 -42.65 20.04
CA VAL B 413 -13.85 -43.67 20.71
C VAL B 413 -13.72 -45.03 20.02
N LYS B 414 -13.58 -45.04 18.69
CA LYS B 414 -13.49 -46.29 17.94
C LYS B 414 -12.18 -47.03 18.19
N VAL B 415 -11.06 -46.30 18.19
CA VAL B 415 -9.77 -46.95 18.34
C VAL B 415 -9.50 -47.29 19.80
N PHE B 416 -10.04 -46.49 20.73
CA PHE B 416 -9.86 -46.78 22.17
C PHE B 416 -10.68 -47.99 22.59
N ALA B 417 -11.87 -48.18 22.00
CA ALA B 417 -12.69 -49.34 22.32
C ALA B 417 -12.07 -50.63 21.78
N LEU B 418 -11.43 -50.57 20.62
CA LEU B 418 -10.72 -51.73 20.10
C LEU B 418 -9.48 -52.04 20.92
N ALA B 419 -8.73 -51.00 21.30
CA ALA B 419 -7.53 -51.18 22.11
C ALA B 419 -7.83 -51.51 23.57
N ALA B 420 -9.09 -51.39 24.01
CA ALA B 420 -9.45 -51.76 25.37
C ALA B 420 -9.43 -53.27 25.60
N ASN B 421 -9.48 -54.06 24.53
CA ASN B 421 -9.39 -55.51 24.63
C ASN B 421 -7.93 -55.95 24.76
N LEU B 422 -7.00 -55.09 24.37
CA LEU B 422 -5.57 -55.40 24.35
C LEU B 422 -4.77 -54.61 25.39
N ILE B 423 -5.08 -53.33 25.54
CA ILE B 423 -4.38 -52.38 26.41
C ILE B 423 -5.36 -51.85 27.45
N ALA B 424 -4.85 -51.45 28.62
CA ALA B 424 -5.66 -50.83 29.65
C ALA B 424 -5.97 -49.40 29.25
N ILE B 425 -7.19 -49.19 28.74
CA ILE B 425 -7.72 -47.87 28.42
C ILE B 425 -8.68 -47.48 29.54
N ASP B 426 -8.59 -46.21 29.99
CA ASP B 426 -9.45 -45.68 31.05
C ASP B 426 -10.88 -45.72 30.53
N SER B 427 -11.67 -46.66 31.07
CA SER B 427 -13.05 -46.84 30.67
C SER B 427 -13.91 -45.63 31.03
N LYS B 428 -13.70 -45.06 32.21
CA LYS B 428 -14.47 -43.88 32.67
C LYS B 428 -14.22 -42.68 31.76
N ASP B 429 -12.97 -42.43 31.39
CA ASP B 429 -12.64 -41.37 30.44
C ASP B 429 -13.20 -41.66 29.06
N LEU B 430 -13.20 -42.93 28.65
CA LEU B 430 -13.75 -43.33 27.35
C LEU B 430 -15.25 -43.07 27.31
N CYS B 431 -15.98 -43.50 28.33
CA CYS B 431 -17.42 -43.30 28.37
C CYS B 431 -17.80 -41.85 28.70
N GLU B 432 -16.90 -41.08 29.34
CA GLU B 432 -17.16 -39.64 29.45
C GLU B 432 -16.97 -38.96 28.10
N THR B 433 -16.07 -39.48 27.27
CA THR B 433 -15.93 -39.01 25.90
C THR B 433 -17.13 -39.44 25.06
N VAL B 434 -17.67 -40.63 25.33
CA VAL B 434 -18.91 -41.09 24.71
C VAL B 434 -20.09 -40.21 25.13
N LYS B 435 -20.19 -39.90 26.44
CA LYS B 435 -21.29 -39.09 26.98
C LYS B 435 -21.28 -37.66 26.44
N TRP B 436 -20.11 -37.14 26.07
CA TRP B 436 -20.03 -35.87 25.37
C TRP B 436 -20.59 -35.96 23.96
N LEU B 437 -20.47 -37.12 23.30
CA LEU B 437 -20.97 -37.25 21.95
C LEU B 437 -22.49 -37.38 21.91
N ILE B 438 -23.09 -38.08 22.89
CA ILE B 438 -24.54 -38.26 22.92
C ILE B 438 -25.22 -36.96 23.32
N LEU B 439 -24.69 -36.29 24.34
CA LEU B 439 -25.40 -35.15 24.91
C LEU B 439 -25.14 -33.87 24.12
N GLU B 440 -23.86 -33.53 23.89
CA GLU B 440 -23.54 -32.24 23.30
C GLU B 440 -23.72 -32.22 21.78
N LYS B 441 -23.55 -33.36 21.11
CA LYS B 441 -23.43 -33.33 19.65
C LYS B 441 -24.48 -34.12 18.88
N GLN B 442 -25.38 -34.85 19.55
CA GLN B 442 -26.42 -35.57 18.83
C GLN B 442 -27.71 -34.76 18.84
N LYS B 443 -28.24 -34.47 17.65
CA LYS B 443 -29.55 -33.89 17.48
C LYS B 443 -30.64 -34.92 17.82
N PRO B 444 -31.86 -34.50 18.18
CA PRO B 444 -32.90 -35.49 18.56
C PRO B 444 -33.43 -36.37 17.42
N ASP B 445 -33.09 -36.09 16.16
CA ASP B 445 -33.44 -36.96 15.06
C ASP B 445 -32.31 -37.92 14.67
N GLY B 446 -31.29 -38.06 15.52
CA GLY B 446 -30.22 -39.01 15.30
C GLY B 446 -28.96 -38.43 14.67
N ILE B 447 -29.05 -37.23 14.10
CA ILE B 447 -27.92 -36.59 13.42
C ILE B 447 -26.86 -36.19 14.44
N PHE B 448 -25.60 -36.55 14.16
CA PHE B 448 -24.48 -36.01 14.91
C PHE B 448 -23.93 -34.77 14.21
N GLN B 449 -23.79 -33.70 14.98
CA GLN B 449 -23.46 -32.38 14.47
C GLN B 449 -21.97 -32.10 14.66
N GLU B 450 -21.35 -31.48 13.66
CA GLU B 450 -19.95 -31.09 13.73
C GLU B 450 -19.86 -29.59 14.00
N ASP B 451 -19.42 -29.23 15.20
CA ASP B 451 -19.28 -27.82 15.57
C ASP B 451 -17.84 -27.34 15.56
N GLY B 452 -16.87 -28.25 15.47
CA GLY B 452 -15.49 -27.86 15.24
C GLY B 452 -15.22 -27.70 13.77
N PRO B 453 -13.97 -27.37 13.41
CA PRO B 453 -13.61 -27.32 11.98
C PRO B 453 -13.59 -28.70 11.35
N VAL B 454 -14.11 -28.78 10.13
CA VAL B 454 -14.28 -30.05 9.45
C VAL B 454 -12.92 -30.56 8.99
N ILE B 455 -12.62 -31.82 9.28
CA ILE B 455 -11.32 -32.42 8.99
C ILE B 455 -11.33 -33.16 7.66
N HIS B 456 -12.21 -34.15 7.54
CA HIS B 456 -12.32 -34.97 6.35
C HIS B 456 -13.27 -34.34 5.34
N GLN B 457 -12.94 -34.46 4.04
CA GLN B 457 -13.70 -33.83 2.96
C GLN B 457 -15.12 -34.39 2.88
N GLU B 458 -15.28 -35.68 3.12
CA GLU B 458 -16.53 -36.40 2.96
C GLU B 458 -17.48 -36.23 4.14
N MET B 459 -17.33 -35.19 4.97
CA MET B 459 -18.26 -34.93 6.06
C MET B 459 -19.10 -33.68 5.82
N ILE B 460 -19.30 -33.28 4.56
CA ILE B 460 -20.16 -32.15 4.20
C ILE B 460 -21.21 -32.64 3.21
N GLY B 461 -22.48 -32.34 3.51
CA GLY B 461 -23.55 -32.48 2.53
C GLY B 461 -23.52 -31.34 1.53
N GLY B 462 -23.16 -31.61 0.28
CA GLY B 462 -22.85 -30.53 -0.65
C GLY B 462 -24.08 -29.89 -1.30
N PHE B 463 -24.04 -28.55 -1.37
CA PHE B 463 -24.93 -27.66 -2.14
C PHE B 463 -26.42 -27.82 -1.90
N ARG B 464 -27.23 -27.77 -2.96
CA ARG B 464 -28.68 -27.89 -2.82
C ARG B 464 -29.16 -29.33 -2.78
N ASP B 465 -28.26 -30.30 -2.63
CA ASP B 465 -28.62 -31.60 -2.09
C ASP B 465 -28.54 -31.47 -0.57
N THR B 466 -29.69 -31.21 0.06
CA THR B 466 -29.85 -31.41 1.49
C THR B 466 -30.02 -32.89 1.81
N ARG B 467 -30.34 -33.69 0.79
CA ARG B 467 -30.04 -35.12 0.81
C ARG B 467 -28.53 -35.29 0.92
N GLU B 468 -28.13 -36.35 1.64
CA GLU B 468 -26.77 -36.76 2.06
C GLU B 468 -26.11 -35.79 3.03
N LYS B 469 -26.84 -34.81 3.56
CA LYS B 469 -26.33 -33.97 4.62
C LYS B 469 -26.34 -34.77 5.91
N ASP B 470 -25.18 -34.82 6.57
CA ASP B 470 -24.88 -35.49 7.84
C ASP B 470 -25.00 -37.01 7.81
N VAL B 471 -25.16 -37.63 6.64
CA VAL B 471 -25.33 -39.07 6.58
C VAL B 471 -23.99 -39.77 6.81
N SER B 472 -22.92 -39.25 6.19
CA SER B 472 -21.58 -39.82 6.38
C SER B 472 -21.04 -39.58 7.78
N LEU B 473 -21.44 -38.49 8.44
CA LEU B 473 -20.94 -38.25 9.78
C LEU B 473 -21.68 -39.08 10.83
N THR B 474 -23.01 -39.22 10.67
CA THR B 474 -23.83 -40.02 11.60
C THR B 474 -23.45 -41.50 11.52
N ALA B 475 -23.10 -41.97 10.32
CA ALA B 475 -22.61 -43.32 10.14
C ALA B 475 -21.24 -43.51 10.80
N PHE B 476 -20.36 -42.51 10.68
CA PHE B 476 -19.00 -42.60 11.24
C PHE B 476 -19.02 -42.61 12.76
N VAL B 477 -19.92 -41.84 13.38
CA VAL B 477 -20.05 -41.85 14.82
C VAL B 477 -20.70 -43.18 15.28
N LEU B 478 -21.61 -43.73 14.48
CA LEU B 478 -22.36 -44.92 14.88
C LEU B 478 -21.49 -46.18 14.86
N ILE B 479 -20.55 -46.27 13.91
CA ILE B 479 -19.56 -47.35 13.89
C ILE B 479 -18.68 -47.28 15.14
N ALA B 480 -18.35 -46.07 15.56
CA ALA B 480 -17.52 -45.85 16.74
C ALA B 480 -18.26 -46.18 18.04
N LEU B 481 -19.53 -45.77 18.14
CA LEU B 481 -20.31 -46.06 19.34
C LEU B 481 -20.68 -47.54 19.42
N HIS B 482 -20.79 -48.21 18.28
CA HIS B 482 -21.03 -49.65 18.28
C HIS B 482 -19.79 -50.42 18.71
N GLU B 483 -18.61 -49.83 18.51
CA GLU B 483 -17.39 -50.47 18.98
C GLU B 483 -17.25 -50.33 20.49
N ALA B 484 -17.71 -49.20 21.05
CA ALA B 484 -17.76 -48.99 22.49
C ALA B 484 -19.11 -49.36 23.09
N LYS B 485 -19.83 -50.29 22.46
CA LYS B 485 -21.16 -50.67 22.95
C LYS B 485 -21.06 -51.46 24.24
N ASP B 486 -20.16 -52.45 24.29
CA ASP B 486 -20.02 -53.28 25.47
C ASP B 486 -19.12 -52.62 26.52
N ILE B 487 -18.20 -51.76 26.10
CA ILE B 487 -17.26 -51.13 27.02
C ILE B 487 -17.97 -50.07 27.87
N CYS B 488 -18.82 -49.26 27.22
CA CYS B 488 -19.54 -48.18 27.88
C CYS B 488 -21.02 -48.52 28.07
N GLU B 489 -21.31 -49.80 28.34
CA GLU B 489 -22.67 -50.30 28.45
C GLU B 489 -23.40 -49.81 29.70
N ALA B 490 -22.92 -50.22 30.88
CA ALA B 490 -23.52 -49.75 32.12
C ALA B 490 -23.12 -48.34 32.49
N GLN B 491 -22.05 -47.82 31.88
CA GLN B 491 -21.57 -46.47 32.17
C GLN B 491 -22.52 -45.41 31.61
N VAL B 492 -22.88 -45.54 30.34
CA VAL B 492 -23.79 -44.62 29.67
C VAL B 492 -25.09 -45.37 29.41
N ASN B 493 -26.18 -44.87 30.00
CA ASN B 493 -27.49 -45.46 29.76
C ASN B 493 -28.14 -44.96 28.49
N SER B 494 -27.50 -44.05 27.78
CA SER B 494 -28.02 -43.48 26.55
C SER B 494 -27.44 -44.11 25.31
N LEU B 495 -26.45 -45.02 25.45
CA LEU B 495 -25.76 -45.58 24.29
C LEU B 495 -26.62 -46.51 23.46
N GLY B 496 -27.47 -47.31 24.11
CA GLY B 496 -28.34 -48.21 23.37
C GLY B 496 -29.39 -47.48 22.56
N ARG B 497 -29.89 -46.37 23.11
CA ARG B 497 -30.91 -45.60 22.38
C ARG B 497 -30.30 -44.73 21.30
N SER B 498 -29.09 -44.21 21.53
CA SER B 498 -28.43 -43.34 20.55
C SER B 498 -27.92 -44.10 19.33
N ILE B 499 -27.49 -45.34 19.53
CA ILE B 499 -27.08 -46.21 18.43
C ILE B 499 -28.28 -46.56 17.56
N ALA B 500 -29.43 -46.81 18.19
CA ALA B 500 -30.64 -47.15 17.44
C ALA B 500 -31.21 -45.93 16.71
N LYS B 501 -31.16 -44.75 17.34
CA LYS B 501 -31.63 -43.51 16.71
C LYS B 501 -30.79 -43.13 15.49
N ALA B 502 -29.48 -43.33 15.57
CA ALA B 502 -28.61 -43.13 14.42
C ALA B 502 -28.87 -44.18 13.35
N GLY B 503 -29.19 -45.40 13.76
CA GLY B 503 -29.52 -46.46 12.81
C GLY B 503 -30.86 -46.26 12.12
N ASP B 504 -31.82 -45.62 12.80
CA ASP B 504 -33.10 -45.32 12.17
C ASP B 504 -32.99 -44.17 11.17
N PHE B 505 -32.10 -43.21 11.42
CA PHE B 505 -31.95 -42.07 10.51
C PHE B 505 -31.29 -42.49 9.20
N LEU B 506 -30.29 -43.36 9.27
CA LEU B 506 -29.62 -43.84 8.06
C LEU B 506 -30.51 -44.78 7.25
N GLU B 507 -31.38 -45.54 7.94
CA GLU B 507 -32.25 -46.47 7.23
C GLU B 507 -33.38 -45.73 6.51
N ASN B 508 -33.90 -44.67 7.11
CA ASN B 508 -34.99 -43.91 6.51
C ASN B 508 -34.51 -43.02 5.37
N HIS B 509 -33.25 -42.57 5.41
CA HIS B 509 -32.70 -41.68 4.40
C HIS B 509 -31.83 -42.41 3.37
N TYR B 510 -31.88 -43.74 3.31
CA TYR B 510 -30.97 -44.49 2.45
C TYR B 510 -31.36 -44.41 0.98
N ARG B 511 -32.66 -44.25 0.67
CA ARG B 511 -33.11 -44.17 -0.72
C ARG B 511 -32.64 -42.89 -1.41
N GLU B 512 -32.33 -41.84 -0.65
CA GLU B 512 -31.92 -40.55 -1.17
C GLU B 512 -30.43 -40.46 -1.46
N LEU B 513 -29.64 -41.47 -1.08
CA LEU B 513 -28.19 -41.43 -1.25
C LEU B 513 -27.80 -41.63 -2.70
N ARG B 514 -26.70 -40.98 -3.11
CA ARG B 514 -26.24 -41.05 -4.50
C ARG B 514 -24.74 -41.25 -4.66
N ARG B 515 -23.89 -40.79 -3.73
CA ARG B 515 -22.44 -40.92 -3.86
C ARG B 515 -21.99 -42.28 -3.32
N PRO B 516 -20.96 -42.89 -3.95
CA PRO B 516 -20.54 -44.24 -3.55
C PRO B 516 -19.92 -44.35 -2.16
N TYR B 517 -19.27 -43.30 -1.65
CA TYR B 517 -18.75 -43.30 -0.28
C TYR B 517 -19.89 -43.33 0.72
N THR B 518 -20.91 -42.49 0.51
CA THR B 518 -21.99 -42.35 1.48
C THR B 518 -22.89 -43.56 1.51
N VAL B 519 -23.07 -44.24 0.36
CA VAL B 519 -23.80 -45.49 0.32
C VAL B 519 -23.05 -46.57 1.09
N ALA B 520 -21.71 -46.58 0.97
CA ALA B 520 -20.92 -47.63 1.57
C ALA B 520 -20.70 -47.44 3.06
N ILE B 521 -20.44 -46.21 3.52
CA ILE B 521 -20.18 -45.98 4.94
C ILE B 521 -21.47 -46.07 5.76
N ALA B 522 -22.62 -45.77 5.16
CA ALA B 522 -23.87 -45.95 5.86
C ALA B 522 -24.31 -47.40 5.86
N ALA B 523 -23.82 -48.20 4.90
CA ALA B 523 -24.17 -49.62 4.87
C ALA B 523 -23.52 -50.39 5.99
N TYR B 524 -22.25 -50.08 6.29
CA TYR B 524 -21.53 -50.75 7.36
C TYR B 524 -22.08 -50.36 8.73
N ALA B 525 -22.56 -49.13 8.87
CA ALA B 525 -23.26 -48.73 10.08
C ALA B 525 -24.59 -49.46 10.23
N LEU B 526 -25.25 -49.78 9.10
CA LEU B 526 -26.47 -50.60 9.16
C LEU B 526 -26.15 -52.08 9.23
N ALA B 527 -25.01 -52.52 8.68
CA ALA B 527 -24.65 -53.93 8.73
C ALA B 527 -24.27 -54.38 10.14
N LEU B 528 -23.70 -53.46 10.94
CA LEU B 528 -23.43 -53.75 12.34
C LEU B 528 -24.71 -53.90 13.16
N LEU B 529 -25.78 -53.25 12.72
CA LEU B 529 -27.08 -53.37 13.37
C LEU B 529 -27.97 -54.40 12.69
N GLY B 530 -27.49 -55.08 11.64
CA GLY B 530 -28.31 -56.03 10.93
C GLY B 530 -29.34 -55.42 10.03
N LYS B 531 -29.23 -54.13 9.73
CA LYS B 531 -30.25 -53.40 8.98
C LYS B 531 -29.87 -53.18 7.52
N LEU B 532 -28.89 -53.93 7.01
CA LEU B 532 -28.58 -53.91 5.59
C LEU B 532 -29.27 -55.11 4.92
N GLU B 533 -30.60 -55.01 4.88
CA GLU B 533 -31.45 -55.95 4.18
C GLU B 533 -32.44 -55.16 3.34
N GLY B 534 -33.14 -55.86 2.43
CA GLY B 534 -34.20 -55.23 1.67
C GLY B 534 -33.64 -54.28 0.62
N ASP B 535 -34.30 -53.13 0.47
CA ASP B 535 -33.85 -52.10 -0.48
C ASP B 535 -32.57 -51.40 -0.04
N ARG B 536 -32.21 -51.45 1.24
CA ARG B 536 -30.91 -50.95 1.67
C ARG B 536 -29.80 -51.84 1.15
N LEU B 537 -30.07 -53.14 1.05
CA LEU B 537 -29.08 -54.09 0.55
C LEU B 537 -28.91 -53.95 -0.96
N THR B 538 -30.02 -53.89 -1.70
CA THR B 538 -29.93 -53.83 -3.16
C THR B 538 -29.43 -52.49 -3.66
N LYS B 539 -29.63 -51.41 -2.89
CA LYS B 539 -29.03 -50.13 -3.28
C LYS B 539 -27.53 -50.13 -3.04
N PHE B 540 -27.09 -50.77 -1.96
CA PHE B 540 -25.68 -50.89 -1.63
C PHE B 540 -24.93 -51.73 -2.66
N LEU B 541 -25.54 -52.83 -3.11
CA LEU B 541 -24.89 -53.70 -4.08
C LEU B 541 -24.90 -53.11 -5.48
N ASN B 542 -25.95 -52.37 -5.85
CA ASN B 542 -26.03 -51.78 -7.18
C ASN B 542 -25.21 -50.50 -7.33
N THR B 543 -24.75 -49.93 -6.21
CA THR B 543 -23.89 -48.75 -6.27
C THR B 543 -22.49 -49.11 -6.75
N ALA B 544 -22.08 -50.36 -6.52
CA ALA B 544 -20.72 -50.81 -6.82
C ALA B 544 -20.45 -50.94 -8.31
N LYS B 545 -19.36 -50.32 -8.75
CA LYS B 545 -18.92 -50.46 -10.13
C LYS B 545 -18.12 -51.75 -10.27
N GLU B 546 -18.49 -52.56 -11.27
CA GLU B 546 -17.80 -53.79 -11.71
C GLU B 546 -17.72 -54.88 -10.63
N LYS B 547 -18.68 -54.88 -9.70
CA LYS B 547 -18.88 -55.87 -8.62
C LYS B 547 -17.67 -56.01 -7.67
N ASN B 548 -16.78 -55.02 -7.64
CA ASN B 548 -15.56 -55.13 -6.83
C ASN B 548 -15.12 -53.83 -6.18
N ARG B 549 -15.68 -52.68 -6.54
CA ARG B 549 -15.25 -51.43 -5.94
C ARG B 549 -16.45 -50.49 -5.85
N TRP B 550 -16.37 -49.57 -4.88
CA TRP B 550 -17.35 -48.52 -4.65
C TRP B 550 -16.61 -47.22 -4.89
N GLU B 551 -16.44 -46.85 -6.17
CA GLU B 551 -15.60 -45.71 -6.49
C GLU B 551 -16.39 -44.62 -7.19
N GLU B 552 -15.85 -43.41 -7.10
CA GLU B 552 -16.33 -42.24 -7.78
C GLU B 552 -15.13 -41.57 -8.43
N PRO B 553 -15.29 -41.05 -9.66
CA PRO B 553 -14.21 -40.30 -10.34
C PRO B 553 -13.68 -39.11 -9.55
N ASN B 554 -12.38 -38.83 -9.76
CA ASN B 554 -11.58 -37.77 -9.12
C ASN B 554 -11.42 -38.06 -7.61
N GLN B 555 -11.47 -39.32 -7.22
CA GLN B 555 -11.26 -39.70 -5.83
C GLN B 555 -10.37 -40.94 -5.82
N LYS B 556 -9.39 -40.96 -4.92
CA LYS B 556 -8.43 -42.05 -4.88
C LYS B 556 -8.53 -42.77 -3.55
N LEU B 557 -7.96 -42.13 -2.52
CA LEU B 557 -7.97 -42.67 -1.17
C LEU B 557 -9.37 -42.75 -0.60
N TYR B 558 -10.26 -41.81 -0.97
CA TYR B 558 -11.64 -41.84 -0.53
C TYR B 558 -12.37 -43.06 -1.07
N ASN B 559 -12.03 -43.46 -2.29
CA ASN B 559 -12.59 -44.68 -2.89
C ASN B 559 -12.07 -45.92 -2.18
N VAL B 560 -10.81 -45.91 -1.73
CA VAL B 560 -10.25 -47.03 -0.98
C VAL B 560 -10.94 -47.16 0.38
N GLU B 561 -11.25 -46.03 1.03
CA GLU B 561 -12.03 -46.04 2.26
C GLU B 561 -13.45 -46.56 2.03
N ALA B 562 -14.08 -46.14 0.94
CA ALA B 562 -15.46 -46.55 0.62
C ALA B 562 -15.56 -48.04 0.35
N THR B 563 -14.61 -48.58 -0.42
CA THR B 563 -14.60 -50.00 -0.71
C THR B 563 -14.22 -50.82 0.54
N SER B 564 -13.45 -50.24 1.45
CA SER B 564 -13.12 -50.91 2.71
C SER B 564 -14.30 -50.91 3.67
N TYR B 565 -15.05 -49.80 3.72
CA TYR B 565 -16.30 -49.77 4.48
C TYR B 565 -17.33 -50.71 3.88
N ALA B 566 -17.29 -50.89 2.56
CA ALA B 566 -18.21 -51.80 1.89
C ALA B 566 -17.84 -53.26 2.13
N LEU B 567 -16.54 -53.56 2.15
CA LEU B 567 -16.06 -54.91 2.44
C LEU B 567 -16.37 -55.29 3.87
N LEU B 568 -16.22 -54.33 4.80
CA LEU B 568 -16.61 -54.56 6.19
C LEU B 568 -18.12 -54.71 6.36
N ALA B 569 -18.90 -54.06 5.49
CA ALA B 569 -20.36 -54.23 5.50
C ALA B 569 -20.77 -55.62 5.02
N LEU B 570 -20.08 -56.13 4.00
CA LEU B 570 -20.41 -57.43 3.45
C LEU B 570 -19.95 -58.55 4.37
N LEU B 571 -18.80 -58.37 5.03
CA LEU B 571 -18.29 -59.37 5.97
C LEU B 571 -19.11 -59.42 7.25
N ALA B 572 -19.69 -58.27 7.65
CA ALA B 572 -20.62 -58.24 8.78
C ALA B 572 -21.93 -58.91 8.44
N ARG B 573 -22.32 -58.91 7.15
CA ARG B 573 -23.51 -59.60 6.68
C ARG B 573 -23.27 -61.09 6.42
N LYS B 574 -22.04 -61.57 6.65
CA LYS B 574 -21.57 -62.93 6.34
C LYS B 574 -21.77 -63.27 4.86
N ASP B 575 -21.53 -62.28 4.00
CA ASP B 575 -21.62 -62.44 2.55
C ASP B 575 -20.25 -62.81 1.98
N TYR B 576 -19.74 -63.96 2.42
CA TYR B 576 -18.38 -64.39 2.08
C TYR B 576 -18.21 -64.75 0.62
N ASP B 577 -19.29 -65.06 -0.10
CA ASP B 577 -19.21 -65.39 -1.51
C ASP B 577 -19.12 -64.15 -2.41
N THR B 578 -19.55 -62.99 -1.91
CA THR B 578 -19.55 -61.74 -2.68
C THR B 578 -18.22 -60.99 -2.55
N THR B 579 -17.55 -61.09 -1.40
CA THR B 579 -16.31 -60.41 -1.05
C THR B 579 -14.96 -60.68 -1.75
N PRO B 580 -14.65 -61.83 -2.40
CA PRO B 580 -13.30 -61.98 -3.05
C PRO B 580 -12.96 -60.99 -4.16
N PRO B 581 -13.87 -60.50 -5.03
CA PRO B 581 -13.42 -59.42 -5.93
C PRO B 581 -13.17 -58.08 -5.24
N VAL B 582 -13.91 -57.79 -4.16
CA VAL B 582 -13.69 -56.57 -3.38
C VAL B 582 -12.35 -56.64 -2.67
N VAL B 583 -11.95 -57.84 -2.23
CA VAL B 583 -10.67 -58.05 -1.57
C VAL B 583 -9.51 -57.87 -2.55
N ARG B 584 -9.65 -58.40 -3.77
CA ARG B 584 -8.63 -58.30 -4.79
C ARG B 584 -8.44 -56.87 -5.27
N TRP B 585 -9.53 -56.08 -5.34
CA TRP B 585 -9.41 -54.68 -5.77
C TRP B 585 -8.67 -53.85 -4.74
N LEU B 586 -9.08 -53.95 -3.47
CA LEU B 586 -8.43 -53.23 -2.37
C LEU B 586 -6.98 -53.63 -2.17
N ASN B 587 -6.64 -54.86 -2.55
CA ASN B 587 -5.26 -55.35 -2.53
C ASN B 587 -4.34 -54.59 -3.47
N GLU B 588 -4.86 -54.06 -4.58
CA GLU B 588 -3.97 -53.48 -5.58
C GLU B 588 -4.13 -51.97 -5.74
N GLN B 589 -4.75 -51.28 -4.78
CA GLN B 589 -4.82 -49.81 -4.84
C GLN B 589 -3.71 -49.18 -4.01
N ARG B 590 -2.47 -49.61 -4.24
CA ARG B 590 -1.32 -49.11 -3.51
C ARG B 590 -0.51 -48.14 -4.38
N TYR B 591 -1.05 -46.94 -4.54
CA TYR B 591 -0.48 -45.98 -5.48
C TYR B 591 0.75 -45.25 -4.97
N TYR B 592 0.98 -45.23 -3.66
CA TYR B 592 1.91 -44.30 -3.04
C TYR B 592 3.03 -45.07 -2.36
N GLY B 593 4.10 -45.33 -3.11
CA GLY B 593 5.25 -46.07 -2.61
C GLY B 593 4.97 -47.52 -2.29
N GLY B 594 3.99 -48.13 -2.94
CA GLY B 594 3.54 -49.46 -2.60
C GLY B 594 2.60 -49.53 -1.43
N GLY B 595 2.20 -48.38 -0.88
CA GLY B 595 1.25 -48.33 0.22
C GLY B 595 0.10 -47.41 -0.09
N TYR B 596 -0.70 -47.10 0.93
CA TYR B 596 -1.94 -46.35 0.73
C TYR B 596 -1.84 -44.90 1.16
N GLY B 597 -0.62 -44.39 1.35
CA GLY B 597 -0.39 -42.96 1.43
C GLY B 597 -0.84 -42.25 2.69
N SER B 598 -2.14 -42.02 2.82
CA SER B 598 -2.69 -41.24 3.93
C SER B 598 -3.03 -42.16 5.10
N THR B 599 -3.59 -41.58 6.16
CA THR B 599 -3.87 -42.34 7.37
C THR B 599 -5.20 -43.09 7.32
N GLN B 600 -6.31 -42.37 7.07
CA GLN B 600 -7.65 -42.97 7.09
C GLN B 600 -7.84 -43.96 5.95
N ALA B 601 -7.12 -43.80 4.83
CA ALA B 601 -7.10 -44.82 3.79
C ALA B 601 -6.41 -46.09 4.28
N THR B 602 -5.23 -45.94 4.92
CA THR B 602 -4.44 -47.09 5.36
C THR B 602 -5.11 -47.83 6.51
N PHE B 603 -5.69 -47.11 7.49
CA PHE B 603 -6.34 -47.75 8.63
C PHE B 603 -7.62 -48.47 8.25
N MET B 604 -8.26 -48.11 7.12
CA MET B 604 -9.50 -48.74 6.70
C MET B 604 -9.26 -49.97 5.84
N VAL B 605 -8.29 -49.94 4.93
CA VAL B 605 -8.05 -51.09 4.07
C VAL B 605 -7.32 -52.20 4.84
N PHE B 606 -6.51 -51.84 5.84
CA PHE B 606 -5.89 -52.80 6.76
C PHE B 606 -6.98 -53.49 7.58
N GLN B 607 -7.98 -52.74 8.05
CA GLN B 607 -9.05 -53.32 8.85
C GLN B 607 -9.93 -54.24 8.01
N ALA B 608 -10.23 -53.84 6.77
CA ALA B 608 -11.08 -54.63 5.90
C ALA B 608 -10.36 -55.87 5.38
N LEU B 609 -9.07 -55.76 5.06
CA LEU B 609 -8.37 -56.93 4.52
C LEU B 609 -8.06 -57.95 5.62
N ALA B 610 -7.72 -57.48 6.82
CA ALA B 610 -7.49 -58.40 7.94
C ALA B 610 -8.78 -59.04 8.40
N GLN B 611 -9.93 -58.35 8.25
CA GLN B 611 -11.22 -58.94 8.61
C GLN B 611 -11.60 -60.07 7.67
N TYR B 612 -11.16 -59.99 6.41
CA TYR B 612 -11.38 -61.09 5.47
C TYR B 612 -10.56 -62.31 5.84
N GLN B 613 -9.27 -62.13 6.14
CA GLN B 613 -8.43 -63.25 6.56
C GLN B 613 -8.76 -63.74 7.97
N LYS B 614 -9.46 -62.94 8.78
CA LYS B 614 -9.88 -63.34 10.12
C LYS B 614 -10.90 -64.46 10.08
N ASP B 615 -12.03 -64.21 9.41
CA ASP B 615 -13.15 -65.15 9.45
C ASP B 615 -13.34 -65.94 8.16
N VAL B 616 -12.44 -65.79 7.18
CA VAL B 616 -12.31 -66.75 6.09
C VAL B 616 -10.87 -67.26 6.15
N PRO B 617 -10.57 -68.28 6.99
CA PRO B 617 -9.18 -68.77 7.12
C PRO B 617 -8.85 -69.87 6.11
N ASP B 618 -8.95 -69.53 4.82
CA ASP B 618 -8.57 -70.41 3.73
C ASP B 618 -7.12 -70.20 3.30
N HIS B 619 -6.28 -69.66 4.18
CA HIS B 619 -4.87 -69.41 3.92
C HIS B 619 -3.98 -70.51 4.46
N LYS B 620 -4.55 -71.52 5.13
CA LYS B 620 -3.75 -72.65 5.62
C LYS B 620 -3.33 -73.60 4.51
N GLU B 621 -3.91 -73.46 3.31
CA GLU B 621 -3.54 -74.24 2.14
C GLU B 621 -2.69 -73.43 1.17
N LEU B 622 -1.84 -72.55 1.69
CA LEU B 622 -1.00 -71.72 0.84
C LEU B 622 0.22 -72.52 0.39
N ASN B 623 0.45 -72.50 -0.92
CA ASN B 623 1.61 -73.15 -1.53
C ASN B 623 1.86 -72.41 -2.83
N LEU B 624 2.52 -71.27 -2.73
CA LEU B 624 2.66 -70.37 -3.86
C LEU B 624 4.10 -70.43 -4.35
N ASP B 625 4.29 -70.78 -5.62
CA ASP B 625 5.62 -70.87 -6.23
C ASP B 625 5.71 -69.75 -7.27
N VAL B 626 6.48 -68.72 -6.93
CA VAL B 626 6.61 -67.52 -7.76
C VAL B 626 8.02 -67.51 -8.33
N SER B 627 8.13 -67.16 -9.61
CA SER B 627 9.43 -67.02 -10.25
C SER B 627 9.51 -65.67 -10.97
N ILE B 628 10.61 -64.95 -10.74
CA ILE B 628 10.85 -63.66 -11.35
C ILE B 628 11.99 -63.82 -12.34
N GLN B 629 11.80 -63.37 -13.58
CA GLN B 629 12.86 -63.42 -14.58
C GLN B 629 13.21 -62.00 -14.98
N LEU B 630 14.33 -61.52 -14.42
CA LEU B 630 14.95 -60.26 -14.80
C LEU B 630 15.88 -60.49 -15.99
N PRO B 631 15.85 -59.59 -16.99
CA PRO B 631 16.78 -59.72 -18.12
C PRO B 631 18.24 -59.48 -17.76
N SER B 632 18.51 -58.74 -16.69
CA SER B 632 19.87 -58.48 -16.26
C SER B 632 20.50 -59.65 -15.51
N ARG B 633 19.73 -60.67 -15.17
CA ARG B 633 20.24 -61.84 -14.45
C ARG B 633 20.14 -63.07 -15.35
N ASN B 634 21.17 -63.90 -15.30
CA ASN B 634 21.20 -65.11 -16.12
C ASN B 634 20.23 -66.16 -15.62
N SER B 635 19.95 -66.17 -14.32
CA SER B 635 19.13 -67.18 -13.68
C SER B 635 17.91 -66.51 -13.06
N ALA B 636 16.74 -67.12 -13.26
CA ALA B 636 15.50 -66.57 -12.73
C ALA B 636 15.43 -66.82 -11.22
N VAL B 637 15.03 -65.78 -10.48
CA VAL B 637 14.84 -65.90 -9.04
C VAL B 637 13.58 -66.71 -8.78
N ARG B 638 13.64 -67.63 -7.83
CA ARG B 638 12.46 -68.39 -7.43
C ARG B 638 12.25 -68.28 -5.93
N HIS B 639 10.97 -68.16 -5.54
CA HIS B 639 10.59 -68.12 -4.14
C HIS B 639 9.37 -69.01 -3.95
N ARG B 640 9.31 -69.68 -2.80
CA ARG B 640 8.15 -70.47 -2.42
C ARG B 640 7.63 -69.96 -1.08
N ILE B 641 6.39 -69.49 -1.09
CA ILE B 641 5.72 -68.99 0.10
C ILE B 641 4.67 -70.02 0.49
N LEU B 642 4.91 -70.73 1.57
CA LEU B 642 3.94 -71.64 2.16
C LEU B 642 3.37 -71.00 3.40
N TRP B 643 2.38 -71.67 4.00
CA TRP B 643 1.70 -71.09 5.15
C TRP B 643 2.59 -71.05 6.40
N GLU B 644 3.31 -72.13 6.66
CA GLU B 644 4.23 -72.18 7.79
C GLU B 644 5.57 -71.49 7.52
N SER B 645 5.98 -71.40 6.25
CA SER B 645 7.34 -71.05 5.84
C SER B 645 7.86 -69.68 6.24
N ALA B 646 8.16 -69.53 7.54
CA ALA B 646 8.68 -68.34 8.23
C ALA B 646 7.95 -67.04 7.87
N SER B 647 8.66 -66.08 7.30
CA SER B 647 8.06 -64.84 6.84
C SER B 647 7.19 -65.10 5.62
N LEU B 648 6.06 -64.41 5.55
CA LEU B 648 5.16 -64.54 4.42
C LEU B 648 5.46 -63.53 3.32
N LEU B 649 6.60 -62.87 3.41
CA LEU B 649 7.00 -61.86 2.44
C LEU B 649 8.44 -62.10 2.02
N ARG B 650 8.69 -62.02 0.70
CA ARG B 650 10.01 -62.15 0.11
C ARG B 650 10.24 -61.00 -0.86
N SER B 651 11.43 -60.41 -0.82
CA SER B 651 11.72 -59.24 -1.63
C SER B 651 12.97 -59.45 -2.48
N GLU B 652 13.04 -58.69 -3.57
CA GLU B 652 14.20 -58.65 -4.46
C GLU B 652 14.45 -57.22 -4.89
N GLU B 653 15.72 -56.89 -5.12
CA GLU B 653 16.13 -55.54 -5.48
C GLU B 653 16.99 -55.58 -6.73
N THR B 654 16.84 -54.58 -7.59
CA THR B 654 17.70 -54.41 -8.75
C THR B 654 18.01 -52.93 -8.95
N LYS B 655 19.18 -52.65 -9.50
CA LYS B 655 19.57 -51.29 -9.84
C LYS B 655 19.16 -50.91 -11.26
N GLU B 656 18.80 -51.89 -12.09
CA GLU B 656 18.39 -51.62 -13.46
C GLU B 656 16.90 -51.31 -13.51
N ASN B 657 16.53 -50.29 -14.28
CA ASN B 657 15.13 -49.99 -14.53
C ASN B 657 14.71 -50.70 -15.81
N GLU B 658 14.39 -51.97 -15.66
CA GLU B 658 14.07 -52.84 -16.79
C GLU B 658 12.69 -53.44 -16.61
N ARG B 659 12.09 -53.85 -17.73
CA ARG B 659 10.86 -54.60 -17.66
C ARG B 659 11.18 -56.06 -17.36
N PHE B 660 10.27 -56.73 -16.66
CA PHE B 660 10.49 -58.13 -16.28
C PHE B 660 9.14 -58.84 -16.20
N THR B 661 9.21 -60.15 -16.08
CA THR B 661 8.04 -61.01 -16.08
C THR B 661 8.02 -61.83 -14.80
N VAL B 662 6.87 -61.84 -14.12
CA VAL B 662 6.65 -62.62 -12.91
C VAL B 662 5.71 -63.76 -13.27
N LYS B 663 6.09 -64.98 -12.88
CA LYS B 663 5.34 -66.19 -13.17
C LYS B 663 5.02 -66.87 -11.83
N ALA B 664 3.73 -67.07 -11.55
CA ALA B 664 3.28 -67.61 -10.27
C ALA B 664 2.45 -68.86 -10.49
N GLU B 665 2.71 -69.88 -9.67
CA GLU B 665 2.01 -71.16 -9.74
C GLU B 665 1.59 -71.57 -8.34
N GLY B 666 0.57 -72.43 -8.28
CA GLY B 666 0.18 -72.98 -6.99
C GLY B 666 -1.19 -72.58 -6.50
N LYS B 667 -1.33 -72.48 -5.19
CA LYS B 667 -2.60 -72.19 -4.55
C LYS B 667 -2.40 -71.05 -3.56
N GLY B 668 -3.43 -70.23 -3.39
CA GLY B 668 -3.40 -69.11 -2.48
C GLY B 668 -3.57 -67.78 -3.19
N GLN B 669 -3.85 -66.76 -2.39
CA GLN B 669 -4.05 -65.40 -2.90
C GLN B 669 -3.00 -64.45 -2.34
N GLY B 670 -2.27 -63.80 -3.24
CA GLY B 670 -1.08 -63.07 -2.84
C GLY B 670 -0.94 -61.71 -3.47
N THR B 671 0.20 -61.04 -3.26
CA THR B 671 0.38 -59.66 -3.70
C THR B 671 1.79 -59.45 -4.24
N LEU B 672 1.88 -58.93 -5.47
CA LEU B 672 3.12 -58.44 -6.06
C LEU B 672 3.15 -56.91 -5.95
N SER B 673 4.30 -56.36 -5.58
CA SER B 673 4.48 -54.91 -5.44
C SER B 673 5.81 -54.52 -6.04
N VAL B 674 5.82 -53.53 -6.94
CA VAL B 674 7.02 -53.07 -7.63
C VAL B 674 7.15 -51.56 -7.45
N VAL B 675 8.16 -51.11 -6.69
CA VAL B 675 8.39 -49.70 -6.40
C VAL B 675 9.82 -49.34 -6.81
N THR B 676 9.97 -48.30 -7.63
CA THR B 676 11.27 -47.77 -8.02
C THR B 676 11.60 -46.51 -7.21
N VAL B 677 12.76 -46.52 -6.55
CA VAL B 677 13.25 -45.38 -5.79
C VAL B 677 14.33 -44.67 -6.60
N TYR B 678 14.13 -43.37 -6.84
CA TYR B 678 15.10 -42.58 -7.59
C TYR B 678 15.02 -41.14 -7.13
N HIS B 679 15.96 -40.33 -7.60
CA HIS B 679 15.98 -38.91 -7.28
C HIS B 679 15.50 -38.14 -8.50
N ALA B 680 14.44 -37.38 -8.31
CA ALA B 680 13.77 -36.68 -9.39
C ALA B 680 14.11 -35.20 -9.40
N LYS B 681 14.35 -34.65 -10.60
CA LYS B 681 14.62 -33.21 -10.75
C LYS B 681 13.40 -32.32 -10.49
N LEU B 682 13.17 -31.33 -11.36
CA LEU B 682 12.08 -30.38 -11.18
C LEU B 682 11.04 -30.44 -12.29
N LYS B 683 11.37 -31.04 -13.45
CA LYS B 683 10.46 -31.10 -14.60
C LYS B 683 9.20 -31.92 -14.33
N GLY B 684 9.30 -33.02 -13.58
CA GLY B 684 8.11 -33.85 -13.35
C GLY B 684 7.14 -33.28 -12.35
N LYS B 685 7.55 -32.25 -11.61
CA LYS B 685 6.76 -31.56 -10.60
C LYS B 685 5.98 -30.38 -11.15
N VAL B 686 5.94 -30.20 -12.48
CA VAL B 686 5.26 -29.05 -13.06
C VAL B 686 3.75 -29.29 -13.06
N SER B 687 3.34 -30.55 -12.95
CA SER B 687 1.93 -30.89 -12.98
C SER B 687 1.32 -30.60 -11.62
N CYS B 688 0.20 -29.87 -11.63
CA CYS B 688 -0.49 -29.52 -10.42
C CYS B 688 -1.92 -29.96 -10.63
N LYS B 689 -2.52 -30.52 -9.58
CA LYS B 689 -3.84 -31.13 -9.68
C LYS B 689 -4.65 -30.63 -8.51
N LYS B 690 -5.80 -30.00 -8.82
CA LYS B 690 -6.80 -29.45 -7.89
C LYS B 690 -6.32 -28.30 -7.00
N PHE B 691 -5.02 -28.00 -6.96
CA PHE B 691 -4.46 -26.92 -6.16
C PHE B 691 -3.76 -25.94 -7.09
N ASP B 692 -3.45 -24.78 -6.54
CA ASP B 692 -2.81 -23.71 -7.28
C ASP B 692 -1.82 -23.09 -6.32
N LEU B 693 -0.58 -22.87 -6.74
CA LEU B 693 0.47 -22.52 -5.78
C LEU B 693 1.46 -21.54 -6.39
N ARG B 694 1.76 -20.47 -5.66
CA ARG B 694 2.72 -19.45 -6.07
C ARG B 694 3.66 -19.16 -4.92
N VAL B 695 4.98 -19.26 -5.17
CA VAL B 695 6.02 -19.08 -4.16
C VAL B 695 7.01 -18.04 -4.69
N SER B 696 7.41 -17.09 -3.83
CA SER B 696 8.45 -16.13 -4.22
C SER B 696 9.28 -15.75 -3.00
N ILE B 697 10.58 -15.59 -3.21
CA ILE B 697 11.55 -15.27 -2.15
C ILE B 697 12.31 -14.01 -2.58
N ARG B 698 12.65 -13.15 -1.61
CA ARG B 698 13.33 -11.89 -1.86
C ARG B 698 14.03 -11.48 -0.57
N PRO B 699 15.17 -10.76 -0.66
CA PRO B 699 15.86 -10.32 0.56
C PRO B 699 15.06 -9.33 1.40
N ALA B 700 15.17 -9.49 2.72
CA ALA B 700 14.46 -8.67 3.69
C ALA B 700 15.00 -7.24 3.69
N PRO B 701 14.23 -6.27 4.22
CA PRO B 701 14.78 -4.92 4.43
C PRO B 701 15.90 -4.91 5.46
N GLU B 702 16.70 -3.85 5.40
CA GLU B 702 17.83 -3.69 6.32
C GLU B 702 17.39 -3.29 7.73
N THR B 703 16.21 -2.66 7.87
CA THR B 703 15.67 -2.30 9.17
C THR B 703 15.07 -3.48 9.92
N VAL B 704 14.97 -4.65 9.28
CA VAL B 704 14.47 -5.85 9.92
C VAL B 704 15.52 -6.38 10.89
N LYS B 705 15.11 -6.63 12.13
CA LYS B 705 15.94 -7.27 13.13
C LYS B 705 16.21 -8.73 12.72
N LYS B 706 17.48 -9.09 12.61
CA LYS B 706 17.95 -10.42 12.21
C LYS B 706 18.75 -11.04 13.36
N PRO B 707 18.85 -12.37 13.43
CA PRO B 707 19.68 -13.01 14.46
C PRO B 707 21.16 -12.73 14.32
N GLN B 708 21.89 -12.97 15.42
CA GLN B 708 23.29 -12.60 15.53
C GLN B 708 24.17 -13.51 14.68
N ASP B 709 23.88 -14.81 14.68
CA ASP B 709 24.58 -15.75 13.82
C ASP B 709 24.00 -15.82 12.42
N ALA B 710 22.91 -15.09 12.15
CA ALA B 710 22.31 -15.06 10.82
C ALA B 710 22.99 -13.97 9.99
N LYS B 711 23.52 -14.35 8.83
CA LYS B 711 24.22 -13.38 7.99
C LYS B 711 23.23 -12.54 7.20
N GLY B 712 22.28 -13.18 6.53
CA GLY B 712 21.23 -12.46 5.82
C GLY B 712 19.86 -12.93 6.27
N SER B 713 18.84 -12.21 5.79
CA SER B 713 17.46 -12.58 6.03
C SER B 713 16.68 -12.37 4.75
N MET B 714 15.71 -13.24 4.51
CA MET B 714 14.84 -13.13 3.36
C MET B 714 13.39 -13.27 3.79
N ILE B 715 12.48 -12.87 2.88
CA ILE B 715 11.05 -12.95 3.10
C ILE B 715 10.47 -13.95 2.12
N LEU B 716 9.87 -15.02 2.66
CA LEU B 716 9.24 -16.05 1.86
C LEU B 716 7.74 -15.83 1.83
N ASP B 717 7.19 -15.65 0.64
CA ASP B 717 5.74 -15.50 0.44
C ASP B 717 5.22 -16.77 -0.22
N ILE B 718 4.17 -17.35 0.36
CA ILE B 718 3.54 -18.57 -0.15
C ILE B 718 2.05 -18.32 -0.24
N CYS B 719 1.50 -18.43 -1.45
CA CYS B 719 0.08 -18.20 -1.70
C CYS B 719 -0.50 -19.45 -2.35
N THR B 720 -1.64 -19.90 -1.86
CA THR B 720 -2.27 -21.10 -2.38
C THR B 720 -3.78 -20.93 -2.50
N LYS B 721 -4.38 -21.70 -3.41
CA LYS B 721 -5.81 -21.67 -3.66
C LYS B 721 -6.24 -23.04 -4.17
N TYR B 722 -7.34 -23.55 -3.63
CA TYR B 722 -7.88 -24.83 -4.06
C TYR B 722 -8.79 -24.61 -5.27
N LEU B 723 -8.77 -25.57 -6.19
CA LEU B 723 -9.53 -25.47 -7.44
C LEU B 723 -10.71 -26.43 -7.48
N GLY B 724 -11.35 -26.62 -6.33
CA GLY B 724 -12.57 -27.39 -6.24
C GLY B 724 -13.77 -26.50 -5.99
N ASP B 725 -14.91 -27.15 -5.81
CA ASP B 725 -16.18 -26.46 -5.61
C ASP B 725 -16.45 -26.10 -4.16
N GLN B 726 -15.63 -26.62 -3.22
CA GLN B 726 -15.73 -26.29 -1.79
C GLN B 726 -14.30 -26.12 -1.28
N ASP B 727 -14.16 -25.64 -0.05
CA ASP B 727 -12.84 -25.43 0.53
C ASP B 727 -12.18 -26.75 0.90
N ALA B 728 -10.86 -26.82 0.73
CA ALA B 728 -10.08 -28.04 0.95
C ALA B 728 -9.75 -28.20 2.43
N THR B 729 -10.49 -29.06 3.11
CA THR B 729 -10.26 -29.27 4.54
C THR B 729 -9.01 -30.11 4.76
N MET B 730 -8.19 -29.67 5.73
CA MET B 730 -6.90 -30.25 6.11
C MET B 730 -5.92 -30.41 4.96
N SER B 731 -5.18 -29.34 4.67
CA SER B 731 -4.08 -29.38 3.72
C SER B 731 -2.77 -29.14 4.44
N ILE B 732 -1.68 -29.58 3.83
CA ILE B 732 -0.34 -29.43 4.40
C ILE B 732 0.59 -28.75 3.41
N LEU B 733 1.28 -27.71 3.90
CA LEU B 733 2.38 -27.10 3.17
C LEU B 733 3.68 -27.76 3.61
N ASP B 734 4.36 -28.43 2.67
CA ASP B 734 5.65 -29.07 2.93
C ASP B 734 6.72 -28.18 2.32
N ILE B 735 7.45 -27.46 3.17
CA ILE B 735 8.36 -26.40 2.75
C ILE B 735 9.77 -26.80 3.13
N SER B 736 10.60 -27.16 2.15
CA SER B 736 12.00 -27.45 2.39
C SER B 736 12.81 -26.17 2.36
N MET B 737 13.68 -25.99 3.34
CA MET B 737 14.58 -24.84 3.36
C MET B 737 15.76 -25.10 2.43
N MET B 738 16.30 -24.02 1.88
CA MET B 738 17.57 -24.09 1.19
C MET B 738 18.70 -24.29 2.20
N THR B 739 19.86 -24.73 1.67
CA THR B 739 21.04 -25.03 2.49
C THR B 739 21.54 -23.80 3.24
N GLY B 740 21.50 -23.88 4.57
CA GLY B 740 21.87 -22.78 5.43
C GLY B 740 20.70 -21.99 5.97
N PHE B 741 19.50 -22.20 5.45
CA PHE B 741 18.33 -21.42 5.84
C PHE B 741 17.50 -22.18 6.87
N SER B 742 16.80 -21.40 7.72
CA SER B 742 15.92 -21.92 8.75
C SER B 742 14.92 -20.81 9.08
N PRO B 743 13.64 -21.12 9.24
CA PRO B 743 12.61 -20.07 9.32
C PRO B 743 12.56 -19.36 10.67
N ASP B 744 11.96 -18.17 10.64
CA ASP B 744 11.80 -17.36 11.85
C ASP B 744 10.70 -17.98 12.71
N VAL B 745 11.08 -18.39 13.93
CA VAL B 745 10.15 -19.03 14.85
C VAL B 745 9.10 -18.05 15.35
N GLU B 746 9.47 -16.78 15.49
CA GLU B 746 8.56 -15.77 16.03
C GLU B 746 7.51 -15.36 15.01
N ASP B 747 7.81 -15.45 13.72
CA ASP B 747 6.77 -15.27 12.70
C ASP B 747 5.77 -16.41 12.73
N LEU B 748 6.27 -17.65 12.77
CA LEU B 748 5.42 -18.84 12.79
C LEU B 748 4.62 -18.95 14.07
N LYS B 749 5.14 -18.41 15.18
CA LYS B 749 4.39 -18.40 16.44
C LYS B 749 3.24 -17.39 16.38
N THR B 750 3.46 -16.25 15.68
CA THR B 750 2.41 -15.25 15.47
C THR B 750 1.32 -15.81 14.56
N LEU B 751 1.69 -16.61 13.57
CA LEU B 751 0.74 -17.16 12.63
C LEU B 751 -0.03 -18.33 13.20
N SER B 752 0.44 -18.92 14.31
CA SER B 752 -0.22 -20.08 14.88
C SER B 752 -0.91 -19.82 16.20
N THR B 753 -0.62 -18.70 16.87
CA THR B 753 -1.21 -18.38 18.18
C THR B 753 -1.93 -17.05 18.06
N GLY B 754 -3.24 -17.11 17.90
CA GLY B 754 -4.06 -15.92 17.88
C GLY B 754 -5.49 -16.33 17.60
N VAL B 755 -6.40 -15.38 17.86
CA VAL B 755 -7.79 -15.64 17.51
C VAL B 755 -7.96 -15.55 16.00
N ASP B 756 -7.11 -14.76 15.34
CA ASP B 756 -7.00 -14.74 13.88
C ASP B 756 -5.93 -15.75 13.45
N ARG B 757 -6.21 -17.02 13.69
CA ARG B 757 -5.20 -18.04 13.47
C ARG B 757 -5.14 -18.46 12.01
N TYR B 758 -3.95 -18.35 11.40
CA TYR B 758 -3.73 -18.67 10.00
C TYR B 758 -3.09 -20.04 9.78
N ILE B 759 -2.34 -20.51 10.76
CA ILE B 759 -1.65 -21.80 10.71
C ILE B 759 -2.13 -22.60 11.92
N SER B 760 -2.61 -23.82 11.68
CA SER B 760 -3.11 -24.64 12.78
C SER B 760 -1.98 -25.09 13.71
N LYS B 761 -0.85 -25.53 13.14
CA LYS B 761 0.34 -25.96 13.84
C LYS B 761 1.47 -25.99 12.83
N TYR B 762 2.68 -25.71 13.28
CA TYR B 762 3.87 -25.87 12.47
C TYR B 762 4.83 -26.80 13.19
N GLU B 763 5.67 -27.50 12.42
CA GLU B 763 6.71 -28.33 12.99
C GLU B 763 7.83 -28.44 11.98
N MET B 764 9.02 -28.70 12.48
CA MET B 764 10.18 -28.97 11.65
C MET B 764 10.34 -30.47 11.56
N ASN B 765 10.38 -30.98 10.33
CA ASN B 765 10.45 -32.42 10.09
C ASN B 765 11.90 -32.86 10.04
N ARG B 766 12.30 -33.60 11.07
CA ARG B 766 13.59 -34.26 11.13
C ARG B 766 13.55 -35.54 10.30
N ASP B 767 14.68 -36.27 10.24
CA ASP B 767 15.00 -37.44 9.42
C ASP B 767 14.50 -37.35 7.97
N SER B 768 14.61 -36.17 7.38
CA SER B 768 14.15 -35.89 6.03
C SER B 768 15.36 -35.56 5.17
N ASN B 769 15.09 -35.31 3.89
CA ASN B 769 16.16 -35.03 2.94
C ASN B 769 16.81 -33.66 3.20
N LYS B 770 16.04 -32.59 3.05
CA LYS B 770 16.50 -31.25 3.37
C LYS B 770 15.74 -30.76 4.59
N ASN B 771 16.13 -29.57 5.08
CA ASN B 771 15.49 -29.01 6.26
C ASN B 771 14.08 -28.57 5.88
N THR B 772 13.08 -29.32 6.35
CA THR B 772 11.70 -29.17 5.91
C THR B 772 10.80 -28.63 7.03
N LEU B 773 10.05 -27.58 6.69
CA LEU B 773 9.03 -26.99 7.56
C LEU B 773 7.67 -27.50 7.13
N ILE B 774 6.94 -28.16 8.03
CA ILE B 774 5.59 -28.60 7.79
C ILE B 774 4.63 -27.61 8.43
N ILE B 775 3.69 -27.09 7.63
CA ILE B 775 2.66 -26.18 8.10
C ILE B 775 1.32 -26.87 7.91
N TYR B 776 0.54 -26.95 9.00
CA TYR B 776 -0.77 -27.58 8.98
C TYR B 776 -1.84 -26.50 8.82
N LEU B 777 -2.76 -26.73 7.89
CA LEU B 777 -3.83 -25.80 7.59
C LEU B 777 -5.17 -26.47 7.85
N ASP B 778 -6.12 -25.71 8.42
CA ASP B 778 -7.48 -26.20 8.54
C ASP B 778 -8.16 -26.29 7.19
N LYS B 779 -8.06 -25.23 6.40
CA LYS B 779 -8.71 -25.17 5.10
C LYS B 779 -7.77 -24.52 4.10
N VAL B 780 -8.13 -24.66 2.82
CA VAL B 780 -7.61 -23.80 1.76
C VAL B 780 -8.83 -23.32 0.99
N SER B 781 -8.99 -22.00 0.87
CA SER B 781 -10.17 -21.42 0.26
C SER B 781 -10.19 -21.69 -1.25
N HIS B 782 -11.38 -21.98 -1.77
CA HIS B 782 -11.58 -22.20 -3.19
C HIS B 782 -12.04 -20.95 -3.91
N THR B 783 -12.23 -19.85 -3.20
CA THR B 783 -12.67 -18.58 -3.76
C THR B 783 -11.59 -17.51 -3.72
N VAL B 784 -10.92 -17.37 -2.58
CA VAL B 784 -9.87 -16.36 -2.38
C VAL B 784 -8.54 -17.11 -2.29
N GLU B 785 -7.48 -16.48 -2.78
CA GLU B 785 -6.14 -17.01 -2.67
C GLU B 785 -5.63 -16.81 -1.24
N ASP B 786 -5.23 -17.89 -0.58
CA ASP B 786 -4.80 -17.81 0.80
C ASP B 786 -3.28 -17.67 0.84
N CYS B 787 -2.80 -16.56 1.39
CA CYS B 787 -1.38 -16.24 1.40
C CYS B 787 -0.86 -16.26 2.83
N LEU B 788 0.43 -16.59 2.98
CA LEU B 788 1.12 -16.42 4.24
C LEU B 788 2.58 -16.09 3.95
N SER B 789 3.14 -15.17 4.75
CA SER B 789 4.53 -14.76 4.68
C SER B 789 5.20 -14.92 6.03
N PHE B 790 6.48 -15.31 5.99
CA PHE B 790 7.31 -15.40 7.17
C PHE B 790 8.75 -15.22 6.72
N LYS B 791 9.63 -14.91 7.68
CA LYS B 791 11.02 -14.69 7.36
C LYS B 791 11.82 -16.00 7.48
N VAL B 792 12.81 -16.14 6.60
CA VAL B 792 13.81 -17.19 6.70
C VAL B 792 15.17 -16.52 6.82
N HIS B 793 16.08 -17.17 7.56
CA HIS B 793 17.36 -16.59 7.93
C HIS B 793 18.49 -17.50 7.45
N GLN B 794 19.45 -16.93 6.73
CA GLN B 794 20.63 -17.66 6.29
C GLN B 794 21.72 -17.57 7.35
N TYR B 795 22.30 -18.71 7.70
CA TYR B 795 23.21 -18.75 8.84
C TYR B 795 24.69 -18.89 8.49
N PHE B 796 25.04 -19.08 7.22
CA PHE B 796 26.42 -19.05 6.73
C PHE B 796 26.40 -18.86 5.22
N ASN B 797 27.55 -18.41 4.70
CA ASN B 797 27.71 -18.21 3.26
C ASN B 797 27.73 -19.54 2.53
N VAL B 798 26.89 -19.66 1.50
CA VAL B 798 26.82 -20.84 0.65
C VAL B 798 27.11 -20.40 -0.78
N GLY B 799 28.01 -21.10 -1.46
CA GLY B 799 28.48 -20.72 -2.77
C GLY B 799 27.53 -20.97 -3.91
N LEU B 800 26.87 -22.13 -3.96
CA LEU B 800 26.02 -22.43 -5.10
C LEU B 800 24.69 -23.01 -4.63
N ILE B 801 23.89 -22.18 -3.93
CA ILE B 801 22.56 -22.56 -3.42
C ILE B 801 21.67 -23.11 -4.52
N GLN B 802 21.13 -24.28 -4.25
CA GLN B 802 20.13 -25.16 -4.83
C GLN B 802 18.76 -24.77 -4.28
N PRO B 803 17.74 -24.74 -5.14
CA PRO B 803 16.46 -24.17 -4.73
C PRO B 803 15.68 -25.03 -3.74
N GLY B 804 14.82 -24.37 -2.98
CA GLY B 804 13.92 -25.03 -2.07
C GLY B 804 12.66 -25.49 -2.79
N ALA B 805 11.70 -25.98 -2.00
CA ALA B 805 10.51 -26.57 -2.56
C ALA B 805 9.33 -26.37 -1.62
N VAL B 806 8.21 -25.91 -2.15
CA VAL B 806 6.94 -25.86 -1.41
C VAL B 806 5.96 -26.79 -2.11
N LYS B 807 5.44 -27.77 -1.37
CA LYS B 807 4.46 -28.72 -1.87
C LYS B 807 3.20 -28.59 -1.01
N VAL B 808 2.08 -28.26 -1.64
CA VAL B 808 0.77 -28.27 -1.01
C VAL B 808 0.05 -29.54 -1.47
N TYR B 809 -0.70 -30.17 -0.56
CA TYR B 809 -1.52 -31.33 -0.90
C TYR B 809 -2.64 -31.43 0.13
N SER B 810 -3.75 -32.02 -0.30
CA SER B 810 -4.79 -32.43 0.63
C SER B 810 -4.31 -33.65 1.39
N TYR B 811 -4.62 -33.69 2.70
CA TYR B 811 -4.07 -34.75 3.54
C TYR B 811 -4.77 -36.08 3.22
N TYR B 812 -6.03 -36.02 2.82
CA TYR B 812 -6.80 -37.22 2.62
C TYR B 812 -6.87 -37.64 1.15
N ASN B 813 -6.40 -36.80 0.23
CA ASN B 813 -6.24 -37.18 -1.17
C ASN B 813 -4.88 -36.69 -1.63
N LEU B 814 -3.92 -37.59 -1.79
CA LEU B 814 -2.58 -37.19 -2.18
C LEU B 814 -2.46 -36.89 -3.67
N ASP B 815 -3.50 -37.21 -4.47
CA ASP B 815 -3.50 -36.83 -5.87
C ASP B 815 -3.72 -35.33 -6.05
N GLU B 816 -4.42 -34.70 -5.11
CA GLU B 816 -4.70 -33.27 -5.15
C GLU B 816 -3.51 -32.50 -4.58
N THR B 817 -2.46 -32.38 -5.38
CA THR B 817 -1.19 -31.79 -4.95
C THR B 817 -0.65 -30.85 -6.02
N CYS B 818 0.33 -30.03 -5.61
CA CYS B 818 1.00 -29.07 -6.48
C CYS B 818 2.31 -28.65 -5.83
N ILE B 819 3.41 -28.73 -6.58
CA ILE B 819 4.76 -28.47 -6.06
C ILE B 819 5.36 -27.30 -6.83
N ARG B 820 5.96 -26.35 -6.11
CA ARG B 820 6.67 -25.21 -6.69
C ARG B 820 8.04 -25.07 -6.05
N PHE B 821 9.00 -24.59 -6.84
CA PHE B 821 10.39 -24.40 -6.39
C PHE B 821 10.76 -22.93 -6.33
N TYR B 822 11.60 -22.59 -5.36
CA TYR B 822 11.96 -21.20 -5.10
C TYR B 822 13.46 -21.08 -4.88
N HIS B 823 14.05 -20.09 -5.52
CA HIS B 823 15.46 -19.77 -5.49
C HIS B 823 15.54 -18.26 -5.47
N PRO B 824 16.57 -17.67 -4.84
CA PRO B 824 16.73 -16.21 -4.92
C PRO B 824 17.20 -15.72 -6.28
N ASP B 825 17.65 -14.47 -6.32
CA ASP B 825 17.90 -13.86 -7.60
C ASP B 825 19.27 -14.26 -8.14
N LYS B 826 19.47 -14.04 -9.44
CA LYS B 826 20.77 -14.24 -10.08
C LYS B 826 21.76 -13.14 -9.72
N GLU B 827 21.29 -12.04 -9.15
CA GLU B 827 22.06 -10.89 -8.70
C GLU B 827 22.47 -10.98 -7.23
N ASP B 828 22.07 -12.04 -6.51
CA ASP B 828 22.34 -12.13 -5.08
C ASP B 828 23.79 -12.40 -4.73
N GLY B 829 24.59 -12.90 -5.68
CA GLY B 829 25.90 -13.41 -5.32
C GLY B 829 25.81 -14.76 -4.66
N MET B 830 24.68 -15.45 -4.82
CA MET B 830 24.37 -16.74 -4.24
C MET B 830 24.72 -17.87 -5.19
N LEU B 831 25.07 -17.55 -6.43
CA LEU B 831 25.60 -18.50 -7.38
C LEU B 831 27.11 -18.41 -7.50
N SER B 832 27.71 -17.33 -7.00
CA SER B 832 29.16 -17.14 -7.09
C SER B 832 29.88 -18.13 -6.19
N LYS B 833 30.88 -18.80 -6.77
CA LYS B 833 31.69 -19.82 -6.11
C LYS B 833 32.42 -19.20 -4.92
N LEU B 834 32.19 -19.78 -3.73
CA LEU B 834 32.77 -19.29 -2.49
C LEU B 834 34.26 -19.66 -2.36
N CYS B 835 34.76 -20.53 -3.22
CA CYS B 835 36.15 -20.97 -3.23
C CYS B 835 37.07 -19.87 -3.71
N HIS B 836 38.36 -20.12 -3.55
CA HIS B 836 39.35 -19.13 -3.98
C HIS B 836 39.97 -19.55 -5.31
N LYS B 837 40.94 -20.48 -5.31
CA LYS B 837 41.59 -20.91 -6.55
C LYS B 837 41.82 -22.42 -6.54
N ASP B 838 42.62 -22.91 -5.59
CA ASP B 838 42.93 -24.34 -5.51
C ASP B 838 41.70 -25.12 -5.08
N THR B 839 40.92 -24.56 -4.15
CA THR B 839 39.64 -25.12 -3.75
C THR B 839 38.64 -25.11 -4.90
N CYS B 840 38.69 -24.08 -5.76
CA CYS B 840 37.87 -24.11 -6.97
C CYS B 840 38.28 -25.25 -7.90
N ARG B 841 39.60 -25.38 -8.17
CA ARG B 841 40.11 -26.43 -9.08
C ARG B 841 39.83 -27.82 -8.53
N CYS B 842 39.95 -27.99 -7.20
CA CYS B 842 39.64 -29.26 -6.55
C CYS B 842 38.18 -29.64 -6.73
N ALA B 843 37.32 -28.64 -6.88
CA ALA B 843 35.91 -28.85 -7.17
C ALA B 843 35.61 -28.93 -8.67
N GLU B 844 36.60 -28.79 -9.55
CA GLU B 844 36.34 -28.88 -10.99
C GLU B 844 36.89 -30.15 -11.62
N GLU B 845 37.36 -31.11 -10.80
CA GLU B 845 37.81 -32.40 -11.34
C GLU B 845 36.67 -33.17 -11.98
N ASN B 846 35.48 -33.09 -11.40
CA ASN B 846 34.30 -33.79 -11.89
C ASN B 846 33.81 -33.25 -13.24
N CYS B 847 34.26 -32.05 -13.62
CA CYS B 847 33.80 -31.40 -14.85
C CYS B 847 34.51 -31.96 -16.08
N PHE B 848 35.85 -32.01 -16.05
CA PHE B 848 36.64 -32.64 -17.12
C PHE B 848 38.02 -33.11 -16.64
N THR B 857 51.40 -32.01 -27.69
CA THR B 857 49.96 -32.25 -27.62
C THR B 857 49.43 -32.58 -29.01
N LEU B 858 49.66 -33.83 -29.43
CA LEU B 858 49.05 -34.42 -30.62
C LEU B 858 49.02 -35.93 -30.40
N GLU B 859 50.14 -36.46 -29.89
CA GLU B 859 50.16 -37.82 -29.38
C GLU B 859 49.41 -37.93 -28.06
N ASP B 860 49.28 -36.82 -27.33
CA ASP B 860 48.46 -36.79 -26.13
C ASP B 860 46.97 -36.93 -26.47
N ARG B 861 46.55 -36.33 -27.60
CA ARG B 861 45.16 -36.43 -28.01
C ARG B 861 44.84 -37.81 -28.56
N LEU B 862 45.81 -38.45 -29.23
CA LEU B 862 45.60 -39.80 -29.76
C LEU B 862 45.53 -40.85 -28.65
N ASP B 863 46.25 -40.63 -27.54
CA ASP B 863 46.20 -41.56 -26.43
C ASP B 863 44.92 -41.42 -25.62
N LYS B 864 44.50 -40.18 -25.34
CA LYS B 864 43.32 -39.95 -24.51
C LYS B 864 42.01 -40.27 -25.24
N ALA B 865 42.01 -40.30 -26.57
CA ALA B 865 40.86 -40.74 -27.33
C ALA B 865 40.86 -42.22 -27.64
N CYS B 866 41.89 -42.96 -27.20
CA CYS B 866 41.99 -44.40 -27.42
C CYS B 866 42.20 -45.17 -26.12
N GLU B 867 41.95 -44.54 -24.97
CA GLU B 867 41.98 -45.24 -23.69
C GLU B 867 40.83 -46.25 -23.63
N PRO B 868 41.02 -47.39 -22.92
CA PRO B 868 39.93 -48.38 -22.79
C PRO B 868 38.72 -47.86 -22.00
N GLY B 869 37.63 -47.62 -22.71
CA GLY B 869 36.46 -47.00 -22.14
C GLY B 869 35.96 -45.83 -22.96
N VAL B 870 36.82 -45.27 -23.81
CA VAL B 870 36.43 -44.16 -24.67
C VAL B 870 35.54 -44.68 -25.80
N ASP B 871 34.32 -44.15 -25.86
CA ASP B 871 33.28 -44.64 -26.75
C ASP B 871 33.13 -43.80 -28.02
N TYR B 872 32.95 -42.49 -27.87
CA TYR B 872 32.68 -41.58 -28.97
C TYR B 872 33.75 -40.50 -29.01
N VAL B 873 34.09 -40.02 -30.21
CA VAL B 873 34.85 -38.78 -30.41
C VAL B 873 34.11 -37.96 -31.46
N TYR B 874 33.64 -36.77 -31.08
CA TYR B 874 32.90 -35.90 -31.99
C TYR B 874 33.53 -34.52 -32.04
N LYS B 875 33.35 -33.85 -33.17
CA LYS B 875 33.47 -32.39 -33.24
C LYS B 875 32.05 -31.82 -33.21
N THR B 876 31.77 -31.00 -32.21
CA THR B 876 30.42 -30.47 -32.01
C THR B 876 30.40 -28.95 -32.17
N ARG B 877 29.19 -28.38 -32.13
CA ARG B 877 28.98 -26.94 -32.15
C ARG B 877 27.82 -26.61 -31.23
N LEU B 878 28.06 -25.76 -30.24
CA LEU B 878 27.05 -25.41 -29.24
C LEU B 878 26.05 -24.41 -29.83
N ILE B 879 24.78 -24.79 -29.89
CA ILE B 879 23.75 -23.87 -30.35
C ILE B 879 23.13 -23.10 -29.19
N GLN B 880 22.70 -23.79 -28.14
CA GLN B 880 21.92 -23.17 -27.08
C GLN B 880 22.34 -23.70 -25.73
N LYS B 881 22.49 -22.80 -24.76
CA LYS B 881 22.59 -23.16 -23.35
C LYS B 881 21.21 -23.08 -22.70
N LYS B 882 20.92 -24.05 -21.84
CA LYS B 882 19.77 -23.99 -20.95
C LYS B 882 20.31 -24.04 -19.53
N LEU B 883 20.44 -22.87 -18.91
CA LEU B 883 20.94 -22.76 -17.55
C LEU B 883 19.78 -22.98 -16.58
N GLU B 884 19.72 -24.15 -15.97
CA GLU B 884 18.70 -24.43 -14.98
C GLU B 884 19.30 -24.25 -13.59
N ASP B 885 18.52 -24.62 -12.57
CA ASP B 885 18.94 -24.42 -11.19
C ASP B 885 19.91 -25.49 -10.72
N ASP B 886 19.78 -26.72 -11.24
CA ASP B 886 20.63 -27.83 -10.83
C ASP B 886 21.76 -28.09 -11.81
N PHE B 887 21.42 -28.18 -13.10
CA PHE B 887 22.36 -28.62 -14.13
C PHE B 887 22.23 -27.71 -15.35
N ASP B 888 23.26 -27.69 -16.17
CA ASP B 888 23.27 -26.93 -17.41
C ASP B 888 23.08 -27.89 -18.57
N GLU B 889 22.12 -27.59 -19.44
CA GLU B 889 21.96 -28.31 -20.70
C GLU B 889 22.67 -27.56 -21.81
N TYR B 890 23.51 -28.26 -22.56
CA TYR B 890 24.24 -27.71 -23.70
C TYR B 890 23.79 -28.47 -24.95
N ILE B 891 22.88 -27.87 -25.72
CA ILE B 891 22.39 -28.47 -26.95
C ILE B 891 23.44 -28.26 -28.03
N MET B 892 24.07 -29.34 -28.47
CA MET B 892 25.12 -29.26 -29.48
C MET B 892 24.75 -30.05 -30.72
N VAL B 893 25.21 -29.54 -31.86
CA VAL B 893 25.06 -30.17 -33.15
C VAL B 893 26.38 -30.86 -33.48
N ILE B 894 26.34 -32.15 -33.74
CA ILE B 894 27.53 -32.93 -34.06
C ILE B 894 27.90 -32.64 -35.52
N GLU B 895 28.95 -31.85 -35.73
CA GLU B 895 29.35 -31.44 -37.07
C GLU B 895 30.29 -32.42 -37.74
N ASN B 896 30.95 -33.29 -36.95
CA ASN B 896 31.82 -34.31 -37.50
C ASN B 896 31.86 -35.48 -36.53
N ILE B 897 31.82 -36.70 -37.06
CA ILE B 897 31.91 -37.92 -36.28
C ILE B 897 33.30 -38.50 -36.50
N ILE B 898 34.14 -38.42 -35.48
CA ILE B 898 35.53 -38.88 -35.60
C ILE B 898 35.66 -40.33 -35.15
N LYS B 899 34.91 -40.73 -34.13
CA LYS B 899 34.86 -42.12 -33.69
C LYS B 899 33.42 -42.44 -33.29
N SER B 900 32.83 -43.42 -33.95
CA SER B 900 31.45 -43.80 -33.68
C SER B 900 31.35 -44.57 -32.38
N GLY B 901 30.31 -44.28 -31.61
CA GLY B 901 30.13 -44.85 -30.30
C GLY B 901 28.91 -45.75 -30.20
N SER B 902 28.43 -45.93 -28.96
CA SER B 902 27.27 -46.77 -28.72
C SER B 902 25.97 -46.09 -29.10
N ASP B 903 25.95 -44.76 -29.16
CA ASP B 903 24.79 -44.01 -29.63
C ASP B 903 24.90 -43.81 -31.13
N GLU B 904 23.83 -44.16 -31.85
CA GLU B 904 23.81 -44.06 -33.31
C GLU B 904 23.43 -42.63 -33.69
N VAL B 905 24.45 -41.80 -33.87
CA VAL B 905 24.25 -40.40 -34.22
C VAL B 905 24.52 -40.22 -35.70
N GLN B 906 24.13 -39.05 -36.22
CA GLN B 906 24.46 -38.65 -37.57
C GLN B 906 25.09 -37.25 -37.53
N VAL B 907 25.64 -36.84 -38.67
CA VAL B 907 26.16 -35.50 -38.81
C VAL B 907 25.00 -34.51 -38.83
N LYS B 908 25.17 -33.39 -38.10
CA LYS B 908 24.18 -32.32 -37.91
C LYS B 908 22.90 -32.83 -37.26
N GLN B 909 23.06 -33.70 -36.27
CA GLN B 909 21.97 -34.16 -35.41
C GLN B 909 22.20 -33.60 -34.01
N GLU B 910 21.13 -33.11 -33.39
CA GLU B 910 21.23 -32.48 -32.08
C GLU B 910 21.33 -33.51 -30.97
N ARG B 911 22.17 -33.22 -29.97
CA ARG B 911 22.34 -34.06 -28.80
C ARG B 911 22.51 -33.16 -27.57
N LYS B 912 21.98 -33.61 -26.44
CA LYS B 912 22.02 -32.84 -25.20
C LYS B 912 23.25 -33.21 -24.39
N PHE B 913 24.03 -32.20 -24.00
CA PHE B 913 25.19 -32.37 -23.13
C PHE B 913 24.91 -31.71 -21.79
N ILE B 914 25.05 -32.47 -20.71
CA ILE B 914 24.62 -32.06 -19.38
C ILE B 914 25.85 -32.02 -18.48
N SER B 915 26.04 -30.90 -17.78
CA SER B 915 27.06 -30.77 -16.75
C SER B 915 26.47 -30.07 -15.54
N HIS B 916 27.12 -30.22 -14.40
CA HIS B 916 26.65 -29.64 -13.16
C HIS B 916 26.92 -28.13 -13.17
N ILE B 917 26.22 -27.41 -12.29
CA ILE B 917 26.33 -25.95 -12.18
C ILE B 917 27.69 -25.51 -11.61
N LYS B 918 28.45 -26.43 -11.00
CA LYS B 918 29.88 -26.25 -10.76
C LYS B 918 30.64 -25.93 -12.05
N CYS B 919 30.34 -26.69 -13.10
CA CYS B 919 31.07 -26.68 -14.35
C CYS B 919 30.67 -25.54 -15.28
N ARG B 920 29.82 -24.61 -14.82
CA ARG B 920 29.54 -23.40 -15.61
C ARG B 920 30.77 -22.50 -15.70
N GLU B 921 31.57 -22.44 -14.63
CA GLU B 921 32.83 -21.70 -14.66
C GLU B 921 34.01 -22.53 -15.12
N ALA B 922 33.93 -23.86 -15.00
CA ALA B 922 35.02 -24.72 -15.46
C ALA B 922 35.06 -24.79 -16.97
N LEU B 923 33.91 -24.99 -17.60
CA LEU B 923 33.86 -25.17 -19.04
C LEU B 923 34.06 -23.86 -19.78
N LYS B 924 33.30 -22.83 -19.40
CA LYS B 924 33.23 -21.49 -20.03
C LYS B 924 32.97 -21.64 -21.53
N LEU B 925 31.86 -22.30 -21.83
CA LEU B 925 31.50 -22.56 -23.21
C LEU B 925 30.93 -21.31 -23.86
N LYS B 926 31.17 -21.19 -25.16
CA LYS B 926 30.62 -20.11 -25.96
C LYS B 926 29.55 -20.68 -26.89
N GLU B 927 28.43 -19.96 -26.98
CA GLU B 927 27.39 -20.35 -27.92
C GLU B 927 27.83 -20.00 -29.34
N GLY B 928 27.70 -20.98 -30.25
CA GLY B 928 28.16 -20.82 -31.61
C GLY B 928 29.54 -21.38 -31.87
N ALA B 929 30.36 -21.55 -30.84
CA ALA B 929 31.73 -22.01 -31.02
C ALA B 929 31.76 -23.51 -31.27
N HIS B 930 32.84 -23.96 -31.91
CA HIS B 930 33.05 -25.37 -32.18
C HIS B 930 33.90 -26.00 -31.09
N TYR B 931 33.65 -27.28 -30.84
CA TYR B 931 34.30 -27.98 -29.74
C TYR B 931 34.63 -29.42 -30.14
N LEU B 932 35.76 -29.91 -29.65
CA LEU B 932 36.17 -31.31 -29.80
C LEU B 932 35.82 -32.05 -28.51
N VAL B 933 34.87 -32.98 -28.60
CA VAL B 933 34.30 -33.65 -27.43
C VAL B 933 34.54 -35.15 -27.56
N TRP B 934 35.10 -35.76 -26.51
CA TRP B 934 35.09 -37.21 -26.40
C TRP B 934 34.88 -37.62 -24.96
N GLY B 935 34.19 -38.74 -24.77
CA GLY B 935 33.81 -39.21 -23.45
C GLY B 935 33.62 -40.72 -23.43
N VAL B 936 33.19 -41.22 -22.27
CA VAL B 936 33.08 -42.66 -22.05
C VAL B 936 31.64 -43.10 -22.18
N SER B 937 31.45 -44.42 -22.35
CA SER B 937 30.13 -45.01 -22.57
C SER B 937 29.28 -45.07 -21.31
N SER B 938 29.90 -45.00 -20.13
CA SER B 938 29.14 -44.94 -18.88
C SER B 938 28.48 -43.58 -18.68
N ASP B 939 28.97 -42.55 -19.36
CA ASP B 939 28.37 -41.22 -19.35
C ASP B 939 27.26 -41.07 -20.40
N LEU B 940 26.90 -42.15 -21.09
CA LEU B 940 25.68 -42.16 -21.87
C LEU B 940 24.49 -42.38 -20.95
N TRP B 941 23.37 -41.75 -21.27
CA TRP B 941 22.23 -41.74 -20.35
C TRP B 941 20.93 -41.69 -21.14
N GLY B 942 19.95 -42.45 -20.66
CA GLY B 942 18.65 -42.52 -21.29
C GLY B 942 18.56 -43.69 -22.24
N GLU B 943 17.38 -43.83 -22.84
CA GLU B 943 17.13 -44.87 -23.81
C GLU B 943 16.82 -44.25 -25.16
N LYS B 944 17.24 -44.93 -26.23
CA LYS B 944 16.99 -44.45 -27.60
C LYS B 944 15.49 -44.47 -27.90
N PRO B 945 14.95 -43.45 -28.60
CA PRO B 945 15.62 -42.48 -29.50
C PRO B 945 16.33 -41.24 -28.95
N LYS B 946 16.37 -41.01 -27.64
CA LYS B 946 16.99 -39.82 -27.07
C LYS B 946 18.03 -40.19 -26.02
N ILE B 947 19.31 -40.04 -26.36
CA ILE B 947 20.40 -40.27 -25.42
C ILE B 947 20.98 -38.92 -25.00
N SER B 948 21.09 -38.69 -23.68
CA SER B 948 21.73 -37.50 -23.14
C SER B 948 23.17 -37.82 -22.78
N TYR B 949 24.06 -36.85 -23.02
CA TYR B 949 25.49 -37.03 -22.77
C TYR B 949 25.88 -36.31 -21.49
N ILE B 950 26.76 -36.93 -20.71
CA ILE B 950 27.17 -36.43 -19.40
C ILE B 950 28.60 -35.94 -19.48
N ILE B 951 28.80 -34.66 -19.20
CA ILE B 951 30.14 -34.10 -19.13
C ILE B 951 30.71 -34.47 -17.77
N GLY B 952 31.43 -35.60 -17.71
CA GLY B 952 31.97 -36.12 -16.48
C GLY B 952 33.48 -35.97 -16.40
N LYS B 953 34.06 -36.70 -15.44
CA LYS B 953 35.49 -36.56 -15.16
C LYS B 953 36.37 -37.21 -16.23
N ASP B 954 35.81 -38.12 -17.03
CA ASP B 954 36.53 -38.74 -18.14
C ASP B 954 36.06 -38.20 -19.48
N THR B 955 35.54 -36.97 -19.49
CA THR B 955 35.07 -36.32 -20.71
C THR B 955 36.00 -35.15 -21.05
N TRP B 956 36.32 -35.03 -22.33
CA TRP B 956 37.26 -34.03 -22.84
C TRP B 956 36.51 -32.93 -23.56
N VAL B 957 36.78 -31.68 -23.18
CA VAL B 957 36.21 -30.51 -23.85
C VAL B 957 37.35 -29.59 -24.27
N GLU B 958 37.50 -29.39 -25.57
CA GLU B 958 38.54 -28.55 -26.14
C GLU B 958 37.92 -27.61 -27.16
N LEU B 959 38.26 -26.32 -27.08
CA LEU B 959 37.75 -25.34 -28.05
C LEU B 959 38.39 -25.53 -29.41
N TRP B 960 37.57 -25.56 -30.46
CA TRP B 960 38.04 -25.62 -31.83
C TRP B 960 37.86 -24.24 -32.43
N PRO B 961 38.92 -23.55 -32.83
CA PRO B 961 38.78 -22.20 -33.39
C PRO B 961 38.21 -22.21 -34.79
N GLU B 962 37.56 -21.10 -35.15
CA GLU B 962 36.94 -20.97 -36.47
C GLU B 962 38.00 -20.74 -37.54
N ALA B 963 37.58 -20.85 -38.80
CA ALA B 963 38.48 -20.76 -39.95
C ALA B 963 39.02 -19.35 -40.17
N GLU B 964 38.39 -18.33 -39.60
CA GLU B 964 38.98 -17.00 -39.57
C GLU B 964 39.90 -16.81 -38.38
N GLU B 965 39.65 -17.51 -37.28
CA GLU B 965 40.53 -17.46 -36.12
C GLU B 965 41.79 -18.29 -36.32
N CYS B 966 41.78 -19.28 -37.21
CA CYS B 966 42.96 -20.08 -37.51
C CYS B 966 43.99 -19.32 -38.33
N GLN B 967 43.62 -18.19 -38.94
CA GLN B 967 44.54 -17.35 -39.68
C GLN B 967 45.44 -16.52 -38.78
N ASP B 968 45.11 -16.42 -37.50
CA ASP B 968 46.01 -15.81 -36.52
C ASP B 968 47.17 -16.76 -36.22
N GLU B 969 48.34 -16.18 -35.93
CA GLU B 969 49.53 -16.97 -35.64
C GLU B 969 49.46 -17.67 -34.29
N GLU B 970 48.65 -17.16 -33.37
CA GLU B 970 48.49 -17.79 -32.06
C GLU B 970 47.63 -19.04 -32.10
N ASN B 971 46.77 -19.18 -33.11
CA ASN B 971 45.87 -20.32 -33.21
C ASN B 971 46.24 -21.29 -34.34
N GLN B 972 47.22 -20.94 -35.18
CA GLN B 972 47.51 -21.72 -36.39
C GLN B 972 48.13 -23.08 -36.06
N LYS B 973 48.91 -23.16 -34.97
CA LYS B 973 49.49 -24.44 -34.57
C LYS B 973 48.43 -25.37 -33.98
N GLN B 974 47.42 -24.80 -33.30
CA GLN B 974 46.36 -25.62 -32.73
C GLN B 974 45.42 -26.16 -33.80
N CYS B 975 45.12 -25.35 -34.83
CA CYS B 975 44.25 -25.79 -35.92
C CYS B 975 44.92 -26.85 -36.79
N GLU B 976 46.26 -26.80 -36.90
CA GLU B 976 46.97 -27.87 -37.59
C GLU B 976 47.06 -29.12 -36.72
N ASP B 977 47.13 -28.96 -35.40
CA ASP B 977 47.11 -30.12 -34.50
C ASP B 977 45.73 -30.75 -34.43
N LEU B 978 44.66 -29.96 -34.60
CA LEU B 978 43.31 -30.51 -34.58
C LEU B 978 42.94 -31.16 -35.90
N ALA B 979 43.49 -30.67 -37.01
CA ALA B 979 43.24 -31.28 -38.31
C ALA B 979 44.07 -32.55 -38.50
N ASN B 980 45.27 -32.60 -37.92
CA ASN B 980 46.05 -33.83 -37.95
C ASN B 980 45.47 -34.90 -37.04
N PHE B 981 44.81 -34.50 -35.95
CA PHE B 981 44.17 -35.46 -35.06
C PHE B 981 42.92 -36.07 -35.70
N THR B 982 42.18 -35.29 -36.47
CA THR B 982 40.94 -35.76 -37.09
C THR B 982 41.23 -36.72 -38.23
N GLU B 983 42.26 -36.44 -39.04
CA GLU B 983 42.60 -37.32 -40.16
C GLU B 983 43.24 -38.62 -39.68
N ASN B 984 44.02 -38.57 -38.59
CA ASN B 984 44.66 -39.77 -38.06
C ASN B 984 43.66 -40.72 -37.41
N MET B 985 42.62 -40.18 -36.78
CA MET B 985 41.67 -41.00 -36.05
C MET B 985 40.59 -41.63 -36.92
N VAL B 986 40.37 -41.11 -38.13
CA VAL B 986 39.39 -41.73 -39.03
C VAL B 986 40.07 -42.71 -39.99
N VAL B 987 41.22 -42.32 -40.54
CA VAL B 987 41.92 -43.17 -41.52
C VAL B 987 42.59 -44.36 -40.83
N PHE B 988 43.24 -44.12 -39.69
CA PHE B 988 43.97 -45.17 -39.00
C PHE B 988 43.28 -45.65 -37.73
N GLY B 989 42.50 -44.80 -37.06
CA GLY B 989 41.84 -45.21 -35.84
C GLY B 989 42.80 -45.30 -34.67
N CYS B 990 42.48 -46.19 -33.76
CA CYS B 990 43.27 -46.49 -32.59
C CYS B 990 44.26 -47.61 -32.90
N PRO B 991 45.45 -47.58 -32.30
CA PRO B 991 46.40 -48.69 -32.53
C PRO B 991 45.96 -49.96 -31.83
N ASN B 992 46.21 -51.09 -32.49
CA ASN B 992 45.78 -52.39 -31.99
C ASN B 992 46.85 -52.99 -31.07
N PRO C 2 -2.80 28.70 -99.72
CA PRO C 2 -3.46 29.22 -98.51
C PRO C 2 -2.67 28.91 -97.24
N MET C 3 -2.87 29.71 -96.20
CA MET C 3 -2.23 29.49 -94.91
C MET C 3 -3.31 29.22 -93.86
N TYR C 4 -3.14 28.12 -93.13
CA TYR C 4 -4.02 27.77 -92.01
C TYR C 4 -3.36 28.17 -90.70
N SER C 5 -4.17 28.65 -89.75
CA SER C 5 -3.64 29.15 -88.48
C SER C 5 -4.48 28.62 -87.32
N MET C 6 -3.80 28.34 -86.20
CA MET C 6 -4.45 27.88 -84.98
C MET C 6 -3.97 28.72 -83.80
N ILE C 7 -4.92 29.29 -83.04
CA ILE C 7 -4.61 30.14 -81.89
C ILE C 7 -5.37 29.61 -80.68
N THR C 8 -4.64 29.21 -79.65
CA THR C 8 -5.15 28.78 -78.36
C THR C 8 -4.53 29.66 -77.27
N PRO C 9 -5.12 29.72 -76.07
CA PRO C 9 -4.38 30.30 -74.94
C PRO C 9 -3.18 29.45 -74.57
N ASN C 10 -2.11 30.12 -74.13
CA ASN C 10 -0.85 29.41 -73.89
C ASN C 10 -0.83 28.57 -72.62
N ILE C 11 -1.83 28.69 -71.75
CA ILE C 11 -2.04 27.78 -70.63
C ILE C 11 -3.48 27.28 -70.70
N LEU C 12 -3.65 25.96 -70.80
CA LEU C 12 -4.97 25.34 -70.86
C LEU C 12 -5.30 24.74 -69.50
N ARG C 13 -6.51 24.95 -69.03
CA ARG C 13 -6.89 24.46 -67.71
C ARG C 13 -7.57 23.11 -67.82
N LEU C 14 -7.24 22.21 -66.90
CA LEU C 14 -7.83 20.89 -66.90
C LEU C 14 -9.26 20.96 -66.36
N GLU C 15 -10.12 20.09 -66.93
CA GLU C 15 -11.58 20.02 -66.70
C GLU C 15 -12.28 21.34 -67.01
N SER C 16 -11.79 22.06 -68.01
CA SER C 16 -12.25 23.40 -68.31
C SER C 16 -12.52 23.57 -69.80
N GLU C 17 -13.45 24.47 -70.11
CA GLU C 17 -13.81 24.78 -71.49
C GLU C 17 -12.88 25.85 -72.03
N GLU C 18 -11.94 25.46 -72.89
CA GLU C 18 -11.03 26.38 -73.54
C GLU C 18 -11.33 26.44 -75.03
N THR C 19 -11.08 27.61 -75.62
CA THR C 19 -11.49 27.91 -77.00
C THR C 19 -10.29 27.88 -77.93
N VAL C 20 -10.43 27.14 -79.03
CA VAL C 20 -9.41 27.07 -80.08
C VAL C 20 -9.91 27.87 -81.28
N VAL C 21 -9.08 28.79 -81.76
CA VAL C 21 -9.42 29.61 -82.92
C VAL C 21 -8.78 28.98 -84.16
N LEU C 22 -9.59 28.80 -85.20
CA LEU C 22 -9.13 28.21 -86.46
C LEU C 22 -9.47 29.15 -87.61
N GLU C 23 -8.52 29.31 -88.53
CA GLU C 23 -8.66 30.32 -89.57
C GLU C 23 -7.89 29.90 -90.81
N ALA C 24 -8.52 30.07 -91.97
CA ALA C 24 -7.92 29.71 -93.26
C ALA C 24 -7.76 31.00 -94.07
N HIS C 25 -6.52 31.51 -94.13
CA HIS C 25 -6.22 32.70 -94.91
C HIS C 25 -6.18 32.34 -96.39
N GLY C 26 -7.18 32.81 -97.14
CA GLY C 26 -7.23 32.52 -98.55
C GLY C 26 -7.86 31.18 -98.90
N GLY C 27 -8.69 30.63 -98.01
CA GLY C 27 -9.31 29.36 -98.30
C GLY C 27 -10.42 29.48 -99.33
N GLN C 28 -10.71 28.35 -99.98
CA GLN C 28 -11.75 28.27 -100.99
C GLN C 28 -12.59 27.02 -100.75
N GLY C 29 -13.90 27.13 -101.02
CA GLY C 29 -14.79 26.02 -100.81
C GLY C 29 -15.10 25.80 -99.35
N THR C 30 -15.21 24.53 -98.94
CA THR C 30 -15.46 24.17 -97.55
C THR C 30 -14.29 23.31 -97.07
N ILE C 31 -13.65 23.74 -95.99
CA ILE C 31 -12.48 23.07 -95.43
C ILE C 31 -12.88 22.49 -94.09
N GLN C 32 -12.96 21.17 -94.01
CA GLN C 32 -13.27 20.49 -92.76
C GLN C 32 -12.03 20.45 -91.87
N VAL C 33 -12.19 20.91 -90.63
CA VAL C 33 -11.10 20.99 -89.65
C VAL C 33 -11.45 20.10 -88.47
N SER C 34 -10.51 19.25 -88.07
CA SER C 34 -10.64 18.41 -86.89
C SER C 34 -9.56 18.78 -85.90
N VAL C 35 -9.95 19.03 -84.65
CA VAL C 35 -9.01 19.38 -83.57
C VAL C 35 -8.95 18.22 -82.60
N THR C 36 -7.74 17.69 -82.39
CA THR C 36 -7.49 16.61 -81.45
C THR C 36 -6.44 17.03 -80.45
N VAL C 37 -6.66 16.69 -79.18
CA VAL C 37 -5.71 16.95 -78.11
C VAL C 37 -5.11 15.63 -77.65
N HIS C 38 -3.78 15.57 -77.62
CA HIS C 38 -3.07 14.35 -77.27
C HIS C 38 -2.19 14.59 -76.05
N ASP C 39 -1.76 13.50 -75.42
CA ASP C 39 -0.80 13.58 -74.33
C ASP C 39 0.60 13.79 -74.87
N PHE C 40 1.43 14.48 -74.09
CA PHE C 40 2.79 14.78 -74.45
C PHE C 40 3.75 13.89 -73.65
N PRO C 41 4.81 13.35 -74.28
CA PRO C 41 5.20 13.44 -75.70
C PRO C 41 4.86 12.21 -76.52
N ALA C 42 4.02 11.30 -76.01
CA ALA C 42 3.85 10.01 -76.64
C ALA C 42 2.70 9.97 -77.65
N LYS C 43 1.69 10.82 -77.45
CA LYS C 43 0.43 10.86 -78.24
C LYS C 43 -0.27 9.50 -78.26
N LYS C 44 -0.28 8.82 -77.12
CA LYS C 44 -0.93 7.51 -77.02
C LYS C 44 -2.43 7.64 -76.81
N GLN C 45 -2.91 8.77 -76.32
CA GLN C 45 -4.31 8.93 -75.96
C GLN C 45 -4.85 10.23 -76.53
N VAL C 46 -5.98 10.15 -77.24
CA VAL C 46 -6.69 11.33 -77.70
C VAL C 46 -7.52 11.85 -76.52
N LEU C 47 -7.13 13.01 -75.99
CA LEU C 47 -7.79 13.54 -74.80
C LEU C 47 -9.08 14.28 -75.13
N SER C 48 -9.15 14.93 -76.30
CA SER C 48 -10.36 15.61 -76.73
C SER C 48 -10.42 15.58 -78.24
N ASN C 49 -11.63 15.59 -78.79
CA ASN C 49 -11.82 15.51 -80.23
C ASN C 49 -13.07 16.28 -80.61
N GLU C 50 -12.93 17.28 -81.48
CA GLU C 50 -14.04 18.11 -81.91
C GLU C 50 -13.90 18.38 -83.41
N ASN C 51 -14.98 18.86 -84.01
CA ASN C 51 -15.04 19.06 -85.45
C ASN C 51 -15.78 20.36 -85.77
N THR C 52 -15.33 21.01 -86.84
CA THR C 52 -15.98 22.21 -87.40
C THR C 52 -15.61 22.31 -88.86
N GLN C 53 -16.18 23.31 -89.55
CA GLN C 53 -15.90 23.56 -90.96
C GLN C 53 -15.60 25.05 -91.18
N LEU C 54 -14.80 25.31 -92.20
CA LEU C 54 -14.45 26.67 -92.61
C LEU C 54 -14.97 26.88 -94.03
N ASN C 55 -15.81 27.88 -94.21
CA ASN C 55 -16.40 28.15 -95.52
C ASN C 55 -16.58 29.66 -95.69
N SER C 56 -17.39 30.05 -96.67
CA SER C 56 -17.64 31.46 -96.93
C SER C 56 -18.65 32.08 -95.97
N ASN C 57 -19.49 31.26 -95.33
CA ASN C 57 -20.53 31.81 -94.45
C ASN C 57 -19.97 32.25 -93.10
N ASN C 58 -18.93 31.60 -92.60
CA ASN C 58 -18.24 32.07 -91.40
C ASN C 58 -16.96 32.82 -91.72
N GLY C 59 -16.71 33.11 -93.00
CA GLY C 59 -15.53 33.85 -93.40
C GLY C 59 -14.23 33.08 -93.26
N TYR C 60 -14.30 31.74 -93.31
CA TYR C 60 -13.19 30.81 -93.05
C TYR C 60 -12.56 31.06 -91.67
N LEU C 61 -13.42 31.26 -90.68
CA LEU C 61 -13.01 31.48 -89.30
C LEU C 61 -14.04 30.86 -88.38
N SER C 62 -13.63 29.87 -87.59
CA SER C 62 -14.53 29.20 -86.66
C SER C 62 -13.79 28.92 -85.36
N THR C 63 -14.57 28.70 -84.30
CA THR C 63 -14.04 28.43 -82.98
C THR C 63 -14.45 27.04 -82.53
N VAL C 64 -13.62 26.43 -81.68
CA VAL C 64 -13.80 25.07 -81.19
C VAL C 64 -13.61 25.09 -79.69
N THR C 65 -14.62 24.61 -78.96
CA THR C 65 -14.54 24.48 -77.50
C THR C 65 -14.11 23.06 -77.15
N ILE C 66 -12.96 22.94 -76.50
CA ILE C 66 -12.44 21.67 -76.03
C ILE C 66 -12.48 21.65 -74.51
N LYS C 67 -12.54 20.44 -73.96
CA LYS C 67 -12.49 20.23 -72.51
C LYS C 67 -11.39 19.21 -72.26
N ILE C 68 -10.26 19.69 -71.72
CA ILE C 68 -9.08 18.85 -71.54
C ILE C 68 -9.23 18.07 -70.24
N PRO C 69 -9.27 16.74 -70.30
CA PRO C 69 -9.43 15.95 -69.08
C PRO C 69 -8.12 15.79 -68.32
N ALA C 70 -8.24 15.63 -67.00
CA ALA C 70 -7.09 15.43 -66.13
C ALA C 70 -6.70 13.95 -66.20
N SER C 71 -5.90 13.63 -67.21
CA SER C 71 -5.46 12.26 -67.45
C SER C 71 -4.41 11.83 -66.42
N LYS C 72 -4.12 10.52 -66.40
CA LYS C 72 -3.21 9.96 -65.41
C LYS C 72 -1.76 10.36 -65.66
N GLU C 73 -1.38 10.61 -66.91
CA GLU C 73 -0.06 11.15 -67.19
C GLU C 73 0.01 12.62 -66.78
N LEU C 74 -1.12 13.33 -66.87
CA LEU C 74 -1.21 14.73 -66.51
C LEU C 74 -1.49 14.98 -65.03
N LYS C 75 -2.02 13.97 -64.30
CA LYS C 75 -2.35 14.20 -62.90
C LYS C 75 -1.14 14.14 -61.97
N SER C 76 0.04 13.77 -62.48
CA SER C 76 1.23 13.71 -61.64
C SER C 76 1.71 15.12 -61.30
N ASP C 77 2.00 15.36 -60.04
CA ASP C 77 2.35 16.68 -59.53
C ASP C 77 3.85 16.97 -59.63
N LYS C 78 4.59 16.17 -60.38
CA LYS C 78 6.05 16.24 -60.43
C LYS C 78 6.45 16.61 -61.86
N GLY C 79 6.85 17.85 -62.06
CA GLY C 79 7.21 18.35 -63.38
C GLY C 79 6.02 18.98 -64.07
N HIS C 80 6.31 20.02 -64.87
CA HIS C 80 5.28 20.68 -65.65
C HIS C 80 4.83 19.79 -66.80
N LYS C 81 3.51 19.54 -66.87
CA LYS C 81 2.95 18.69 -67.89
C LYS C 81 2.50 19.50 -69.10
N PHE C 82 2.36 18.81 -70.24
CA PHE C 82 1.97 19.45 -71.48
C PHE C 82 0.95 18.56 -72.19
N VAL C 83 0.21 19.18 -73.12
CA VAL C 83 -0.62 18.45 -74.06
C VAL C 83 -0.26 18.93 -75.46
N THR C 84 -0.66 18.14 -76.45
CA THR C 84 -0.35 18.41 -77.85
C THR C 84 -1.66 18.55 -78.61
N VAL C 85 -1.93 19.76 -79.11
CA VAL C 85 -3.14 20.06 -79.86
C VAL C 85 -2.84 19.96 -81.35
N VAL C 86 -3.61 19.14 -82.07
CA VAL C 86 -3.41 18.88 -83.49
C VAL C 86 -4.67 19.31 -84.23
N ALA C 87 -4.53 20.29 -85.13
CA ALA C 87 -5.61 20.70 -86.01
C ALA C 87 -5.29 20.26 -87.43
N THR C 88 -6.24 19.58 -88.07
CA THR C 88 -6.07 19.01 -89.40
C THR C 88 -7.00 19.74 -90.37
N PHE C 89 -6.43 20.65 -91.16
CA PHE C 89 -7.19 21.45 -92.12
C PHE C 89 -7.25 20.67 -93.43
N GLY C 90 -8.17 19.71 -93.48
CA GLY C 90 -8.27 18.81 -94.61
C GLY C 90 -7.13 17.80 -94.64
N ASN C 91 -6.11 18.08 -95.45
CA ASN C 91 -4.92 17.24 -95.54
C ASN C 91 -3.69 17.87 -94.90
N VAL C 92 -3.79 19.10 -94.38
CA VAL C 92 -2.68 19.82 -93.81
C VAL C 92 -2.86 19.86 -92.30
N GLN C 93 -1.87 19.38 -91.56
CA GLN C 93 -1.95 19.33 -90.11
C GLN C 93 -1.15 20.47 -89.49
N VAL C 94 -1.74 21.10 -88.47
CA VAL C 94 -1.14 22.20 -87.70
C VAL C 94 -1.10 21.77 -86.25
N GLU C 95 0.07 21.86 -85.62
CA GLU C 95 0.26 21.24 -84.31
C GLU C 95 1.10 22.10 -83.38
N LYS C 96 0.62 22.29 -82.15
CA LYS C 96 1.30 23.10 -81.14
C LYS C 96 1.19 22.44 -79.77
N VAL C 97 2.30 22.42 -79.04
CA VAL C 97 2.35 21.87 -77.68
C VAL C 97 2.06 22.99 -76.68
N VAL C 98 1.10 22.76 -75.78
CA VAL C 98 0.61 23.77 -74.85
C VAL C 98 0.83 23.31 -73.42
N LEU C 99 1.20 24.24 -72.54
CA LEU C 99 1.28 24.02 -71.10
C LEU C 99 -0.11 23.84 -70.47
N ILE C 100 -0.19 23.03 -69.42
CA ILE C 100 -1.44 22.82 -68.68
C ILE C 100 -1.23 23.16 -67.21
N SER C 101 -2.35 23.30 -66.50
CA SER C 101 -2.33 23.62 -65.07
C SER C 101 -3.57 23.06 -64.39
N LEU C 102 -3.36 22.39 -63.26
CA LEU C 102 -4.42 21.79 -62.46
C LEU C 102 -5.18 22.76 -61.55
N GLN C 103 -5.63 23.90 -62.06
CA GLN C 103 -6.36 24.86 -61.24
C GLN C 103 -7.82 24.42 -61.19
N SER C 104 -8.26 23.93 -60.04
CA SER C 104 -9.60 23.38 -59.86
C SER C 104 -10.53 24.35 -59.14
N GLY C 105 -10.38 25.66 -59.36
CA GLY C 105 -11.29 26.61 -58.76
C GLY C 105 -10.56 27.73 -58.06
N TYR C 106 -11.31 28.43 -57.19
CA TYR C 106 -10.82 29.49 -56.33
C TYR C 106 -11.58 29.42 -55.01
N LEU C 107 -10.87 29.65 -53.91
CA LEU C 107 -11.46 29.63 -52.58
C LEU C 107 -11.25 30.97 -51.91
N PHE C 108 -12.34 31.60 -51.50
CA PHE C 108 -12.30 32.88 -50.80
C PHE C 108 -12.80 32.66 -49.36
N ILE C 109 -12.06 33.16 -48.39
CA ILE C 109 -12.34 32.93 -46.97
C ILE C 109 -12.68 34.27 -46.32
N GLN C 110 -13.82 34.33 -45.65
CA GLN C 110 -14.28 35.53 -44.96
C GLN C 110 -14.47 35.22 -43.48
N THR C 111 -13.72 35.91 -42.62
CA THR C 111 -14.00 35.89 -41.20
C THR C 111 -15.05 36.94 -40.87
N ASP C 112 -15.72 36.77 -39.71
CA ASP C 112 -16.75 37.73 -39.32
C ASP C 112 -16.14 39.03 -38.85
N LYS C 113 -14.91 39.00 -38.32
CA LYS C 113 -14.18 40.19 -37.93
C LYS C 113 -12.70 39.89 -37.98
N THR C 114 -11.88 40.94 -37.82
CA THR C 114 -10.44 40.83 -38.05
C THR C 114 -9.61 40.87 -36.77
N ILE C 115 -10.22 41.13 -35.62
CA ILE C 115 -9.52 41.08 -34.34
C ILE C 115 -10.44 40.38 -33.35
N TYR C 116 -9.85 39.58 -32.46
CA TYR C 116 -10.62 38.80 -31.51
C TYR C 116 -9.92 38.78 -30.16
N THR C 117 -10.72 38.59 -29.12
CA THR C 117 -10.32 38.33 -27.75
C THR C 117 -10.32 36.82 -27.51
N PRO C 118 -9.63 36.31 -26.48
CA PRO C 118 -9.81 34.90 -26.12
C PRO C 118 -11.19 34.65 -25.54
N GLY C 119 -11.74 33.47 -25.84
CA GLY C 119 -13.10 33.15 -25.51
C GLY C 119 -14.12 33.51 -26.58
N SER C 120 -13.71 34.25 -27.60
CA SER C 120 -14.60 34.64 -28.68
C SER C 120 -14.79 33.48 -29.68
N THR C 121 -15.82 33.62 -30.50
CA THR C 121 -16.14 32.63 -31.53
C THR C 121 -15.78 33.23 -32.90
N VAL C 122 -14.89 32.55 -33.62
CA VAL C 122 -14.54 32.96 -34.97
C VAL C 122 -15.57 32.37 -35.93
N LEU C 123 -16.38 33.23 -36.53
CA LEU C 123 -17.35 32.83 -37.53
C LEU C 123 -16.71 33.02 -38.90
N TYR C 124 -16.51 31.94 -39.63
CA TYR C 124 -15.80 32.01 -40.90
C TYR C 124 -16.50 31.19 -41.97
N ARG C 125 -16.51 31.72 -43.20
CA ARG C 125 -17.13 31.08 -44.35
C ARG C 125 -16.10 30.89 -45.45
N VAL C 126 -16.21 29.77 -46.17
CA VAL C 126 -15.37 29.46 -47.31
C VAL C 126 -16.26 29.32 -48.54
N PHE C 127 -16.00 30.14 -49.55
CA PHE C 127 -16.78 30.15 -50.78
C PHE C 127 -16.02 29.35 -51.84
N THR C 128 -16.68 28.33 -52.39
CA THR C 128 -16.05 27.38 -53.32
C THR C 128 -16.59 27.67 -54.71
N VAL C 129 -15.80 28.34 -55.54
CA VAL C 129 -16.19 28.66 -56.90
C VAL C 129 -15.26 27.92 -57.86
N ASP C 130 -15.63 27.90 -59.14
CA ASP C 130 -14.84 27.24 -60.16
C ASP C 130 -14.00 28.28 -60.89
N HIS C 131 -13.40 27.90 -62.02
CA HIS C 131 -12.58 28.81 -62.81
C HIS C 131 -13.39 29.93 -63.46
N LYS C 132 -14.70 29.72 -63.69
CA LYS C 132 -15.59 30.75 -64.20
C LYS C 132 -16.25 31.59 -63.11
N LEU C 133 -15.76 31.47 -61.86
CA LEU C 133 -16.28 32.06 -60.61
C LEU C 133 -17.70 31.63 -60.26
N LEU C 134 -18.26 30.58 -60.91
CA LEU C 134 -19.55 29.96 -60.63
C LEU C 134 -19.37 28.92 -59.52
N PRO C 135 -20.38 28.70 -58.68
CA PRO C 135 -20.20 27.79 -57.53
C PRO C 135 -20.09 26.33 -57.94
N VAL C 136 -19.11 25.65 -57.33
CA VAL C 136 -18.84 24.24 -57.58
C VAL C 136 -19.01 23.50 -56.25
N GLY C 137 -19.40 22.23 -56.33
CA GLY C 137 -19.54 21.41 -55.15
C GLY C 137 -18.42 20.39 -55.03
N GLN C 138 -17.40 20.72 -54.24
CA GLN C 138 -16.22 19.88 -54.10
C GLN C 138 -15.82 19.82 -52.63
N THR C 139 -14.93 18.88 -52.33
CA THR C 139 -14.46 18.69 -50.96
C THR C 139 -13.28 19.62 -50.67
N VAL C 140 -13.41 20.39 -49.61
CA VAL C 140 -12.39 21.38 -49.21
C VAL C 140 -11.87 20.99 -47.83
N PHE C 141 -10.55 20.92 -47.69
CA PHE C 141 -9.90 20.71 -46.41
C PHE C 141 -9.55 22.06 -45.80
N ILE C 142 -10.07 22.34 -44.61
CA ILE C 142 -10.01 23.66 -43.99
C ILE C 142 -9.22 23.55 -42.69
N THR C 143 -8.11 24.29 -42.62
CA THR C 143 -7.15 24.20 -41.52
C THR C 143 -7.02 25.55 -40.82
N ILE C 144 -7.13 25.57 -39.50
CA ILE C 144 -6.87 26.76 -38.70
C ILE C 144 -5.53 26.56 -38.01
N GLU C 145 -4.60 27.49 -38.23
CA GLU C 145 -3.24 27.37 -37.73
C GLU C 145 -2.93 28.49 -36.75
N THR C 146 -2.06 28.16 -35.79
CA THR C 146 -1.51 29.10 -34.83
C THR C 146 -0.59 30.13 -35.53
N PRO C 147 -0.25 31.25 -34.85
CA PRO C 147 0.80 32.13 -35.40
C PRO C 147 2.18 31.48 -35.47
N ASP C 148 2.44 30.44 -34.68
CA ASP C 148 3.62 29.62 -34.85
C ASP C 148 3.43 28.53 -35.92
N GLY C 149 2.23 28.40 -36.48
CA GLY C 149 1.99 27.51 -37.62
C GLY C 149 1.46 26.14 -37.30
N ILE C 150 1.07 25.87 -36.08
CA ILE C 150 0.61 24.54 -35.66
C ILE C 150 -0.88 24.40 -35.98
N PRO C 151 -1.28 23.36 -36.69
CA PRO C 151 -2.72 23.16 -36.98
C PRO C 151 -3.47 22.68 -35.73
N VAL C 152 -4.51 23.42 -35.38
CA VAL C 152 -5.35 23.08 -34.23
C VAL C 152 -6.73 22.57 -34.62
N LYS C 153 -7.15 22.73 -35.88
CA LYS C 153 -8.48 22.29 -36.30
C LYS C 153 -8.45 22.01 -37.80
N ARG C 154 -8.77 20.78 -38.19
CA ARG C 154 -8.79 20.37 -39.59
C ARG C 154 -10.15 19.76 -39.91
N ASP C 155 -10.98 20.51 -40.63
CA ASP C 155 -12.29 20.06 -41.08
C ASP C 155 -12.26 19.74 -42.57
N SER C 156 -13.13 18.83 -42.98
CA SER C 156 -13.31 18.49 -44.40
C SER C 156 -14.79 18.41 -44.70
N LYS C 157 -15.27 19.31 -45.57
CA LYS C 157 -16.68 19.36 -45.93
C LYS C 157 -16.83 19.48 -47.44
N SER C 158 -17.83 18.77 -47.97
CA SER C 158 -18.17 18.84 -49.39
C SER C 158 -19.27 19.88 -49.60
N SER C 159 -19.06 20.77 -50.56
CA SER C 159 -19.98 21.87 -50.85
C SER C 159 -21.03 21.51 -51.89
N GLN C 160 -21.37 20.22 -52.02
CA GLN C 160 -22.38 19.81 -53.00
C GLN C 160 -23.79 20.16 -52.55
N ASN C 161 -24.09 19.99 -51.26
CA ASN C 161 -25.41 20.25 -50.73
C ASN C 161 -25.58 21.66 -50.17
N GLN C 162 -24.49 22.33 -49.82
CA GLN C 162 -24.54 23.73 -49.40
C GLN C 162 -24.36 24.69 -50.57
N PHE C 163 -24.18 24.15 -51.78
CA PHE C 163 -24.13 24.85 -53.07
C PHE C 163 -23.00 25.88 -53.18
N GLY C 164 -21.92 25.72 -52.41
CA GLY C 164 -20.75 26.55 -52.58
C GLY C 164 -20.45 27.50 -51.45
N ILE C 165 -21.30 27.58 -50.43
CA ILE C 165 -21.05 28.42 -49.26
C ILE C 165 -20.89 27.49 -48.06
N LEU C 166 -19.65 27.22 -47.69
CA LEU C 166 -19.33 26.40 -46.52
C LEU C 166 -19.32 27.30 -45.29
N THR C 167 -20.32 27.14 -44.43
CA THR C 167 -20.52 28.00 -43.27
C THR C 167 -20.08 27.26 -42.00
N LEU C 168 -19.07 27.81 -41.31
CA LEU C 168 -18.43 27.15 -40.18
C LEU C 168 -18.23 28.13 -39.03
N SER C 169 -17.72 27.59 -37.92
CA SER C 169 -17.41 28.37 -36.73
C SER C 169 -16.29 27.67 -35.97
N TRP C 170 -15.63 28.44 -35.09
CA TRP C 170 -14.60 27.90 -34.21
C TRP C 170 -14.51 28.76 -32.96
N ASN C 171 -14.44 28.12 -31.80
CA ASN C 171 -14.34 28.83 -30.52
C ASN C 171 -12.88 28.99 -30.11
N ILE C 172 -12.46 30.22 -29.87
CA ILE C 172 -11.14 30.45 -29.29
C ILE C 172 -11.16 30.06 -27.82
N PRO C 173 -10.19 29.30 -27.33
CA PRO C 173 -10.10 29.02 -25.89
C PRO C 173 -9.67 30.25 -25.10
N GLU C 174 -9.78 30.12 -23.77
CA GLU C 174 -9.48 31.24 -22.88
C GLU C 174 -7.98 31.52 -22.80
N LEU C 175 -7.16 30.48 -22.82
CA LEU C 175 -5.71 30.62 -22.94
C LEU C 175 -5.33 30.12 -24.33
N VAL C 176 -4.63 30.96 -25.09
CA VAL C 176 -4.43 30.68 -26.51
C VAL C 176 -3.20 31.47 -26.98
N ASN C 177 -2.64 31.07 -28.12
CA ASN C 177 -1.64 31.89 -28.80
C ASN C 177 -2.21 33.23 -29.25
N MET C 178 -1.50 34.30 -28.94
CA MET C 178 -1.86 35.62 -29.41
C MET C 178 -0.90 36.06 -30.50
N GLY C 179 -1.45 36.62 -31.57
CA GLY C 179 -0.71 36.99 -32.75
C GLY C 179 -1.62 36.90 -33.97
N VAL C 180 -1.01 36.55 -35.10
CA VAL C 180 -1.70 36.51 -36.38
C VAL C 180 -1.99 35.05 -36.72
N TRP C 181 -3.25 34.66 -36.52
CA TRP C 181 -3.71 33.32 -36.85
C TRP C 181 -4.03 33.23 -38.33
N LYS C 182 -3.99 32.01 -38.87
CA LYS C 182 -4.23 31.79 -40.29
C LYS C 182 -5.24 30.68 -40.48
N ILE C 183 -6.26 30.93 -41.31
CA ILE C 183 -7.11 29.88 -41.85
C ILE C 183 -6.55 29.49 -43.21
N LYS C 184 -6.44 28.19 -43.47
CA LYS C 184 -5.96 27.69 -44.76
C LYS C 184 -7.00 26.75 -45.37
N ALA C 185 -7.15 26.83 -46.69
CA ALA C 185 -8.13 26.00 -47.39
C ALA C 185 -7.57 25.56 -48.74
N TYR C 186 -7.91 24.33 -49.12
CA TYR C 186 -7.53 23.79 -50.42
C TYR C 186 -8.55 22.74 -50.82
N TYR C 187 -8.71 22.54 -52.14
CA TYR C 187 -9.56 21.46 -52.63
C TYR C 187 -8.88 20.12 -52.43
N GLU C 188 -9.70 19.06 -52.41
CA GLU C 188 -9.18 17.72 -52.16
C GLU C 188 -8.37 17.19 -53.33
N ASP C 189 -8.80 17.48 -54.55
CA ASP C 189 -8.06 17.05 -55.74
C ASP C 189 -6.88 17.96 -56.09
N SER C 190 -6.71 19.08 -55.39
CA SER C 190 -5.59 19.99 -55.63
C SER C 190 -5.04 20.46 -54.29
N PRO C 191 -4.16 19.68 -53.66
CA PRO C 191 -3.62 20.09 -52.35
C PRO C 191 -2.57 21.19 -52.43
N GLN C 192 -1.98 21.42 -53.60
CA GLN C 192 -0.93 22.41 -53.76
C GLN C 192 -1.46 23.82 -54.03
N GLN C 193 -2.78 23.99 -54.08
CA GLN C 193 -3.40 25.30 -54.28
C GLN C 193 -4.07 25.69 -52.96
N VAL C 194 -3.29 26.26 -52.06
CA VAL C 194 -3.75 26.62 -50.72
C VAL C 194 -4.15 28.08 -50.71
N PHE C 195 -5.41 28.35 -50.37
CA PHE C 195 -5.92 29.70 -50.22
C PHE C 195 -6.01 30.02 -48.73
N SER C 196 -5.78 31.28 -48.38
CA SER C 196 -5.65 31.63 -46.97
C SER C 196 -6.23 32.99 -46.67
N ALA C 197 -6.74 33.11 -45.44
CA ALA C 197 -7.07 34.39 -44.83
C ALA C 197 -6.51 34.41 -43.42
N GLU C 198 -6.19 35.60 -42.93
CA GLU C 198 -5.60 35.75 -41.60
C GLU C 198 -6.45 36.66 -40.72
N PHE C 199 -6.43 36.36 -39.41
CA PHE C 199 -7.07 37.20 -38.41
C PHE C 199 -6.15 37.30 -37.20
N GLU C 200 -6.42 38.30 -36.37
CA GLU C 200 -5.57 38.60 -35.21
C GLU C 200 -6.31 38.24 -33.93
N VAL C 201 -5.58 37.68 -32.97
CA VAL C 201 -6.07 37.46 -31.62
C VAL C 201 -5.17 38.27 -30.69
N LYS C 202 -5.72 39.33 -30.11
CA LYS C 202 -5.07 40.08 -29.04
C LYS C 202 -5.80 39.75 -27.74
N GLU C 203 -5.43 40.42 -26.66
CA GLU C 203 -6.01 40.14 -25.35
C GLU C 203 -7.14 41.11 -25.06
N TYR C 204 -7.82 40.85 -23.94
CA TYR C 204 -8.93 41.69 -23.49
C TYR C 204 -8.42 43.07 -23.10
N VAL C 205 -8.91 44.09 -23.78
CA VAL C 205 -8.59 45.49 -23.49
C VAL C 205 -9.90 46.27 -23.43
N LEU C 206 -10.18 46.87 -22.28
CA LEU C 206 -11.39 47.68 -22.07
C LEU C 206 -10.93 49.06 -21.65
N PRO C 207 -10.70 49.98 -22.59
CA PRO C 207 -10.40 51.36 -22.20
C PRO C 207 -11.67 52.08 -21.80
N SER C 208 -11.56 52.93 -20.78
CA SER C 208 -12.70 53.79 -20.43
C SER C 208 -12.88 54.91 -21.44
N PHE C 209 -11.79 55.34 -22.07
CA PHE C 209 -11.82 56.39 -23.08
C PHE C 209 -10.81 56.02 -24.16
N GLU C 210 -11.15 56.32 -25.41
CA GLU C 210 -10.25 56.02 -26.51
C GLU C 210 -9.42 57.26 -26.86
N VAL C 211 -8.21 57.00 -27.34
CA VAL C 211 -7.25 58.04 -27.71
C VAL C 211 -6.90 57.88 -29.18
N GLN C 212 -7.05 58.96 -29.94
CA GLN C 212 -6.72 58.98 -31.36
C GLN C 212 -5.58 59.96 -31.60
N LEU C 213 -4.55 59.51 -32.31
CA LEU C 213 -3.38 60.33 -32.60
C LEU C 213 -3.43 60.69 -34.09
N GLU C 214 -3.85 61.92 -34.37
CA GLU C 214 -4.03 62.38 -35.74
C GLU C 214 -2.90 63.34 -36.09
N PRO C 215 -1.96 62.96 -36.96
CA PRO C 215 -0.95 63.91 -37.41
C PRO C 215 -1.55 64.93 -38.38
N GLU C 216 -0.87 66.09 -38.46
CA GLU C 216 -1.38 67.21 -39.24
C GLU C 216 -1.36 66.92 -40.74
N GLU C 217 -0.32 66.26 -41.21
CA GLU C 217 -0.27 65.67 -42.54
C GLU C 217 -0.13 64.16 -42.37
N LYS C 218 -0.49 63.42 -43.42
CA LYS C 218 -0.40 61.95 -43.41
C LYS C 218 1.01 61.42 -43.76
N PHE C 219 2.03 62.27 -43.67
CA PHE C 219 3.42 62.05 -44.01
C PHE C 219 4.19 63.22 -43.41
N TYR C 220 5.50 63.06 -43.26
CA TYR C 220 6.33 64.15 -42.78
C TYR C 220 7.29 64.57 -43.88
N TYR C 221 7.24 65.85 -44.25
CA TYR C 221 8.22 66.42 -45.16
C TYR C 221 9.55 66.55 -44.43
N ILE C 222 10.61 65.95 -44.99
CA ILE C 222 11.90 65.92 -44.30
C ILE C 222 12.58 67.30 -44.31
N ASP C 223 12.19 68.20 -45.21
CA ASP C 223 12.69 69.56 -45.22
C ASP C 223 11.68 70.56 -44.66
N ASP C 224 10.75 70.11 -43.81
CA ASP C 224 9.79 71.01 -43.18
C ASP C 224 10.41 71.61 -41.93
N PRO C 225 10.49 72.95 -41.81
CA PRO C 225 11.21 73.55 -40.67
C PRO C 225 10.45 73.49 -39.35
N ASP C 226 9.11 73.47 -39.40
CA ASP C 226 8.32 73.49 -38.17
C ASP C 226 8.25 72.12 -37.51
N GLY C 227 8.24 71.06 -38.30
CA GLY C 227 8.16 69.71 -37.77
C GLY C 227 6.80 69.09 -37.99
N LEU C 228 6.57 67.99 -37.27
CA LEU C 228 5.38 67.17 -37.40
C LEU C 228 4.48 67.40 -36.20
N LYS C 229 3.32 68.04 -36.44
CA LYS C 229 2.32 68.22 -35.41
C LYS C 229 1.36 67.04 -35.42
N VAL C 230 1.07 66.51 -34.23
CA VAL C 230 0.14 65.40 -34.05
C VAL C 230 -0.95 65.85 -33.08
N ASN C 231 -2.19 65.89 -33.55
CA ASN C 231 -3.32 66.23 -32.70
C ASN C 231 -3.69 65.03 -31.84
N ILE C 232 -3.94 65.29 -30.56
CA ILE C 232 -4.37 64.27 -29.61
C ILE C 232 -5.87 64.45 -29.40
N ILE C 233 -6.65 63.48 -29.85
CA ILE C 233 -8.11 63.47 -29.66
C ILE C 233 -8.43 62.35 -28.69
N ALA C 234 -8.79 62.72 -27.46
CA ALA C 234 -9.16 61.76 -26.42
C ALA C 234 -10.62 62.01 -26.04
N ARG C 235 -11.43 60.95 -26.10
CA ARG C 235 -12.84 61.06 -25.79
C ARG C 235 -13.31 59.75 -25.18
N PHE C 236 -14.36 59.82 -24.38
CA PHE C 236 -14.94 58.63 -23.76
C PHE C 236 -15.70 57.81 -24.80
N LEU C 237 -15.93 56.53 -24.47
CA LEU C 237 -16.63 55.62 -25.37
C LEU C 237 -18.11 55.96 -25.51
N TYR C 238 -18.70 56.63 -24.52
CA TYR C 238 -20.09 57.08 -24.60
C TYR C 238 -20.23 58.46 -25.22
N GLY C 239 -19.12 59.12 -25.57
CA GLY C 239 -19.15 60.33 -26.36
C GLY C 239 -18.59 61.56 -25.69
N GLU C 240 -18.38 61.55 -24.38
CA GLU C 240 -17.98 62.76 -23.69
C GLU C 240 -16.48 63.02 -23.85
N GLN C 241 -16.08 64.26 -23.58
CA GLN C 241 -14.71 64.71 -23.80
C GLN C 241 -13.83 64.46 -22.57
N VAL C 242 -12.52 64.51 -22.81
CA VAL C 242 -11.49 64.15 -21.83
C VAL C 242 -10.71 65.40 -21.42
N ASP C 243 -10.61 65.62 -20.12
CA ASP C 243 -9.70 66.62 -19.57
C ASP C 243 -8.58 65.91 -18.82
N GLY C 244 -7.34 66.28 -19.12
CA GLY C 244 -6.20 65.66 -18.46
C GLY C 244 -4.83 66.02 -19.01
N THR C 245 -3.93 65.04 -19.06
CA THR C 245 -2.54 65.26 -19.41
C THR C 245 -2.04 64.09 -20.25
N ALA C 246 -1.48 64.39 -21.42
CA ALA C 246 -0.94 63.39 -22.33
C ALA C 246 0.59 63.42 -22.29
N PHE C 247 1.21 62.24 -22.18
CA PHE C 247 2.66 62.08 -22.23
C PHE C 247 3.02 61.44 -23.57
N VAL C 248 3.59 62.23 -24.47
CA VAL C 248 3.77 61.87 -25.87
C VAL C 248 5.26 61.70 -26.16
N ILE C 249 5.62 60.59 -26.82
CA ILE C 249 7.00 60.35 -27.25
C ILE C 249 6.96 59.91 -28.72
N PHE C 250 7.96 60.34 -29.50
CA PHE C 250 8.08 59.99 -30.91
C PHE C 250 9.21 58.99 -31.10
N GLY C 251 9.29 58.45 -32.33
CA GLY C 251 10.33 57.50 -32.66
C GLY C 251 10.29 57.18 -34.15
N VAL C 252 11.34 56.48 -34.60
CA VAL C 252 11.52 56.15 -36.01
C VAL C 252 11.52 54.64 -36.16
N GLN C 253 10.66 54.13 -37.05
CA GLN C 253 10.53 52.69 -37.31
C GLN C 253 11.31 52.32 -38.57
N ASP C 254 12.46 51.66 -38.37
CA ASP C 254 13.33 51.24 -39.48
C ASP C 254 13.02 49.79 -39.81
N GLY C 255 11.89 49.59 -40.51
CA GLY C 255 11.41 48.25 -40.81
C GLY C 255 10.69 47.62 -39.63
N ASP C 256 11.36 46.69 -38.94
CA ASP C 256 10.88 46.19 -37.67
C ASP C 256 11.70 46.73 -36.50
N ARG C 257 12.67 47.59 -36.79
CA ARG C 257 13.52 48.19 -35.77
C ARG C 257 12.94 49.55 -35.37
N ARG C 258 12.65 49.72 -34.09
CA ARG C 258 12.11 50.96 -33.56
C ARG C 258 13.21 51.72 -32.81
N ILE C 259 13.45 52.96 -33.22
CA ILE C 259 14.48 53.82 -32.65
C ILE C 259 13.75 54.92 -31.90
N SER C 260 13.72 54.80 -30.56
CA SER C 260 13.00 55.76 -29.73
C SER C 260 13.74 57.09 -29.65
N LEU C 261 13.06 58.15 -30.06
CA LEU C 261 13.59 59.51 -29.93
C LEU C 261 13.30 59.97 -28.50
N THR C 262 14.31 59.84 -27.63
CA THR C 262 14.14 60.12 -26.21
C THR C 262 14.01 61.61 -25.91
N HIS C 263 14.55 62.48 -26.78
CA HIS C 263 14.46 63.92 -26.59
C HIS C 263 13.16 64.52 -27.13
N SER C 264 12.23 63.69 -27.61
CA SER C 264 10.94 64.15 -28.09
C SER C 264 9.84 63.99 -27.06
N LEU C 265 10.18 63.53 -25.86
CA LEU C 265 9.19 63.25 -24.81
C LEU C 265 8.68 64.57 -24.24
N THR C 266 7.40 64.87 -24.48
CA THR C 266 6.78 66.13 -24.08
C THR C 266 5.52 65.87 -23.28
N ARG C 267 5.23 66.79 -22.35
CA ARG C 267 4.00 66.79 -21.57
C ARG C 267 3.02 67.76 -22.22
N VAL C 268 1.86 67.26 -22.61
CA VAL C 268 0.85 68.03 -23.33
C VAL C 268 -0.43 68.03 -22.49
N PRO C 269 -1.00 69.20 -22.18
CA PRO C 269 -2.32 69.22 -21.53
C PRO C 269 -3.42 68.89 -22.53
N ILE C 270 -4.43 68.18 -22.05
CA ILE C 270 -5.61 67.83 -22.84
C ILE C 270 -6.78 68.61 -22.26
N ASN C 271 -7.26 69.59 -23.02
CA ASN C 271 -8.38 70.44 -22.60
C ASN C 271 -9.50 70.28 -23.62
N ASP C 272 -10.68 69.87 -23.13
CA ASP C 272 -11.90 69.59 -23.92
C ASP C 272 -11.62 68.54 -25.01
N GLY C 273 -10.85 67.51 -24.65
CA GLY C 273 -10.56 66.43 -25.56
C GLY C 273 -9.57 66.73 -26.66
N ASN C 274 -8.75 67.77 -26.50
CA ASN C 274 -7.85 68.19 -27.57
C ASN C 274 -6.50 68.59 -26.99
N GLY C 275 -5.44 68.27 -27.75
CA GLY C 275 -4.09 68.62 -27.39
C GLY C 275 -3.20 68.47 -28.61
N GLU C 276 -1.99 68.98 -28.50
CA GLU C 276 -1.07 68.99 -29.63
C GLU C 276 0.36 68.74 -29.17
N ALA C 277 1.04 67.82 -29.84
CA ALA C 277 2.44 67.52 -29.58
C ALA C 277 3.22 67.65 -30.88
N ILE C 278 4.30 68.41 -30.85
CA ILE C 278 5.09 68.72 -32.05
C ILE C 278 6.46 68.06 -31.91
N LEU C 279 6.83 67.29 -32.92
CA LEU C 279 8.17 66.73 -33.04
C LEU C 279 9.03 67.70 -33.85
N LYS C 280 10.01 68.32 -33.21
CA LYS C 280 10.86 69.28 -33.89
C LYS C 280 11.88 68.56 -34.78
N ARG C 281 12.34 69.27 -35.82
CA ARG C 281 13.20 68.67 -36.84
C ARG C 281 14.60 68.38 -36.28
N GLN C 282 15.07 69.20 -35.35
CA GLN C 282 16.37 68.99 -34.74
C GLN C 282 16.38 67.77 -33.80
N VAL C 283 15.24 67.39 -33.26
CA VAL C 283 15.16 66.17 -32.47
C VAL C 283 15.18 64.94 -33.37
N LEU C 284 14.58 65.03 -34.56
CA LEU C 284 14.53 63.92 -35.50
C LEU C 284 15.90 63.64 -36.11
N LEU C 285 16.63 64.70 -36.47
CA LEU C 285 17.93 64.55 -37.10
C LEU C 285 18.99 64.04 -36.13
N ASN C 286 18.98 64.55 -34.89
CA ASN C 286 20.01 64.16 -33.91
C ASN C 286 19.82 62.74 -33.39
N GLY C 287 18.57 62.31 -33.20
CA GLY C 287 18.31 61.00 -32.60
C GLY C 287 18.70 59.82 -33.46
N VAL C 288 18.45 59.90 -34.75
CA VAL C 288 18.85 58.84 -35.68
C VAL C 288 20.37 58.88 -35.89
N GLN C 289 21.01 57.70 -35.82
CA GLN C 289 22.47 57.53 -35.94
C GLN C 289 23.04 57.83 -37.34
N PRO C 290 22.33 57.62 -38.47
CA PRO C 290 22.79 58.26 -39.72
C PRO C 290 22.84 59.79 -39.67
N SER C 291 21.85 60.41 -39.01
CA SER C 291 21.75 61.87 -38.79
C SER C 291 21.83 62.68 -40.08
N ARG C 292 21.16 62.19 -41.11
CA ARG C 292 21.12 62.86 -42.40
C ARG C 292 19.71 62.82 -42.95
N ALA C 293 19.33 63.89 -43.66
CA ALA C 293 17.98 64.01 -44.20
C ALA C 293 17.66 62.97 -45.27
N ASP C 294 18.64 62.62 -46.13
CA ASP C 294 18.37 61.63 -47.16
C ASP C 294 18.26 60.21 -46.60
N ALA C 295 18.95 59.93 -45.49
CA ALA C 295 18.89 58.63 -44.84
C ALA C 295 17.66 58.47 -43.94
N LEU C 296 16.83 59.49 -43.82
CA LEU C 296 15.53 59.38 -43.18
C LEU C 296 14.41 59.14 -44.17
N VAL C 297 14.68 59.31 -45.47
CA VAL C 297 13.68 59.03 -46.50
C VAL C 297 13.54 57.53 -46.67
N GLY C 298 12.31 57.04 -46.67
CA GLY C 298 12.04 55.62 -46.70
C GLY C 298 11.80 54.99 -45.35
N LYS C 299 11.87 55.76 -44.27
CA LYS C 299 11.53 55.31 -42.93
C LYS C 299 10.20 55.92 -42.53
N SER C 300 9.68 55.46 -41.39
CA SER C 300 8.41 55.96 -40.87
C SER C 300 8.57 56.44 -39.45
N ILE C 301 7.70 57.36 -39.06
CA ILE C 301 7.62 57.86 -37.68
C ILE C 301 6.47 57.16 -36.99
N TYR C 302 6.75 56.57 -35.83
CA TYR C 302 5.70 56.13 -34.93
C TYR C 302 5.65 57.09 -33.73
N VAL C 303 4.48 57.18 -33.11
CA VAL C 303 4.28 58.09 -31.97
C VAL C 303 3.38 57.40 -30.94
N SER C 304 3.83 57.40 -29.68
CA SER C 304 3.12 56.78 -28.57
C SER C 304 2.69 57.85 -27.58
N ALA C 305 1.52 57.66 -26.98
CA ALA C 305 0.95 58.69 -26.10
C ALA C 305 0.15 58.04 -24.97
N THR C 306 0.52 58.35 -23.72
CA THR C 306 -0.24 57.94 -22.55
C THR C 306 -1.07 59.12 -22.06
N VAL C 307 -2.40 59.00 -22.18
CA VAL C 307 -3.32 60.05 -21.77
C VAL C 307 -3.92 59.64 -20.43
N ILE C 308 -3.79 60.50 -19.42
CA ILE C 308 -4.33 60.28 -18.09
C ILE C 308 -5.41 61.32 -17.84
N LEU C 309 -6.49 60.92 -17.17
CA LEU C 309 -7.52 61.86 -16.76
C LEU C 309 -7.02 62.76 -15.64
N GLN C 310 -7.70 63.91 -15.47
CA GLN C 310 -7.27 64.94 -14.53
C GLN C 310 -7.46 64.49 -13.08
N SER C 311 -8.44 63.61 -12.83
CA SER C 311 -8.64 62.99 -11.53
C SER C 311 -7.72 61.79 -11.27
N GLY C 312 -6.71 61.56 -12.11
CA GLY C 312 -5.72 60.51 -11.91
C GLY C 312 -6.25 59.10 -12.02
N SER C 313 -7.34 58.91 -12.74
CA SER C 313 -8.17 57.72 -12.54
C SER C 313 -7.79 56.56 -13.45
N ASP C 314 -7.59 56.85 -14.73
CA ASP C 314 -7.27 55.82 -15.69
C ASP C 314 -6.27 56.39 -16.68
N MET C 315 -5.39 55.53 -17.17
CA MET C 315 -4.52 55.90 -18.26
C MET C 315 -4.74 54.93 -19.42
N VAL C 316 -4.84 55.50 -20.62
CA VAL C 316 -5.04 54.76 -21.84
C VAL C 316 -3.92 55.15 -22.80
N GLU C 317 -3.23 54.15 -23.32
CA GLU C 317 -2.09 54.38 -24.21
C GLU C 317 -2.53 54.08 -25.63
N ALA C 318 -2.12 54.92 -26.56
CA ALA C 318 -2.39 54.72 -27.97
C ALA C 318 -1.12 54.93 -28.77
N GLU C 319 -1.08 54.31 -29.95
CA GLU C 319 0.10 54.42 -30.80
C GLU C 319 -0.33 54.60 -32.25
N ARG C 320 0.32 55.55 -32.93
CA ARG C 320 0.10 55.82 -34.34
C ARG C 320 1.41 55.51 -35.07
N THR C 321 1.46 54.39 -35.77
CA THR C 321 2.65 53.95 -36.48
C THR C 321 2.53 54.22 -37.98
N GLY C 322 3.67 54.22 -38.65
CA GLY C 322 3.67 54.23 -40.10
C GLY C 322 3.47 55.56 -40.77
N ILE C 323 3.83 56.66 -40.11
CA ILE C 323 3.78 57.99 -40.73
C ILE C 323 5.04 58.17 -41.55
N PRO C 324 4.97 58.12 -42.88
CA PRO C 324 6.19 58.01 -43.69
C PRO C 324 6.94 59.33 -43.82
N ILE C 325 8.27 59.21 -43.84
CA ILE C 325 9.15 60.36 -43.96
C ILE C 325 9.55 60.42 -45.44
N VAL C 326 8.74 61.11 -46.24
CA VAL C 326 9.01 61.24 -47.66
C VAL C 326 9.19 62.72 -47.98
N THR C 327 9.71 62.99 -49.17
CA THR C 327 9.78 64.36 -49.66
C THR C 327 8.69 64.70 -50.67
N SER C 328 8.22 63.72 -51.44
CA SER C 328 7.17 63.89 -52.42
C SER C 328 5.89 63.28 -51.89
N PRO C 329 4.77 64.00 -51.90
CA PRO C 329 3.49 63.40 -51.50
C PRO C 329 2.89 62.45 -52.53
N TYR C 330 3.52 62.27 -53.69
CA TYR C 330 3.04 61.39 -54.74
C TYR C 330 4.15 60.44 -55.14
N GLN C 331 3.76 59.25 -55.62
CA GLN C 331 4.69 58.28 -56.18
C GLN C 331 4.22 57.90 -57.57
N ILE C 332 5.09 58.10 -58.55
CA ILE C 332 4.82 57.74 -59.94
C ILE C 332 5.10 56.26 -60.12
N HIS C 333 4.20 55.55 -60.83
CA HIS C 333 4.39 54.14 -61.12
C HIS C 333 4.06 53.87 -62.59
N PHE C 334 4.92 53.10 -63.25
CA PHE C 334 4.73 52.67 -64.64
C PHE C 334 4.20 51.25 -64.73
N THR C 335 3.29 50.87 -63.84
CA THR C 335 2.83 49.47 -63.81
C THR C 335 1.71 49.22 -64.81
N LYS C 336 0.90 50.23 -65.12
CA LYS C 336 -0.24 50.07 -66.02
C LYS C 336 0.07 50.53 -67.44
N THR C 337 1.35 50.78 -67.76
CA THR C 337 1.70 51.24 -69.09
C THR C 337 2.36 50.10 -69.89
N PRO C 338 2.23 50.10 -71.22
CA PRO C 338 2.94 49.10 -72.03
C PRO C 338 4.43 49.36 -72.07
N LYS C 339 5.18 48.29 -72.32
CA LYS C 339 6.63 48.34 -72.36
C LYS C 339 7.20 48.40 -73.77
N PHE C 340 6.35 48.36 -74.80
CA PHE C 340 6.80 48.35 -76.18
C PHE C 340 6.03 49.37 -76.99
N PHE C 341 6.76 50.15 -77.78
CA PHE C 341 6.18 51.18 -78.64
C PHE C 341 6.38 50.83 -80.11
N LYS C 342 5.67 51.57 -80.96
CA LYS C 342 5.76 51.43 -82.40
C LYS C 342 6.40 52.69 -82.98
N PRO C 343 7.40 52.56 -83.85
CA PRO C 343 8.04 53.74 -84.44
C PRO C 343 7.12 54.52 -85.37
N ALA C 344 7.21 55.85 -85.28
CA ALA C 344 6.40 56.84 -86.00
C ALA C 344 4.90 56.71 -85.74
N MET C 345 4.54 56.16 -84.58
CA MET C 345 3.18 55.97 -84.11
C MET C 345 3.15 56.36 -82.64
N PRO C 346 2.01 56.88 -82.15
CA PRO C 346 1.97 57.37 -80.77
C PRO C 346 1.98 56.24 -79.74
N PHE C 347 2.63 56.53 -78.62
CA PHE C 347 2.83 55.59 -77.52
C PHE C 347 1.96 56.03 -76.35
N ASP C 348 0.96 55.23 -76.03
CA ASP C 348 -0.03 55.57 -75.00
C ASP C 348 0.54 55.27 -73.63
N LEU C 349 1.21 56.27 -73.05
CA LEU C 349 1.82 56.13 -71.74
C LEU C 349 0.77 56.28 -70.64
N MET C 350 0.76 55.33 -69.71
CA MET C 350 -0.23 55.25 -68.63
C MET C 350 0.48 55.38 -67.28
N VAL C 351 0.53 56.60 -66.76
CA VAL C 351 1.21 56.90 -65.50
C VAL C 351 0.23 56.71 -64.35
N TYR C 352 0.60 55.87 -63.38
CA TYR C 352 -0.21 55.57 -62.20
C TYR C 352 0.41 56.28 -61.00
N VAL C 353 -0.29 57.28 -60.47
CA VAL C 353 0.20 58.13 -59.39
C VAL C 353 -0.54 57.77 -58.11
N THR C 354 0.20 57.56 -57.01
CA THR C 354 -0.37 57.13 -55.74
C THR C 354 0.06 58.04 -54.61
N ASN C 355 -0.74 58.04 -53.54
CA ASN C 355 -0.44 58.66 -52.26
C ASN C 355 0.56 57.77 -51.49
N PRO C 356 1.20 58.26 -50.41
CA PRO C 356 2.20 57.41 -49.72
C PRO C 356 1.63 56.22 -48.96
N ASP C 357 0.32 56.15 -48.72
CA ASP C 357 -0.28 54.95 -48.15
C ASP C 357 -0.65 53.90 -49.20
N GLY C 358 -0.49 54.21 -50.48
CA GLY C 358 -0.86 53.33 -51.56
C GLY C 358 -2.18 53.65 -52.23
N SER C 359 -2.95 54.59 -51.68
CA SER C 359 -4.21 54.99 -52.28
C SER C 359 -3.95 55.82 -53.54
N PRO C 360 -4.86 55.77 -54.53
CA PRO C 360 -4.64 56.52 -55.77
C PRO C 360 -4.74 58.03 -55.58
N ALA C 361 -3.79 58.74 -56.18
CA ALA C 361 -3.73 60.20 -56.11
C ALA C 361 -4.58 60.78 -57.23
N ARG C 362 -5.61 61.52 -56.87
CA ARG C 362 -6.63 61.99 -57.80
C ARG C 362 -6.35 63.43 -58.23
N HIS C 363 -6.54 63.68 -59.54
CA HIS C 363 -6.42 65.00 -60.20
C HIS C 363 -5.05 65.62 -60.00
N ILE C 364 -4.01 64.84 -60.26
CA ILE C 364 -2.62 65.27 -60.12
C ILE C 364 -2.04 65.46 -61.50
N PRO C 365 -1.57 66.67 -61.85
CA PRO C 365 -1.01 66.89 -63.18
C PRO C 365 0.38 66.31 -63.31
N VAL C 366 0.61 65.56 -64.39
CA VAL C 366 1.89 64.94 -64.69
C VAL C 366 2.38 65.45 -66.04
N VAL C 367 3.67 65.80 -66.11
CA VAL C 367 4.29 66.34 -67.31
C VAL C 367 5.47 65.46 -67.66
N THR C 368 5.58 65.08 -68.93
CA THR C 368 6.76 64.38 -69.42
C THR C 368 7.84 65.40 -69.78
N GLN C 369 9.07 65.10 -69.39
CA GLN C 369 10.19 65.98 -69.67
C GLN C 369 10.64 65.80 -71.12
N GLY C 370 10.93 66.91 -71.78
CA GLY C 370 11.38 66.92 -73.17
C GLY C 370 10.28 67.09 -74.20
N SER C 371 9.16 66.40 -74.03
CA SER C 371 8.06 66.48 -74.97
C SER C 371 6.93 67.41 -74.52
N ASN C 372 6.92 67.77 -73.22
CA ASN C 372 5.99 68.72 -72.59
C ASN C 372 4.53 68.27 -72.69
N VAL C 373 4.31 66.96 -72.80
CA VAL C 373 2.97 66.39 -72.77
C VAL C 373 2.44 66.46 -71.34
N GLN C 374 1.24 67.01 -71.17
CA GLN C 374 0.69 67.21 -69.84
C GLN C 374 -0.72 66.63 -69.77
N SER C 375 -0.98 65.89 -68.70
CA SER C 375 -2.27 65.25 -68.47
C SER C 375 -2.58 65.29 -66.98
N LEU C 376 -3.83 65.00 -66.64
CA LEU C 376 -4.27 64.89 -65.26
C LEU C 376 -4.68 63.46 -64.95
N THR C 377 -4.45 63.04 -63.71
CA THR C 377 -4.97 61.77 -63.26
C THR C 377 -6.46 61.86 -63.01
N GLN C 378 -7.13 60.72 -63.05
CA GLN C 378 -8.55 60.66 -62.78
C GLN C 378 -8.75 60.23 -61.32
N ASP C 379 -9.94 59.71 -60.99
CA ASP C 379 -10.18 59.25 -59.63
C ASP C 379 -9.47 57.93 -59.33
N ASP C 380 -9.11 57.16 -60.37
CA ASP C 380 -8.35 55.93 -60.19
C ASP C 380 -6.83 56.17 -60.09
N GLY C 381 -6.38 57.41 -60.19
CA GLY C 381 -4.97 57.73 -60.09
C GLY C 381 -4.17 57.57 -61.36
N VAL C 382 -4.80 57.16 -62.46
CA VAL C 382 -4.11 56.87 -63.70
C VAL C 382 -4.31 58.02 -64.66
N ALA C 383 -3.22 58.48 -65.30
CA ALA C 383 -3.29 59.49 -66.33
C ALA C 383 -2.78 58.90 -67.64
N LYS C 384 -3.36 59.36 -68.75
CA LYS C 384 -2.97 58.92 -70.08
C LYS C 384 -2.23 60.06 -70.79
N LEU C 385 -1.01 59.77 -71.24
CA LEU C 385 -0.21 60.73 -72.00
C LEU C 385 0.19 60.06 -73.30
N SER C 386 -0.18 60.68 -74.42
CA SER C 386 0.17 60.15 -75.74
C SER C 386 1.39 60.90 -76.26
N ILE C 387 2.49 60.16 -76.47
CA ILE C 387 3.77 60.73 -76.88
C ILE C 387 4.01 60.37 -78.34
N ASN C 388 4.25 61.39 -79.16
CA ASN C 388 4.47 61.21 -80.59
C ASN C 388 5.89 60.73 -80.82
N THR C 389 6.05 59.46 -81.17
CA THR C 389 7.36 58.87 -81.35
C THR C 389 7.91 59.15 -82.75
N GLN C 390 9.23 59.15 -82.86
CA GLN C 390 9.89 59.32 -84.14
C GLN C 390 10.00 57.99 -84.86
N ASN C 391 10.42 58.04 -86.11
CA ASN C 391 10.57 56.83 -86.94
C ASN C 391 11.95 56.20 -86.73
N LYS C 392 12.18 55.75 -85.49
CA LYS C 392 13.45 55.18 -85.08
C LYS C 392 13.20 53.93 -84.26
N ARG C 393 14.15 52.99 -84.32
CA ARG C 393 14.09 51.74 -83.58
C ARG C 393 15.10 51.72 -82.43
N ASP C 394 15.29 52.89 -81.78
CA ASP C 394 16.09 53.17 -80.58
C ASP C 394 15.22 53.04 -79.33
N PRO C 395 15.82 52.73 -78.17
CA PRO C 395 15.04 52.72 -76.93
C PRO C 395 14.63 54.12 -76.51
N LEU C 396 13.34 54.28 -76.17
CA LEU C 396 12.73 55.57 -75.88
C LEU C 396 12.73 55.79 -74.37
N THR C 397 13.55 56.72 -73.90
CA THR C 397 13.66 57.03 -72.48
C THR C 397 12.71 58.17 -72.13
N ILE C 398 11.76 57.89 -71.23
CA ILE C 398 10.70 58.83 -70.86
C ILE C 398 10.78 59.10 -69.37
N THR C 399 10.84 60.38 -69.01
CA THR C 399 10.82 60.83 -67.61
C THR C 399 9.55 61.63 -67.36
N VAL C 400 8.78 61.20 -66.36
CA VAL C 400 7.51 61.84 -66.01
C VAL C 400 7.69 62.56 -64.68
N ARG C 401 7.16 63.78 -64.58
CA ARG C 401 7.31 64.60 -63.38
C ARG C 401 5.96 65.24 -63.04
N THR C 402 5.58 65.20 -61.76
CA THR C 402 4.37 65.86 -61.30
C THR C 402 4.57 67.38 -61.25
N LYS C 403 3.50 68.12 -61.50
CA LYS C 403 3.56 69.58 -61.59
C LYS C 403 2.32 70.20 -60.94
N LYS C 404 2.04 69.83 -59.71
CA LYS C 404 0.92 70.40 -58.96
C LYS C 404 1.38 71.68 -58.26
N ASP C 405 0.54 72.72 -58.32
CA ASP C 405 0.82 73.99 -57.68
C ASP C 405 0.76 73.88 -56.16
N ASN C 406 1.37 74.87 -55.50
CA ASN C 406 1.64 75.00 -54.06
C ASN C 406 2.58 73.93 -53.52
N ILE C 407 3.28 73.21 -54.40
CA ILE C 407 4.28 72.22 -54.02
C ILE C 407 5.58 72.64 -54.69
N PRO C 408 6.69 72.74 -53.97
CA PRO C 408 7.97 73.13 -54.59
C PRO C 408 8.51 72.05 -55.52
N GLU C 409 9.42 72.48 -56.40
CA GLU C 409 9.94 71.61 -57.44
C GLU C 409 10.87 70.52 -56.91
N GLY C 410 11.50 70.75 -55.75
CA GLY C 410 12.24 69.69 -55.08
C GLY C 410 11.37 68.64 -54.43
N ARG C 411 10.08 68.93 -54.23
CA ARG C 411 9.14 68.01 -53.63
C ARG C 411 8.23 67.34 -54.66
N GLN C 412 8.53 67.46 -55.94
CA GLN C 412 7.72 66.85 -56.98
C GLN C 412 8.23 65.44 -57.28
N ALA C 413 7.29 64.53 -57.55
CA ALA C 413 7.64 63.16 -57.88
C ALA C 413 8.20 63.09 -59.30
N THR C 414 9.24 62.27 -59.47
CA THR C 414 9.90 62.13 -60.76
C THR C 414 10.36 60.68 -60.91
N ARG C 415 10.01 60.06 -62.04
CA ARG C 415 10.45 58.69 -62.31
C ARG C 415 10.69 58.55 -63.81
N THR C 416 11.63 57.67 -64.15
CA THR C 416 12.08 57.43 -65.52
C THR C 416 11.83 55.98 -65.91
N MET C 417 11.34 55.76 -67.13
CA MET C 417 11.23 54.42 -67.70
C MET C 417 11.90 54.41 -69.08
N GLN C 418 11.95 53.24 -69.69
CA GLN C 418 12.50 53.07 -71.02
C GLN C 418 11.59 52.16 -71.84
N ALA C 419 11.12 52.65 -72.97
CA ALA C 419 10.28 51.87 -73.87
C ALA C 419 11.14 51.32 -75.01
N LEU C 420 10.82 50.11 -75.45
CA LEU C 420 11.60 49.35 -76.42
C LEU C 420 10.82 49.24 -77.72
N PRO C 421 11.49 49.20 -78.88
CA PRO C 421 10.74 49.22 -80.14
C PRO C 421 10.20 47.86 -80.53
N TYR C 422 9.10 47.89 -81.27
CA TYR C 422 8.57 46.68 -81.88
C TYR C 422 9.41 46.36 -83.11
N ASN C 423 9.89 45.12 -83.20
CA ASN C 423 10.65 44.65 -84.34
C ASN C 423 9.70 43.88 -85.24
N THR C 424 9.60 44.30 -86.49
CA THR C 424 8.68 43.62 -87.38
C THR C 424 9.30 42.35 -87.95
N GLN C 425 8.42 41.54 -88.55
CA GLN C 425 8.86 40.36 -89.27
C GLN C 425 9.54 40.78 -90.57
N GLY C 426 10.70 40.21 -90.83
CA GLY C 426 11.50 40.46 -92.04
C GLY C 426 11.93 41.89 -92.26
N ASN C 427 12.13 42.65 -91.18
CA ASN C 427 12.60 44.05 -91.15
C ASN C 427 11.78 44.98 -92.05
N SER C 428 10.46 44.88 -91.94
CA SER C 428 9.54 45.71 -92.71
C SER C 428 9.02 46.87 -91.86
N ASN C 429 8.35 47.80 -92.53
CA ASN C 429 7.67 48.92 -91.86
C ASN C 429 6.17 48.69 -91.74
N ASN C 430 5.76 47.44 -91.56
CA ASN C 430 4.35 47.07 -91.45
C ASN C 430 4.00 46.97 -89.96
N TYR C 431 3.22 47.93 -89.46
CA TYR C 431 2.88 48.02 -88.04
C TYR C 431 1.36 47.97 -87.85
N LEU C 432 0.96 47.75 -86.59
CA LEU C 432 -0.42 47.82 -86.13
C LEU C 432 -0.44 48.49 -84.76
N HIS C 433 -1.42 49.37 -84.53
CA HIS C 433 -1.55 50.05 -83.25
C HIS C 433 -3.03 50.08 -82.87
N LEU C 434 -3.35 49.53 -81.71
CA LEU C 434 -4.69 49.58 -81.13
C LEU C 434 -4.77 50.73 -80.13
N SER C 435 -5.68 51.67 -80.38
CA SER C 435 -5.83 52.87 -79.55
C SER C 435 -7.19 52.86 -78.87
N VAL C 436 -7.19 52.96 -77.55
CA VAL C 436 -8.39 52.88 -76.72
C VAL C 436 -8.46 54.14 -75.88
N PRO C 437 -9.60 54.84 -75.82
CA PRO C 437 -9.73 55.99 -74.92
C PRO C 437 -9.83 55.58 -73.47
N ARG C 438 -9.32 56.44 -72.59
CA ARG C 438 -9.30 56.18 -71.14
C ARG C 438 -10.59 56.69 -70.52
N VAL C 439 -11.58 55.79 -70.41
CA VAL C 439 -12.77 55.99 -69.61
C VAL C 439 -12.80 54.86 -68.59
N GLU C 440 -13.20 55.17 -67.35
CA GLU C 440 -13.54 54.13 -66.37
C GLU C 440 -14.77 53.39 -66.86
N LEU C 441 -14.55 52.26 -67.54
CA LEU C 441 -15.61 51.58 -68.25
C LEU C 441 -16.48 50.75 -67.31
N LYS C 442 -17.74 51.00 -67.35
CA LYS C 442 -18.82 50.32 -66.66
C LYS C 442 -19.53 49.37 -67.61
N PRO C 443 -20.12 48.29 -67.12
CA PRO C 443 -20.93 47.41 -67.98
C PRO C 443 -22.20 48.10 -68.47
N GLY C 444 -22.39 48.09 -69.79
CA GLY C 444 -23.44 48.82 -70.45
C GLY C 444 -22.95 49.93 -71.34
N GLU C 445 -21.71 50.37 -71.16
CA GLU C 445 -21.09 51.36 -72.03
C GLU C 445 -20.51 50.67 -73.27
N THR C 446 -20.26 51.47 -74.31
CA THR C 446 -19.79 50.97 -75.59
C THR C 446 -18.41 51.57 -75.87
N LEU C 447 -17.42 50.70 -76.07
CA LEU C 447 -16.03 51.11 -76.25
C LEU C 447 -15.66 51.10 -77.72
N ASN C 448 -15.16 52.22 -78.22
CA ASN C 448 -14.70 52.35 -79.60
C ASN C 448 -13.19 52.12 -79.64
N VAL C 449 -12.77 51.07 -80.36
CA VAL C 449 -11.37 50.68 -80.45
C VAL C 449 -10.83 51.10 -81.80
N ASN C 450 -9.73 51.86 -81.80
CA ASN C 450 -9.15 52.40 -83.01
C ASN C 450 -8.07 51.46 -83.54
N PHE C 451 -8.23 51.01 -84.79
CA PHE C 451 -7.28 50.10 -85.43
C PHE C 451 -6.45 50.94 -86.40
N HIS C 452 -5.23 51.28 -86.00
CA HIS C 452 -4.36 52.12 -86.82
C HIS C 452 -3.43 51.25 -87.66
N LEU C 453 -3.33 51.58 -88.94
CA LEU C 453 -2.46 50.87 -89.86
C LEU C 453 -1.27 51.75 -90.26
N ARG C 454 -0.10 51.14 -90.38
CA ARG C 454 1.08 51.76 -90.99
C ARG C 454 1.80 50.69 -91.77
N THR C 455 1.80 50.80 -93.10
CA THR C 455 2.50 49.88 -93.97
C THR C 455 3.22 50.65 -95.07
N ASP C 456 4.05 49.93 -95.82
CA ASP C 456 4.61 50.45 -97.05
C ASP C 456 3.50 50.58 -98.09
N PRO C 457 3.60 51.56 -99.01
CA PRO C 457 2.46 51.85 -99.92
C PRO C 457 2.15 50.74 -100.93
N GLY C 458 3.09 49.85 -101.23
CA GLY C 458 2.77 48.67 -102.01
C GLY C 458 2.13 47.56 -101.23
N GLU C 459 2.19 47.61 -99.89
CA GLU C 459 1.66 46.57 -99.02
C GLU C 459 0.29 46.92 -98.45
N GLN C 460 -0.23 48.11 -98.73
CA GLN C 460 -1.44 48.59 -98.04
C GLN C 460 -2.70 47.93 -98.57
N ALA C 461 -2.79 47.72 -99.88
CA ALA C 461 -4.00 47.18 -100.50
C ALA C 461 -4.19 45.69 -100.26
N LYS C 462 -3.16 44.98 -99.79
CA LYS C 462 -3.24 43.55 -99.55
C LYS C 462 -3.96 43.20 -98.25
N ILE C 463 -4.31 44.17 -97.42
CA ILE C 463 -4.87 43.94 -96.09
C ILE C 463 -6.38 44.17 -96.18
N ARG C 464 -7.14 43.09 -96.10
CA ARG C 464 -8.59 43.17 -96.23
C ARG C 464 -9.31 43.12 -94.89
N TYR C 465 -8.67 42.60 -93.84
CA TYR C 465 -9.34 42.44 -92.55
C TYR C 465 -8.30 42.40 -91.43
N TYR C 466 -8.78 42.65 -90.21
CA TYR C 466 -8.07 42.33 -88.98
C TYR C 466 -8.84 41.24 -88.25
N THR C 467 -8.12 40.29 -87.67
CA THR C 467 -8.74 39.21 -86.90
C THR C 467 -8.48 39.48 -85.41
N TYR C 468 -9.55 39.73 -84.66
CA TYR C 468 -9.43 40.17 -83.27
C TYR C 468 -9.92 39.11 -82.29
N MET C 469 -9.32 39.11 -81.09
CA MET C 469 -9.62 38.15 -80.04
C MET C 469 -9.69 38.86 -78.69
N ILE C 470 -10.74 38.59 -77.93
CA ILE C 470 -10.96 39.22 -76.62
C ILE C 470 -10.74 38.17 -75.54
N MET C 471 -9.85 38.47 -74.59
CA MET C 471 -9.60 37.57 -73.48
C MET C 471 -9.96 38.22 -72.15
N ASN C 472 -10.65 37.44 -71.30
CA ASN C 472 -11.01 37.85 -69.94
C ASN C 472 -10.89 36.63 -69.05
N LYS C 473 -10.24 36.83 -67.89
CA LYS C 473 -9.95 35.80 -66.87
C LYS C 473 -9.14 34.64 -67.45
N GLY C 474 -8.22 34.96 -68.38
CA GLY C 474 -7.37 33.97 -68.98
C GLY C 474 -8.05 33.02 -69.94
N LYS C 475 -9.19 33.42 -70.52
CA LYS C 475 -9.94 32.60 -71.45
C LYS C 475 -10.37 33.47 -72.62
N LEU C 476 -10.48 32.84 -73.80
CA LEU C 476 -10.95 33.54 -75.00
C LEU C 476 -12.45 33.81 -74.88
N LEU C 477 -12.82 35.09 -74.79
CA LEU C 477 -14.20 35.49 -74.56
C LEU C 477 -14.96 35.74 -75.86
N LYS C 478 -14.33 36.43 -76.82
CA LYS C 478 -14.97 36.75 -78.09
C LYS C 478 -13.91 36.80 -79.18
N VAL C 479 -14.18 36.11 -80.29
CA VAL C 479 -13.34 36.14 -81.48
C VAL C 479 -14.19 36.69 -82.62
N GLY C 480 -13.60 37.55 -83.44
CA GLY C 480 -14.30 38.05 -84.62
C GLY C 480 -13.31 38.64 -85.61
N ARG C 481 -13.87 39.12 -86.73
CA ARG C 481 -13.10 39.84 -87.72
C ARG C 481 -13.64 41.26 -87.88
N GLN C 482 -12.72 42.19 -88.10
CA GLN C 482 -13.05 43.57 -88.40
C GLN C 482 -12.45 43.89 -89.77
N TYR C 483 -13.30 43.97 -90.79
CA TYR C 483 -12.87 44.08 -92.17
C TYR C 483 -12.37 45.49 -92.48
N ARG C 484 -11.68 45.63 -93.61
CA ARG C 484 -11.00 46.88 -93.96
C ARG C 484 -10.99 47.04 -95.47
N GLU C 485 -11.47 48.19 -95.96
CA GLU C 485 -11.35 48.55 -97.36
C GLU C 485 -9.93 49.06 -97.63
N PRO C 486 -9.43 48.92 -98.87
CA PRO C 486 -8.10 49.46 -99.20
C PRO C 486 -8.09 50.98 -99.20
N GLY C 487 -7.13 51.54 -98.46
CA GLY C 487 -7.02 52.97 -98.24
C GLY C 487 -7.45 53.44 -96.86
N GLN C 488 -8.11 52.59 -96.08
CA GLN C 488 -8.55 52.94 -94.73
C GLN C 488 -7.43 52.66 -93.76
N ASP C 489 -6.72 53.72 -93.34
CA ASP C 489 -5.65 53.59 -92.38
C ASP C 489 -6.14 53.60 -90.93
N LEU C 490 -7.41 53.92 -90.70
CA LEU C 490 -8.00 53.89 -89.37
C LEU C 490 -9.35 53.19 -89.47
N VAL C 491 -9.49 52.09 -88.72
CA VAL C 491 -10.69 51.27 -88.67
C VAL C 491 -11.16 51.27 -87.22
N VAL C 492 -12.47 51.42 -87.00
CA VAL C 492 -13.01 51.49 -85.65
C VAL C 492 -13.91 50.29 -85.40
N LEU C 493 -13.61 49.56 -84.31
CA LEU C 493 -14.46 48.47 -83.83
C LEU C 493 -15.22 48.92 -82.59
N PRO C 494 -16.54 49.10 -82.66
CA PRO C 494 -17.31 49.34 -81.44
C PRO C 494 -17.50 48.05 -80.66
N LEU C 495 -17.37 48.15 -79.33
CA LEU C 495 -17.43 46.99 -78.46
C LEU C 495 -18.30 47.31 -77.25
N THR C 496 -19.35 46.53 -77.06
CA THR C 496 -20.23 46.70 -75.91
C THR C 496 -19.64 46.00 -74.69
N ILE C 497 -19.43 46.75 -73.61
CA ILE C 497 -18.94 46.20 -72.36
C ILE C 497 -20.11 45.62 -71.58
N THR C 498 -20.10 44.32 -71.36
CA THR C 498 -21.08 43.63 -70.55
C THR C 498 -20.49 43.30 -69.18
N SER C 499 -21.21 42.50 -68.40
CA SER C 499 -20.74 42.10 -67.08
C SER C 499 -19.69 41.00 -67.13
N ASP C 500 -19.46 40.37 -68.28
CA ASP C 500 -18.43 39.35 -68.42
C ASP C 500 -17.04 39.92 -68.65
N PHE C 501 -16.89 41.25 -68.69
CA PHE C 501 -15.60 41.88 -68.88
C PHE C 501 -14.94 42.30 -67.57
N ILE C 502 -15.69 42.30 -66.47
CA ILE C 502 -15.18 42.64 -65.14
C ILE C 502 -14.21 41.54 -64.70
N PRO C 503 -13.01 41.86 -64.17
CA PRO C 503 -12.45 43.19 -63.82
C PRO C 503 -11.68 43.91 -64.92
N SER C 504 -11.18 43.17 -65.91
CA SER C 504 -10.30 43.70 -66.94
C SER C 504 -10.31 42.71 -68.10
N PHE C 505 -9.95 43.20 -69.27
CA PHE C 505 -9.95 42.35 -70.45
C PHE C 505 -8.85 42.79 -71.41
N ARG C 506 -8.39 41.83 -72.22
CA ARG C 506 -7.35 42.06 -73.21
C ARG C 506 -7.91 41.82 -74.61
N LEU C 507 -7.63 42.75 -75.52
CA LEU C 507 -7.96 42.60 -76.93
C LEU C 507 -6.69 42.40 -77.74
N VAL C 508 -6.60 41.27 -78.44
CA VAL C 508 -5.46 40.95 -79.30
C VAL C 508 -5.95 40.91 -80.73
N ALA C 509 -5.28 41.63 -81.62
CA ALA C 509 -5.70 41.72 -83.02
C ALA C 509 -4.48 41.63 -83.93
N TYR C 510 -4.71 41.10 -85.14
CA TYR C 510 -3.62 40.91 -86.08
C TYR C 510 -4.11 40.94 -87.52
N TYR C 511 -3.18 41.10 -88.44
CA TYR C 511 -3.42 40.92 -89.86
C TYR C 511 -2.23 40.18 -90.47
N THR C 512 -2.50 39.45 -91.55
CA THR C 512 -1.46 38.79 -92.32
C THR C 512 -1.42 39.36 -93.73
N LEU C 513 -0.27 39.21 -94.37
CA LEU C 513 -0.05 39.66 -95.74
C LEU C 513 1.12 38.90 -96.32
N ILE C 514 1.32 39.05 -97.63
CA ILE C 514 2.50 38.56 -98.32
C ILE C 514 3.31 39.79 -98.72
N ASN C 515 4.52 39.92 -98.17
CA ASN C 515 5.32 41.11 -98.39
C ASN C 515 6.02 41.08 -99.75
N ALA C 516 6.96 42.00 -99.98
CA ALA C 516 7.62 42.13 -101.27
C ALA C 516 8.66 41.04 -101.52
N LYS C 517 9.01 40.23 -100.51
CA LYS C 517 9.93 39.12 -100.68
C LYS C 517 9.22 37.79 -100.86
N GLY C 518 7.89 37.81 -100.98
CA GLY C 518 7.12 36.58 -101.15
C GLY C 518 6.91 35.80 -99.88
N GLN C 519 7.17 36.39 -98.72
CA GLN C 519 7.09 35.71 -97.44
C GLN C 519 5.83 36.15 -96.69
N ARG C 520 5.24 35.21 -95.97
CA ARG C 520 4.06 35.51 -95.17
C ARG C 520 4.45 36.25 -93.90
N GLU C 521 3.99 37.49 -93.76
CA GLU C 521 4.25 38.32 -92.60
C GLU C 521 2.98 38.40 -91.75
N VAL C 522 3.13 38.28 -90.44
CA VAL C 522 2.07 38.52 -89.47
C VAL C 522 2.47 39.74 -88.65
N VAL C 523 1.55 40.69 -88.51
CA VAL C 523 1.74 41.87 -87.67
C VAL C 523 0.59 41.91 -86.65
N ALA C 524 0.93 42.05 -85.36
CA ALA C 524 -0.05 41.95 -84.30
C ALA C 524 0.14 43.06 -83.27
N ASP C 525 -0.88 43.24 -82.43
CA ASP C 525 -0.87 44.22 -81.34
C ASP C 525 -1.87 43.79 -80.28
N SER C 526 -1.67 44.26 -79.05
CA SER C 526 -2.58 43.96 -77.95
C SER C 526 -2.68 45.15 -77.00
N VAL C 527 -3.72 45.14 -76.16
CA VAL C 527 -4.02 46.25 -75.25
C VAL C 527 -4.82 45.70 -74.05
N TRP C 528 -4.51 46.21 -72.85
CA TRP C 528 -5.18 45.83 -71.61
C TRP C 528 -6.08 46.97 -71.14
N VAL C 529 -7.35 46.66 -70.85
CA VAL C 529 -8.39 47.66 -70.58
C VAL C 529 -9.01 47.38 -69.21
N ASP C 530 -9.12 48.41 -68.37
CA ASP C 530 -9.83 48.30 -67.09
C ASP C 530 -11.34 48.32 -67.26
N VAL C 531 -12.03 47.56 -66.42
CA VAL C 531 -13.46 47.66 -66.18
C VAL C 531 -13.63 48.01 -64.70
N LYS C 532 -14.60 48.87 -64.40
CA LYS C 532 -14.92 49.25 -63.02
C LYS C 532 -15.33 48.04 -62.19
N ASP C 533 -14.69 47.89 -61.03
CA ASP C 533 -14.93 46.80 -60.10
C ASP C 533 -16.35 46.83 -59.54
N SER C 534 -17.25 46.06 -60.15
CA SER C 534 -18.64 46.01 -59.73
C SER C 534 -18.95 44.55 -59.44
N CYS C 535 -19.97 43.99 -60.07
CA CYS C 535 -20.39 42.63 -59.84
C CYS C 535 -21.04 42.14 -61.12
N MET C 536 -20.88 40.83 -61.40
CA MET C 536 -21.57 40.24 -62.53
C MET C 536 -23.08 40.18 -62.27
N GLY C 537 -23.47 39.96 -61.02
CA GLY C 537 -24.85 40.09 -60.58
C GLY C 537 -25.09 41.41 -59.87
N THR C 538 -25.95 41.37 -58.85
CA THR C 538 -26.26 42.55 -58.06
C THR C 538 -26.64 42.12 -56.65
N LEU C 539 -26.19 42.88 -55.65
CA LEU C 539 -26.44 42.54 -54.26
C LEU C 539 -26.46 43.82 -53.42
N VAL C 540 -27.66 44.22 -52.98
CA VAL C 540 -27.86 45.42 -52.18
C VAL C 540 -28.59 45.02 -50.90
N VAL C 541 -28.20 45.63 -49.77
CA VAL C 541 -28.93 45.52 -48.51
C VAL C 541 -29.43 46.92 -48.14
N LYS C 542 -30.74 47.07 -47.97
CA LYS C 542 -31.35 48.35 -47.64
C LYS C 542 -32.29 48.16 -46.45
N ASN C 543 -32.90 49.27 -46.04
CA ASN C 543 -33.95 49.24 -45.04
C ASN C 543 -35.26 48.80 -45.68
N GLY C 544 -36.08 48.09 -44.91
CA GLY C 544 -37.38 47.66 -45.40
C GLY C 544 -38.52 48.47 -44.82
N GLY C 545 -38.22 49.20 -43.74
CA GLY C 545 -39.19 50.09 -43.12
C GLY C 545 -38.79 51.54 -43.34
N LYS C 546 -39.15 52.42 -42.39
CA LYS C 546 -38.77 53.81 -42.48
C LYS C 546 -37.30 54.02 -42.14
N GLU C 547 -36.72 55.04 -42.77
CA GLU C 547 -35.29 55.32 -42.66
C GLU C 547 -35.03 56.07 -41.36
N GLU C 548 -35.06 55.32 -40.26
CA GLU C 548 -34.79 55.88 -38.95
C GLU C 548 -33.29 55.96 -38.73
N LYS C 549 -32.81 57.11 -38.25
CA LYS C 549 -31.39 57.27 -37.99
C LYS C 549 -30.94 56.48 -36.78
N HIS C 550 -31.61 56.67 -35.64
CA HIS C 550 -31.25 56.03 -34.40
C HIS C 550 -32.33 55.04 -34.00
N HIS C 551 -31.92 53.83 -33.68
CA HIS C 551 -32.80 52.78 -33.20
C HIS C 551 -32.54 52.55 -31.72
N ARG C 552 -33.47 51.90 -31.08
CA ARG C 552 -33.29 51.58 -29.67
C ARG C 552 -32.75 50.17 -29.53
N PRO C 553 -32.14 49.84 -28.39
CA PRO C 553 -31.75 48.44 -28.14
C PRO C 553 -32.96 47.52 -28.04
N GLY C 554 -32.89 46.40 -28.77
CA GLY C 554 -33.98 45.47 -28.86
C GLY C 554 -35.06 45.82 -29.86
N GLN C 555 -34.89 46.89 -30.64
CA GLN C 555 -35.89 47.29 -31.62
C GLN C 555 -35.82 46.38 -32.85
N GLN C 556 -37.00 45.90 -33.29
CA GLN C 556 -37.08 45.14 -34.52
C GLN C 556 -36.98 46.08 -35.73
N ILE C 557 -36.10 45.74 -36.67
CA ILE C 557 -36.00 46.43 -37.94
C ILE C 557 -36.22 45.42 -39.06
N THR C 558 -36.56 45.94 -40.24
CA THR C 558 -36.83 45.13 -41.41
C THR C 558 -35.74 45.39 -42.45
N LEU C 559 -35.06 44.32 -42.86
CA LEU C 559 -34.01 44.40 -43.86
C LEU C 559 -34.57 44.00 -45.22
N LYS C 560 -34.27 44.81 -46.24
CA LYS C 560 -34.63 44.50 -47.61
C LYS C 560 -33.38 44.05 -48.35
N ILE C 561 -33.39 42.82 -48.86
CA ILE C 561 -32.24 42.21 -49.49
C ILE C 561 -32.58 41.91 -50.94
N GLU C 562 -31.81 42.48 -51.86
CA GLU C 562 -32.04 42.37 -53.30
C GLU C 562 -30.86 41.62 -53.90
N ALA C 563 -31.13 40.49 -54.54
CA ALA C 563 -30.09 39.66 -55.13
C ALA C 563 -30.59 39.07 -56.45
N ASP C 564 -29.72 38.34 -57.13
CA ASP C 564 -30.09 37.65 -58.37
C ASP C 564 -30.98 36.45 -58.07
N GLN C 565 -31.64 35.94 -59.11
CA GLN C 565 -32.48 34.77 -58.98
C GLN C 565 -31.63 33.52 -58.79
N GLY C 566 -31.93 32.77 -57.74
CA GLY C 566 -31.14 31.61 -57.39
C GLY C 566 -29.89 31.90 -56.59
N ALA C 567 -29.60 33.17 -56.32
CA ALA C 567 -28.43 33.52 -55.52
C ALA C 567 -28.66 33.19 -54.06
N ARG C 568 -27.63 32.66 -53.41
CA ARG C 568 -27.64 32.39 -51.98
C ARG C 568 -26.79 33.46 -51.30
N VAL C 569 -27.38 34.16 -50.35
CA VAL C 569 -26.75 35.33 -49.72
C VAL C 569 -26.41 34.98 -48.29
N GLY C 570 -25.13 35.13 -47.94
CA GLY C 570 -24.66 34.95 -46.58
C GLY C 570 -24.51 36.29 -45.88
N LEU C 571 -24.94 36.34 -44.62
CA LEU C 571 -25.03 37.58 -43.87
C LEU C 571 -24.18 37.53 -42.62
N VAL C 572 -23.80 38.71 -42.15
CA VAL C 572 -23.17 38.91 -40.84
C VAL C 572 -23.42 40.37 -40.45
N ALA C 573 -23.70 40.59 -39.16
CA ALA C 573 -23.83 41.94 -38.59
C ALA C 573 -22.65 42.15 -37.65
N VAL C 574 -21.75 43.07 -38.02
CA VAL C 574 -20.50 43.31 -37.31
C VAL C 574 -20.57 44.69 -36.68
N ASP C 575 -19.94 44.84 -35.51
CA ASP C 575 -19.72 46.16 -34.93
C ASP C 575 -18.80 46.96 -35.83
N LYS C 576 -19.06 48.28 -35.92
CA LYS C 576 -18.34 49.16 -36.84
C LYS C 576 -16.87 49.33 -36.44
N GLY C 577 -16.57 49.22 -35.14
CA GLY C 577 -15.23 49.45 -34.62
C GLY C 577 -14.18 48.44 -35.04
N VAL C 578 -14.59 47.28 -35.56
CA VAL C 578 -13.62 46.31 -36.04
C VAL C 578 -13.38 46.47 -37.55
N PHE C 579 -14.46 46.75 -38.27
CA PHE C 579 -14.43 46.92 -39.73
C PHE C 579 -13.53 48.07 -40.15
N VAL C 580 -13.52 49.16 -39.37
CA VAL C 580 -12.67 50.29 -39.67
C VAL C 580 -11.23 50.04 -39.20
N LEU C 581 -11.06 49.14 -38.21
CA LEU C 581 -9.79 48.93 -37.51
C LEU C 581 -8.71 48.30 -38.38
N ASN C 582 -8.87 47.03 -38.76
CA ASN C 582 -7.86 46.31 -39.53
C ASN C 582 -8.47 45.95 -40.88
N LYS C 583 -8.29 46.85 -41.86
CA LYS C 583 -8.94 46.72 -43.16
C LYS C 583 -8.21 45.76 -44.10
N LYS C 584 -6.98 45.36 -43.78
CA LYS C 584 -6.23 44.51 -44.71
C LYS C 584 -6.71 43.06 -44.69
N ASN C 585 -7.48 42.66 -43.69
CA ASN C 585 -8.00 41.30 -43.58
C ASN C 585 -9.51 41.22 -43.82
N LYS C 586 -10.18 42.32 -44.14
CA LYS C 586 -11.62 42.32 -44.36
C LYS C 586 -11.91 42.05 -45.84
N LEU C 587 -12.95 41.26 -46.10
CA LEU C 587 -13.29 40.90 -47.47
C LEU C 587 -13.97 42.07 -48.16
N THR C 588 -13.37 42.56 -49.25
CA THR C 588 -13.96 43.59 -50.08
C THR C 588 -14.16 43.05 -51.48
N GLN C 589 -14.88 43.83 -52.30
CA GLN C 589 -15.13 43.43 -53.68
C GLN C 589 -13.89 43.60 -54.55
N ARG C 590 -13.03 44.58 -54.23
CA ARG C 590 -11.76 44.74 -54.92
C ARG C 590 -10.81 43.55 -54.66
N LYS C 591 -10.87 42.98 -53.46
CA LYS C 591 -9.99 41.86 -53.11
C LYS C 591 -10.35 40.57 -53.83
N ILE C 592 -11.62 40.39 -54.22
CA ILE C 592 -11.97 39.32 -55.15
C ILE C 592 -11.32 39.56 -56.50
N TRP C 593 -11.44 40.79 -57.01
CA TRP C 593 -10.88 41.11 -58.32
C TRP C 593 -9.37 41.29 -58.30
N ASP C 594 -8.74 41.41 -57.12
CA ASP C 594 -7.28 41.33 -57.06
C ASP C 594 -6.81 39.89 -57.27
N VAL C 595 -7.57 38.92 -56.76
CA VAL C 595 -7.21 37.51 -56.87
C VAL C 595 -7.46 36.99 -58.29
N VAL C 596 -8.59 37.38 -58.89
CA VAL C 596 -8.96 36.95 -60.24
C VAL C 596 -8.04 37.56 -61.29
N GLU C 597 -7.49 38.75 -61.02
CA GLU C 597 -6.52 39.38 -61.93
C GLU C 597 -5.18 38.65 -61.91
N LYS C 598 -4.84 37.97 -60.81
CA LYS C 598 -3.65 37.13 -60.74
C LYS C 598 -3.75 35.89 -61.63
N ALA C 599 -4.97 35.43 -61.91
CA ALA C 599 -5.19 34.28 -62.78
C ALA C 599 -5.10 34.61 -64.26
N ASP C 600 -4.79 35.85 -64.63
CA ASP C 600 -4.52 36.17 -66.01
C ASP C 600 -3.16 35.58 -66.40
N ILE C 601 -3.01 35.25 -67.68
CA ILE C 601 -1.83 34.57 -68.19
C ILE C 601 -0.96 35.49 -69.03
N GLY C 602 -1.24 36.79 -69.03
CA GLY C 602 -0.40 37.77 -69.70
C GLY C 602 0.47 38.50 -68.70
N CYS C 603 1.64 38.94 -69.16
CA CYS C 603 2.61 39.60 -68.29
C CYS C 603 2.80 41.08 -68.58
N THR C 604 2.72 41.50 -69.85
CA THR C 604 2.87 42.89 -70.21
C THR C 604 1.50 43.47 -70.56
N PRO C 605 1.28 44.78 -70.40
CA PRO C 605 -0.01 45.37 -70.80
C PRO C 605 -0.18 45.61 -72.29
N GLY C 606 0.68 45.10 -73.16
CA GLY C 606 0.44 45.21 -74.59
C GLY C 606 1.71 45.07 -75.39
N SER C 607 1.52 44.89 -76.70
CA SER C 607 2.53 44.86 -77.78
C SER C 607 3.50 43.71 -77.53
N GLY C 608 4.75 43.85 -77.98
CA GLY C 608 5.72 42.79 -77.85
C GLY C 608 6.97 43.09 -78.66
N ARG C 609 7.86 42.09 -78.71
CA ARG C 609 9.07 42.26 -79.50
C ARG C 609 8.79 42.04 -80.98
N ASN C 610 7.97 41.06 -81.32
CA ASN C 610 7.63 40.79 -82.71
C ASN C 610 6.20 40.27 -82.77
N TYR C 611 5.86 39.57 -83.85
CA TYR C 611 4.55 38.92 -83.95
C TYR C 611 4.39 37.77 -82.96
N ALA C 612 5.49 37.05 -82.67
CA ALA C 612 5.47 36.05 -81.63
C ALA C 612 5.56 36.68 -80.26
N GLY C 613 6.06 37.91 -80.18
CA GLY C 613 6.10 38.62 -78.92
C GLY C 613 4.74 39.11 -78.45
N VAL C 614 3.83 39.38 -79.38
CA VAL C 614 2.53 39.94 -79.00
C VAL C 614 1.62 38.86 -78.42
N PHE C 615 1.55 37.69 -79.08
CA PHE C 615 0.71 36.59 -78.62
C PHE C 615 1.21 36.01 -77.30
N THR C 616 2.53 35.92 -77.12
CA THR C 616 3.09 35.33 -75.91
C THR C 616 2.94 36.26 -74.70
N ASP C 617 3.13 37.57 -74.90
CA ASP C 617 3.00 38.53 -73.81
C ASP C 617 1.55 38.73 -73.36
N ALA C 618 0.58 38.45 -74.23
CA ALA C 618 -0.82 38.64 -73.92
C ALA C 618 -1.50 37.38 -73.42
N GLY C 619 -0.89 36.21 -73.59
CA GLY C 619 -1.46 34.96 -73.14
C GLY C 619 -1.94 34.00 -74.22
N LEU C 620 -1.51 34.17 -75.46
CA LEU C 620 -1.90 33.28 -76.54
C LEU C 620 -0.68 32.53 -77.06
N THR C 621 -0.94 31.59 -77.97
CA THR C 621 0.11 30.97 -78.76
C THR C 621 -0.44 30.71 -80.17
N LEU C 622 0.48 30.65 -81.12
CA LEU C 622 0.13 30.56 -82.53
C LEU C 622 0.96 29.48 -83.20
N LYS C 623 0.36 28.81 -84.18
CA LYS C 623 1.08 27.89 -85.07
C LYS C 623 0.43 27.97 -86.44
N THR C 624 1.24 28.22 -87.47
CA THR C 624 0.75 28.25 -88.84
C THR C 624 1.37 27.11 -89.64
N SER C 625 0.76 26.85 -90.80
CA SER C 625 1.26 25.81 -91.70
C SER C 625 2.49 26.25 -92.49
N GLN C 626 2.77 27.55 -92.54
CA GLN C 626 3.95 28.06 -93.24
C GLN C 626 5.20 28.06 -92.38
N GLY C 627 5.07 27.85 -91.08
CA GLY C 627 6.20 27.80 -90.16
C GLY C 627 6.24 28.92 -89.15
N LEU C 628 5.25 29.81 -89.15
CA LEU C 628 5.19 30.90 -88.18
C LEU C 628 4.58 30.41 -86.87
N GLU C 629 5.26 30.66 -85.76
CA GLU C 629 4.82 30.15 -84.47
C GLU C 629 5.33 31.05 -83.35
N THR C 630 4.99 30.66 -82.12
CA THR C 630 5.40 31.37 -80.91
C THR C 630 6.31 30.46 -80.08
N GLN C 631 6.92 31.05 -79.06
CA GLN C 631 7.80 30.31 -78.17
C GLN C 631 6.97 29.51 -77.17
N GLN C 632 7.63 28.56 -76.51
CA GLN C 632 6.99 27.67 -75.56
C GLN C 632 6.96 28.29 -74.16
N ARG C 633 5.83 28.13 -73.48
CA ARG C 633 5.67 28.58 -72.10
C ARG C 633 5.83 27.41 -71.13
N ALA C 634 6.64 27.60 -70.09
CA ALA C 634 6.75 26.67 -68.98
C ALA C 634 6.22 27.23 -67.67
N ASP C 635 6.46 28.51 -67.40
CA ASP C 635 6.12 29.09 -66.11
C ASP C 635 4.90 29.98 -66.28
N PRO C 636 3.89 29.86 -65.40
CA PRO C 636 2.76 30.80 -65.44
C PRO C 636 3.09 32.21 -64.96
N GLN C 637 4.25 32.43 -64.34
CA GLN C 637 4.60 33.71 -63.75
C GLN C 637 5.52 34.51 -64.67
N CYS C 638 5.87 35.72 -64.22
CA CYS C 638 6.69 36.68 -64.92
C CYS C 638 7.82 37.13 -63.99
N PRO C 639 9.03 37.35 -64.50
CA PRO C 639 10.16 37.58 -63.60
C PRO C 639 10.24 39.00 -63.05
N GLN C 640 10.87 39.10 -61.88
CA GLN C 640 11.13 40.38 -61.21
C GLN C 640 12.55 40.41 -60.66
N GLN D 3 11.71 67.11 -16.46
CA GLN D 3 12.94 67.46 -15.76
C GLN D 3 13.54 66.20 -15.13
N LEU D 4 12.69 65.20 -14.86
CA LEU D 4 13.08 63.91 -14.31
C LEU D 4 13.05 62.81 -15.34
N MET D 5 12.07 62.88 -16.25
CA MET D 5 11.98 61.99 -17.39
C MET D 5 13.05 62.25 -18.44
N GLU D 6 13.64 63.45 -18.43
CA GLU D 6 14.77 63.77 -19.29
C GLU D 6 15.98 62.90 -18.95
N LYS D 7 16.45 62.97 -17.70
CA LYS D 7 17.61 62.19 -17.27
C LYS D 7 17.31 60.71 -17.14
N ARG D 8 16.04 60.33 -17.06
CA ARG D 8 15.68 58.92 -16.95
C ARG D 8 15.92 58.17 -18.27
N MET D 9 15.82 58.85 -19.40
CA MET D 9 16.06 58.22 -20.69
C MET D 9 17.48 58.43 -21.20
N ASP D 10 18.20 59.45 -20.72
CA ASP D 10 19.61 59.59 -21.06
C ASP D 10 20.47 58.52 -20.39
N LYS D 11 20.10 58.09 -19.18
CA LYS D 11 20.82 57.00 -18.54
C LYS D 11 20.47 55.67 -19.19
N ALA D 12 19.19 55.49 -19.56
CA ALA D 12 18.75 54.28 -20.25
C ALA D 12 19.28 54.21 -21.69
N GLY D 13 19.68 55.34 -22.26
CA GLY D 13 20.33 55.33 -23.56
C GLY D 13 21.74 54.78 -23.56
N GLN D 14 22.38 54.69 -22.39
CA GLN D 14 23.71 54.11 -22.29
C GLN D 14 23.74 52.61 -22.54
N TYR D 15 22.61 51.93 -22.36
CA TYR D 15 22.52 50.50 -22.56
C TYR D 15 21.71 50.21 -23.81
N SER D 16 21.96 49.04 -24.41
CA SER D 16 21.32 48.66 -25.65
C SER D 16 20.80 47.23 -25.54
N SER D 17 19.79 46.93 -26.38
CA SER D 17 19.13 45.63 -26.58
C SER D 17 18.51 45.19 -25.24
N ASP D 18 18.73 43.97 -24.78
CA ASP D 18 18.11 43.47 -23.55
C ASP D 18 18.73 44.08 -22.30
N LEU D 19 19.91 44.70 -22.41
CA LEU D 19 20.50 45.36 -21.25
C LEU D 19 19.75 46.65 -20.90
N ARG D 20 19.13 47.28 -21.90
CA ARG D 20 18.38 48.52 -21.65
C ARG D 20 17.08 48.22 -20.92
N LYS D 21 16.42 47.09 -21.26
CA LYS D 21 15.18 46.70 -20.61
C LYS D 21 15.39 46.33 -19.15
N CYS D 22 16.57 45.84 -18.80
CA CYS D 22 16.91 45.62 -17.40
C CYS D 22 17.17 46.95 -16.70
N CYS D 23 17.73 47.91 -17.43
CA CYS D 23 18.04 49.21 -16.85
C CYS D 23 16.79 50.05 -16.64
N GLU D 24 15.87 50.06 -17.63
CA GLU D 24 14.62 50.79 -17.51
C GLU D 24 13.71 50.20 -16.44
N ASP D 25 13.75 48.87 -16.25
CA ASP D 25 13.01 48.25 -15.16
C ASP D 25 13.65 48.52 -13.81
N GLY D 26 14.93 48.89 -13.79
CA GLY D 26 15.58 49.34 -12.56
C GLY D 26 15.13 50.71 -12.11
N MET D 27 14.62 51.53 -13.02
CA MET D 27 14.22 52.89 -12.71
C MET D 27 12.74 53.03 -12.40
N ARG D 28 11.99 51.92 -12.43
CA ARG D 28 10.56 51.96 -12.18
C ARG D 28 10.28 51.97 -10.69
N ASP D 29 9.08 52.42 -10.35
CA ASP D 29 8.63 52.45 -8.96
C ASP D 29 8.35 51.04 -8.47
N ASN D 30 8.56 50.82 -7.17
CA ASN D 30 8.36 49.53 -6.55
C ASN D 30 7.41 49.68 -5.38
N PRO D 31 6.32 48.90 -5.33
CA PRO D 31 5.29 49.11 -4.30
C PRO D 31 5.71 48.75 -2.88
N MET D 32 6.74 47.92 -2.70
CA MET D 32 7.22 47.64 -1.36
C MET D 32 8.22 48.66 -0.87
N LYS D 33 8.72 49.47 -1.80
CA LYS D 33 9.88 50.35 -1.65
C LYS D 33 11.07 49.54 -1.15
N PHE D 34 11.33 48.42 -1.84
CA PHE D 34 12.55 47.67 -1.64
C PHE D 34 13.72 48.48 -2.16
N PRO D 35 14.88 48.39 -1.51
CA PRO D 35 16.10 48.97 -2.07
C PRO D 35 16.55 48.21 -3.32
N CYS D 36 17.43 48.87 -4.09
CA CYS D 36 17.87 48.38 -5.40
C CYS D 36 18.60 47.05 -5.31
N GLN D 37 19.24 46.80 -4.18
CA GLN D 37 19.94 45.54 -3.94
C GLN D 37 18.98 44.42 -3.56
N ARG D 38 17.81 44.74 -3.00
CA ARG D 38 16.82 43.71 -2.67
C ARG D 38 16.01 43.33 -3.89
N ARG D 39 15.69 44.32 -4.75
CA ARG D 39 15.02 44.06 -6.03
C ARG D 39 15.89 43.24 -6.97
N ALA D 40 17.21 43.34 -6.80
CA ALA D 40 18.19 42.62 -7.60
C ALA D 40 18.16 41.12 -7.39
N GLN D 41 17.67 40.65 -6.23
CA GLN D 41 17.62 39.23 -5.95
C GLN D 41 16.56 38.51 -6.78
N PHE D 42 15.58 39.24 -7.29
CA PHE D 42 14.49 38.69 -8.07
C PHE D 42 14.79 38.67 -9.56
N ILE D 43 15.99 39.08 -9.97
CA ILE D 43 16.34 39.08 -11.39
C ILE D 43 16.85 37.70 -11.78
N LEU D 44 16.28 37.15 -12.83
CA LEU D 44 16.60 35.80 -13.27
C LEU D 44 17.39 35.80 -14.60
N GLN D 45 17.78 36.97 -15.10
CA GLN D 45 18.35 37.07 -16.45
C GLN D 45 19.87 36.89 -16.50
N GLY D 46 20.57 36.92 -15.38
CA GLY D 46 22.00 36.75 -15.36
C GLY D 46 22.73 38.04 -15.07
N ASP D 47 24.04 37.88 -14.78
CA ASP D 47 24.87 38.88 -14.11
C ASP D 47 25.02 40.18 -14.88
N ALA D 48 25.02 40.11 -16.22
CA ALA D 48 25.14 41.33 -17.03
C ALA D 48 23.91 42.22 -16.92
N CYS D 49 22.73 41.60 -16.85
CA CYS D 49 21.49 42.37 -16.70
C CYS D 49 21.35 42.96 -15.30
N VAL D 50 21.83 42.24 -14.27
CA VAL D 50 21.75 42.70 -12.89
C VAL D 50 22.64 43.93 -12.66
N LYS D 51 23.84 43.94 -13.26
CA LYS D 51 24.73 45.09 -13.13
C LYS D 51 24.17 46.32 -13.85
N ALA D 52 23.44 46.11 -14.95
CA ALA D 52 22.73 47.21 -15.59
C ALA D 52 21.52 47.66 -14.77
N PHE D 53 20.91 46.75 -14.01
CA PHE D 53 19.79 47.08 -13.15
C PHE D 53 20.25 47.98 -12.01
N LEU D 54 21.34 47.59 -11.32
CA LEU D 54 21.82 48.33 -10.15
C LEU D 54 22.34 49.71 -10.55
N ASP D 55 22.95 49.81 -11.74
CA ASP D 55 23.52 51.06 -12.23
C ASP D 55 22.44 52.10 -12.44
N CYS D 56 21.34 51.71 -13.08
CA CYS D 56 20.26 52.63 -13.36
C CYS D 56 19.35 52.85 -12.16
N CYS D 57 19.30 51.91 -11.22
CA CYS D 57 18.46 52.08 -10.04
C CYS D 57 19.05 53.12 -9.08
N GLU D 58 20.31 52.94 -8.69
CA GLU D 58 20.92 53.87 -7.74
C GLU D 58 21.30 55.20 -8.37
N TYR D 59 21.27 55.31 -9.70
CA TYR D 59 21.42 56.57 -10.40
C TYR D 59 20.28 57.50 -10.03
N ILE D 60 19.04 57.14 -10.41
CA ILE D 60 17.91 57.99 -10.09
C ILE D 60 17.42 57.85 -8.67
N THR D 61 17.97 56.93 -7.88
CA THR D 61 17.65 56.90 -6.45
C THR D 61 18.24 58.13 -5.77
N GLN D 62 19.54 58.37 -5.97
CA GLN D 62 20.16 59.57 -5.42
C GLN D 62 19.79 60.82 -6.21
N LEU D 63 19.40 60.68 -7.48
CA LEU D 63 19.02 61.83 -8.28
C LEU D 63 17.61 62.30 -7.91
N ARG D 64 16.75 61.39 -7.46
CA ARG D 64 15.48 61.84 -6.89
C ARG D 64 15.69 62.43 -5.51
N GLN D 65 16.60 61.83 -4.72
CA GLN D 65 16.91 62.34 -3.38
C GLN D 65 17.73 63.62 -3.40
N GLN D 66 18.31 63.99 -4.54
CA GLN D 66 18.94 65.29 -4.71
C GLN D 66 17.92 66.35 -5.08
N HIS D 67 17.00 66.01 -5.99
CA HIS D 67 15.92 66.91 -6.37
C HIS D 67 14.80 66.97 -5.34
N SER D 68 14.75 66.02 -4.39
CA SER D 68 13.81 66.18 -3.29
C SER D 68 14.37 67.11 -2.22
N ARG D 69 15.66 66.99 -1.89
CA ARG D 69 16.28 67.86 -0.90
C ARG D 69 16.64 69.24 -1.44
N ASP D 70 16.40 69.51 -2.72
CA ASP D 70 16.52 70.84 -3.30
C ASP D 70 15.20 71.34 -3.90
N GLY D 71 14.09 70.72 -3.52
CA GLY D 71 12.78 71.14 -3.99
C GLY D 71 12.06 72.06 -3.02
N ALA D 72 12.82 72.75 -2.18
CA ALA D 72 12.26 73.73 -1.25
C ALA D 72 12.88 75.10 -1.49
N ASP D 81 2.44 62.56 -10.80
CA ASP D 81 2.03 62.90 -12.15
C ASP D 81 3.29 63.23 -12.98
N ASP D 82 4.43 62.79 -12.47
CA ASP D 82 5.72 63.09 -13.10
C ASP D 82 6.54 61.84 -13.42
N ASP D 83 6.38 60.75 -12.66
CA ASP D 83 7.12 59.51 -12.88
C ASP D 83 6.34 58.51 -13.74
N ILE D 84 5.73 58.99 -14.83
CA ILE D 84 4.86 58.19 -15.70
C ILE D 84 5.45 58.16 -17.10
N ILE D 85 5.88 56.98 -17.54
CA ILE D 85 6.65 56.81 -18.77
C ILE D 85 5.85 55.89 -19.69
N PRO D 86 5.62 56.28 -20.96
CA PRO D 86 4.84 55.45 -21.88
C PRO D 86 5.57 54.17 -22.27
N GLU D 87 4.82 53.24 -22.85
CA GLU D 87 5.35 51.95 -23.27
C GLU D 87 5.58 51.94 -24.77
N GLU D 88 6.67 51.29 -25.20
CA GLU D 88 6.98 51.23 -26.62
C GLU D 88 6.02 50.32 -27.39
N ASP D 89 5.50 49.29 -26.72
CA ASP D 89 4.52 48.36 -27.28
C ASP D 89 3.20 48.63 -26.58
N ILE D 90 2.17 48.95 -27.37
CA ILE D 90 0.87 49.36 -26.86
C ILE D 90 -0.18 48.47 -27.49
N ILE D 91 -1.03 47.86 -26.65
CA ILE D 91 -2.15 47.05 -27.12
C ILE D 91 -3.36 47.96 -27.23
N SER D 92 -4.04 47.93 -28.38
CA SER D 92 -5.14 48.83 -28.61
C SER D 92 -6.43 48.20 -28.11
N ARG D 93 -7.54 48.94 -28.25
CA ARG D 93 -8.86 48.47 -27.85
C ARG D 93 -9.26 47.27 -28.71
N SER D 94 -9.56 46.15 -28.04
CA SER D 94 -9.84 44.89 -28.73
C SER D 94 -11.13 44.22 -28.29
N GLN D 95 -11.81 44.73 -27.26
CA GLN D 95 -13.08 44.16 -26.84
C GLN D 95 -14.19 44.92 -27.54
N PHE D 96 -14.84 44.26 -28.47
CA PHE D 96 -15.98 44.75 -29.21
C PHE D 96 -17.11 43.74 -29.02
N PRO D 97 -18.37 44.14 -29.21
CA PRO D 97 -19.46 43.14 -29.15
C PRO D 97 -19.36 42.12 -30.27
N GLU D 98 -19.73 40.89 -29.95
CA GLU D 98 -19.58 39.77 -30.85
C GLU D 98 -20.59 39.87 -32.00
N SER D 99 -20.18 39.40 -33.16
CA SER D 99 -20.99 39.52 -34.36
C SER D 99 -22.16 38.54 -34.32
N TRP D 100 -23.24 38.93 -35.00
CA TRP D 100 -24.47 38.16 -35.04
C TRP D 100 -24.98 38.15 -36.48
N LEU D 101 -26.22 37.62 -36.64
CA LEU D 101 -26.91 37.45 -37.93
C LEU D 101 -26.11 36.56 -38.88
N TRP D 102 -25.63 35.43 -38.34
CA TRP D 102 -24.74 34.53 -39.08
C TRP D 102 -25.58 33.43 -39.73
N THR D 103 -26.26 33.80 -40.81
CA THR D 103 -27.17 32.91 -41.54
C THR D 103 -26.85 32.95 -43.03
N VAL D 104 -27.45 32.00 -43.77
CA VAL D 104 -27.41 31.94 -45.22
C VAL D 104 -28.84 31.84 -45.73
N ILE D 105 -29.24 32.73 -46.62
CA ILE D 105 -30.58 32.76 -47.17
C ILE D 105 -30.57 32.09 -48.54
N GLU D 106 -31.40 31.08 -48.72
CA GLU D 106 -31.49 30.34 -49.98
C GLU D 106 -32.81 30.55 -50.70
N ASP D 107 -33.80 31.18 -50.06
CA ASP D 107 -35.13 31.36 -50.65
C ASP D 107 -35.19 32.68 -51.41
N LEU D 108 -34.60 32.67 -52.60
CA LEU D 108 -34.59 33.81 -53.51
C LEU D 108 -34.83 33.25 -54.91
N LYS D 109 -36.05 32.75 -55.13
CA LYS D 109 -36.37 32.08 -56.38
C LYS D 109 -37.38 32.84 -57.24
N GLN D 110 -38.15 33.75 -56.66
CA GLN D 110 -39.11 34.54 -57.41
C GLN D 110 -38.47 35.86 -57.82
N ALA D 111 -38.15 35.97 -59.11
CA ALA D 111 -37.47 37.11 -59.69
C ALA D 111 -38.49 38.14 -60.18
N ASP D 112 -38.02 39.36 -60.41
CA ASP D 112 -38.89 40.39 -60.98
C ASP D 112 -38.70 40.40 -62.50
N LYS D 113 -39.01 41.53 -63.16
CA LYS D 113 -38.83 41.65 -64.60
C LYS D 113 -37.35 41.74 -64.98
N ASN D 114 -36.50 42.23 -64.07
CA ASN D 114 -35.07 42.36 -64.31
C ASN D 114 -34.26 41.18 -63.78
N GLY D 115 -34.93 40.18 -63.21
CA GLY D 115 -34.27 39.03 -62.62
C GLY D 115 -33.72 39.23 -61.23
N ILE D 116 -34.15 40.28 -60.53
CA ILE D 116 -33.71 40.57 -59.17
C ILE D 116 -34.76 40.00 -58.21
N SER D 117 -34.32 39.15 -57.28
CA SER D 117 -35.20 38.56 -56.28
C SER D 117 -35.05 39.35 -54.98
N THR D 118 -36.18 39.59 -54.32
CA THR D 118 -36.22 40.47 -53.15
C THR D 118 -36.69 39.68 -51.93
N LYS D 119 -35.93 39.76 -50.85
CA LYS D 119 -36.26 39.11 -49.58
C LYS D 119 -36.38 40.18 -48.50
N LEU D 120 -37.51 40.17 -47.79
CA LEU D 120 -37.68 40.98 -46.59
C LEU D 120 -37.43 40.10 -45.36
N MET D 121 -36.84 40.71 -44.33
CA MET D 121 -36.44 39.93 -43.15
C MET D 121 -36.46 40.83 -41.93
N ASN D 122 -37.28 40.47 -40.95
CA ASN D 122 -37.37 41.20 -39.69
C ASN D 122 -36.38 40.61 -38.69
N VAL D 123 -35.48 41.44 -38.19
CA VAL D 123 -34.47 41.03 -37.21
C VAL D 123 -34.56 41.92 -35.99
N PHE D 124 -34.12 41.39 -34.85
CA PHE D 124 -34.10 42.14 -33.60
C PHE D 124 -32.68 42.61 -33.32
N LEU D 125 -32.55 43.87 -32.93
CA LEU D 125 -31.24 44.41 -32.61
C LEU D 125 -30.83 43.99 -31.20
N LYS D 126 -29.53 44.10 -30.93
CA LYS D 126 -29.00 43.70 -29.65
C LYS D 126 -28.99 44.90 -28.70
N ASP D 127 -28.60 44.66 -27.45
CA ASP D 127 -28.61 45.70 -26.42
C ASP D 127 -27.39 46.61 -26.46
N SER D 128 -26.44 46.35 -27.36
CA SER D 128 -25.23 47.17 -27.46
C SER D 128 -25.56 48.53 -28.07
N ILE D 129 -25.21 49.59 -27.35
CA ILE D 129 -25.36 50.93 -27.89
C ILE D 129 -24.11 51.19 -28.72
N THR D 130 -24.22 50.89 -30.02
CA THR D 130 -23.10 50.96 -30.96
C THR D 130 -23.69 51.08 -32.36
N THR D 131 -22.80 51.23 -33.35
CA THR D 131 -23.21 51.21 -34.75
C THR D 131 -22.93 49.80 -35.27
N TRP D 132 -24.00 49.05 -35.53
CA TRP D 132 -23.84 47.77 -36.21
C TRP D 132 -23.65 48.00 -37.70
N GLU D 133 -23.10 46.99 -38.37
CA GLU D 133 -22.80 47.12 -39.80
C GLU D 133 -22.98 45.76 -40.45
N ILE D 134 -23.92 45.68 -41.38
CA ILE D 134 -24.39 44.40 -41.92
C ILE D 134 -23.73 44.14 -43.27
N LEU D 135 -23.06 43.01 -43.39
CA LEU D 135 -22.29 42.63 -44.57
C LEU D 135 -22.96 41.46 -45.27
N ALA D 136 -22.88 41.45 -46.60
CA ALA D 136 -23.57 40.44 -47.41
C ALA D 136 -22.67 39.99 -48.55
N VAL D 137 -22.52 38.67 -48.70
CA VAL D 137 -21.83 38.06 -49.84
C VAL D 137 -22.80 37.08 -50.50
N SER D 138 -23.07 37.28 -51.78
CA SER D 138 -23.96 36.39 -52.53
C SER D 138 -23.14 35.42 -53.38
N LEU D 139 -23.80 34.35 -53.79
CA LEU D 139 -23.20 33.38 -54.70
C LEU D 139 -24.32 32.83 -55.57
N SER D 140 -24.24 33.08 -56.87
CA SER D 140 -25.30 32.73 -57.81
C SER D 140 -24.74 31.77 -58.86
N ASP D 141 -25.56 30.77 -59.23
CA ASP D 141 -25.16 29.73 -60.18
C ASP D 141 -24.97 30.26 -61.60
N LYS D 142 -25.52 31.43 -61.91
CA LYS D 142 -25.36 32.05 -63.22
C LYS D 142 -24.55 33.34 -63.19
N LYS D 143 -24.35 33.95 -62.01
CA LYS D 143 -23.66 35.23 -61.91
C LYS D 143 -22.46 35.23 -60.98
N GLY D 144 -22.24 34.17 -60.21
CA GLY D 144 -21.03 34.10 -59.40
C GLY D 144 -21.12 34.80 -58.05
N ILE D 145 -19.94 35.18 -57.55
CA ILE D 145 -19.78 35.72 -56.19
C ILE D 145 -19.85 37.25 -56.24
N CYS D 146 -20.46 37.85 -55.22
CA CYS D 146 -20.59 39.30 -55.14
C CYS D 146 -20.65 39.73 -53.69
N VAL D 147 -19.75 40.63 -53.28
CA VAL D 147 -19.74 41.21 -51.94
C VAL D 147 -20.46 42.56 -51.99
N ALA D 148 -21.47 42.72 -51.13
CA ALA D 148 -22.23 43.97 -51.09
C ALA D 148 -21.45 45.07 -50.38
N ASP D 149 -21.91 46.30 -50.59
CA ASP D 149 -21.48 47.42 -49.77
C ASP D 149 -22.07 47.28 -48.36
N PRO D 150 -21.37 47.79 -47.34
CA PRO D 150 -21.90 47.68 -45.97
C PRO D 150 -23.11 48.58 -45.72
N TYR D 151 -24.00 48.08 -44.86
CA TYR D 151 -25.20 48.81 -44.44
C TYR D 151 -25.12 49.04 -42.94
N GLU D 152 -25.10 50.30 -42.53
CA GLU D 152 -24.86 50.69 -41.15
C GLU D 152 -26.17 50.92 -40.41
N VAL D 153 -26.28 50.36 -39.20
CA VAL D 153 -27.45 50.47 -38.34
C VAL D 153 -26.97 51.05 -37.01
N THR D 154 -27.34 52.30 -36.72
CA THR D 154 -26.91 52.97 -35.51
C THR D 154 -27.96 52.78 -34.41
N VAL D 155 -27.52 52.27 -33.26
CA VAL D 155 -28.38 52.02 -32.11
C VAL D 155 -28.00 53.01 -31.02
N MET D 156 -28.96 53.81 -30.57
CA MET D 156 -28.69 54.83 -29.55
C MET D 156 -29.91 55.10 -28.69
N GLN D 157 -29.73 54.97 -27.38
CA GLN D 157 -30.73 55.30 -26.37
C GLN D 157 -30.23 56.51 -25.57
N ASP D 158 -31.01 57.59 -25.56
CA ASP D 158 -30.54 58.81 -24.91
C ASP D 158 -30.77 58.79 -23.39
N PHE D 159 -31.94 58.31 -22.94
CA PHE D 159 -32.18 58.11 -21.50
C PHE D 159 -32.19 56.62 -21.19
N PHE D 160 -31.32 56.20 -20.26
CA PHE D 160 -31.28 54.83 -19.79
C PHE D 160 -30.70 54.81 -18.38
N ILE D 161 -31.02 53.75 -17.64
CA ILE D 161 -30.54 53.56 -16.27
C ILE D 161 -29.42 52.52 -16.33
N ASP D 162 -28.39 52.71 -15.52
CA ASP D 162 -27.37 51.70 -15.29
C ASP D 162 -27.36 51.41 -13.80
N LEU D 163 -27.65 50.16 -13.43
CA LEU D 163 -27.67 49.75 -12.04
C LEU D 163 -26.33 49.08 -11.71
N ARG D 164 -25.58 49.72 -10.81
CA ARG D 164 -24.27 49.22 -10.40
C ARG D 164 -24.42 48.41 -9.12
N LEU D 165 -24.33 47.10 -9.25
CA LEU D 165 -24.33 46.19 -8.12
C LEU D 165 -22.90 45.74 -7.82
N PRO D 166 -22.66 45.27 -6.58
CA PRO D 166 -21.43 44.51 -6.30
C PRO D 166 -21.36 43.19 -7.04
N TYR D 167 -20.18 42.59 -6.94
CA TYR D 167 -20.01 41.20 -7.34
C TYR D 167 -20.78 40.28 -6.39
N SER D 168 -20.66 40.52 -5.09
CA SER D 168 -21.36 39.74 -4.08
C SER D 168 -21.50 40.57 -2.82
N VAL D 169 -22.61 40.37 -2.12
CA VAL D 169 -22.78 40.88 -0.77
C VAL D 169 -22.78 39.71 0.20
N VAL D 170 -22.75 40.03 1.48
CA VAL D 170 -22.82 39.07 2.56
C VAL D 170 -24.17 39.28 3.26
N ARG D 171 -24.80 38.19 3.70
CA ARG D 171 -26.02 38.27 4.52
C ARG D 171 -25.73 39.08 5.79
N ASN D 172 -26.62 40.05 6.04
CA ASN D 172 -26.57 41.02 7.15
C ASN D 172 -25.33 41.92 7.10
N GLU D 173 -24.79 42.10 5.88
CA GLU D 173 -23.86 43.17 5.55
C GLU D 173 -24.68 44.22 4.81
N GLN D 174 -24.25 45.47 4.86
CA GLN D 174 -25.07 46.58 4.41
C GLN D 174 -24.34 47.41 3.37
N VAL D 175 -24.92 47.56 2.18
CA VAL D 175 -24.20 48.19 1.07
C VAL D 175 -24.98 49.39 0.54
N GLU D 176 -24.27 50.22 -0.22
CA GLU D 176 -24.82 51.33 -0.98
C GLU D 176 -24.76 50.99 -2.46
N ILE D 177 -25.92 50.97 -3.10
CA ILE D 177 -26.07 50.55 -4.49
C ILE D 177 -26.42 51.78 -5.32
N ARG D 178 -25.73 51.97 -6.44
CA ARG D 178 -25.91 53.13 -7.31
C ARG D 178 -26.75 52.77 -8.52
N ALA D 179 -27.77 53.58 -8.79
CA ALA D 179 -28.43 53.59 -10.08
C ALA D 179 -28.00 54.86 -10.80
N ILE D 180 -27.17 54.72 -11.84
CA ILE D 180 -26.73 55.86 -12.63
C ILE D 180 -27.70 56.06 -13.78
N LEU D 181 -28.22 57.29 -13.90
CA LEU D 181 -29.19 57.64 -14.93
C LEU D 181 -28.55 58.63 -15.90
N TYR D 182 -28.62 58.29 -17.18
CA TYR D 182 -27.93 59.02 -18.23
C TYR D 182 -28.93 59.83 -19.04
N ASN D 183 -28.49 60.98 -19.53
CA ASN D 183 -29.30 61.84 -20.38
C ASN D 183 -28.38 62.36 -21.46
N TYR D 184 -28.64 61.97 -22.70
CA TYR D 184 -27.78 62.36 -23.81
C TYR D 184 -28.56 63.20 -24.81
N ARG D 185 -29.58 63.91 -24.32
CA ARG D 185 -30.29 64.84 -25.15
C ARG D 185 -29.51 66.14 -25.07
N GLU D 186 -29.43 66.84 -26.21
CA GLU D 186 -28.47 67.92 -26.38
C GLU D 186 -28.83 69.16 -25.56
N ALA D 187 -30.09 69.57 -25.57
CA ALA D 187 -30.47 70.81 -24.92
C ALA D 187 -31.62 70.68 -23.93
N GLU D 188 -32.05 69.47 -23.60
CA GLU D 188 -33.19 69.27 -22.72
C GLU D 188 -32.74 68.66 -21.39
N ASN D 189 -32.98 69.38 -20.30
CA ASN D 189 -32.82 68.77 -19.00
C ASN D 189 -34.03 67.88 -18.74
N LEU D 190 -33.87 66.91 -17.84
CA LEU D 190 -34.92 65.91 -17.63
C LEU D 190 -35.21 65.77 -16.14
N LYS D 191 -36.42 66.14 -15.76
CA LYS D 191 -36.93 65.89 -14.42
C LYS D 191 -37.47 64.46 -14.40
N VAL D 192 -36.88 63.61 -13.57
CA VAL D 192 -37.13 62.17 -13.56
C VAL D 192 -37.54 61.77 -12.14
N ARG D 193 -38.57 60.92 -12.03
CA ARG D 193 -38.86 60.27 -10.76
C ARG D 193 -38.29 58.85 -10.80
N VAL D 194 -37.42 58.53 -9.83
CA VAL D 194 -36.69 57.27 -9.79
C VAL D 194 -37.18 56.47 -8.59
N GLU D 195 -37.42 55.18 -8.78
CA GLU D 195 -38.01 54.33 -7.75
C GLU D 195 -37.19 53.06 -7.58
N LEU D 196 -36.83 52.75 -6.34
CA LEU D 196 -36.29 51.45 -5.97
C LEU D 196 -37.45 50.56 -5.54
N LEU D 197 -37.56 49.38 -6.17
CA LEU D 197 -38.68 48.49 -5.89
C LEU D 197 -38.41 47.67 -4.64
N TYR D 198 -39.49 47.38 -3.92
CA TYR D 198 -39.39 46.61 -2.68
C TYR D 198 -39.14 45.13 -2.98
N ASN D 199 -38.27 44.52 -2.19
CA ASN D 199 -37.98 43.09 -2.24
C ASN D 199 -37.94 42.63 -0.79
N PRO D 200 -38.73 41.61 -0.41
CA PRO D 200 -38.71 41.13 0.98
C PRO D 200 -37.43 40.39 1.37
N ALA D 201 -36.64 39.94 0.39
CA ALA D 201 -35.30 39.43 0.66
C ALA D 201 -34.29 40.56 0.89
N PHE D 202 -34.65 41.81 0.62
CA PHE D 202 -33.84 42.97 0.96
C PHE D 202 -34.45 43.72 2.11
N CYS D 203 -33.71 44.74 2.55
CA CYS D 203 -34.15 45.63 3.60
C CYS D 203 -33.63 47.02 3.25
N SER D 204 -34.52 47.92 2.86
CA SER D 204 -34.12 49.19 2.27
C SER D 204 -35.15 50.24 2.65
N LEU D 205 -35.04 51.42 2.03
CA LEU D 205 -36.00 52.50 2.24
C LEU D 205 -37.36 52.23 1.62
N ALA D 206 -37.44 51.34 0.63
CA ALA D 206 -38.71 50.92 0.06
C ALA D 206 -39.26 49.77 0.89
N THR D 207 -40.47 49.96 1.44
CA THR D 207 -41.16 48.93 2.21
C THR D 207 -42.33 48.38 1.41
N ALA D 208 -43.07 47.47 2.02
CA ALA D 208 -44.23 46.87 1.36
C ALA D 208 -45.41 47.83 1.28
N LYS D 209 -45.48 48.83 2.16
CA LYS D 209 -46.59 49.79 2.16
C LYS D 209 -46.22 51.17 1.65
N LYS D 210 -44.93 51.49 1.51
CA LYS D 210 -44.51 52.80 1.03
C LYS D 210 -43.36 52.62 0.06
N ARG D 211 -43.51 53.15 -1.15
CA ARG D 211 -42.44 53.11 -2.13
C ARG D 211 -41.39 54.16 -1.80
N HIS D 212 -40.16 53.90 -2.22
CA HIS D 212 -39.08 54.88 -2.11
C HIS D 212 -38.91 55.53 -3.47
N GLN D 213 -39.58 56.66 -3.66
CA GLN D 213 -39.45 57.45 -4.87
C GLN D 213 -38.64 58.70 -4.58
N GLN D 214 -37.75 59.04 -5.51
CA GLN D 214 -36.97 60.26 -5.47
C GLN D 214 -37.20 61.01 -6.76
N THR D 215 -37.14 62.33 -6.70
CA THR D 215 -37.29 63.18 -7.87
C THR D 215 -35.98 63.92 -8.11
N ILE D 216 -35.33 63.65 -9.24
CA ILE D 216 -34.05 64.25 -9.59
C ILE D 216 -34.21 64.99 -10.91
N THR D 217 -33.22 65.83 -11.22
CA THR D 217 -33.15 66.54 -12.48
C THR D 217 -31.78 66.33 -13.10
N ILE D 218 -31.74 65.65 -14.23
CA ILE D 218 -30.50 65.37 -14.94
C ILE D 218 -30.27 66.50 -15.95
N PRO D 219 -29.11 67.18 -15.92
CA PRO D 219 -28.80 68.16 -16.96
C PRO D 219 -28.54 67.51 -18.31
N ALA D 220 -28.59 68.35 -19.34
CA ALA D 220 -28.40 67.86 -20.71
C ALA D 220 -26.95 67.50 -20.97
N ARG D 221 -26.75 66.34 -21.60
CA ARG D 221 -25.46 65.70 -21.88
C ARG D 221 -24.63 65.50 -20.61
N SER D 222 -25.21 64.74 -19.67
CA SER D 222 -24.67 64.55 -18.34
C SER D 222 -25.27 63.28 -17.75
N SER D 223 -24.86 62.96 -16.52
CA SER D 223 -25.35 61.79 -15.82
C SER D 223 -25.41 62.06 -14.33
N VAL D 224 -26.43 61.52 -13.67
CA VAL D 224 -26.64 61.65 -12.23
C VAL D 224 -26.77 60.24 -11.65
N ALA D 225 -25.99 59.96 -10.61
CA ALA D 225 -26.08 58.69 -9.90
C ALA D 225 -26.99 58.84 -8.68
N VAL D 226 -27.89 57.88 -8.47
CA VAL D 226 -28.81 57.87 -7.35
C VAL D 226 -28.45 56.70 -6.44
N PRO D 227 -28.02 56.95 -5.21
CA PRO D 227 -27.64 55.86 -4.31
C PRO D 227 -28.82 55.27 -3.55
N TYR D 228 -28.72 53.96 -3.32
CA TYR D 228 -29.72 53.21 -2.57
C TYR D 228 -29.02 52.33 -1.56
N VAL D 229 -29.48 52.38 -0.30
CA VAL D 229 -28.90 51.61 0.79
C VAL D 229 -29.76 50.36 0.97
N ILE D 230 -29.13 49.18 0.87
CA ILE D 230 -29.81 47.90 0.80
C ILE D 230 -29.14 46.92 1.75
N VAL D 231 -29.93 46.30 2.62
CA VAL D 231 -29.47 45.21 3.48
C VAL D 231 -30.09 43.93 2.96
N PRO D 232 -29.32 42.97 2.46
CA PRO D 232 -29.89 41.64 2.19
C PRO D 232 -30.06 40.85 3.47
N LEU D 233 -31.22 40.19 3.58
CA LEU D 233 -31.55 39.42 4.76
C LEU D 233 -31.46 37.91 4.55
N LYS D 234 -31.53 37.45 3.30
CA LYS D 234 -31.49 36.04 2.97
C LYS D 234 -30.30 35.75 2.06
N ILE D 235 -29.94 34.49 1.99
CA ILE D 235 -28.83 34.02 1.18
C ILE D 235 -29.36 33.53 -0.15
N GLY D 236 -28.78 34.03 -1.24
CA GLY D 236 -29.07 33.52 -2.56
C GLY D 236 -29.29 34.63 -3.56
N LEU D 237 -29.66 34.21 -4.77
CA LEU D 237 -29.79 35.12 -5.91
C LEU D 237 -31.07 35.93 -5.79
N HIS D 238 -30.94 37.22 -5.50
CA HIS D 238 -32.06 38.12 -5.30
C HIS D 238 -32.01 39.23 -6.34
N GLU D 239 -33.18 39.65 -6.82
CA GLU D 239 -33.24 40.63 -7.90
C GLU D 239 -33.37 42.05 -7.35
N VAL D 240 -32.62 42.98 -7.95
CA VAL D 240 -32.71 44.40 -7.65
C VAL D 240 -33.34 45.08 -8.86
N GLU D 241 -34.49 45.73 -8.66
CA GLU D 241 -35.18 46.40 -9.75
C GLU D 241 -35.35 47.88 -9.46
N VAL D 242 -34.85 48.72 -10.35
CA VAL D 242 -34.97 50.17 -10.27
C VAL D 242 -35.70 50.64 -11.53
N LYS D 243 -36.80 51.36 -11.34
CA LYS D 243 -37.58 51.94 -12.42
C LYS D 243 -37.49 53.47 -12.36
N ALA D 244 -37.65 54.11 -13.52
CA ALA D 244 -37.64 55.56 -13.60
C ALA D 244 -38.45 56.03 -14.80
N ALA D 245 -39.18 57.13 -14.62
CA ALA D 245 -39.94 57.75 -15.70
C ALA D 245 -39.70 59.26 -15.69
N VAL D 246 -39.67 59.84 -16.89
CA VAL D 246 -39.35 61.26 -17.09
C VAL D 246 -40.64 62.08 -17.00
N TYR D 247 -40.58 63.21 -16.27
CA TYR D 247 -41.74 64.09 -16.16
C TYR D 247 -42.02 64.77 -17.50
N ASN D 248 -43.32 64.92 -17.80
CA ASN D 248 -43.88 65.50 -19.04
C ASN D 248 -43.31 64.90 -20.33
N HIS D 249 -43.01 63.61 -20.30
CA HIS D 249 -42.50 62.84 -21.43
C HIS D 249 -42.89 61.39 -21.16
N PHE D 250 -42.83 60.57 -22.21
CA PHE D 250 -43.04 59.15 -22.07
C PHE D 250 -41.76 58.34 -22.20
N ILE D 251 -40.66 58.91 -21.74
CA ILE D 251 -39.40 58.21 -21.72
C ILE D 251 -39.33 57.50 -20.37
N SER D 252 -39.26 56.17 -20.41
CA SER D 252 -39.21 55.36 -19.20
C SER D 252 -38.33 54.14 -19.45
N ASP D 253 -37.60 53.73 -18.42
CA ASP D 253 -36.70 52.59 -18.49
C ASP D 253 -36.73 51.86 -17.15
N GLY D 254 -36.46 50.55 -17.17
CA GLY D 254 -36.30 49.79 -15.96
C GLY D 254 -35.17 48.79 -16.08
N VAL D 255 -34.35 48.67 -15.04
CA VAL D 255 -33.20 47.76 -15.04
C VAL D 255 -33.33 46.81 -13.87
N LYS D 256 -33.33 45.50 -14.16
CA LYS D 256 -33.40 44.46 -13.16
C LYS D 256 -32.11 43.63 -13.22
N LYS D 257 -31.36 43.61 -12.12
CA LYS D 257 -30.13 42.83 -12.03
C LYS D 257 -30.13 41.97 -10.77
N THR D 258 -29.38 40.87 -10.82
CA THR D 258 -29.34 39.86 -9.77
C THR D 258 -28.19 40.15 -8.80
N LEU D 259 -28.52 40.13 -7.50
CA LEU D 259 -27.55 40.37 -6.43
C LEU D 259 -27.27 39.07 -5.67
N LYS D 260 -26.05 38.55 -5.81
CA LYS D 260 -25.68 37.29 -5.17
C LYS D 260 -25.31 37.56 -3.71
N VAL D 261 -26.04 36.94 -2.78
CA VAL D 261 -25.81 37.12 -1.35
C VAL D 261 -25.17 35.85 -0.79
N VAL D 262 -23.85 35.87 -0.65
CA VAL D 262 -23.11 34.71 -0.13
C VAL D 262 -23.21 34.71 1.40
N PRO D 263 -23.22 33.56 2.06
CA PRO D 263 -23.19 33.54 3.53
C PRO D 263 -21.88 34.06 4.11
N GLU D 264 -21.97 34.51 5.37
CA GLU D 264 -20.79 34.97 6.08
C GLU D 264 -19.92 33.78 6.43
N GLY D 265 -18.61 33.98 6.39
CA GLY D 265 -17.68 32.89 6.59
C GLY D 265 -17.18 32.32 5.27
N VAL D 266 -16.16 31.48 5.39
CA VAL D 266 -15.55 30.80 4.25
C VAL D 266 -16.22 29.44 4.07
N ARG D 267 -16.51 29.07 2.82
CA ARG D 267 -17.16 27.79 2.54
C ARG D 267 -16.12 26.69 2.46
N VAL D 268 -16.25 25.69 3.32
CA VAL D 268 -15.23 24.66 3.49
C VAL D 268 -15.89 23.31 3.24
N ASN D 269 -15.36 22.56 2.27
CA ASN D 269 -15.72 21.17 2.09
C ASN D 269 -14.85 20.30 2.98
N LYS D 270 -15.38 19.15 3.38
CA LYS D 270 -14.72 18.36 4.41
C LYS D 270 -14.96 16.89 4.11
N THR D 271 -13.90 16.16 3.81
CA THR D 271 -14.00 14.72 3.65
C THR D 271 -14.15 14.07 5.00
N VAL D 272 -15.25 13.33 5.18
CA VAL D 272 -15.48 12.65 6.44
C VAL D 272 -14.86 11.25 6.43
N ALA D 273 -15.03 10.51 5.33
CA ALA D 273 -14.57 9.14 5.23
C ALA D 273 -14.41 8.78 3.76
N VAL D 274 -13.34 8.03 3.43
CA VAL D 274 -13.27 7.32 2.16
C VAL D 274 -12.95 5.86 2.48
N ARG D 275 -13.72 4.94 1.91
CA ARG D 275 -13.66 3.54 2.26
C ARG D 275 -13.67 2.70 0.99
N THR D 276 -12.95 1.57 1.01
CA THR D 276 -13.01 0.60 -0.08
C THR D 276 -14.12 -0.41 0.20
N LEU D 277 -14.97 -0.64 -0.81
CA LEU D 277 -16.08 -1.59 -0.70
C LEU D 277 -15.71 -2.88 -1.41
N ASN D 278 -15.33 -3.91 -0.65
CA ASN D 278 -14.98 -5.20 -1.22
C ASN D 278 -15.35 -6.27 -0.20
N PRO D 279 -16.60 -6.76 -0.23
CA PRO D 279 -17.03 -7.75 0.78
C PRO D 279 -16.42 -9.14 0.62
N GLU D 280 -15.74 -9.43 -0.49
CA GLU D 280 -15.00 -10.68 -0.60
C GLU D 280 -13.71 -10.62 0.23
N HIS D 281 -13.13 -9.45 0.37
CA HIS D 281 -11.85 -9.26 1.05
C HIS D 281 -11.97 -8.47 2.34
N LEU D 282 -12.84 -7.47 2.39
CA LEU D 282 -13.06 -6.69 3.60
C LEU D 282 -14.36 -7.05 4.31
N GLY D 283 -14.99 -8.16 3.93
CA GLY D 283 -16.26 -8.57 4.51
C GLY D 283 -16.08 -9.81 5.37
N GLN D 284 -16.78 -9.84 6.49
CA GLN D 284 -16.74 -10.98 7.40
C GLN D 284 -18.04 -11.75 7.24
N GLY D 285 -17.94 -12.98 6.74
CA GLY D 285 -19.11 -13.72 6.35
C GLY D 285 -19.80 -13.16 5.13
N GLY D 286 -19.04 -12.57 4.21
CA GLY D 286 -19.55 -11.92 3.02
C GLY D 286 -20.28 -10.62 3.23
N VAL D 287 -20.26 -10.07 4.45
CA VAL D 287 -20.96 -8.83 4.81
C VAL D 287 -19.92 -7.85 5.33
N GLN D 288 -19.64 -6.82 4.54
CA GLN D 288 -18.79 -5.71 4.96
C GLN D 288 -19.65 -4.64 5.63
N ARG D 289 -19.23 -4.18 6.80
CA ARG D 289 -19.92 -3.12 7.52
C ARG D 289 -18.95 -1.98 7.79
N GLU D 290 -19.34 -0.76 7.40
CA GLU D 290 -18.56 0.45 7.61
C GLU D 290 -19.41 1.48 8.34
N GLU D 291 -18.88 2.04 9.42
CA GLU D 291 -19.55 3.12 10.13
C GLU D 291 -18.85 4.44 9.83
N VAL D 292 -19.60 5.39 9.30
CA VAL D 292 -19.10 6.72 8.99
C VAL D 292 -19.55 7.67 10.09
N PRO D 293 -18.64 8.41 10.72
CA PRO D 293 -19.02 9.31 11.81
C PRO D 293 -19.62 10.62 11.30
N ALA D 294 -20.05 11.44 12.24
CA ALA D 294 -20.47 12.80 11.94
C ALA D 294 -19.24 13.69 11.77
N ALA D 295 -19.40 14.72 10.95
CA ALA D 295 -18.29 15.63 10.67
C ALA D 295 -18.10 16.60 11.82
N ASP D 296 -16.83 16.97 12.05
CA ASP D 296 -16.47 17.95 13.06
C ASP D 296 -16.86 19.33 12.55
N LEU D 297 -18.00 19.83 13.05
CA LEU D 297 -18.46 21.15 12.64
C LEU D 297 -18.34 22.12 13.79
N SER D 298 -17.17 22.15 14.43
CA SER D 298 -16.95 23.07 15.54
C SER D 298 -16.77 24.50 15.07
N ASP D 299 -16.30 24.69 13.84
CA ASP D 299 -16.07 26.02 13.30
C ASP D 299 -17.16 26.46 12.32
N GLN D 300 -18.38 25.97 12.50
CA GLN D 300 -19.47 26.23 11.57
C GLN D 300 -20.01 27.64 11.81
N VAL D 301 -20.52 28.26 10.74
CA VAL D 301 -21.22 29.55 10.85
C VAL D 301 -22.55 29.34 11.55
N PRO D 302 -22.96 30.22 12.48
CA PRO D 302 -24.34 30.23 12.96
C PRO D 302 -25.33 30.51 11.83
N ASP D 303 -26.47 29.79 11.90
CA ASP D 303 -27.64 29.92 11.00
C ASP D 303 -27.30 29.63 9.54
N THR D 304 -26.42 28.66 9.31
CA THR D 304 -26.20 28.10 7.99
C THR D 304 -26.39 26.58 8.04
N GLU D 305 -26.78 26.01 6.91
CA GLU D 305 -27.03 24.58 6.80
C GLU D 305 -25.79 23.86 6.27
N SER D 306 -25.61 22.62 6.72
CA SER D 306 -24.62 21.71 6.19
C SER D 306 -25.28 20.75 5.21
N GLU D 307 -24.44 20.01 4.47
CA GLU D 307 -24.95 19.13 3.42
C GLU D 307 -23.94 18.01 3.19
N THR D 308 -24.27 16.82 3.67
CA THR D 308 -23.39 15.67 3.56
C THR D 308 -23.75 14.87 2.31
N LYS D 309 -22.75 14.63 1.45
CA LYS D 309 -22.95 13.92 0.19
C LYS D 309 -22.27 12.56 0.27
N ILE D 310 -23.07 11.50 0.17
CA ILE D 310 -22.60 10.12 0.22
C ILE D 310 -22.50 9.60 -1.21
N LEU D 311 -21.36 9.01 -1.57
CA LEU D 311 -21.12 8.55 -2.94
C LEU D 311 -20.67 7.09 -2.96
N LEU D 312 -21.35 6.26 -3.76
CA LEU D 312 -21.05 4.83 -3.90
C LEU D 312 -20.66 4.54 -5.33
N GLN D 313 -19.48 3.93 -5.54
CA GLN D 313 -18.96 3.65 -6.88
C GLN D 313 -18.57 2.18 -7.08
N GLY D 314 -18.97 1.64 -8.23
CA GLY D 314 -18.65 0.26 -8.58
C GLY D 314 -17.19 -0.01 -8.86
N THR D 315 -16.47 0.96 -9.41
CA THR D 315 -15.03 0.89 -9.66
C THR D 315 -14.39 2.11 -8.99
N PRO D 316 -13.10 2.05 -8.61
CA PRO D 316 -12.45 3.25 -8.05
C PRO D 316 -12.13 4.34 -9.07
N VAL D 317 -12.42 4.13 -10.35
CA VAL D 317 -12.12 5.05 -11.43
C VAL D 317 -13.41 5.60 -12.04
N ALA D 318 -14.55 5.34 -11.39
CA ALA D 318 -15.85 5.65 -11.96
C ALA D 318 -16.22 7.12 -11.89
N GLN D 319 -15.80 7.83 -10.84
CA GLN D 319 -16.01 9.27 -10.79
C GLN D 319 -15.15 9.97 -11.80
N MET D 320 -13.86 9.62 -11.81
CA MET D 320 -12.86 10.31 -12.59
C MET D 320 -13.06 10.12 -14.09
N THR D 321 -13.52 8.95 -14.51
CA THR D 321 -13.84 8.78 -15.93
C THR D 321 -15.10 9.54 -16.32
N GLU D 322 -16.19 9.40 -15.54
CA GLU D 322 -17.48 9.94 -15.96
C GLU D 322 -17.53 11.46 -15.91
N ASP D 323 -16.71 12.09 -15.07
CA ASP D 323 -16.75 13.54 -15.01
C ASP D 323 -15.64 14.21 -15.82
N ALA D 324 -14.60 13.47 -16.25
CA ALA D 324 -13.62 14.04 -17.19
C ALA D 324 -14.10 13.97 -18.64
N ILE D 325 -15.14 13.20 -18.93
CA ILE D 325 -15.79 13.28 -20.24
C ILE D 325 -16.72 14.50 -20.28
N ASP D 326 -17.38 14.79 -19.16
CA ASP D 326 -18.27 15.95 -19.09
C ASP D 326 -17.41 17.21 -19.02
N GLY D 327 -17.75 18.20 -19.85
CA GLY D 327 -16.87 19.34 -20.04
C GLY D 327 -16.88 20.31 -18.88
N GLU D 328 -18.04 20.50 -18.26
CA GLU D 328 -18.10 21.39 -17.11
C GLU D 328 -17.67 20.68 -15.83
N ARG D 329 -17.87 19.37 -15.77
CA ARG D 329 -17.44 18.58 -14.62
C ARG D 329 -15.94 18.28 -14.60
N LEU D 330 -15.25 18.47 -15.74
CA LEU D 330 -13.82 18.18 -15.85
C LEU D 330 -12.99 19.12 -14.99
N LYS D 331 -13.40 20.38 -14.90
CA LYS D 331 -12.63 21.38 -14.18
C LYS D 331 -12.72 21.23 -12.67
N HIS D 332 -13.64 20.39 -12.17
CA HIS D 332 -13.90 20.29 -10.75
C HIS D 332 -13.31 19.00 -10.16
N LEU D 333 -12.56 18.24 -10.96
CA LEU D 333 -11.63 17.26 -10.39
C LEU D 333 -10.58 17.96 -9.54
N ILE D 334 -10.02 18.99 -10.07
CA ILE D 334 -8.93 19.75 -9.48
C ILE D 334 -9.50 20.84 -8.59
N GLN D 335 -8.92 20.99 -7.40
CA GLN D 335 -9.36 22.00 -6.45
C GLN D 335 -8.55 23.29 -6.53
N THR D 336 -7.40 23.28 -7.25
CA THR D 336 -6.51 24.42 -7.43
C THR D 336 -6.79 25.09 -8.77
N PRO D 337 -6.41 26.36 -8.95
CA PRO D 337 -6.59 26.97 -10.28
C PRO D 337 -5.60 26.46 -11.30
N SER D 338 -6.06 26.45 -12.55
CA SER D 338 -5.19 26.20 -13.69
C SER D 338 -4.57 27.51 -14.16
N GLY D 339 -4.35 27.64 -15.46
CA GLY D 339 -3.80 28.89 -15.96
C GLY D 339 -2.31 29.06 -15.77
N CYS D 340 -1.57 27.96 -15.66
CA CYS D 340 -0.13 27.96 -15.89
C CYS D 340 0.22 26.61 -16.51
N GLY D 341 1.45 26.54 -17.05
CA GLY D 341 1.98 25.48 -17.90
C GLY D 341 1.70 24.02 -17.57
N GLU D 342 1.94 23.62 -16.32
CA GLU D 342 1.56 22.28 -15.90
C GLU D 342 0.09 22.22 -15.49
N GLN D 343 -0.41 23.30 -14.89
CA GLN D 343 -1.75 23.28 -14.32
C GLN D 343 -2.83 23.25 -15.38
N ASN D 344 -2.54 23.79 -16.56
CA ASN D 344 -3.44 23.84 -17.70
C ASN D 344 -3.70 22.46 -18.31
N MET D 345 -2.90 21.44 -17.95
CA MET D 345 -3.01 20.06 -18.45
C MET D 345 -4.23 19.30 -17.95
N ILE D 346 -5.10 19.94 -17.17
CA ILE D 346 -6.42 19.41 -16.84
C ILE D 346 -7.29 19.26 -18.10
N GLY D 347 -7.07 20.11 -19.11
CA GLY D 347 -7.78 20.01 -20.38
C GLY D 347 -7.44 18.79 -21.21
N MET D 348 -6.31 18.13 -20.94
CA MET D 348 -5.95 16.92 -21.67
C MET D 348 -5.87 15.69 -20.78
N THR D 349 -4.99 15.70 -19.76
CA THR D 349 -4.53 14.48 -19.08
C THR D 349 -5.61 13.58 -18.43
N PRO D 350 -6.65 14.07 -17.74
CA PRO D 350 -7.68 13.12 -17.29
C PRO D 350 -8.56 12.62 -18.43
N THR D 351 -8.75 13.38 -19.49
CA THR D 351 -9.62 12.93 -20.57
C THR D 351 -8.92 11.93 -21.48
N VAL D 352 -7.59 12.02 -21.60
CA VAL D 352 -6.82 11.07 -22.42
C VAL D 352 -6.87 9.68 -21.80
N ILE D 353 -6.65 9.59 -20.49
CA ILE D 353 -6.67 8.27 -19.85
C ILE D 353 -8.07 7.80 -19.52
N ALA D 354 -9.09 8.67 -19.64
CA ALA D 354 -10.47 8.20 -19.56
C ALA D 354 -10.94 7.64 -20.89
N VAL D 355 -10.51 8.24 -22.00
CA VAL D 355 -10.82 7.69 -23.32
C VAL D 355 -10.08 6.38 -23.54
N HIS D 356 -8.80 6.31 -23.15
CA HIS D 356 -8.01 5.08 -23.25
C HIS D 356 -8.52 3.96 -22.36
N TYR D 357 -9.12 4.31 -21.21
CA TYR D 357 -9.74 3.30 -20.35
C TYR D 357 -10.97 2.70 -21.01
N LEU D 358 -11.87 3.55 -21.52
CA LEU D 358 -13.08 3.08 -22.16
C LEU D 358 -12.82 2.53 -23.56
N ASP D 359 -11.67 2.88 -24.15
CA ASP D 359 -11.16 2.19 -25.34
C ASP D 359 -10.97 0.71 -25.06
N SER D 360 -10.11 0.41 -24.09
CA SER D 360 -9.63 -0.94 -23.82
C SER D 360 -10.64 -1.81 -23.08
N THR D 361 -11.70 -1.25 -22.53
CA THR D 361 -12.66 -2.04 -21.77
C THR D 361 -14.02 -2.15 -22.46
N ASP D 362 -14.22 -1.42 -23.57
CA ASP D 362 -15.41 -1.47 -24.44
C ASP D 362 -16.69 -1.14 -23.68
N GLN D 363 -16.74 0.08 -23.15
CA GLN D 363 -17.79 0.50 -22.23
C GLN D 363 -18.53 1.73 -22.71
N TRP D 364 -18.33 2.15 -23.96
CA TRP D 364 -19.04 3.30 -24.50
C TRP D 364 -20.47 2.98 -24.92
N GLU D 365 -20.86 1.70 -24.86
CA GLU D 365 -22.26 1.32 -25.04
C GLU D 365 -23.17 1.88 -23.95
N LYS D 366 -22.60 2.15 -22.77
CA LYS D 366 -23.34 2.78 -21.68
C LYS D 366 -23.64 4.24 -21.99
N PHE D 367 -22.62 4.98 -22.42
CA PHE D 367 -22.73 6.42 -22.62
C PHE D 367 -23.48 6.73 -23.91
N GLY D 368 -23.65 8.02 -24.19
CA GLY D 368 -24.25 8.45 -25.45
C GLY D 368 -23.39 8.11 -26.64
N LEU D 369 -24.03 8.11 -27.82
CA LEU D 369 -23.34 7.79 -29.06
C LEU D 369 -22.34 8.88 -29.43
N GLU D 370 -22.64 10.13 -29.07
CA GLU D 370 -21.77 11.27 -29.29
C GLU D 370 -20.70 11.40 -28.22
N LYS D 371 -20.85 10.71 -27.08
CA LYS D 371 -20.09 10.98 -25.85
C LYS D 371 -18.60 10.73 -25.98
N ARG D 372 -18.18 9.86 -26.90
CA ARG D 372 -16.76 9.77 -27.24
C ARG D 372 -16.31 10.99 -28.02
N GLN D 373 -17.06 11.36 -29.07
CA GLN D 373 -16.70 12.47 -29.94
C GLN D 373 -16.77 13.83 -29.22
N GLU D 374 -17.64 13.95 -28.22
CA GLU D 374 -17.68 15.15 -27.41
C GLU D 374 -16.42 15.29 -26.54
N SER D 375 -15.92 14.16 -26.04
CA SER D 375 -14.67 14.16 -25.27
C SER D 375 -13.45 14.24 -26.15
N LEU D 376 -13.56 13.81 -27.42
CA LEU D 376 -12.50 14.01 -28.39
C LEU D 376 -12.29 15.50 -28.68
N GLU D 377 -13.38 16.27 -28.74
CA GLU D 377 -13.28 17.72 -28.91
C GLU D 377 -12.70 18.41 -27.67
N LEU D 378 -12.86 17.80 -26.49
CA LEU D 378 -12.33 18.38 -25.26
C LEU D 378 -10.82 18.32 -25.23
N ILE D 379 -10.23 17.25 -25.75
CA ILE D 379 -8.78 17.13 -25.77
C ILE D 379 -8.19 18.03 -26.86
N ARG D 380 -8.95 18.31 -27.93
CA ARG D 380 -8.50 19.28 -28.93
C ARG D 380 -8.46 20.70 -28.37
N LYS D 381 -9.43 21.03 -27.49
CA LYS D 381 -9.45 22.36 -26.87
C LYS D 381 -8.32 22.51 -25.86
N GLY D 382 -8.09 21.48 -25.05
CA GLY D 382 -6.96 21.48 -24.13
C GLY D 382 -5.62 21.42 -24.83
N TYR D 383 -5.58 20.86 -26.06
CA TYR D 383 -4.37 20.91 -26.86
C TYR D 383 -4.06 22.35 -27.25
N THR D 384 -5.09 23.09 -27.72
CA THR D 384 -4.96 24.49 -28.16
C THR D 384 -4.56 25.42 -27.00
N GLN D 385 -5.01 25.12 -25.78
CA GLN D 385 -4.61 25.89 -24.62
C GLN D 385 -3.15 25.64 -24.26
N GLN D 386 -2.68 24.40 -24.44
CA GLN D 386 -1.31 24.07 -24.09
C GLN D 386 -0.30 24.64 -25.08
N LEU D 387 -0.71 24.98 -26.31
CA LEU D 387 0.23 25.65 -27.19
C LEU D 387 0.55 27.08 -26.78
N ALA D 388 -0.25 27.69 -25.90
CA ALA D 388 0.02 29.04 -25.41
C ALA D 388 1.28 29.10 -24.57
N PHE D 389 1.65 28.00 -23.93
CA PHE D 389 2.88 27.97 -23.15
C PHE D 389 4.07 27.46 -23.96
N ARG D 390 3.85 27.07 -25.21
CA ARG D 390 4.95 26.65 -26.08
C ARG D 390 5.73 27.86 -26.53
N GLN D 391 7.02 27.92 -26.19
CA GLN D 391 7.84 29.04 -26.57
C GLN D 391 8.40 28.85 -27.99
N LYS D 392 9.32 29.72 -28.37
CA LYS D 392 9.76 29.80 -29.77
C LYS D 392 10.66 28.64 -30.18
N SER D 393 11.42 28.07 -29.24
CA SER D 393 12.33 26.96 -29.51
C SER D 393 11.68 25.60 -29.29
N SER D 394 10.34 25.52 -29.43
CA SER D 394 9.47 24.38 -29.15
C SER D 394 9.53 23.92 -27.69
N ALA D 395 10.04 24.75 -26.79
CA ALA D 395 10.12 24.43 -25.38
C ALA D 395 8.90 24.99 -24.66
N TYR D 396 8.75 24.59 -23.39
CA TYR D 396 7.57 24.96 -22.61
C TYR D 396 8.00 25.62 -21.32
N ALA D 397 7.51 26.83 -21.08
CA ALA D 397 7.71 27.54 -19.83
C ALA D 397 6.38 27.60 -19.09
N ALA D 398 6.45 27.65 -17.76
CA ALA D 398 5.24 27.59 -16.94
C ALA D 398 4.45 28.89 -16.98
N PHE D 399 5.09 30.01 -17.29
CA PHE D 399 4.45 31.32 -17.34
C PHE D 399 4.91 32.03 -18.59
N GLN D 400 4.40 33.25 -18.80
CA GLN D 400 4.42 33.88 -20.12
C GLN D 400 5.82 34.35 -20.52
N TYR D 401 6.59 34.88 -19.58
CA TYR D 401 7.93 35.41 -19.87
C TYR D 401 8.96 34.80 -18.94
N ARG D 402 8.90 33.49 -18.75
CA ARG D 402 9.83 32.76 -17.89
C ARG D 402 10.76 31.87 -18.72
N PRO D 403 11.93 31.49 -18.19
CA PRO D 403 12.78 30.54 -18.91
C PRO D 403 12.14 29.15 -18.95
N PRO D 404 12.48 28.34 -19.95
CA PRO D 404 11.76 27.06 -20.12
C PRO D 404 12.09 26.05 -19.05
N SER D 405 11.07 25.32 -18.63
CA SER D 405 11.21 24.32 -17.58
C SER D 405 11.40 22.96 -18.24
N THR D 406 12.52 22.30 -17.92
CA THR D 406 12.82 20.96 -18.42
C THR D 406 11.83 19.95 -17.84
N TRP D 407 11.38 20.17 -16.61
CA TRP D 407 10.36 19.34 -16.00
C TRP D 407 9.02 19.44 -16.74
N LEU D 408 8.61 20.66 -17.09
CA LEU D 408 7.34 20.86 -17.77
C LEU D 408 7.40 20.37 -19.21
N THR D 409 8.47 20.72 -19.95
CA THR D 409 8.65 20.35 -21.36
C THR D 409 8.67 18.84 -21.54
N ALA D 410 9.22 18.12 -20.56
CA ALA D 410 9.05 16.67 -20.46
C ALA D 410 7.59 16.29 -20.28
N TYR D 411 6.89 16.92 -19.33
CA TYR D 411 5.50 16.56 -19.02
C TYR D 411 4.54 16.87 -20.16
N VAL D 412 4.87 17.87 -21.00
CA VAL D 412 4.06 18.14 -22.19
C VAL D 412 4.27 17.04 -23.25
N VAL D 413 5.50 16.52 -23.37
CA VAL D 413 5.84 15.45 -24.34
C VAL D 413 5.07 14.16 -24.03
N LYS D 414 4.89 13.85 -22.74
CA LYS D 414 4.28 12.60 -22.33
C LYS D 414 2.78 12.57 -22.65
N VAL D 415 2.08 13.64 -22.34
CA VAL D 415 0.62 13.63 -22.52
C VAL D 415 0.26 13.94 -23.97
N PHE D 416 1.14 14.63 -24.71
CA PHE D 416 0.91 14.84 -26.14
C PHE D 416 1.05 13.52 -26.89
N ALA D 417 2.01 12.68 -26.47
CA ALA D 417 2.21 11.37 -27.10
C ALA D 417 1.08 10.41 -26.79
N LEU D 418 0.50 10.51 -25.57
CA LEU D 418 -0.67 9.73 -25.22
C LEU D 418 -1.90 10.18 -26.00
N ALA D 419 -2.10 11.50 -26.12
CA ALA D 419 -3.20 12.05 -26.89
C ALA D 419 -3.01 11.96 -28.41
N ALA D 420 -1.80 11.59 -28.89
CA ALA D 420 -1.58 11.42 -30.31
C ALA D 420 -2.28 10.19 -30.89
N ASN D 421 -2.69 9.24 -30.04
CA ASN D 421 -3.44 8.07 -30.46
C ASN D 421 -4.92 8.42 -30.65
N LEU D 422 -5.35 9.55 -30.09
CA LEU D 422 -6.74 10.00 -30.12
C LEU D 422 -6.94 11.27 -30.94
N ILE D 423 -6.04 12.23 -30.81
CA ILE D 423 -6.12 13.56 -31.40
C ILE D 423 -4.97 13.71 -32.39
N ALA D 424 -5.15 14.56 -33.39
CA ALA D 424 -4.05 14.89 -34.30
C ALA D 424 -3.15 15.91 -33.62
N ILE D 425 -2.05 15.43 -33.06
CA ILE D 425 -1.00 16.26 -32.47
C ILE D 425 0.08 16.39 -33.54
N ASP D 426 0.60 17.61 -33.73
CA ASP D 426 1.64 17.91 -34.71
C ASP D 426 2.89 17.12 -34.34
N SER D 427 3.19 16.09 -35.14
CA SER D 427 4.35 15.23 -34.91
C SER D 427 5.66 15.99 -35.04
N LYS D 428 5.74 16.90 -36.03
CA LYS D 428 6.95 17.69 -36.24
C LYS D 428 7.25 18.59 -35.03
N ASP D 429 6.22 19.28 -34.52
CA ASP D 429 6.37 20.11 -33.32
C ASP D 429 6.64 19.25 -32.08
N LEU D 430 6.03 18.06 -32.01
CA LEU D 430 6.24 17.14 -30.88
C LEU D 430 7.67 16.64 -30.83
N CYS D 431 8.20 16.16 -31.95
CA CYS D 431 9.57 15.66 -31.96
C CYS D 431 10.61 16.76 -31.92
N GLU D 432 10.27 17.99 -32.31
CA GLU D 432 11.17 19.12 -32.08
C GLU D 432 11.22 19.47 -30.61
N THR D 433 10.12 19.27 -29.89
CA THR D 433 10.12 19.43 -28.44
C THR D 433 10.90 18.30 -27.77
N VAL D 434 10.83 17.08 -28.35
CA VAL D 434 11.66 15.96 -27.92
C VAL D 434 13.15 16.26 -28.20
N LYS D 435 13.46 16.75 -29.41
CA LYS D 435 14.84 17.04 -29.82
C LYS D 435 15.46 18.17 -29.00
N TRP D 436 14.63 19.08 -28.49
CA TRP D 436 15.12 20.10 -27.56
C TRP D 436 15.53 19.50 -26.23
N LEU D 437 14.87 18.41 -25.80
CA LEU D 437 15.19 17.81 -24.50
C LEU D 437 16.51 17.03 -24.56
N ILE D 438 16.79 16.37 -25.69
CA ILE D 438 18.01 15.57 -25.81
C ILE D 438 19.22 16.47 -25.95
N LEU D 439 19.12 17.52 -26.77
CA LEU D 439 20.29 18.31 -27.11
C LEU D 439 20.59 19.36 -26.06
N GLU D 440 19.59 20.17 -25.69
CA GLU D 440 19.83 21.29 -24.80
C GLU D 440 19.92 20.87 -23.34
N LYS D 441 19.25 19.80 -22.95
CA LYS D 441 19.06 19.54 -21.53
C LYS D 441 19.63 18.22 -21.01
N GLN D 442 20.16 17.34 -21.86
CA GLN D 442 20.74 16.09 -21.37
C GLN D 442 22.25 16.22 -21.26
N LYS D 443 22.77 15.98 -20.06
CA LYS D 443 24.20 15.86 -19.80
C LYS D 443 24.74 14.55 -20.39
N PRO D 444 26.05 14.45 -20.68
CA PRO D 444 26.57 13.23 -21.32
C PRO D 444 26.56 11.96 -20.46
N ASP D 445 26.26 12.03 -19.17
CA ASP D 445 26.08 10.83 -18.37
C ASP D 445 24.62 10.43 -18.23
N GLY D 446 23.74 11.00 -19.05
CA GLY D 446 22.33 10.63 -19.05
C GLY D 446 21.44 11.55 -18.22
N ILE D 447 22.03 12.39 -17.38
CA ILE D 447 21.30 13.29 -16.50
C ILE D 447 20.60 14.38 -17.31
N PHE D 448 19.31 14.59 -17.03
CA PHE D 448 18.60 15.75 -17.56
C PHE D 448 18.67 16.91 -16.57
N GLN D 449 19.05 18.09 -17.07
CA GLN D 449 19.30 19.28 -16.26
C GLN D 449 18.13 20.24 -16.36
N GLU D 450 17.78 20.87 -15.23
CA GLU D 450 16.70 21.86 -15.17
C GLU D 450 17.30 23.26 -15.14
N ASP D 451 17.08 24.02 -16.22
CA ASP D 451 17.62 25.38 -16.32
C ASP D 451 16.58 26.46 -16.08
N GLY D 452 15.30 26.12 -16.07
CA GLY D 452 14.27 27.06 -15.67
C GLY D 452 14.07 27.04 -14.18
N PRO D 453 13.12 27.84 -13.68
CA PRO D 453 12.76 27.74 -12.26
C PRO D 453 12.05 26.42 -11.96
N VAL D 454 12.39 25.84 -10.81
CA VAL D 454 11.91 24.51 -10.45
C VAL D 454 10.44 24.61 -10.07
N ILE D 455 9.63 23.70 -10.62
CA ILE D 455 8.17 23.72 -10.40
C ILE D 455 7.78 22.78 -9.27
N HIS D 456 8.07 21.49 -9.43
CA HIS D 456 7.72 20.46 -8.46
C HIS D 456 8.81 20.34 -7.41
N GLN D 457 8.39 20.09 -6.15
CA GLN D 457 9.32 20.05 -5.00
C GLN D 457 10.36 18.94 -5.13
N GLU D 458 9.95 17.78 -5.62
CA GLU D 458 10.81 16.61 -5.63
C GLU D 458 11.82 16.56 -6.77
N MET D 459 12.12 17.67 -7.45
CA MET D 459 13.17 17.70 -8.46
C MET D 459 14.39 18.46 -7.95
N ILE D 460 14.56 18.51 -6.63
CA ILE D 460 15.71 19.12 -5.97
C ILE D 460 16.35 18.05 -5.10
N GLY D 461 17.67 17.90 -5.21
CA GLY D 461 18.40 17.07 -4.26
C GLY D 461 18.50 17.76 -2.92
N GLY D 462 17.80 17.23 -1.93
CA GLY D 462 17.57 17.97 -0.70
C GLY D 462 18.74 17.96 0.27
N PHE D 463 19.00 19.15 0.86
CA PHE D 463 19.92 19.45 2.00
C PHE D 463 21.32 18.85 1.86
N ARG D 464 21.93 19.06 0.67
CA ARG D 464 23.28 18.60 0.29
C ARG D 464 23.37 17.06 0.39
N ASP D 465 22.31 16.41 -0.08
CA ASP D 465 22.42 15.03 -0.54
C ASP D 465 22.89 15.08 -1.98
N THR D 466 24.17 14.78 -2.22
CA THR D 466 24.60 14.51 -3.58
C THR D 466 24.10 13.15 -4.08
N ARG D 467 23.76 12.24 -3.17
CA ARG D 467 22.84 11.15 -3.45
C ARG D 467 21.47 11.72 -3.81
N GLU D 468 20.77 11.02 -4.73
CA GLU D 468 19.44 11.34 -5.28
C GLU D 468 19.40 12.66 -6.06
N LYS D 469 20.55 13.25 -6.39
CA LYS D 469 20.58 14.42 -7.25
C LYS D 469 20.27 14.01 -8.67
N ASP D 470 19.25 14.66 -9.26
CA ASP D 470 18.74 14.51 -10.62
C ASP D 470 18.14 13.15 -10.92
N VAL D 471 17.90 12.29 -9.91
CA VAL D 471 17.37 10.96 -10.18
C VAL D 471 15.90 11.04 -10.53
N SER D 472 15.13 11.85 -9.77
CA SER D 472 13.71 12.04 -10.05
C SER D 472 13.49 12.79 -11.35
N LEU D 473 14.41 13.66 -11.74
CA LEU D 473 14.20 14.42 -12.97
C LEU D 473 14.54 13.58 -14.20
N THR D 474 15.62 12.80 -14.14
CA THR D 474 16.01 11.93 -15.25
C THR D 474 14.97 10.83 -15.48
N ALA D 475 14.37 10.34 -14.38
CA ALA D 475 13.30 9.35 -14.48
C ALA D 475 12.03 9.94 -15.10
N PHE D 476 11.67 11.18 -14.72
CA PHE D 476 10.45 11.80 -15.22
C PHE D 476 10.55 12.13 -16.71
N VAL D 477 11.73 12.55 -17.17
CA VAL D 477 11.94 12.81 -18.60
C VAL D 477 11.93 11.48 -19.37
N LEU D 478 12.42 10.40 -18.74
CA LEU D 478 12.57 9.11 -19.43
C LEU D 478 11.21 8.45 -19.69
N ILE D 479 10.26 8.59 -18.75
CA ILE D 479 8.88 8.13 -18.94
C ILE D 479 8.23 8.85 -20.11
N ALA D 480 8.52 10.15 -20.24
CA ALA D 480 7.97 10.95 -21.33
C ALA D 480 8.59 10.58 -22.68
N LEU D 481 9.90 10.36 -22.72
CA LEU D 481 10.55 9.96 -23.96
C LEU D 481 10.20 8.51 -24.33
N HIS D 482 9.85 7.69 -23.35
CA HIS D 482 9.37 6.34 -23.65
C HIS D 482 7.96 6.36 -24.20
N GLU D 483 7.18 7.37 -23.83
CA GLU D 483 5.82 7.48 -24.36
C GLU D 483 5.83 8.00 -25.79
N ALA D 484 6.75 8.91 -26.11
CA ALA D 484 6.94 9.42 -27.46
C ALA D 484 8.00 8.65 -28.22
N LYS D 485 8.22 7.37 -27.87
CA LYS D 485 9.26 6.57 -28.49
C LYS D 485 8.90 6.19 -29.93
N ASP D 486 7.67 5.73 -30.14
CA ASP D 486 7.25 5.28 -31.46
C ASP D 486 6.88 6.43 -32.38
N ILE D 487 6.46 7.56 -31.81
CA ILE D 487 6.00 8.70 -32.61
C ILE D 487 7.21 9.39 -33.24
N CYS D 488 8.28 9.57 -32.48
CA CYS D 488 9.48 10.26 -32.91
C CYS D 488 10.64 9.29 -33.17
N GLU D 489 10.34 8.12 -33.71
CA GLU D 489 11.32 7.05 -33.92
C GLU D 489 12.30 7.41 -35.02
N ALA D 490 11.83 7.55 -36.26
CA ALA D 490 12.68 7.98 -37.35
C ALA D 490 12.94 9.48 -37.33
N GLN D 491 12.15 10.24 -36.56
CA GLN D 491 12.29 11.69 -36.49
C GLN D 491 13.57 12.10 -35.76
N VAL D 492 13.79 11.53 -34.58
CA VAL D 492 14.98 11.81 -33.77
C VAL D 492 15.82 10.54 -33.76
N ASN D 493 17.06 10.63 -34.23
CA ASN D 493 17.96 9.48 -34.20
C ASN D 493 18.66 9.32 -32.85
N SER D 494 18.44 10.23 -31.92
CA SER D 494 19.08 10.16 -30.61
C SER D 494 18.15 9.64 -29.54
N LEU D 495 16.87 9.42 -29.85
CA LEU D 495 15.87 9.07 -28.84
C LEU D 495 16.07 7.66 -28.31
N GLY D 496 16.48 6.72 -29.18
CA GLY D 496 16.75 5.38 -28.73
C GLY D 496 17.98 5.31 -27.83
N ARG D 497 18.98 6.15 -28.13
CA ARG D 497 20.19 6.19 -27.33
C ARG D 497 20.02 6.97 -26.04
N SER D 498 19.21 8.04 -26.07
CA SER D 498 19.02 8.88 -24.87
C SER D 498 18.20 8.19 -23.81
N ILE D 499 17.26 7.33 -24.23
CA ILE D 499 16.47 6.53 -23.30
C ILE D 499 17.36 5.53 -22.57
N ALA D 500 18.33 4.93 -23.30
CA ALA D 500 19.22 3.95 -22.70
C ALA D 500 20.21 4.58 -21.75
N LYS D 501 20.72 5.78 -22.09
CA LYS D 501 21.63 6.51 -21.20
C LYS D 501 20.94 6.96 -19.93
N ALA D 502 19.69 7.41 -20.04
CA ALA D 502 18.90 7.74 -18.87
C ALA D 502 18.54 6.50 -18.07
N GLY D 503 18.24 5.40 -18.77
CA GLY D 503 17.92 4.15 -18.09
C GLY D 503 19.12 3.51 -17.43
N ASP D 504 20.32 3.71 -18.00
CA ASP D 504 21.53 3.19 -17.37
C ASP D 504 21.93 4.01 -16.14
N PHE D 505 21.67 5.31 -16.15
CA PHE D 505 22.02 6.16 -15.01
C PHE D 505 21.15 5.84 -13.79
N LEU D 506 19.86 5.58 -14.02
CA LEU D 506 18.98 5.17 -12.93
C LEU D 506 19.32 3.78 -12.43
N GLU D 507 19.85 2.92 -13.29
CA GLU D 507 20.19 1.56 -12.90
C GLU D 507 21.43 1.53 -12.02
N ASN D 508 22.46 2.32 -12.35
CA ASN D 508 23.69 2.31 -11.56
C ASN D 508 23.58 3.10 -10.25
N HIS D 509 22.70 4.10 -10.20
CA HIS D 509 22.55 4.92 -9.01
C HIS D 509 21.38 4.49 -8.14
N TYR D 510 20.80 3.30 -8.39
CA TYR D 510 19.59 2.91 -7.66
C TYR D 510 19.90 2.47 -6.24
N ARG D 511 21.10 1.94 -5.99
CA ARG D 511 21.46 1.47 -4.65
C ARG D 511 21.61 2.62 -3.65
N GLU D 512 21.88 3.83 -4.13
CA GLU D 512 22.07 5.00 -3.28
C GLU D 512 20.77 5.71 -2.92
N LEU D 513 19.63 5.32 -3.50
CA LEU D 513 18.37 6.01 -3.25
C LEU D 513 17.84 5.69 -1.86
N ARG D 514 17.12 6.65 -1.27
CA ARG D 514 16.62 6.48 0.10
C ARG D 514 15.18 6.94 0.30
N ARG D 515 14.68 7.91 -0.46
CA ARG D 515 13.34 8.47 -0.32
C ARG D 515 12.32 7.64 -1.09
N PRO D 516 11.10 7.49 -0.55
CA PRO D 516 10.10 6.63 -1.20
C PRO D 516 9.61 7.15 -2.55
N TYR D 517 9.57 8.48 -2.75
CA TYR D 517 9.21 9.05 -4.04
C TYR D 517 10.28 8.72 -5.08
N THR D 518 11.56 8.90 -4.71
CA THR D 518 12.66 8.73 -5.64
C THR D 518 12.88 7.27 -6.00
N VAL D 519 12.61 6.36 -5.05
CA VAL D 519 12.67 4.93 -5.34
C VAL D 519 11.55 4.54 -6.30
N ALA D 520 10.35 5.10 -6.10
CA ALA D 520 9.19 4.66 -6.87
C ALA D 520 9.16 5.23 -8.29
N ILE D 521 9.52 6.51 -8.46
CA ILE D 521 9.46 7.11 -9.80
C ILE D 521 10.59 6.58 -10.68
N ALA D 522 11.73 6.20 -10.09
CA ALA D 522 12.79 5.59 -10.88
C ALA D 522 12.49 4.13 -11.17
N ALA D 523 11.64 3.52 -10.36
CA ALA D 523 11.25 2.13 -10.60
C ALA D 523 10.37 1.99 -11.82
N TYR D 524 9.40 2.90 -11.98
CA TYR D 524 8.51 2.86 -13.13
C TYR D 524 9.25 3.24 -14.41
N ALA D 525 10.22 4.16 -14.31
CA ALA D 525 11.08 4.46 -15.46
C ALA D 525 11.96 3.28 -15.83
N LEU D 526 12.36 2.45 -14.85
CA LEU D 526 13.09 1.24 -15.16
C LEU D 526 12.17 0.08 -15.56
N ALA D 527 10.93 0.05 -15.05
CA ALA D 527 10.01 -1.03 -15.40
C ALA D 527 9.53 -0.93 -16.84
N LEU D 528 9.43 0.30 -17.37
CA LEU D 528 9.11 0.50 -18.78
C LEU D 528 10.24 0.01 -19.69
N LEU D 529 11.48 0.00 -19.19
CA LEU D 529 12.61 -0.50 -19.95
C LEU D 529 12.93 -1.95 -19.63
N GLY D 530 12.16 -2.58 -18.75
CA GLY D 530 12.40 -3.94 -18.33
C GLY D 530 13.53 -4.11 -17.35
N LYS D 531 14.02 -3.02 -16.76
CA LYS D 531 15.19 -3.05 -15.90
C LYS D 531 14.85 -2.99 -14.42
N LEU D 532 13.61 -3.28 -14.04
CA LEU D 532 13.25 -3.43 -12.64
C LEU D 532 13.28 -4.92 -12.29
N GLU D 533 14.51 -5.43 -12.27
CA GLU D 533 14.81 -6.78 -11.83
C GLU D 533 15.99 -6.71 -10.88
N GLY D 534 16.28 -7.82 -10.21
CA GLY D 534 17.48 -7.92 -9.40
C GLY D 534 17.40 -7.12 -8.11
N ASP D 535 18.49 -6.43 -7.79
CA ASP D 535 18.55 -5.60 -6.59
C ASP D 535 17.70 -4.34 -6.71
N ARG D 536 17.41 -3.90 -7.93
CA ARG D 536 16.49 -2.78 -8.13
C ARG D 536 15.06 -3.15 -7.80
N LEU D 537 14.69 -4.41 -8.05
CA LEU D 537 13.34 -4.86 -7.78
C LEU D 537 13.10 -5.00 -6.28
N THR D 538 14.02 -5.67 -5.58
CA THR D 538 13.84 -5.91 -4.15
C THR D 538 14.03 -4.65 -3.31
N LYS D 539 14.76 -3.66 -3.81
CA LYS D 539 14.82 -2.38 -3.12
C LYS D 539 13.52 -1.61 -3.26
N PHE D 540 12.90 -1.72 -4.43
CA PHE D 540 11.61 -1.11 -4.69
C PHE D 540 10.51 -1.72 -3.81
N LEU D 541 10.54 -3.03 -3.61
CA LEU D 541 9.51 -3.67 -2.81
C LEU D 541 9.71 -3.43 -1.32
N ASN D 542 10.97 -3.36 -0.87
CA ASN D 542 11.27 -3.17 0.55
C ASN D 542 11.11 -1.72 1.00
N THR D 543 11.00 -0.78 0.05
CA THR D 543 10.76 0.62 0.37
C THR D 543 9.31 0.83 0.83
N ALA D 544 8.41 -0.06 0.40
CA ALA D 544 6.98 0.10 0.65
C ALA D 544 6.62 -0.11 2.12
N LYS D 545 5.91 0.85 2.69
CA LYS D 545 5.41 0.72 4.04
C LYS D 545 4.09 -0.05 3.99
N GLU D 546 3.97 -1.06 4.87
CA GLU D 546 2.75 -1.87 5.11
C GLU D 546 2.27 -2.62 3.87
N LYS D 547 3.21 -2.92 2.95
CA LYS D 547 3.02 -3.66 1.69
C LYS D 547 2.01 -3.03 0.74
N ASN D 548 1.70 -1.74 0.89
CA ASN D 548 0.68 -1.13 0.04
C ASN D 548 0.93 0.32 -0.34
N ARG D 549 1.90 1.01 0.24
CA ARG D 549 2.12 2.40 -0.12
C ARG D 549 3.59 2.73 0.00
N TRP D 550 4.00 3.74 -0.77
CA TRP D 550 5.37 4.25 -0.80
C TRP D 550 5.29 5.67 -0.24
N GLU D 551 5.23 5.77 1.08
CA GLU D 551 4.99 7.05 1.71
C GLU D 551 6.15 7.46 2.60
N GLU D 552 6.26 8.77 2.81
CA GLU D 552 7.19 9.44 3.69
C GLU D 552 6.31 10.35 4.54
N PRO D 553 6.61 10.49 5.85
CA PRO D 553 5.79 11.31 6.75
C PRO D 553 5.56 12.76 6.31
N ASN D 554 4.28 13.17 6.41
CA ASN D 554 3.78 14.51 6.08
C ASN D 554 4.00 14.84 4.59
N GLN D 555 3.69 13.89 3.73
CA GLN D 555 3.86 14.15 2.30
C GLN D 555 2.69 13.67 1.48
N LYS D 556 1.45 13.85 1.99
CA LYS D 556 0.15 13.35 1.48
C LYS D 556 0.01 13.25 -0.02
N LEU D 557 -0.05 14.39 -0.71
CA LEU D 557 -0.17 14.38 -2.16
C LEU D 557 1.06 13.81 -2.88
N TYR D 558 2.26 14.06 -2.34
CA TYR D 558 3.48 13.52 -2.94
C TYR D 558 3.53 12.01 -2.82
N ASN D 559 3.00 11.48 -1.72
CA ASN D 559 2.90 10.04 -1.53
C ASN D 559 1.89 9.41 -2.48
N VAL D 560 0.83 10.13 -2.82
CA VAL D 560 -0.16 9.65 -3.80
C VAL D 560 0.48 9.55 -5.18
N GLU D 561 1.36 10.49 -5.54
CA GLU D 561 2.12 10.38 -6.77
C GLU D 561 3.07 9.19 -6.75
N ALA D 562 3.78 9.01 -5.63
CA ALA D 562 4.79 7.95 -5.50
C ALA D 562 4.20 6.56 -5.53
N THR D 563 3.08 6.35 -4.83
CA THR D 563 2.41 5.06 -4.83
C THR D 563 1.76 4.77 -6.18
N SER D 564 1.38 5.82 -6.91
CA SER D 564 0.83 5.65 -8.25
C SER D 564 1.90 5.28 -9.26
N TYR D 565 3.10 5.87 -9.12
CA TYR D 565 4.25 5.42 -9.91
C TYR D 565 4.65 4.00 -9.56
N ALA D 566 4.45 3.60 -8.31
CA ALA D 566 4.77 2.25 -7.89
C ALA D 566 3.77 1.23 -8.41
N LEU D 567 2.48 1.61 -8.44
CA LEU D 567 1.45 0.75 -9.03
C LEU D 567 1.66 0.59 -10.53
N LEU D 568 2.07 1.66 -11.19
CA LEU D 568 2.40 1.60 -12.61
C LEU D 568 3.68 0.79 -12.86
N ALA D 569 4.61 0.78 -11.89
CA ALA D 569 5.82 -0.02 -12.02
C ALA D 569 5.55 -1.51 -11.93
N LEU D 570 4.64 -1.92 -11.04
CA LEU D 570 4.34 -3.34 -10.88
C LEU D 570 3.52 -3.87 -12.05
N LEU D 571 2.58 -3.06 -12.55
CA LEU D 571 1.74 -3.45 -13.66
C LEU D 571 2.52 -3.53 -14.97
N ALA D 572 3.58 -2.72 -15.09
CA ALA D 572 4.48 -2.83 -16.22
C ALA D 572 5.30 -4.12 -16.15
N ARG D 573 5.57 -4.62 -14.95
CA ARG D 573 6.24 -5.90 -14.75
C ARG D 573 5.30 -7.10 -14.83
N LYS D 574 4.01 -6.88 -15.12
CA LYS D 574 2.92 -7.88 -15.11
C LYS D 574 2.81 -8.57 -13.75
N ASP D 575 3.03 -7.79 -12.68
CA ASP D 575 2.95 -8.27 -11.29
C ASP D 575 1.56 -8.01 -10.70
N TYR D 576 0.55 -8.66 -11.29
CA TYR D 576 -0.84 -8.42 -10.92
C TYR D 576 -1.20 -8.94 -9.53
N ASP D 577 -0.43 -9.89 -8.98
CA ASP D 577 -0.74 -10.44 -7.67
C ASP D 577 -0.29 -9.55 -6.51
N THR D 578 0.68 -8.66 -6.75
CA THR D 578 1.19 -7.78 -5.70
C THR D 578 0.38 -6.50 -5.60
N THR D 579 -0.18 -6.04 -6.71
CA THR D 579 -0.96 -4.80 -6.85
C THR D 579 -2.31 -4.54 -6.15
N PRO D 580 -3.16 -5.51 -5.74
CA PRO D 580 -4.45 -5.14 -5.08
C PRO D 580 -4.36 -4.35 -3.76
N PRO D 581 -3.36 -4.54 -2.86
CA PRO D 581 -3.28 -3.61 -1.73
C PRO D 581 -2.84 -2.20 -2.11
N VAL D 582 -2.05 -2.06 -3.18
CA VAL D 582 -1.68 -0.73 -3.67
C VAL D 582 -2.90 -0.05 -4.29
N VAL D 583 -3.78 -0.83 -4.93
CA VAL D 583 -5.00 -0.32 -5.53
C VAL D 583 -5.99 0.14 -4.46
N ARG D 584 -6.17 -0.67 -3.40
CA ARG D 584 -7.09 -0.33 -2.32
C ARG D 584 -6.62 0.88 -1.53
N TRP D 585 -5.29 1.01 -1.34
CA TRP D 585 -4.76 2.15 -0.60
C TRP D 585 -4.95 3.45 -1.35
N LEU D 586 -4.55 3.48 -2.63
CA LEU D 586 -4.67 4.66 -3.49
C LEU D 586 -6.12 5.09 -3.70
N ASN D 587 -7.05 4.13 -3.64
CA ASN D 587 -8.48 4.40 -3.75
C ASN D 587 -9.02 5.26 -2.60
N GLU D 588 -8.41 5.20 -1.41
CA GLU D 588 -9.04 5.89 -0.29
C GLU D 588 -8.24 7.09 0.22
N GLN D 589 -7.31 7.62 -0.56
CA GLN D 589 -6.61 8.84 -0.13
C GLN D 589 -7.20 10.09 -0.77
N ARG D 590 -8.51 10.24 -0.66
CA ARG D 590 -9.23 11.37 -1.22
C ARG D 590 -9.52 12.36 -0.10
N TYR D 591 -8.48 13.10 0.30
CA TYR D 591 -8.60 13.97 1.46
C TYR D 591 -9.32 15.28 1.16
N TYR D 592 -9.43 15.66 -0.11
CA TYR D 592 -9.77 17.02 -0.48
C TYR D 592 -11.09 17.04 -1.24
N GLY D 593 -12.18 17.15 -0.49
CA GLY D 593 -13.53 17.19 -1.06
C GLY D 593 -13.95 15.90 -1.72
N GLY D 594 -13.40 14.77 -1.29
CA GLY D 594 -13.62 13.51 -1.96
C GLY D 594 -12.76 13.28 -3.17
N GLY D 595 -11.82 14.19 -3.46
CA GLY D 595 -10.90 14.00 -4.55
C GLY D 595 -9.47 14.16 -4.11
N TYR D 596 -8.55 14.24 -5.07
CA TYR D 596 -7.14 14.25 -4.77
C TYR D 596 -6.51 15.63 -4.88
N GLY D 597 -7.32 16.68 -4.88
CA GLY D 597 -6.85 18.04 -4.63
C GLY D 597 -6.04 18.74 -5.69
N SER D 598 -4.77 18.37 -5.82
CA SER D 598 -3.86 19.00 -6.76
C SER D 598 -3.91 18.27 -8.10
N THR D 599 -3.10 18.70 -9.06
CA THR D 599 -3.09 18.11 -10.40
C THR D 599 -2.21 16.88 -10.57
N GLN D 600 -0.93 16.98 -10.22
CA GLN D 600 0.00 15.87 -10.43
C GLN D 600 -0.33 14.65 -9.58
N ALA D 601 -0.95 14.86 -8.41
CA ALA D 601 -1.51 13.75 -7.65
C ALA D 601 -2.67 13.10 -8.38
N THR D 602 -3.63 13.93 -8.86
CA THR D 602 -4.86 13.45 -9.50
C THR D 602 -4.57 12.76 -10.83
N PHE D 603 -3.69 13.36 -11.67
CA PHE D 603 -3.37 12.80 -12.97
C PHE D 603 -2.59 11.48 -12.86
N MET D 604 -1.91 11.24 -11.73
CA MET D 604 -1.15 10.03 -11.54
C MET D 604 -1.99 8.89 -10.98
N VAL D 605 -2.88 9.16 -10.01
CA VAL D 605 -3.65 8.08 -9.40
C VAL D 605 -4.74 7.63 -10.38
N PHE D 606 -5.28 8.55 -11.19
CA PHE D 606 -6.21 8.21 -12.26
C PHE D 606 -5.51 7.34 -13.32
N GLN D 607 -4.26 7.64 -13.67
CA GLN D 607 -3.56 6.82 -14.65
C GLN D 607 -3.21 5.44 -14.08
N ALA D 608 -2.79 5.39 -12.81
CA ALA D 608 -2.41 4.12 -12.20
C ALA D 608 -3.64 3.25 -11.89
N LEU D 609 -4.75 3.86 -11.47
CA LEU D 609 -5.93 3.06 -11.15
C LEU D 609 -6.63 2.56 -12.41
N ALA D 610 -6.68 3.37 -13.46
CA ALA D 610 -7.31 2.94 -14.70
C ALA D 610 -6.51 1.87 -15.42
N GLN D 611 -5.18 1.87 -15.30
CA GLN D 611 -4.37 0.82 -15.93
C GLN D 611 -4.53 -0.52 -15.21
N TYR D 612 -4.83 -0.49 -13.90
CA TYR D 612 -5.16 -1.73 -13.19
C TYR D 612 -6.47 -2.30 -13.69
N GLN D 613 -7.51 -1.48 -13.84
CA GLN D 613 -8.76 -1.96 -14.41
C GLN D 613 -8.67 -2.22 -15.92
N LYS D 614 -7.65 -1.68 -16.59
CA LYS D 614 -7.42 -1.92 -18.00
C LYS D 614 -7.01 -3.37 -18.24
N ASP D 615 -5.94 -3.80 -17.57
CA ASP D 615 -5.36 -5.12 -17.83
C ASP D 615 -5.63 -6.15 -16.73
N VAL D 616 -6.39 -5.82 -15.68
CA VAL D 616 -6.98 -6.83 -14.81
C VAL D 616 -8.50 -6.63 -14.83
N PRO D 617 -9.23 -7.19 -15.81
CA PRO D 617 -10.68 -6.97 -15.87
C PRO D 617 -11.49 -8.01 -15.10
N ASP D 618 -11.23 -8.11 -13.78
CA ASP D 618 -12.01 -8.96 -12.92
C ASP D 618 -13.16 -8.22 -12.25
N HIS D 619 -13.48 -7.02 -12.75
CA HIS D 619 -14.58 -6.17 -12.31
C HIS D 619 -15.74 -6.23 -13.28
N LYS D 620 -15.60 -7.00 -14.37
CA LYS D 620 -16.68 -7.16 -15.34
C LYS D 620 -17.76 -8.11 -14.83
N GLU D 621 -17.50 -8.84 -13.76
CA GLU D 621 -18.43 -9.71 -13.07
C GLU D 621 -18.87 -9.08 -11.74
N LEU D 622 -19.02 -7.76 -11.73
CA LEU D 622 -19.38 -7.02 -10.53
C LEU D 622 -20.87 -7.15 -10.24
N ASN D 623 -21.21 -7.34 -8.96
CA ASN D 623 -22.60 -7.39 -8.49
C ASN D 623 -22.62 -7.00 -7.01
N LEU D 624 -22.63 -5.70 -6.75
CA LEU D 624 -22.44 -5.16 -5.42
C LEU D 624 -23.78 -4.64 -4.90
N ASP D 625 -24.21 -5.14 -3.73
CA ASP D 625 -25.46 -4.74 -3.09
C ASP D 625 -25.10 -3.97 -1.82
N VAL D 626 -25.29 -2.65 -1.85
CA VAL D 626 -24.91 -1.75 -0.77
C VAL D 626 -26.17 -1.21 -0.11
N SER D 627 -26.18 -1.12 1.22
CA SER D 627 -27.28 -0.53 1.94
C SER D 627 -26.76 0.51 2.94
N ILE D 628 -27.39 1.69 2.95
CA ILE D 628 -27.05 2.77 3.86
C ILE D 628 -28.20 2.96 4.83
N GLN D 629 -27.90 2.99 6.12
CA GLN D 629 -28.93 3.24 7.14
C GLN D 629 -28.62 4.56 7.84
N LEU D 630 -29.36 5.60 7.43
CA LEU D 630 -29.34 6.89 8.11
C LEU D 630 -30.34 6.88 9.28
N PRO D 631 -29.95 7.42 10.44
CA PRO D 631 -30.90 7.53 11.55
C PRO D 631 -32.04 8.51 11.31
N SER D 632 -31.84 9.50 10.43
CA SER D 632 -32.89 10.46 10.10
C SER D 632 -33.94 9.90 9.16
N ARG D 633 -33.72 8.72 8.58
CA ARG D 633 -34.67 8.09 7.68
C ARG D 633 -35.20 6.81 8.29
N ASN D 634 -36.50 6.57 8.13
CA ASN D 634 -37.13 5.38 8.69
C ASN D 634 -36.74 4.12 7.91
N SER D 635 -36.45 4.26 6.62
CA SER D 635 -36.17 3.13 5.74
C SER D 635 -34.75 3.28 5.20
N ALA D 636 -34.01 2.18 5.20
CA ALA D 636 -32.63 2.18 4.73
C ALA D 636 -32.59 2.21 3.21
N VAL D 637 -31.72 3.06 2.66
CA VAL D 637 -31.51 3.15 1.23
C VAL D 637 -30.75 1.92 0.75
N ARG D 638 -31.17 1.33 -0.39
CA ARG D 638 -30.46 0.22 -1.00
C ARG D 638 -30.12 0.54 -2.44
N HIS D 639 -28.92 0.14 -2.86
CA HIS D 639 -28.46 0.32 -4.23
C HIS D 639 -27.78 -0.96 -4.69
N ARG D 640 -27.96 -1.29 -5.97
CA ARG D 640 -27.28 -2.43 -6.57
C ARG D 640 -26.49 -1.95 -7.78
N ILE D 641 -25.18 -2.11 -7.73
CA ILE D 641 -24.29 -1.72 -8.83
C ILE D 641 -23.73 -3.00 -9.44
N LEU D 642 -24.23 -3.38 -10.61
CA LEU D 642 -23.65 -4.48 -11.37
C LEU D 642 -23.07 -3.95 -12.68
N TRP D 643 -22.45 -4.86 -13.44
CA TRP D 643 -21.87 -4.51 -14.74
C TRP D 643 -22.96 -4.17 -15.76
N GLU D 644 -24.12 -4.83 -15.65
CA GLU D 644 -25.26 -4.56 -16.53
C GLU D 644 -25.80 -3.15 -16.33
N SER D 645 -25.78 -2.70 -15.06
CA SER D 645 -26.30 -1.39 -14.68
C SER D 645 -25.44 -0.31 -15.31
N ALA D 646 -26.10 0.58 -16.07
CA ALA D 646 -25.50 1.67 -16.84
C ALA D 646 -24.59 2.53 -15.97
N SER D 647 -25.20 3.30 -15.08
CA SER D 647 -24.41 4.08 -14.13
C SER D 647 -23.73 3.16 -13.12
N LEU D 648 -22.44 3.43 -12.87
CA LEU D 648 -21.69 2.74 -11.84
C LEU D 648 -21.59 3.58 -10.57
N LEU D 649 -22.39 4.63 -10.47
CA LEU D 649 -22.31 5.60 -9.40
C LEU D 649 -23.71 5.84 -8.82
N ARG D 650 -23.81 5.79 -7.50
CA ARG D 650 -25.06 6.06 -6.79
C ARG D 650 -24.77 7.08 -5.69
N SER D 651 -25.63 8.09 -5.57
CA SER D 651 -25.39 9.14 -4.59
C SER D 651 -26.60 9.35 -3.69
N GLU D 652 -26.33 9.86 -2.49
CA GLU D 652 -27.34 10.27 -1.53
C GLU D 652 -26.87 11.53 -0.83
N GLU D 653 -27.83 12.37 -0.44
CA GLU D 653 -27.56 13.64 0.24
C GLU D 653 -28.40 13.72 1.50
N THR D 654 -27.84 14.31 2.55
CA THR D 654 -28.59 14.60 3.77
C THR D 654 -28.20 15.96 4.31
N LYS D 655 -29.16 16.61 4.98
CA LYS D 655 -28.93 17.88 5.65
C LYS D 655 -28.47 17.70 7.10
N GLU D 656 -28.62 16.50 7.65
CA GLU D 656 -28.21 16.23 9.02
C GLU D 656 -26.75 15.79 9.05
N ASN D 657 -26.01 16.31 10.02
CA ASN D 657 -24.64 15.89 10.27
C ASN D 657 -24.68 14.77 11.31
N GLU D 658 -24.95 13.56 10.85
CA GLU D 658 -25.15 12.42 11.72
C GLU D 658 -24.20 11.29 11.35
N ARG D 659 -23.98 10.40 12.31
CA ARG D 659 -23.25 9.17 12.04
C ARG D 659 -24.20 8.18 11.37
N PHE D 660 -23.64 7.32 10.52
CA PHE D 660 -24.45 6.33 9.81
C PHE D 660 -23.59 5.12 9.50
N THR D 661 -24.26 4.05 9.08
CA THR D 661 -23.61 2.75 8.82
C THR D 661 -23.89 2.33 7.39
N VAL D 662 -22.84 1.93 6.68
CA VAL D 662 -22.93 1.43 5.32
C VAL D 662 -22.65 -0.07 5.36
N LYS D 663 -23.52 -0.85 4.74
CA LYS D 663 -23.43 -2.31 4.75
C LYS D 663 -23.38 -2.79 3.31
N ALA D 664 -22.33 -3.54 2.96
CA ALA D 664 -22.09 -3.96 1.59
C ALA D 664 -21.94 -5.47 1.51
N GLU D 665 -22.60 -6.05 0.50
CA GLU D 665 -22.57 -7.49 0.23
C GLU D 665 -22.32 -7.71 -1.25
N GLY D 666 -21.83 -8.91 -1.59
CA GLY D 666 -21.72 -9.27 -2.99
C GLY D 666 -20.30 -9.47 -3.48
N LYS D 667 -20.07 -9.16 -4.77
CA LYS D 667 -18.79 -9.38 -5.42
C LYS D 667 -18.36 -8.08 -6.09
N GLY D 668 -17.05 -7.86 -6.10
CA GLY D 668 -16.48 -6.68 -6.70
C GLY D 668 -15.79 -5.79 -5.68
N GLN D 669 -15.00 -4.85 -6.22
CA GLN D 669 -14.26 -3.89 -5.42
C GLN D 669 -14.73 -2.47 -5.71
N GLY D 670 -15.13 -1.75 -4.65
CA GLY D 670 -15.84 -0.50 -4.82
C GLY D 670 -15.37 0.62 -3.93
N THR D 671 -16.06 1.76 -3.94
CA THR D 671 -15.62 2.94 -3.20
C THR D 671 -16.79 3.68 -2.55
N LEU D 672 -16.68 3.91 -1.25
CA LEU D 672 -17.56 4.83 -0.51
C LEU D 672 -16.85 6.16 -0.30
N SER D 673 -17.58 7.26 -0.48
CA SER D 673 -17.03 8.60 -0.28
C SER D 673 -18.07 9.45 0.44
N VAL D 674 -17.68 10.06 1.56
CA VAL D 674 -18.60 10.85 2.39
C VAL D 674 -17.98 12.24 2.59
N VAL D 675 -18.60 13.26 1.99
CA VAL D 675 -18.14 14.65 2.06
C VAL D 675 -19.26 15.54 2.57
N THR D 676 -18.99 16.29 3.64
CA THR D 676 -19.93 17.27 4.16
C THR D 676 -19.49 18.66 3.68
N VAL D 677 -20.38 19.36 2.98
CA VAL D 677 -20.15 20.72 2.53
C VAL D 677 -20.90 21.65 3.45
N TYR D 678 -20.21 22.62 4.02
CA TYR D 678 -20.80 23.56 4.95
C TYR D 678 -20.04 24.86 4.86
N HIS D 679 -20.55 25.87 5.55
CA HIS D 679 -19.89 27.16 5.63
C HIS D 679 -19.20 27.25 6.98
N ALA D 680 -17.90 27.49 6.95
CA ALA D 680 -17.10 27.50 8.16
C ALA D 680 -16.88 28.95 8.58
N LYS D 681 -17.03 29.20 9.88
CA LYS D 681 -16.74 30.51 10.44
C LYS D 681 -15.25 30.77 10.30
N LEU D 682 -14.89 32.05 10.13
CA LEU D 682 -13.51 32.48 9.93
C LEU D 682 -12.61 32.09 11.12
N LYS D 683 -13.19 31.96 12.32
CA LYS D 683 -12.60 31.55 13.59
C LYS D 683 -11.49 32.53 14.07
N GLY D 684 -11.33 33.66 13.43
CA GLY D 684 -10.21 34.54 13.74
C GLY D 684 -8.98 33.99 13.08
N LYS D 685 -7.92 33.78 13.86
CA LYS D 685 -6.67 33.23 13.35
C LYS D 685 -6.80 31.71 13.25
N VAL D 686 -6.69 31.16 12.03
CA VAL D 686 -6.77 29.71 11.83
C VAL D 686 -5.43 29.02 12.04
N SER D 687 -4.35 29.79 12.29
CA SER D 687 -2.93 29.43 12.41
C SER D 687 -2.40 29.05 11.03
N CYS D 688 -1.29 28.33 10.99
CA CYS D 688 -0.57 28.04 9.76
C CYS D 688 -0.15 26.57 9.73
N LYS D 689 0.20 26.08 8.54
CA LYS D 689 0.79 24.74 8.39
C LYS D 689 1.90 24.85 7.34
N LYS D 690 3.16 24.63 7.75
CA LYS D 690 4.41 24.73 6.96
C LYS D 690 4.74 26.11 6.37
N PHE D 691 3.84 27.08 6.44
CA PHE D 691 4.00 28.44 5.96
C PHE D 691 3.86 29.39 7.14
N ASP D 692 4.11 30.67 6.87
CA ASP D 692 3.97 31.69 7.88
C ASP D 692 3.39 32.89 7.12
N LEU D 693 2.35 33.54 7.66
CA LEU D 693 1.60 34.49 6.84
C LEU D 693 1.10 35.66 7.68
N ARG D 694 1.36 36.87 7.20
CA ARG D 694 0.93 38.11 7.84
C ARG D 694 0.29 39.03 6.80
N VAL D 695 -0.93 39.48 7.07
CA VAL D 695 -1.69 40.35 6.17
C VAL D 695 -2.15 41.56 6.97
N SER D 696 -2.03 42.76 6.39
CA SER D 696 -2.55 43.97 7.02
C SER D 696 -3.00 44.95 5.96
N ILE D 697 -4.12 45.63 6.22
CA ILE D 697 -4.70 46.61 5.31
C ILE D 697 -4.85 47.92 6.06
N ARG D 698 -4.71 49.04 5.35
CA ARG D 698 -4.67 50.37 5.91
C ARG D 698 -5.09 51.34 4.80
N PRO D 699 -5.77 52.45 5.14
CA PRO D 699 -6.13 53.43 4.10
C PRO D 699 -4.92 54.11 3.46
N ALA D 700 -5.02 54.29 2.14
CA ALA D 700 -3.96 54.88 1.33
C ALA D 700 -3.77 56.36 1.65
N PRO D 701 -2.62 56.96 1.30
CA PRO D 701 -2.49 58.42 1.41
C PRO D 701 -3.43 59.17 0.48
N GLU D 702 -3.67 60.44 0.81
CA GLU D 702 -4.58 61.27 0.04
C GLU D 702 -3.97 61.72 -1.28
N THR D 703 -2.64 61.74 -1.41
CA THR D 703 -1.94 62.06 -2.65
C THR D 703 -1.98 60.94 -3.68
N VAL D 704 -2.50 59.77 -3.31
CA VAL D 704 -2.61 58.63 -4.21
C VAL D 704 -3.70 58.90 -5.25
N LYS D 705 -3.34 58.72 -6.52
CA LYS D 705 -4.30 58.75 -7.62
C LYS D 705 -5.25 57.56 -7.50
N LYS D 706 -6.54 57.83 -7.43
CA LYS D 706 -7.59 56.82 -7.29
C LYS D 706 -8.50 56.86 -8.52
N PRO D 707 -9.18 55.75 -8.83
CA PRO D 707 -10.15 55.78 -9.94
C PRO D 707 -11.36 56.67 -9.66
N GLN D 708 -12.08 57.00 -10.74
CA GLN D 708 -13.20 57.93 -10.66
C GLN D 708 -14.39 57.32 -9.94
N ASP D 709 -14.67 56.05 -10.20
CA ASP D 709 -15.73 55.34 -9.51
C ASP D 709 -15.29 54.80 -8.16
N ALA D 710 -14.00 54.91 -7.83
CA ALA D 710 -13.49 54.48 -6.53
C ALA D 710 -13.64 55.61 -5.52
N LYS D 711 -14.31 55.31 -4.41
CA LYS D 711 -14.48 56.32 -3.37
C LYS D 711 -13.22 56.46 -2.51
N GLY D 712 -12.71 55.34 -2.02
CA GLY D 712 -11.48 55.34 -1.26
C GLY D 712 -10.47 54.38 -1.85
N SER D 713 -9.28 54.40 -1.28
CA SER D 713 -8.21 53.48 -1.65
C SER D 713 -7.53 52.99 -0.40
N MET D 714 -7.11 51.73 -0.43
CA MET D 714 -6.36 51.15 0.67
C MET D 714 -5.12 50.47 0.11
N ILE D 715 -4.17 50.21 1.00
CA ILE D 715 -2.93 49.53 0.64
C ILE D 715 -2.89 48.21 1.41
N LEU D 716 -2.87 47.11 0.67
CA LEU D 716 -2.86 45.77 1.24
C LEU D 716 -1.43 45.25 1.23
N ASP D 717 -0.93 44.89 2.42
CA ASP D 717 0.39 44.30 2.56
C ASP D 717 0.22 42.82 2.90
N ILE D 718 0.91 41.95 2.15
CA ILE D 718 0.86 40.50 2.34
C ILE D 718 2.29 40.00 2.38
N CYS D 719 2.66 39.36 3.49
CA CYS D 719 4.01 38.83 3.67
C CYS D 719 3.92 37.34 3.99
N THR D 720 4.79 36.55 3.34
CA THR D 720 4.77 35.11 3.55
C THR D 720 6.19 34.56 3.63
N LYS D 721 6.32 33.43 4.33
CA LYS D 721 7.61 32.75 4.52
C LYS D 721 7.32 31.26 4.70
N TYR D 722 8.09 30.42 4.02
CA TYR D 722 7.96 28.97 4.12
C TYR D 722 8.80 28.45 5.28
N LEU D 723 8.32 27.40 5.94
CA LEU D 723 8.97 26.84 7.11
C LEU D 723 9.59 25.48 6.84
N GLY D 724 10.15 25.29 5.65
CA GLY D 724 10.89 24.10 5.32
C GLY D 724 12.39 24.39 5.22
N ASP D 725 13.13 23.36 4.83
CA ASP D 725 14.57 23.47 4.71
C ASP D 725 15.02 24.02 3.37
N GLN D 726 14.10 24.15 2.40
CA GLN D 726 14.37 24.74 1.10
C GLN D 726 13.19 25.63 0.72
N ASP D 727 13.32 26.37 -0.38
CA ASP D 727 12.25 27.26 -0.82
C ASP D 727 11.09 26.46 -1.40
N ALA D 728 9.88 26.97 -1.17
CA ALA D 728 8.65 26.30 -1.60
C ALA D 728 8.38 26.63 -3.05
N THR D 729 8.69 25.70 -3.95
CA THR D 729 8.48 25.92 -5.37
C THR D 729 7.00 25.87 -5.72
N MET D 730 6.54 26.84 -6.53
CA MET D 730 5.16 27.04 -6.95
C MET D 730 4.16 27.13 -5.82
N SER D 731 3.98 28.31 -5.26
CA SER D 731 2.95 28.55 -4.27
C SER D 731 1.92 29.52 -4.82
N ILE D 732 0.70 29.46 -4.28
CA ILE D 732 -0.40 30.30 -4.74
C ILE D 732 -1.00 31.08 -3.58
N LEU D 733 -1.14 32.39 -3.77
CA LEU D 733 -1.86 33.26 -2.85
C LEU D 733 -3.30 33.44 -3.34
N ASP D 734 -4.26 32.97 -2.55
CA ASP D 734 -5.66 33.11 -2.86
C ASP D 734 -6.22 34.24 -2.01
N ILE D 735 -6.47 35.39 -2.64
CA ILE D 735 -6.81 36.62 -1.93
C ILE D 735 -8.24 36.99 -2.29
N SER D 736 -9.16 36.82 -1.34
CA SER D 736 -10.54 37.23 -1.56
C SER D 736 -10.69 38.71 -1.23
N MET D 737 -11.38 39.44 -2.10
CA MET D 737 -11.63 40.86 -1.84
C MET D 737 -12.81 41.01 -0.88
N MET D 738 -12.78 42.09 -0.11
CA MET D 738 -13.95 42.51 0.64
C MET D 738 -15.01 43.05 -0.31
N THR D 739 -16.24 43.13 0.21
CA THR D 739 -17.40 43.61 -0.54
C THR D 739 -17.21 45.04 -1.02
N GLY D 740 -17.19 45.21 -2.33
CA GLY D 740 -16.96 46.51 -2.93
C GLY D 740 -15.54 46.77 -3.35
N PHE D 741 -14.59 45.93 -2.95
CA PHE D 741 -13.18 46.16 -3.22
C PHE D 741 -12.74 45.36 -4.44
N SER D 742 -11.73 45.91 -5.13
CA SER D 742 -11.15 45.28 -6.32
C SER D 742 -9.73 45.82 -6.45
N PRO D 743 -8.74 45.00 -6.78
CA PRO D 743 -7.35 45.44 -6.68
C PRO D 743 -6.92 46.31 -7.85
N ASP D 744 -5.84 47.06 -7.62
CA ASP D 744 -5.27 47.94 -8.63
C ASP D 744 -4.58 47.09 -9.69
N VAL D 745 -5.04 47.20 -10.93
CA VAL D 745 -4.51 46.42 -12.05
C VAL D 745 -3.08 46.88 -12.37
N GLU D 746 -2.80 48.17 -12.18
CA GLU D 746 -1.49 48.72 -12.53
C GLU D 746 -0.40 48.31 -11.55
N ASP D 747 -0.74 48.10 -10.27
CA ASP D 747 0.23 47.56 -9.33
C ASP D 747 0.55 46.10 -9.62
N LEU D 748 -0.47 45.28 -9.87
CA LEU D 748 -0.26 43.86 -10.16
C LEU D 748 0.42 43.65 -11.51
N LYS D 749 0.24 44.59 -12.45
CA LYS D 749 0.96 44.52 -13.72
C LYS D 749 2.44 44.83 -13.53
N THR D 750 2.73 45.77 -12.62
CA THR D 750 4.12 46.13 -12.28
C THR D 750 4.85 44.96 -11.62
N LEU D 751 4.12 44.22 -10.78
CA LEU D 751 4.74 43.12 -10.05
C LEU D 751 4.90 41.86 -10.88
N SER D 752 4.25 41.78 -12.04
CA SER D 752 4.36 40.60 -12.88
C SER D 752 5.18 40.85 -14.13
N THR D 753 5.40 42.11 -14.51
CA THR D 753 6.14 42.46 -15.72
C THR D 753 7.35 43.29 -15.32
N GLY D 754 8.49 42.63 -15.23
CA GLY D 754 9.72 43.31 -14.94
C GLY D 754 10.80 42.26 -14.85
N VAL D 755 12.06 42.72 -14.90
CA VAL D 755 13.14 41.77 -14.69
C VAL D 755 13.24 41.41 -13.22
N ASP D 756 12.83 42.33 -12.33
CA ASP D 756 12.61 41.99 -10.93
C ASP D 756 11.14 41.61 -10.72
N ARG D 757 10.76 40.47 -11.30
CA ARG D 757 9.36 40.08 -11.22
C ARG D 757 9.09 39.33 -9.93
N TYR D 758 8.08 39.81 -9.20
CA TYR D 758 7.69 39.29 -7.91
C TYR D 758 6.54 38.32 -8.00
N ILE D 759 5.73 38.44 -9.05
CA ILE D 759 4.54 37.65 -9.30
C ILE D 759 4.72 36.98 -10.66
N SER D 760 4.51 35.66 -10.71
CA SER D 760 4.56 34.99 -12.00
C SER D 760 3.37 35.34 -12.87
N LYS D 761 2.17 35.37 -12.29
CA LYS D 761 0.91 35.68 -12.96
C LYS D 761 -0.14 35.98 -11.90
N TYR D 762 -1.07 36.89 -12.24
CA TYR D 762 -2.25 37.13 -11.43
C TYR D 762 -3.50 36.94 -12.30
N GLU D 763 -4.60 36.55 -11.65
CA GLU D 763 -5.89 36.44 -12.32
C GLU D 763 -6.98 36.58 -11.28
N MET D 764 -8.15 37.02 -11.73
CA MET D 764 -9.36 37.10 -10.90
C MET D 764 -10.23 35.89 -11.17
N ASN D 765 -10.58 35.16 -10.12
CA ASN D 765 -11.40 33.96 -10.23
C ASN D 765 -12.86 34.40 -10.13
N ARG D 766 -13.58 34.36 -11.26
CA ARG D 766 -14.98 34.74 -11.29
C ARG D 766 -15.92 33.67 -10.75
N ASP D 767 -15.50 32.41 -10.71
CA ASP D 767 -16.42 31.33 -10.32
C ASP D 767 -16.36 31.03 -8.84
N SER D 768 -16.21 32.04 -7.99
CA SER D 768 -16.15 31.88 -6.55
C SER D 768 -17.32 32.63 -5.90
N ASN D 769 -17.42 32.49 -4.58
CA ASN D 769 -18.43 33.22 -3.82
C ASN D 769 -18.12 34.71 -3.78
N LYS D 770 -16.94 35.08 -3.29
CA LYS D 770 -16.50 36.46 -3.27
C LYS D 770 -15.43 36.67 -4.33
N ASN D 771 -15.12 37.95 -4.57
CA ASN D 771 -14.15 38.33 -5.60
C ASN D 771 -12.76 37.92 -5.16
N THR D 772 -12.20 36.90 -5.81
CA THR D 772 -10.96 36.28 -5.36
C THR D 772 -9.84 36.58 -6.35
N LEU D 773 -8.72 37.07 -5.83
CA LEU D 773 -7.51 37.34 -6.60
C LEU D 773 -6.54 36.18 -6.37
N ILE D 774 -6.18 35.50 -7.44
CA ILE D 774 -5.20 34.42 -7.39
C ILE D 774 -3.87 34.99 -7.88
N ILE D 775 -2.82 34.85 -7.06
CA ILE D 775 -1.48 35.29 -7.41
C ILE D 775 -0.57 34.07 -7.42
N TYR D 776 0.13 33.87 -8.53
CA TYR D 776 1.02 32.73 -8.70
C TYR D 776 2.45 33.15 -8.42
N LEU D 777 3.14 32.37 -7.60
CA LEU D 777 4.52 32.62 -7.20
C LEU D 777 5.38 31.45 -7.67
N ASP D 778 6.59 31.75 -8.17
CA ASP D 778 7.54 30.69 -8.47
C ASP D 778 8.06 30.04 -7.19
N LYS D 779 8.43 30.84 -6.21
CA LYS D 779 8.95 30.32 -4.97
C LYS D 779 8.36 31.10 -3.80
N VAL D 780 8.54 30.55 -2.61
CA VAL D 780 8.41 31.26 -1.34
C VAL D 780 9.67 30.94 -0.54
N SER D 781 10.40 31.98 -0.14
CA SER D 781 11.67 31.79 0.54
C SER D 781 11.50 31.21 1.93
N HIS D 782 12.42 30.33 2.32
CA HIS D 782 12.44 29.75 3.66
C HIS D 782 13.41 30.47 4.59
N THR D 783 14.11 31.50 4.09
CA THR D 783 15.08 32.26 4.87
C THR D 783 14.62 33.68 5.15
N VAL D 784 14.14 34.39 4.14
CA VAL D 784 13.65 35.75 4.27
C VAL D 784 12.14 35.73 4.07
N GLU D 785 11.45 36.66 4.72
CA GLU D 785 10.02 36.81 4.54
C GLU D 785 9.75 37.51 3.22
N ASP D 786 8.94 36.89 2.36
CA ASP D 786 8.66 37.43 1.04
C ASP D 786 7.38 38.25 1.12
N CYS D 787 7.49 39.55 0.83
CA CYS D 787 6.40 40.48 0.97
C CYS D 787 5.98 41.05 -0.37
N LEU D 788 4.70 41.37 -0.48
CA LEU D 788 4.16 42.07 -1.65
C LEU D 788 3.06 43.02 -1.22
N SER D 789 3.06 44.22 -1.81
CA SER D 789 2.04 45.24 -1.57
C SER D 789 1.42 45.69 -2.88
N PHE D 790 0.12 45.98 -2.84
CA PHE D 790 -0.61 46.57 -3.95
C PHE D 790 -1.79 47.33 -3.38
N LYS D 791 -2.37 48.20 -4.20
CA LYS D 791 -3.51 48.97 -3.76
C LYS D 791 -4.81 48.25 -4.08
N VAL D 792 -5.80 48.41 -3.20
CA VAL D 792 -7.16 47.99 -3.47
C VAL D 792 -8.05 49.22 -3.40
N HIS D 793 -9.11 49.21 -4.21
CA HIS D 793 -9.97 50.38 -4.37
C HIS D 793 -11.40 50.00 -4.00
N GLN D 794 -12.01 50.77 -3.12
CA GLN D 794 -13.40 50.59 -2.72
C GLN D 794 -14.30 51.36 -3.65
N TYR D 795 -15.35 50.73 -4.16
CA TYR D 795 -16.16 51.36 -5.18
C TYR D 795 -17.51 51.86 -4.69
N PHE D 796 -17.91 51.55 -3.45
CA PHE D 796 -19.09 52.12 -2.79
C PHE D 796 -19.01 51.89 -1.28
N ASN D 797 -19.78 52.70 -0.55
CA ASN D 797 -19.87 52.58 0.91
C ASN D 797 -20.54 51.29 1.33
N VAL D 798 -19.89 50.58 2.24
CA VAL D 798 -20.41 49.36 2.83
C VAL D 798 -20.50 49.56 4.34
N GLY D 799 -21.67 49.22 4.90
CA GLY D 799 -21.99 49.52 6.28
C GLY D 799 -21.33 48.63 7.33
N LEU D 800 -21.30 47.32 7.10
CA LEU D 800 -20.77 46.40 8.10
C LEU D 800 -19.84 45.41 7.40
N ILE D 801 -18.67 45.92 6.94
CA ILE D 801 -17.64 45.21 6.19
C ILE D 801 -17.27 43.86 6.79
N GLN D 802 -17.41 42.83 5.98
CA GLN D 802 -16.94 41.51 6.31
C GLN D 802 -15.51 41.37 5.81
N PRO D 803 -14.63 40.79 6.63
CA PRO D 803 -13.20 40.79 6.28
C PRO D 803 -12.88 39.85 5.13
N GLY D 804 -11.79 40.17 4.44
CA GLY D 804 -11.30 39.35 3.36
C GLY D 804 -10.44 38.21 3.89
N ALA D 805 -9.82 37.49 2.95
CA ALA D 805 -9.09 36.27 3.29
C ALA D 805 -7.91 36.11 2.35
N VAL D 806 -6.73 35.87 2.91
CA VAL D 806 -5.55 35.51 2.13
C VAL D 806 -5.13 34.11 2.54
N LYS D 807 -5.11 33.19 1.58
CA LYS D 807 -4.70 31.81 1.80
C LYS D 807 -3.49 31.54 0.92
N VAL D 808 -2.37 31.17 1.54
CA VAL D 808 -1.18 30.71 0.85
C VAL D 808 -1.15 29.19 0.96
N TYR D 809 -0.70 28.51 -0.10
CA TYR D 809 -0.51 27.06 -0.06
C TYR D 809 0.52 26.67 -1.11
N SER D 810 1.22 25.58 -0.83
CA SER D 810 2.04 24.96 -1.87
C SER D 810 1.10 24.27 -2.85
N TYR D 811 1.39 24.41 -4.14
CA TYR D 811 0.46 23.95 -5.16
C TYR D 811 0.42 22.42 -5.23
N TYR D 812 1.54 21.77 -4.91
CA TYR D 812 1.62 20.32 -5.01
C TYR D 812 1.41 19.62 -3.67
N ASN D 813 1.37 20.35 -2.56
CA ASN D 813 1.00 19.81 -1.26
C ASN D 813 0.00 20.79 -0.67
N LEU D 814 -1.27 20.42 -0.68
CA LEU D 814 -2.29 21.33 -0.17
C LEU D 814 -2.37 21.35 1.35
N ASP D 815 -1.67 20.43 2.03
CA ASP D 815 -1.59 20.49 3.48
C ASP D 815 -0.71 21.64 3.95
N GLU D 816 0.28 22.03 3.16
CA GLU D 816 1.20 23.10 3.51
C GLU D 816 0.51 24.42 3.19
N THR D 817 -0.41 24.82 4.07
CA THR D 817 -1.27 25.96 3.80
C THR D 817 -1.42 26.82 5.05
N CYS D 818 -1.90 28.05 4.82
CA CYS D 818 -2.13 29.01 5.90
C CYS D 818 -3.07 30.11 5.41
N ILE D 819 -4.11 30.40 6.21
CA ILE D 819 -5.14 31.38 5.87
C ILE D 819 -5.10 32.50 6.91
N ARG D 820 -5.16 33.75 6.44
CA ARG D 820 -5.26 34.90 7.33
C ARG D 820 -6.37 35.81 6.84
N PHE D 821 -7.03 36.47 7.79
CA PHE D 821 -8.14 37.38 7.50
C PHE D 821 -7.75 38.82 7.83
N TYR D 822 -8.27 39.74 7.02
CA TYR D 822 -7.88 41.14 7.13
C TYR D 822 -9.12 42.03 7.04
N HIS D 823 -9.19 42.98 7.96
CA HIS D 823 -10.28 43.90 8.12
C HIS D 823 -9.64 45.24 8.44
N PRO D 824 -10.24 46.35 8.02
CA PRO D 824 -9.71 47.66 8.44
C PRO D 824 -10.02 48.02 9.89
N ASP D 825 -9.77 49.27 10.25
CA ASP D 825 -9.85 49.69 11.64
C ASP D 825 -11.27 50.08 12.01
N LYS D 826 -11.51 50.21 13.32
CA LYS D 826 -12.78 50.69 13.82
C LYS D 826 -12.99 52.19 13.58
N GLU D 827 -11.94 52.93 13.28
CA GLU D 827 -12.07 54.35 13.01
C GLU D 827 -12.22 54.66 11.52
N ASP D 828 -12.13 53.64 10.66
CA ASP D 828 -12.26 53.82 9.22
C ASP D 828 -13.71 54.09 8.78
N GLY D 829 -14.69 53.82 9.64
CA GLY D 829 -16.08 53.91 9.26
C GLY D 829 -16.61 52.73 8.47
N MET D 830 -15.97 51.58 8.57
CA MET D 830 -16.42 50.40 7.85
C MET D 830 -17.39 49.55 8.66
N LEU D 831 -17.53 49.83 9.96
CA LEU D 831 -18.55 49.24 10.81
C LEU D 831 -19.71 50.20 11.07
N SER D 832 -19.59 51.46 10.63
CA SER D 832 -20.60 52.49 10.82
C SER D 832 -21.87 52.17 10.04
N LYS D 833 -23.02 52.30 10.72
CA LYS D 833 -24.34 52.05 10.11
C LYS D 833 -24.59 52.97 8.93
N LEU D 834 -24.74 52.38 7.75
CA LEU D 834 -25.09 53.17 6.58
C LEU D 834 -26.57 53.51 6.54
N CYS D 835 -27.40 52.84 7.35
CA CYS D 835 -28.83 53.09 7.38
C CYS D 835 -29.16 54.35 8.16
N HIS D 836 -30.35 54.87 7.89
CA HIS D 836 -30.97 55.89 8.71
C HIS D 836 -32.21 55.25 9.33
N LYS D 837 -33.11 56.10 9.85
CA LYS D 837 -34.32 55.68 10.53
C LYS D 837 -35.24 54.88 9.61
N ASP D 838 -35.85 53.82 10.20
CA ASP D 838 -36.70 52.76 9.64
C ASP D 838 -35.94 51.72 8.82
N THR D 839 -34.97 52.14 8.01
CA THR D 839 -34.09 51.18 7.34
C THR D 839 -33.20 50.47 8.35
N CYS D 840 -32.77 51.20 9.40
CA CYS D 840 -32.14 50.57 10.56
C CYS D 840 -33.10 49.66 11.30
N ARG D 841 -34.36 50.12 11.49
CA ARG D 841 -35.39 49.35 12.21
C ARG D 841 -35.74 48.06 11.50
N CYS D 842 -35.76 48.08 10.15
CA CYS D 842 -36.04 46.91 9.34
C CYS D 842 -34.97 45.81 9.50
N ALA D 843 -33.75 46.19 9.87
CA ALA D 843 -32.67 45.26 10.15
C ALA D 843 -32.68 44.71 11.58
N GLU D 844 -33.74 44.98 12.35
CA GLU D 844 -33.87 44.49 13.71
C GLU D 844 -34.89 43.37 13.84
N GLU D 845 -35.46 42.90 12.73
CA GLU D 845 -36.36 41.74 12.76
C GLU D 845 -35.62 40.48 13.17
N ASN D 846 -34.41 40.28 12.62
CA ASN D 846 -33.62 39.09 12.91
C ASN D 846 -33.02 39.07 14.31
N CYS D 847 -32.95 40.22 14.99
CA CYS D 847 -32.26 40.27 16.28
C CYS D 847 -33.14 39.76 17.42
N PHE D 848 -34.36 40.27 17.54
CA PHE D 848 -35.34 39.78 18.53
C PHE D 848 -36.79 40.08 18.14
N THR D 857 -48.66 43.45 30.74
CA THR D 857 -47.24 43.31 30.47
C THR D 857 -46.75 42.04 31.20
N LEU D 858 -47.26 41.84 32.42
CA LEU D 858 -47.05 40.59 33.14
C LEU D 858 -47.76 39.44 32.44
N GLU D 859 -48.99 39.67 31.98
CA GLU D 859 -49.68 38.70 31.13
C GLU D 859 -49.06 38.59 29.73
N ASP D 860 -48.36 39.63 29.27
CA ASP D 860 -47.61 39.52 28.02
C ASP D 860 -46.41 38.59 28.18
N ARG D 861 -45.76 38.62 29.34
CA ARG D 861 -44.60 37.75 29.56
C ARG D 861 -45.00 36.31 29.76
N LEU D 862 -46.17 36.05 30.37
CA LEU D 862 -46.62 34.68 30.57
C LEU D 862 -47.07 34.04 29.25
N ASP D 863 -47.59 34.84 28.32
CA ASP D 863 -48.00 34.30 27.02
C ASP D 863 -46.80 34.02 26.12
N LYS D 864 -45.82 34.95 26.06
CA LYS D 864 -44.69 34.80 25.17
C LYS D 864 -43.69 33.73 25.64
N ALA D 865 -43.71 33.38 26.93
CA ALA D 865 -42.91 32.28 27.44
C ALA D 865 -43.64 30.94 27.41
N CYS D 866 -44.90 30.93 26.93
CA CYS D 866 -45.68 29.71 26.84
C CYS D 866 -46.24 29.49 25.44
N GLU D 867 -45.74 30.22 24.44
CA GLU D 867 -46.10 29.95 23.06
C GLU D 867 -45.51 28.61 22.62
N PRO D 868 -46.20 27.88 21.69
CA PRO D 868 -45.67 26.60 21.20
C PRO D 868 -44.38 26.73 20.42
N GLY D 869 -43.29 26.26 21.01
CA GLY D 869 -41.97 26.44 20.46
C GLY D 869 -40.97 26.94 21.49
N VAL D 870 -41.47 27.54 22.57
CA VAL D 870 -40.61 28.03 23.63
C VAL D 870 -40.07 26.85 24.44
N ASP D 871 -38.74 26.72 24.46
CA ASP D 871 -38.07 25.58 25.06
C ASP D 871 -37.56 25.88 26.47
N TYR D 872 -36.77 26.93 26.60
CA TYR D 872 -36.11 27.31 27.85
C TYR D 872 -36.52 28.72 28.23
N VAL D 873 -36.60 29.00 29.53
CA VAL D 873 -36.68 30.35 30.09
C VAL D 873 -35.64 30.44 31.19
N TYR D 874 -34.64 31.32 31.03
CA TYR D 874 -33.58 31.49 32.01
C TYR D 874 -33.45 32.94 32.45
N LYS D 875 -32.98 33.14 33.68
CA LYS D 875 -32.36 34.38 34.09
C LYS D 875 -30.86 34.20 34.06
N THR D 876 -30.17 34.99 33.24
CA THR D 876 -28.73 34.86 33.04
C THR D 876 -28.00 36.10 33.54
N ARG D 877 -26.67 36.02 33.52
CA ARG D 877 -25.79 37.13 33.86
C ARG D 877 -24.58 37.10 32.93
N LEU D 878 -24.36 38.18 32.20
CA LEU D 878 -23.29 38.24 31.20
C LEU D 878 -21.94 38.43 31.89
N ILE D 879 -21.03 37.48 31.69
CA ILE D 879 -19.68 37.57 32.23
C ILE D 879 -18.72 38.20 31.22
N GLN D 880 -18.71 37.72 29.98
CA GLN D 880 -17.70 38.15 29.01
C GLN D 880 -18.34 38.30 27.64
N LYS D 881 -18.03 39.41 26.97
CA LYS D 881 -18.30 39.56 25.55
C LYS D 881 -17.04 39.21 24.74
N LYS D 882 -17.25 38.51 23.63
CA LYS D 882 -16.20 38.29 22.64
C LYS D 882 -16.68 38.85 21.31
N LEU D 883 -16.24 40.06 20.99
CA LEU D 883 -16.62 40.71 19.72
C LEU D 883 -15.69 40.22 18.63
N GLU D 884 -16.18 39.34 17.77
CA GLU D 884 -15.42 38.87 16.62
C GLU D 884 -15.86 39.64 15.38
N ASP D 885 -15.38 39.21 14.22
CA ASP D 885 -15.64 39.94 13.00
C ASP D 885 -17.03 39.65 12.42
N ASP D 886 -17.52 38.42 12.58
CA ASP D 886 -18.83 38.06 12.06
C ASP D 886 -19.90 38.03 13.14
N PHE D 887 -19.62 37.40 14.28
CA PHE D 887 -20.61 37.16 15.32
C PHE D 887 -20.05 37.55 16.67
N ASP D 888 -20.95 37.82 17.61
CA ASP D 888 -20.59 38.15 18.98
C ASP D 888 -20.89 36.97 19.89
N GLU D 889 -19.90 36.57 20.69
CA GLU D 889 -20.13 35.57 21.72
C GLU D 889 -20.41 36.26 23.05
N TYR D 890 -21.49 35.85 23.71
CA TYR D 890 -21.87 36.36 25.02
C TYR D 890 -21.85 35.19 26.00
N ILE D 891 -20.78 35.07 26.77
CA ILE D 891 -20.66 34.02 27.77
C ILE D 891 -21.49 34.42 28.99
N MET D 892 -22.57 33.69 29.24
CA MET D 892 -23.47 33.99 30.34
C MET D 892 -23.56 32.83 31.32
N VAL D 893 -23.74 33.17 32.59
CA VAL D 893 -23.96 32.21 33.67
C VAL D 893 -25.45 32.18 33.97
N ILE D 894 -26.04 30.98 33.91
CA ILE D 894 -27.46 30.82 34.19
C ILE D 894 -27.63 30.82 35.70
N GLU D 895 -28.17 31.93 36.24
CA GLU D 895 -28.31 32.08 37.67
C GLU D 895 -29.62 31.52 38.20
N ASN D 896 -30.61 31.32 37.33
CA ASN D 896 -31.88 30.71 37.70
C ASN D 896 -32.48 30.03 36.49
N ILE D 897 -33.07 28.86 36.70
CA ILE D 897 -33.74 28.10 35.65
C ILE D 897 -35.24 28.22 35.91
N ILE D 898 -35.92 28.98 35.05
CA ILE D 898 -37.35 29.23 35.23
C ILE D 898 -38.18 28.19 34.47
N LYS D 899 -37.70 27.76 33.30
CA LYS D 899 -38.33 26.69 32.53
C LYS D 899 -37.24 25.84 31.92
N SER D 900 -37.23 24.55 32.25
CA SER D 900 -36.20 23.64 31.78
C SER D 900 -36.44 23.30 30.31
N GLY D 901 -35.35 23.25 29.54
CA GLY D 901 -35.41 23.04 28.12
C GLY D 901 -34.76 21.73 27.70
N SER D 902 -34.38 21.67 26.42
CA SER D 902 -33.76 20.48 25.87
C SER D 902 -32.30 20.34 26.26
N ASP D 903 -31.63 21.44 26.61
CA ASP D 903 -30.25 21.39 27.09
C ASP D 903 -30.24 21.20 28.60
N GLU D 904 -29.47 20.24 29.08
CA GLU D 904 -29.39 19.93 30.51
C GLU D 904 -28.39 20.88 31.14
N VAL D 905 -28.89 22.01 31.62
CA VAL D 905 -28.07 23.02 32.24
C VAL D 905 -28.22 22.92 33.76
N GLN D 906 -27.33 23.57 34.48
CA GLN D 906 -27.42 23.69 35.93
C GLN D 906 -27.29 25.16 36.31
N VAL D 907 -27.59 25.44 37.58
CA VAL D 907 -27.38 26.76 38.14
C VAL D 907 -25.88 27.01 38.25
N LYS D 908 -25.46 28.24 37.89
CA LYS D 908 -24.06 28.71 37.86
C LYS D 908 -23.22 27.89 36.88
N GLN D 909 -23.80 27.55 35.73
CA GLN D 909 -23.10 26.90 34.63
C GLN D 909 -23.02 27.85 33.44
N GLU D 910 -21.85 27.90 32.81
CA GLU D 910 -21.62 28.81 31.69
C GLU D 910 -22.20 28.26 30.39
N ARG D 911 -22.78 29.15 29.59
CA ARG D 911 -23.33 28.82 28.28
C ARG D 911 -23.05 29.96 27.31
N LYS D 912 -22.82 29.61 26.04
CA LYS D 912 -22.49 30.59 25.01
C LYS D 912 -23.73 31.08 24.28
N PHE D 913 -23.90 32.40 24.20
CA PHE D 913 -24.99 33.03 23.46
C PHE D 913 -24.41 33.80 22.28
N ILE D 914 -24.91 33.52 21.08
CA ILE D 914 -24.34 34.02 19.83
C ILE D 914 -25.38 34.87 19.11
N SER D 915 -24.99 36.08 18.72
CA SER D 915 -25.81 36.94 17.86
C SER D 915 -24.92 37.56 16.78
N HIS D 916 -25.56 38.06 15.72
CA HIS D 916 -24.83 38.67 14.63
C HIS D 916 -24.34 40.06 15.05
N ILE D 917 -23.37 40.58 14.28
CA ILE D 917 -22.76 41.88 14.55
C ILE D 917 -23.73 43.05 14.30
N LYS D 918 -24.83 42.79 13.55
CA LYS D 918 -26.00 43.69 13.57
C LYS D 918 -26.54 43.86 14.98
N CYS D 919 -26.69 42.75 15.71
CA CYS D 919 -27.36 42.74 17.00
C CYS D 919 -26.44 43.15 18.15
N ARG D 920 -25.21 43.59 17.87
CA ARG D 920 -24.38 44.21 18.91
C ARG D 920 -24.96 45.56 19.32
N GLU D 921 -25.51 46.30 18.36
CA GLU D 921 -26.18 47.57 18.61
C GLU D 921 -27.67 47.43 18.89
N ALA D 922 -28.28 46.31 18.50
CA ALA D 922 -29.68 46.09 18.81
C ALA D 922 -29.87 45.76 20.28
N LEU D 923 -29.04 44.85 20.78
CA LEU D 923 -29.17 44.35 22.15
C LEU D 923 -28.68 45.37 23.17
N LYS D 924 -27.48 45.93 22.93
CA LYS D 924 -26.75 46.84 23.82
C LYS D 924 -26.57 46.22 25.20
N LEU D 925 -25.98 45.02 25.23
CA LEU D 925 -25.81 44.31 26.48
C LEU D 925 -24.70 44.91 27.32
N LYS D 926 -24.88 44.84 28.62
CA LYS D 926 -23.91 45.31 29.59
C LYS D 926 -23.22 44.12 30.25
N GLU D 927 -21.92 44.22 30.39
CA GLU D 927 -21.15 43.20 31.07
C GLU D 927 -21.39 43.27 32.58
N GLY D 928 -21.71 42.13 33.18
CA GLY D 928 -22.05 42.06 34.58
C GLY D 928 -23.53 42.15 34.90
N ALA D 929 -24.34 42.66 33.98
CA ALA D 929 -25.76 42.85 34.23
C ALA D 929 -26.53 41.54 34.11
N HIS D 930 -27.70 41.51 34.74
CA HIS D 930 -28.59 40.37 34.69
C HIS D 930 -29.61 40.54 33.56
N TYR D 931 -30.04 39.41 32.99
CA TYR D 931 -30.94 39.42 31.84
C TYR D 931 -31.91 38.26 31.94
N LEU D 932 -33.15 38.48 31.49
CA LEU D 932 -34.18 37.44 31.38
C LEU D 932 -34.22 36.97 29.93
N VAL D 933 -33.82 35.71 29.71
CA VAL D 933 -33.63 35.16 28.37
C VAL D 933 -34.57 33.98 28.17
N TRP D 934 -35.33 33.99 27.08
CA TRP D 934 -36.03 32.79 26.65
C TRP D 934 -36.02 32.71 25.13
N GLY D 935 -35.95 31.48 24.62
CA GLY D 935 -35.81 31.24 23.20
C GLY D 935 -36.37 29.89 22.81
N VAL D 936 -36.21 29.57 21.52
CA VAL D 936 -36.81 28.37 20.95
C VAL D 936 -35.75 27.28 20.80
N SER D 937 -36.22 26.04 20.62
CA SER D 937 -35.33 24.87 20.54
C SER D 937 -34.60 24.76 19.21
N SER D 938 -35.09 25.42 18.16
CA SER D 938 -34.37 25.44 16.89
C SER D 938 -33.13 26.33 16.93
N ASP D 939 -33.07 27.26 17.89
CA ASP D 939 -31.90 28.09 18.13
C ASP D 939 -30.88 27.43 19.05
N LEU D 940 -31.09 26.16 19.43
CA LEU D 940 -30.05 25.38 20.06
C LEU D 940 -29.09 24.87 19.00
N TRP D 941 -27.83 24.78 19.37
CA TRP D 941 -26.80 24.49 18.38
C TRP D 941 -25.63 23.76 19.03
N GLY D 942 -25.10 22.76 18.34
CA GLY D 942 -23.99 21.98 18.86
C GLY D 942 -24.44 20.65 19.44
N GLU D 943 -23.46 19.95 20.01
CA GLU D 943 -23.66 18.65 20.63
C GLU D 943 -23.48 18.77 22.13
N LYS D 944 -24.20 17.92 22.87
CA LYS D 944 -24.11 17.88 24.32
C LYS D 944 -22.74 17.35 24.76
N PRO D 945 -22.12 17.93 25.80
CA PRO D 945 -22.59 18.96 26.74
C PRO D 945 -22.23 20.39 26.31
N LYS D 946 -21.91 20.64 25.04
CA LYS D 946 -21.49 21.98 24.65
C LYS D 946 -22.48 22.58 23.67
N ILE D 947 -23.66 22.96 24.16
CA ILE D 947 -24.69 23.53 23.31
C ILE D 947 -24.62 25.04 23.41
N SER D 948 -24.49 25.69 22.27
CA SER D 948 -24.48 27.14 22.15
C SER D 948 -25.86 27.63 21.76
N TYR D 949 -26.23 28.79 22.28
CA TYR D 949 -27.55 29.36 22.10
C TYR D 949 -27.48 30.48 21.06
N ILE D 950 -28.51 30.56 20.23
CA ILE D 950 -28.56 31.53 19.12
C ILE D 950 -29.61 32.58 19.46
N ILE D 951 -29.17 33.83 19.55
CA ILE D 951 -30.09 34.95 19.76
C ILE D 951 -30.76 35.26 18.42
N GLY D 952 -31.93 34.67 18.20
CA GLY D 952 -32.65 34.81 16.96
C GLY D 952 -33.91 35.66 17.11
N LYS D 953 -34.76 35.58 16.08
CA LYS D 953 -35.94 36.44 16.02
C LYS D 953 -37.04 36.00 16.98
N ASP D 954 -36.99 34.76 17.47
CA ASP D 954 -37.93 34.27 18.46
C ASP D 954 -37.29 34.16 19.85
N THR D 955 -36.26 34.96 20.08
CA THR D 955 -35.55 35.00 21.35
C THR D 955 -35.82 36.34 22.03
N TRP D 956 -36.09 36.28 23.34
CA TRP D 956 -36.44 37.44 24.13
C TRP D 956 -35.28 37.81 25.05
N VAL D 957 -34.87 39.08 25.01
CA VAL D 957 -33.84 39.62 25.88
C VAL D 957 -34.40 40.83 26.62
N GLU D 958 -34.47 40.74 27.94
CA GLU D 958 -35.00 41.82 28.78
C GLU D 958 -34.01 42.06 29.92
N LEU D 959 -33.69 43.33 30.17
CA LEU D 959 -32.79 43.69 31.26
C LEU D 959 -33.45 43.49 32.62
N TRP D 960 -32.76 42.79 33.51
CA TRP D 960 -33.20 42.60 34.88
C TRP D 960 -32.38 43.52 35.76
N PRO D 961 -32.99 44.50 36.44
CA PRO D 961 -32.21 45.42 37.27
C PRO D 961 -31.70 44.77 38.55
N GLU D 962 -30.61 45.32 39.07
CA GLU D 962 -30.00 44.80 40.29
C GLU D 962 -30.83 45.20 41.51
N ALA D 963 -30.50 44.58 42.65
CA ALA D 963 -31.26 44.77 43.89
C ALA D 963 -31.07 46.16 44.50
N GLU D 964 -30.02 46.89 44.10
CA GLU D 964 -29.87 48.29 44.45
C GLU D 964 -30.60 49.20 43.46
N GLU D 965 -30.74 48.78 42.20
CA GLU D 965 -31.49 49.54 41.21
C GLU D 965 -33.00 49.39 41.39
N CYS D 966 -33.47 48.33 42.03
CA CYS D 966 -34.89 48.15 42.28
C CYS D 966 -35.43 49.07 43.37
N GLN D 967 -34.57 49.70 44.17
CA GLN D 967 -35.00 50.66 45.17
C GLN D 967 -35.37 52.02 44.56
N ASP D 968 -35.01 52.26 43.30
CA ASP D 968 -35.49 53.44 42.60
C ASP D 968 -36.96 53.27 42.23
N GLU D 969 -37.68 54.40 42.20
CA GLU D 969 -39.11 54.39 41.88
C GLU D 969 -39.38 54.09 40.40
N GLU D 970 -38.41 54.36 39.52
CA GLU D 970 -38.57 54.08 38.10
C GLU D 970 -38.44 52.59 37.78
N ASN D 971 -37.76 51.81 38.62
CA ASN D 971 -37.52 50.41 38.36
C ASN D 971 -38.32 49.47 39.25
N GLN D 972 -39.05 49.99 40.24
CA GLN D 972 -39.72 49.16 41.24
C GLN D 972 -40.90 48.38 40.65
N LYS D 973 -41.56 48.95 39.64
CA LYS D 973 -42.66 48.25 38.98
C LYS D 973 -42.15 47.11 38.10
N GLN D 974 -40.98 47.28 37.48
CA GLN D 974 -40.42 46.23 36.63
C GLN D 974 -39.87 45.07 37.46
N CYS D 975 -39.23 45.36 38.60
CA CYS D 975 -38.68 44.32 39.46
C CYS D 975 -39.77 43.48 40.12
N GLU D 976 -40.93 44.09 40.40
CA GLU D 976 -42.07 43.33 40.88
C GLU D 976 -42.74 42.54 39.76
N ASP D 977 -42.71 43.05 38.53
CA ASP D 977 -43.24 42.31 37.38
C ASP D 977 -42.34 41.14 37.00
N LEU D 978 -41.03 41.26 37.22
CA LEU D 978 -40.11 40.18 36.89
C LEU D 978 -40.11 39.10 37.97
N ALA D 979 -40.35 39.48 39.23
CA ALA D 979 -40.45 38.50 40.30
C ALA D 979 -41.79 37.78 40.30
N ASN D 980 -42.87 38.47 39.89
CA ASN D 980 -44.16 37.80 39.75
C ASN D 980 -44.19 36.87 38.55
N PHE D 981 -43.41 37.18 37.51
CA PHE D 981 -43.33 36.29 36.34
C PHE D 981 -42.54 35.03 36.67
N THR D 982 -41.53 35.15 37.54
CA THR D 982 -40.70 34.00 37.90
C THR D 982 -41.46 33.04 38.82
N GLU D 983 -42.24 33.59 39.76
CA GLU D 983 -43.00 32.76 40.69
C GLU D 983 -44.19 32.09 40.00
N ASN D 984 -44.80 32.74 39.00
CA ASN D 984 -45.92 32.15 38.27
C ASN D 984 -45.44 31.02 37.36
N MET D 985 -44.25 31.15 36.78
CA MET D 985 -43.75 30.16 35.84
C MET D 985 -43.06 28.98 36.50
N VAL D 986 -42.65 29.10 37.76
CA VAL D 986 -42.00 27.98 38.46
C VAL D 986 -43.03 27.14 39.22
N VAL D 987 -43.98 27.80 39.90
CA VAL D 987 -44.97 27.07 40.68
C VAL D 987 -46.03 26.44 39.78
N PHE D 988 -46.52 27.17 38.79
CA PHE D 988 -47.61 26.70 37.95
C PHE D 988 -47.21 26.34 36.53
N GLY D 989 -46.17 26.97 35.99
CA GLY D 989 -45.77 26.69 34.62
C GLY D 989 -46.70 27.31 33.59
N CYS D 990 -46.80 26.65 32.44
CA CYS D 990 -47.66 27.07 31.33
C CYS D 990 -49.05 26.46 31.45
N PRO D 991 -50.10 27.20 31.08
CA PRO D 991 -51.45 26.62 31.09
C PRO D 991 -51.65 25.67 29.92
N ASN D 992 -52.36 24.57 30.20
CA ASN D 992 -52.63 23.55 29.19
C ASN D 992 -53.95 23.83 28.47
#